data_4GD3
#
_entry.id   4GD3
#
_cell.length_a   126.000
_cell.length_b   165.300
_cell.length_c   212.800
_cell.angle_alpha   90.00
_cell.angle_beta   90.00
_cell.angle_gamma   90.00
#
_symmetry.space_group_name_H-M   'P 21 21 21'
#
loop_
_entity.id
_entity.type
_entity.pdbx_description
1 polymer 'Hydrogenase-1 small chain'
2 polymer 'Hydrogenase-1 large chain'
3 polymer 'Ni/Fe-hydrogenase 1 B-type cytochrome subunit'
4 non-polymer 'IRON/SULFUR CLUSTER'
5 non-polymer 'FE4-S3 CLUSTER'
6 non-polymer 'CHLORIDE ION'
7 non-polymer 'CARBONMONOXIDE-(DICYANO) IRON'
8 non-polymer 'NICKEL (II) ION'
9 non-polymer 'MAGNESIUM ION'
10 non-polymer DODECYL-BETA-D-MALTOSIDE
11 non-polymer 'PROTOPORPHYRIN IX CONTAINING FE'
12 water water
#
loop_
_entity_poly.entity_id
_entity_poly.type
_entity_poly.pdbx_seq_one_letter_code
_entity_poly.pdbx_strand_id
1 'polypeptide(L)'
;LENKPRIPVVWIHGLECTCCTESFIRSAHPLAKDVILSLISLDYDDTLMAAAGTQAEEVFEDIITQYNGKYILAVEGNPP
LGEQGMFCISSGRPFIEKLKRAAAGASAIIAWGTCASWGCVQAARPNPTQATPIDKVITDKPIIKVPGCPPIPDVMSAII
TYMVTFDRLPDVDRMGRPLMFYGQRIHDKCYRRAHFDAGEFVQSWDDDAARKGYCLYKMGCKGPTTYNACSSTRWNDGVS
FCIQSGHGCLGCAENGFWDRGSFYSRVVDIPQMGTHSTADTVGLTALGVVAAAVGVHAVASAVDQRRRHNQQPTETEHQP
GNEDKQARSHHHHHH
;
S,T,Q,R
2 'polypeptide(L)'
;MSTQYETQGYTINNAGRRLVVDPITRIEGHMRCEVNINDQNVITNAVSCGTMFRGLEIILQGRDPRDAWAFVERICGVCT
GVHALASVYAIEDAIGIKVPDNANIIRNIMLATLWCHDHLVHFYQLAGMDWIDVLDALKADPRKTSELAQSLSSWPKSSP
GYFFDVQNRLKKFVEGGQLGIFRNGYWGHPQYKLPPEANLMGFAHYLEALDFQREIVKIHAVFGGKNPHPNWIVGGMPCA
INIDESGAVGAVNMERLNLVQSIITRTADFINNVMIPDALAIGQFNKPWSEIGTGLSDKCVLSYGAFPDIANDFGEKSLL
MPGGAVINGDFNNVLPVDLVDPQQVQEFVDHAWYRYPNDQVGRHPFDGITDPWYNPGDVKGSDTNIQQLNEQERYSWIKA
PRWRGNAMEVGPLARTLIAYHKGDAATVESVDRMMSALNLPLSGIQSTLGRILCRAHEAQWAAGKLQYFFDKLMTNLKNG
NLATASTEKWEPATWPTECRGVGFTEAPRGALGHWAAIRDGKIDLYQCVVPTTWNASPRDPKGQIGAYEAALMNTKMAIP
EQPLEILRTLHSFDPCLACSTH
;
L,M,J,K
3 'polypeptide(L)'
;MQQKSDNVVSHYVFEAPVRIWHWLTVLCMAVLMVTGYFIGKPLPSVSGEATYLFYMGYIRLIHFSAGMVFTVVLLMRIYW
AFVGNRYSRELFIVPVWRKSWWQGVWYEIRWYLFLAKRPSADIGHNPIAQAAMFGYFLMSVFMIITGFALYSEHSQYAIF
APFRYVVEFFYWTGGNSMDIHSWHRLGMWLIGAFVIGHVYMALREDIMSDDTVISTMVNGYRSHKFGKISNKERS
;
A,B
#
# COMPACT_ATOMS: atom_id res chain seq x y z
N LYS A 4 20.34 -19.88 8.20
CA LYS A 4 19.99 -21.06 9.06
C LYS A 4 19.76 -20.69 10.54
N PRO A 5 20.66 -19.86 11.15
CA PRO A 5 20.42 -19.37 12.52
C PRO A 5 19.17 -18.49 12.63
N ARG A 6 18.40 -18.70 13.72
CA ARG A 6 17.18 -17.94 14.01
C ARG A 6 17.51 -16.56 14.57
N ILE A 7 16.60 -15.61 14.40
CA ILE A 7 16.84 -14.24 14.85
CA ILE A 7 16.82 -14.24 14.85
C ILE A 7 16.60 -14.11 16.37
N PRO A 8 17.63 -13.58 17.11
CA PRO A 8 17.57 -13.41 18.56
C PRO A 8 16.56 -12.39 19.03
N VAL A 9 15.74 -12.80 19.99
CA VAL A 9 14.73 -11.97 20.60
C VAL A 9 14.98 -11.91 22.10
N VAL A 10 14.95 -10.70 22.66
CA VAL A 10 15.02 -10.50 24.09
C VAL A 10 13.63 -10.00 24.49
N TRP A 11 13.10 -10.57 25.56
CA TRP A 11 11.76 -10.23 26.01
C TRP A 11 11.80 -9.81 27.47
N ILE A 12 11.59 -8.52 27.72
CA ILE A 12 11.63 -8.02 29.09
C ILE A 12 10.23 -7.69 29.58
N HIS A 13 10.08 -7.56 30.89
CA HIS A 13 8.79 -7.24 31.52
C HIS A 13 8.99 -6.12 32.53
N GLY A 14 8.18 -5.06 32.45
CA GLY A 14 8.18 -4.00 33.47
C GLY A 14 7.02 -4.23 34.42
N LEU A 15 6.31 -3.15 34.75
CA LEU A 15 5.06 -3.29 35.49
C LEU A 15 4.04 -3.85 34.50
N GLU A 16 3.51 -5.02 34.83
CA GLU A 16 2.74 -5.81 33.90
C GLU A 16 1.80 -6.74 34.62
N CYS A 17 0.74 -7.20 33.95
CA CYS A 17 -0.07 -8.28 34.53
C CYS A 17 0.28 -9.64 33.93
N THR A 18 1.16 -9.65 32.93
CA THR A 18 1.56 -10.85 32.17
C THR A 18 0.48 -11.41 31.20
N CYS A 19 -0.55 -10.60 30.94
CA CYS A 19 -1.59 -10.94 29.97
C CYS A 19 -1.10 -10.98 28.53
N CYS A 20 -0.02 -10.28 28.22
CA CYS A 20 0.52 -10.34 26.86
C CYS A 20 1.33 -11.62 26.56
N THR A 21 2.16 -12.02 27.52
CA THR A 21 2.86 -13.29 27.36
C THR A 21 1.84 -14.42 27.40
N GLU A 22 0.82 -14.30 28.27
CA GLU A 22 -0.28 -15.27 28.26
C GLU A 22 -0.96 -15.35 26.87
N SER A 23 -1.15 -14.20 26.24
CA SER A 23 -1.82 -14.13 24.93
C SER A 23 -0.98 -14.76 23.85
N PHE A 24 0.28 -14.34 23.78
CA PHE A 24 1.21 -14.81 22.76
C PHE A 24 1.20 -16.32 22.66
N ILE A 25 1.22 -16.99 23.81
CA ILE A 25 1.25 -18.45 23.83
C ILE A 25 -0.09 -19.08 23.43
N ARG A 26 -1.20 -18.34 23.49
CA ARG A 26 -2.48 -18.85 22.96
C ARG A 26 -2.52 -19.01 21.44
N SER A 27 -1.46 -18.58 20.74
CA SER A 27 -1.47 -18.57 19.27
C SER A 27 -1.71 -19.96 18.66
N ALA A 28 -2.62 -19.95 17.69
CA ALA A 28 -3.05 -21.16 17.02
C ALA A 28 -2.29 -21.42 15.72
N HIS A 29 -1.89 -20.37 15.02
CA HIS A 29 -1.13 -20.54 13.80
C HIS A 29 -0.26 -19.32 13.48
N PRO A 30 1.08 -19.47 13.59
CA PRO A 30 1.83 -20.66 13.96
C PRO A 30 1.71 -20.94 15.44
N LEU A 31 2.03 -22.15 15.87
CA LEU A 31 1.89 -22.51 17.27
C LEU A 31 2.97 -21.83 18.09
N ALA A 32 2.61 -21.42 19.30
CA ALA A 32 3.57 -20.74 20.17
C ALA A 32 4.87 -21.55 20.17
N LYS A 33 4.71 -22.84 20.38
CA LYS A 33 5.78 -23.81 20.33
C LYS A 33 6.66 -23.63 19.09
N ASP A 34 6.02 -23.64 17.93
CA ASP A 34 6.71 -23.57 16.66
C ASP A 34 7.41 -22.22 16.43
N VAL A 35 6.87 -21.15 17.00
CA VAL A 35 7.51 -19.83 16.90
C VAL A 35 8.87 -19.88 17.60
N ILE A 36 8.88 -20.49 18.79
CA ILE A 36 10.05 -20.56 19.66
C ILE A 36 11.11 -21.56 19.17
N LEU A 37 10.67 -22.64 18.52
CA LEU A 37 11.60 -23.67 18.09
C LEU A 37 12.12 -23.50 16.66
N SER A 38 11.42 -22.71 15.84
CA SER A 38 11.71 -22.65 14.40
C SER A 38 11.81 -21.24 13.78
N LEU A 39 11.06 -20.28 14.31
CA LEU A 39 10.96 -18.96 13.69
C LEU A 39 11.91 -17.91 14.28
N ILE A 40 12.09 -17.93 15.60
CA ILE A 40 12.97 -16.99 16.30
C ILE A 40 13.75 -17.70 17.38
N SER A 41 14.83 -17.09 17.86
CA SER A 41 15.51 -17.59 19.04
C SER A 41 15.21 -16.71 20.23
N LEU A 42 14.10 -17.02 20.90
CA LEU A 42 13.72 -16.38 22.15
C LEU A 42 14.81 -16.62 23.19
N ASP A 43 15.72 -15.66 23.30
CA ASP A 43 16.96 -15.81 24.04
C ASP A 43 16.87 -15.39 25.52
N TYR A 44 15.80 -14.68 25.87
CA TYR A 44 15.60 -14.18 27.22
C TYR A 44 14.14 -13.83 27.42
N ASP A 45 13.50 -14.47 28.40
CA ASP A 45 12.11 -14.18 28.75
C ASP A 45 11.90 -14.67 30.18
N ASP A 46 11.80 -13.74 31.13
CA ASP A 46 11.66 -14.09 32.56
C ASP A 46 10.58 -15.14 32.83
N THR A 47 9.49 -15.11 32.07
CA THR A 47 8.35 -16.00 32.31
C THR A 47 8.56 -17.46 31.91
N LEU A 48 9.54 -17.75 31.06
CA LEU A 48 9.65 -19.10 30.51
C LEU A 48 11.02 -19.74 30.68
N MET A 49 12.04 -18.91 30.89
CA MET A 49 13.43 -19.37 30.82
C MET A 49 13.85 -20.20 32.01
N ALA A 50 14.86 -21.06 31.82
CA ALA A 50 15.34 -21.94 32.88
C ALA A 50 16.12 -21.17 33.94
N ALA A 51 17.04 -20.33 33.49
CA ALA A 51 17.92 -19.56 34.37
C ALA A 51 17.19 -18.52 35.24
N ALA A 52 17.47 -18.56 36.55
CA ALA A 52 17.03 -17.52 37.48
C ALA A 52 18.24 -16.85 38.10
N GLY A 53 18.01 -15.77 38.83
CA GLY A 53 19.05 -15.07 39.58
C GLY A 53 20.25 -14.72 38.72
N THR A 54 21.44 -14.91 39.29
CA THR A 54 22.70 -14.51 38.65
C THR A 54 23.04 -15.32 37.40
N GLN A 55 22.32 -16.43 37.19
CA GLN A 55 22.36 -17.15 35.93
C GLN A 55 21.55 -16.40 34.86
N ALA A 56 20.37 -15.91 35.23
CA ALA A 56 19.51 -15.15 34.33
C ALA A 56 20.15 -13.81 34.00
N GLU A 57 20.75 -13.18 35.00
CA GLU A 57 21.52 -11.96 34.81
C GLU A 57 22.59 -12.18 33.75
N GLU A 58 23.27 -13.32 33.85
CA GLU A 58 24.36 -13.67 32.93
C GLU A 58 23.92 -13.91 31.49
N VAL A 59 22.74 -14.51 31.29
CA VAL A 59 22.23 -14.74 29.94
C VAL A 59 21.93 -13.40 29.30
N PHE A 60 21.25 -12.54 30.07
CA PHE A 60 20.87 -11.23 29.60
C PHE A 60 22.11 -10.51 29.07
N GLU A 61 23.11 -10.32 29.94
CA GLU A 61 24.34 -9.61 29.59
CA GLU A 61 24.30 -9.57 29.56
C GLU A 61 25.03 -10.21 28.38
N ASP A 62 25.08 -11.55 28.35
CA ASP A 62 25.75 -12.28 27.25
C ASP A 62 25.05 -12.08 25.92
N ILE A 63 23.71 -12.06 25.94
CA ILE A 63 22.92 -11.93 24.71
C ILE A 63 22.97 -10.51 24.17
N ILE A 64 22.75 -9.52 25.02
CA ILE A 64 22.78 -8.13 24.55
C ILE A 64 24.17 -7.66 24.11
N THR A 65 25.22 -8.35 24.59
CA THR A 65 26.61 -8.09 24.21
C THR A 65 26.93 -8.73 22.87
N GLN A 66 26.63 -10.02 22.74
CA GLN A 66 27.06 -10.80 21.58
C GLN A 66 26.22 -10.51 20.34
N TYR A 67 25.01 -10.03 20.55
CA TYR A 67 24.12 -9.70 19.44
C TYR A 67 23.80 -8.22 19.38
N ASN A 68 24.70 -7.40 19.91
CA ASN A 68 24.54 -5.95 19.93
C ASN A 68 24.29 -5.40 18.54
N GLY A 69 23.19 -4.67 18.42
CA GLY A 69 22.78 -4.07 17.15
C GLY A 69 21.97 -5.02 16.29
N LYS A 70 21.90 -6.28 16.70
CA LYS A 70 21.36 -7.34 15.84
C LYS A 70 20.06 -7.97 16.31
N TYR A 71 19.65 -7.74 17.57
CA TYR A 71 18.48 -8.44 18.14
C TYR A 71 17.24 -7.59 18.25
N ILE A 72 16.08 -8.26 18.35
CA ILE A 72 14.79 -7.60 18.52
C ILE A 72 14.45 -7.53 19.99
N LEU A 73 13.96 -6.38 20.43
CA LEU A 73 13.56 -6.21 21.82
C LEU A 73 12.03 -6.23 21.96
N ALA A 74 11.51 -7.28 22.57
CA ALA A 74 10.11 -7.29 22.92
C ALA A 74 10.00 -6.72 24.33
N VAL A 75 9.10 -5.77 24.51
CA VAL A 75 8.76 -5.26 25.85
C VAL A 75 7.27 -5.41 26.14
N GLU A 76 7.01 -5.99 27.30
CA GLU A 76 5.68 -6.20 27.82
C GLU A 76 5.67 -5.48 29.16
N GLY A 77 4.59 -4.74 29.42
CA GLY A 77 4.51 -3.85 30.61
C GLY A 77 5.30 -2.57 30.42
N ASN A 78 5.31 -1.72 31.44
CA ASN A 78 6.00 -0.42 31.35
C ASN A 78 6.83 -0.04 32.60
N PRO A 79 7.77 0.93 32.46
CA PRO A 79 8.58 1.40 33.59
C PRO A 79 7.89 2.48 34.45
N PRO A 80 7.97 2.33 35.79
CA PRO A 80 7.51 3.40 36.68
C PRO A 80 8.62 4.43 36.88
N LEU A 81 8.21 5.67 37.10
CA LEU A 81 9.18 6.73 37.30
C LEU A 81 9.24 7.15 38.76
N GLY A 82 8.15 6.90 39.49
CA GLY A 82 8.04 7.31 40.90
C GLY A 82 8.97 6.56 41.84
N GLU A 83 9.32 7.19 42.97
CA GLU A 83 10.20 6.58 43.97
C GLU A 83 11.49 6.07 43.33
N GLN A 84 12.12 6.94 42.53
CA GLN A 84 13.34 6.67 41.77
CA GLN A 84 13.38 6.62 41.84
C GLN A 84 13.30 5.38 40.94
N GLY A 85 12.08 5.00 40.55
CA GLY A 85 11.87 3.89 39.63
C GLY A 85 11.79 2.56 40.33
N MET A 86 11.83 2.59 41.67
CA MET A 86 11.86 1.36 42.49
C MET A 86 10.50 0.70 42.73
N PHE A 87 9.44 1.23 42.09
CA PHE A 87 8.17 0.55 42.04
C PHE A 87 8.24 -0.73 41.19
N CYS A 88 9.34 -0.89 40.47
CA CYS A 88 9.63 -2.13 39.74
C CYS A 88 11.14 -2.41 39.77
N ILE A 89 11.56 -3.24 40.72
CA ILE A 89 12.98 -3.54 40.91
C ILE A 89 13.38 -4.80 40.15
N SER A 90 14.50 -4.73 39.43
CA SER A 90 15.04 -5.87 38.70
C SER A 90 16.55 -5.98 38.95
N SER A 91 16.94 -7.09 39.58
CA SER A 91 18.32 -7.37 40.01
C SER A 91 18.85 -6.34 40.99
N GLY A 92 17.94 -5.78 41.79
CA GLY A 92 18.29 -4.81 42.81
C GLY A 92 18.34 -3.36 42.34
N ARG A 93 18.02 -3.14 41.08
CA ARG A 93 18.10 -1.82 40.48
C ARG A 93 16.79 -1.49 39.78
N PRO A 94 16.51 -0.18 39.53
CA PRO A 94 15.23 0.18 38.88
C PRO A 94 15.07 -0.54 37.55
N PHE A 95 13.83 -0.86 37.17
CA PHE A 95 13.57 -1.57 35.93
C PHE A 95 13.99 -0.72 34.76
N ILE A 96 13.74 0.58 34.86
CA ILE A 96 14.01 1.50 33.75
C ILE A 96 15.44 1.38 33.21
N GLU A 97 16.37 1.04 34.10
CA GLU A 97 17.78 0.80 33.74
C GLU A 97 18.01 -0.43 32.86
N LYS A 98 17.34 -1.55 33.18
CA LYS A 98 17.38 -2.77 32.37
C LYS A 98 16.76 -2.52 30.98
N LEU A 99 15.71 -1.70 30.95
CA LEU A 99 15.04 -1.32 29.72
C LEU A 99 15.97 -0.53 28.83
N LYS A 100 16.53 0.53 29.39
CA LYS A 100 17.43 1.41 28.64
C LYS A 100 18.66 0.70 28.02
N ARG A 101 19.29 -0.19 28.80
CA ARG A 101 20.45 -0.97 28.36
CA ARG A 101 20.46 -0.95 28.33
C ARG A 101 20.09 -1.98 27.27
N ALA A 102 18.90 -2.59 27.40
CA ALA A 102 18.39 -3.55 26.40
C ALA A 102 17.98 -2.82 25.12
N ALA A 103 17.39 -1.64 25.29
CA ALA A 103 16.92 -0.86 24.16
C ALA A 103 18.09 -0.38 23.30
N ALA A 104 19.12 0.18 23.92
CA ALA A 104 20.25 0.77 23.19
C ALA A 104 20.97 -0.24 22.32
N GLY A 105 20.88 -1.51 22.71
CA GLY A 105 21.52 -2.61 21.97
C GLY A 105 20.65 -3.26 20.91
N ALA A 106 19.37 -2.90 20.89
CA ALA A 106 18.42 -3.52 19.97
C ALA A 106 18.35 -2.78 18.63
N SER A 107 17.95 -3.52 17.60
CA SER A 107 17.78 -2.96 16.27
C SER A 107 16.39 -2.35 16.13
N ALA A 108 15.39 -3.03 16.69
CA ALA A 108 14.01 -2.54 16.74
C ALA A 108 13.32 -3.07 17.98
N ILE A 109 12.19 -2.45 18.31
CA ILE A 109 11.48 -2.74 19.54
C ILE A 109 10.01 -3.01 19.26
N ILE A 110 9.55 -4.18 19.69
CA ILE A 110 8.11 -4.39 19.76
C ILE A 110 7.64 -4.03 21.14
N ALA A 111 6.66 -3.13 21.18
CA ALA A 111 5.91 -2.79 22.39
C ALA A 111 4.60 -3.58 22.48
N TRP A 112 4.64 -4.67 23.22
CA TRP A 112 3.47 -5.54 23.36
C TRP A 112 2.38 -4.98 24.28
N GLY A 113 1.14 -5.06 23.81
CA GLY A 113 -0.04 -4.65 24.60
C GLY A 113 -0.22 -3.18 24.89
N THR A 114 -1.33 -2.85 25.55
CA THR A 114 -1.61 -1.46 25.93
C THR A 114 -0.62 -0.91 26.98
N CYS A 115 -0.09 -1.77 27.83
CA CYS A 115 0.93 -1.34 28.79
C CYS A 115 2.12 -0.67 28.13
N ALA A 116 2.81 -1.40 27.26
CA ALA A 116 4.01 -0.87 26.62
C ALA A 116 3.69 0.23 25.60
N SER A 117 2.52 0.14 24.96
CA SER A 117 2.11 1.10 23.93
C SER A 117 1.69 2.43 24.53
N TRP A 118 0.82 2.35 25.53
CA TRP A 118 0.07 3.53 26.02
C TRP A 118 0.19 3.78 27.52
N GLY A 119 0.23 2.71 28.30
CA GLY A 119 0.28 2.80 29.75
C GLY A 119 -0.63 1.78 30.45
N CYS A 120 -1.76 1.46 29.83
CA CYS A 120 -2.77 0.55 30.39
C CYS A 120 -3.17 0.88 31.85
N VAL A 121 -3.58 -0.12 32.61
CA VAL A 121 -4.25 0.08 33.90
C VAL A 121 -3.40 0.78 34.97
N GLN A 122 -2.14 0.37 35.12
CA GLN A 122 -1.22 0.97 36.11
C GLN A 122 -1.05 2.47 35.96
N ALA A 123 -1.44 2.96 34.77
CA ALA A 123 -1.34 4.36 34.41
C ALA A 123 -2.69 5.08 34.41
N ALA A 124 -3.74 4.43 34.88
CA ALA A 124 -5.05 5.09 35.02
C ALA A 124 -5.05 6.05 36.22
N ARG A 125 -5.99 7.01 36.26
CA ARG A 125 -6.13 7.94 37.40
C ARG A 125 -6.05 7.19 38.73
N PRO A 126 -5.17 7.63 39.65
CA PRO A 126 -4.29 8.79 39.59
C PRO A 126 -2.86 8.48 39.16
N ASN A 127 -2.63 7.25 38.69
CA ASN A 127 -1.32 6.80 38.25
C ASN A 127 -0.31 6.95 39.37
N PRO A 128 -0.37 6.04 40.36
CA PRO A 128 0.39 6.20 41.60
C PRO A 128 1.89 5.95 41.39
N THR A 129 2.22 5.12 40.39
CA THR A 129 3.59 4.69 40.15
C THR A 129 4.24 5.50 39.03
N GLN A 130 3.47 6.43 38.47
CA GLN A 130 3.90 7.16 37.29
C GLN A 130 4.41 6.22 36.21
N ALA A 131 3.59 5.26 35.85
CA ALA A 131 3.87 4.40 34.72
C ALA A 131 3.82 5.24 33.46
N THR A 132 4.89 5.15 32.67
CA THR A 132 4.94 5.82 31.36
C THR A 132 5.25 4.82 30.25
N PRO A 133 4.58 4.94 29.08
CA PRO A 133 4.80 4.01 27.97
C PRO A 133 6.25 4.05 27.45
N ILE A 134 6.66 3.01 26.74
CA ILE A 134 8.04 2.87 26.24
CA ILE A 134 8.06 2.95 26.33
C ILE A 134 8.46 4.03 25.32
N ASP A 135 7.53 4.47 24.46
CA ASP A 135 7.83 5.54 23.50
C ASP A 135 8.14 6.89 24.17
N LYS A 136 7.85 6.98 25.46
CA LYS A 136 8.14 8.19 26.24
C LYS A 136 9.50 8.10 26.92
N VAL A 137 10.04 6.90 26.99
CA VAL A 137 11.31 6.62 27.67
C VAL A 137 12.43 6.31 26.67
N ILE A 138 12.11 5.54 25.63
CA ILE A 138 13.06 5.20 24.59
C ILE A 138 12.72 5.97 23.31
N THR A 139 13.54 6.95 22.98
CA THR A 139 13.18 7.85 21.90
C THR A 139 14.15 7.83 20.72
N ASP A 140 15.07 6.88 20.73
CA ASP A 140 16.08 6.80 19.68
C ASP A 140 15.97 5.53 18.82
N LYS A 141 14.98 4.69 19.11
CA LYS A 141 14.81 3.43 18.37
C LYS A 141 13.43 3.35 17.73
N PRO A 142 13.30 2.57 16.63
CA PRO A 142 11.98 2.25 16.09
C PRO A 142 11.18 1.37 17.07
N ILE A 143 9.94 1.78 17.33
CA ILE A 143 9.05 1.04 18.23
C ILE A 143 7.73 0.76 17.54
N ILE A 144 7.41 -0.53 17.42
CA ILE A 144 6.11 -0.95 16.92
C ILE A 144 5.17 -1.14 18.12
N LYS A 145 4.08 -0.38 18.15
CA LYS A 145 3.08 -0.52 19.19
C LYS A 145 2.02 -1.51 18.74
N VAL A 146 1.86 -2.58 19.49
CA VAL A 146 0.83 -3.57 19.20
C VAL A 146 -0.12 -3.59 20.39
N PRO A 147 -1.03 -2.61 20.46
CA PRO A 147 -1.87 -2.42 21.66
C PRO A 147 -2.94 -3.49 21.85
N GLY A 148 -3.76 -3.32 22.89
CA GLY A 148 -4.76 -4.31 23.29
C GLY A 148 -4.40 -4.85 24.67
N CYS A 149 -5.41 -5.10 25.49
CA CYS A 149 -5.21 -5.68 26.84
C CYS A 149 -5.86 -7.06 26.99
N PRO A 150 -5.28 -8.09 26.36
CA PRO A 150 -4.08 -8.11 25.49
C PRO A 150 -4.37 -7.88 23.99
N PRO A 151 -3.34 -7.95 23.14
CA PRO A 151 -3.62 -8.01 21.71
C PRO A 151 -4.07 -9.41 21.36
N ILE A 152 -4.72 -9.60 20.19
CA ILE A 152 -5.18 -10.93 19.76
C ILE A 152 -3.98 -11.85 19.52
N PRO A 153 -3.93 -13.00 20.22
CA PRO A 153 -2.80 -13.89 20.02
C PRO A 153 -2.36 -14.02 18.56
N ASP A 154 -3.29 -14.41 17.69
CA ASP A 154 -2.95 -14.73 16.30
C ASP A 154 -2.40 -13.52 15.57
N VAL A 155 -2.75 -12.33 16.07
CA VAL A 155 -2.25 -11.03 15.58
C VAL A 155 -0.78 -10.85 16.01
N MET A 156 -0.52 -11.03 17.31
CA MET A 156 0.87 -11.04 17.80
C MET A 156 1.71 -11.95 16.90
N SER A 157 1.48 -13.26 16.99
CA SER A 157 2.19 -14.21 16.14
C SER A 157 2.25 -13.77 14.63
N ALA A 158 1.11 -13.39 14.06
CA ALA A 158 1.04 -12.93 12.67
C ALA A 158 2.02 -11.78 12.41
N ILE A 159 2.08 -10.83 13.35
CA ILE A 159 3.04 -9.72 13.24
C ILE A 159 4.48 -10.25 13.22
N ILE A 160 4.77 -11.17 14.14
CA ILE A 160 6.05 -11.86 14.19
C ILE A 160 6.37 -12.54 12.85
N THR A 161 5.44 -13.35 12.35
CA THR A 161 5.64 -14.05 11.07
CA THR A 161 5.66 -14.05 11.07
C THR A 161 5.85 -13.07 9.92
N TYR A 162 5.13 -11.94 9.95
CA TYR A 162 5.33 -10.95 8.91
C TYR A 162 6.77 -10.54 8.95
N MET A 163 7.25 -10.16 10.12
CA MET A 163 8.60 -9.64 10.28
C MET A 163 9.68 -10.64 9.89
N VAL A 164 9.48 -11.90 10.25
CA VAL A 164 10.46 -12.93 9.90
C VAL A 164 10.40 -13.27 8.42
N THR A 165 9.20 -13.51 7.88
CA THR A 165 9.02 -13.86 6.46
C THR A 165 9.43 -12.75 5.51
N PHE A 166 9.03 -11.52 5.83
CA PHE A 166 9.26 -10.40 4.93
C PHE A 166 10.50 -9.59 5.28
N ASP A 167 11.13 -9.97 6.39
CA ASP A 167 12.41 -9.40 6.82
C ASP A 167 12.34 -7.89 6.93
N ARG A 168 11.24 -7.39 7.47
CA ARG A 168 11.04 -5.94 7.60
C ARG A 168 10.00 -5.63 8.67
N LEU A 169 9.96 -4.37 9.09
CA LEU A 169 8.94 -3.89 9.99
C LEU A 169 7.63 -3.64 9.27
N PRO A 170 6.52 -4.06 9.89
CA PRO A 170 5.18 -3.80 9.36
C PRO A 170 4.93 -2.31 9.15
N ASP A 171 4.10 -1.98 8.16
CA ASP A 171 3.73 -0.60 7.93
C ASP A 171 2.92 -0.08 9.08
N VAL A 172 3.11 1.18 9.43
CA VAL A 172 2.44 1.75 10.61
C VAL A 172 1.70 3.08 10.36
N ASP A 173 0.62 3.30 11.11
CA ASP A 173 -0.07 4.59 11.13
C ASP A 173 0.76 5.56 11.92
N ARG A 174 0.33 6.82 11.93
CA ARG A 174 1.13 7.85 12.58
C ARG A 174 1.39 7.48 14.03
N MET A 175 0.59 6.55 14.55
CA MET A 175 0.60 6.21 15.96
C MET A 175 1.71 5.22 16.35
N GLY A 176 2.13 4.38 15.41
CA GLY A 176 3.12 3.34 15.68
C GLY A 176 2.52 1.95 15.61
N ARG A 177 1.24 1.87 15.26
CA ARG A 177 0.53 0.59 15.18
C ARG A 177 0.60 -0.04 13.79
N PRO A 178 0.82 -1.39 13.71
CA PRO A 178 0.84 -2.04 12.41
C PRO A 178 -0.48 -1.78 11.70
N LEU A 179 -0.39 -1.40 10.42
CA LEU A 179 -1.56 -1.06 9.64
C LEU A 179 -2.50 -2.24 9.41
N MET A 180 -1.94 -3.42 9.14
CA MET A 180 -2.75 -4.63 8.91
C MET A 180 -3.94 -4.80 9.85
N PHE A 181 -3.67 -4.80 11.15
CA PHE A 181 -4.71 -5.08 12.14
C PHE A 181 -5.28 -3.86 12.87
N TYR A 182 -4.62 -2.71 12.74
CA TYR A 182 -5.06 -1.51 13.45
C TYR A 182 -5.46 -0.38 12.52
N GLY A 183 -5.78 -0.70 11.27
CA GLY A 183 -6.07 0.33 10.28
C GLY A 183 -7.54 0.68 10.23
N GLN A 184 -8.37 -0.18 10.84
CA GLN A 184 -9.81 -0.07 10.79
C GLN A 184 -10.40 -0.26 12.15
N ARG A 185 -11.48 0.48 12.43
CA ARG A 185 -12.19 0.43 13.72
C ARG A 185 -13.07 -0.82 13.86
N ILE A 186 -13.26 -1.29 15.10
CA ILE A 186 -14.08 -2.48 15.42
C ILE A 186 -15.48 -2.29 14.84
N HIS A 187 -15.99 -1.09 15.04
CA HIS A 187 -17.30 -0.65 14.56
C HIS A 187 -17.45 -0.75 13.05
N ASP A 188 -16.35 -0.87 12.31
CA ASP A 188 -16.47 -0.89 10.86
C ASP A 188 -16.35 -2.28 10.28
N LYS A 189 -16.16 -3.26 11.13
CA LYS A 189 -16.20 -4.64 10.69
C LYS A 189 -16.98 -5.43 11.72
N CYS A 190 -17.92 -4.76 12.37
CA CYS A 190 -18.75 -5.41 13.36
C CYS A 190 -19.92 -6.20 12.74
N TYR A 191 -20.08 -7.44 13.16
CA TYR A 191 -21.12 -8.30 12.60
C TYR A 191 -22.52 -7.85 13.00
N ARG A 192 -22.60 -7.03 14.03
CA ARG A 192 -23.87 -6.45 14.49
C ARG A 192 -24.08 -5.03 13.95
N ARG A 193 -23.28 -4.60 12.96
CA ARG A 193 -23.48 -3.26 12.39
C ARG A 193 -24.87 -3.09 11.85
N ALA A 194 -25.38 -4.17 11.23
CA ALA A 194 -26.71 -4.19 10.66
C ALA A 194 -27.74 -3.66 11.64
N HIS A 195 -27.63 -4.08 12.90
CA HIS A 195 -28.55 -3.64 13.94
C HIS A 195 -28.33 -2.20 14.35
N PHE A 196 -27.05 -1.82 14.47
CA PHE A 196 -26.70 -0.44 14.77
C PHE A 196 -27.22 0.47 13.66
N ASP A 197 -27.18 -0.03 12.43
CA ASP A 197 -27.64 0.76 11.32
C ASP A 197 -29.15 0.94 11.36
N ALA A 198 -29.85 -0.10 11.80
CA ALA A 198 -31.31 -0.07 11.90
C ALA A 198 -31.81 0.74 13.09
N GLY A 199 -31.02 0.80 14.15
CA GLY A 199 -31.44 1.44 15.39
C GLY A 199 -32.04 0.41 16.32
N GLU A 200 -31.46 -0.78 16.29
CA GLU A 200 -31.88 -1.94 17.07
C GLU A 200 -30.84 -2.26 18.15
N PHE A 201 -31.12 -1.84 19.39
CA PHE A 201 -30.14 -1.95 20.48
C PHE A 201 -30.57 -2.80 21.67
N VAL A 202 -29.60 -3.50 22.25
CA VAL A 202 -29.70 -4.03 23.59
C VAL A 202 -29.93 -2.85 24.51
N GLN A 203 -30.88 -2.96 25.44
CA GLN A 203 -31.18 -1.85 26.36
C GLN A 203 -30.83 -2.14 27.82
N SER A 204 -30.92 -3.41 28.19
CA SER A 204 -30.46 -3.92 29.49
C SER A 204 -30.15 -5.39 29.29
N TRP A 205 -29.23 -5.93 30.08
CA TRP A 205 -28.65 -7.23 29.76
C TRP A 205 -29.72 -8.29 29.71
N ASP A 206 -29.52 -9.27 28.83
CA ASP A 206 -30.40 -10.44 28.71
C ASP A 206 -31.86 -10.13 28.31
N ASP A 207 -32.11 -8.90 27.84
CA ASP A 207 -33.43 -8.54 27.29
C ASP A 207 -33.65 -9.15 25.91
N ASP A 208 -34.87 -9.05 25.39
CA ASP A 208 -35.20 -9.69 24.12
C ASP A 208 -34.23 -9.33 23.01
N ALA A 209 -33.87 -8.05 23.00
CA ALA A 209 -32.88 -7.53 22.09
C ALA A 209 -31.57 -8.31 22.17
N ALA A 210 -31.01 -8.42 23.38
CA ALA A 210 -29.70 -9.03 23.57
C ALA A 210 -29.70 -10.47 23.13
N ARG A 211 -30.84 -11.14 23.29
CA ARG A 211 -31.04 -12.52 22.90
C ARG A 211 -30.94 -12.73 21.40
N LYS A 212 -31.27 -11.69 20.64
CA LYS A 212 -31.18 -11.75 19.18
C LYS A 212 -29.84 -11.20 18.65
N GLY A 213 -28.98 -10.76 19.58
CA GLY A 213 -27.66 -10.24 19.22
C GLY A 213 -27.74 -8.90 18.54
N TYR A 214 -28.55 -8.00 19.07
CA TYR A 214 -28.62 -6.64 18.60
C TYR A 214 -27.39 -5.85 19.04
N CYS A 215 -27.32 -4.58 18.62
CA CYS A 215 -26.17 -3.75 18.87
C CYS A 215 -26.00 -3.40 20.33
N LEU A 216 -24.76 -3.36 20.77
CA LEU A 216 -24.44 -3.03 22.17
C LEU A 216 -24.03 -1.54 22.34
N TYR A 217 -24.19 -0.76 21.29
CA TYR A 217 -23.87 0.67 21.30
C TYR A 217 -24.38 1.36 22.54
N LYS A 218 -25.64 1.05 22.88
CA LYS A 218 -26.29 1.73 24.00
C LYS A 218 -25.89 1.17 25.35
N MET A 219 -25.23 0.00 25.37
CA MET A 219 -24.60 -0.52 26.59
C MET A 219 -23.16 0.00 26.71
N GLY A 220 -22.88 1.08 25.97
CA GLY A 220 -21.60 1.76 26.05
C GLY A 220 -20.47 1.17 25.23
N CYS A 221 -20.80 0.31 24.26
CA CYS A 221 -19.77 -0.27 23.39
C CYS A 221 -18.91 0.84 22.80
N LYS A 222 -17.61 0.62 22.79
CA LYS A 222 -16.70 1.68 22.32
C LYS A 222 -15.94 1.30 21.04
N GLY A 223 -16.48 0.29 20.36
CA GLY A 223 -15.98 -0.17 19.08
C GLY A 223 -15.95 0.92 18.05
N PRO A 224 -16.98 1.79 18.02
CA PRO A 224 -16.97 3.00 17.18
C PRO A 224 -15.74 3.89 17.28
N THR A 225 -14.91 3.71 18.31
CA THR A 225 -13.70 4.51 18.45
C THR A 225 -12.48 3.69 18.86
N THR A 226 -12.40 2.45 18.38
CA THR A 226 -11.33 1.58 18.81
C THR A 226 -10.79 0.84 17.62
N TYR A 227 -9.50 1.02 17.36
CA TYR A 227 -8.84 0.31 16.26
C TYR A 227 -8.20 -0.97 16.76
N ASN A 228 -8.77 -2.10 16.33
CA ASN A 228 -8.24 -3.43 16.55
C ASN A 228 -8.76 -4.33 15.45
N ALA A 229 -8.61 -5.64 15.62
CA ALA A 229 -9.04 -6.57 14.59
C ALA A 229 -10.01 -7.59 15.13
N CYS A 230 -10.60 -7.31 16.28
CA CYS A 230 -11.40 -8.29 17.00
C CYS A 230 -12.68 -8.75 16.29
N SER A 231 -13.32 -7.83 15.59
CA SER A 231 -14.53 -8.13 14.82
C SER A 231 -14.24 -8.94 13.55
N SER A 232 -13.01 -8.82 13.05
CA SER A 232 -12.59 -9.50 11.81
CA SER A 232 -12.59 -9.50 11.82
C SER A 232 -11.83 -10.81 12.10
N THR A 233 -10.66 -10.67 12.71
CA THR A 233 -9.82 -11.79 13.04
C THR A 233 -10.40 -12.58 14.19
N ARG A 234 -10.92 -11.88 15.20
CA ARG A 234 -11.53 -12.49 16.41
C ARG A 234 -10.54 -13.28 17.29
N TRP A 235 -10.99 -13.58 18.49
CA TRP A 235 -10.13 -14.11 19.53
C TRP A 235 -10.11 -15.64 19.60
N ASN A 236 -8.95 -16.20 19.92
CA ASN A 236 -8.81 -17.61 20.27
C ASN A 236 -9.26 -18.53 19.16
N ASP A 237 -8.50 -18.50 18.06
CA ASP A 237 -8.76 -19.32 16.87
C ASP A 237 -10.15 -19.00 16.31
N GLY A 238 -10.41 -17.70 16.14
CA GLY A 238 -11.69 -17.21 15.61
C GLY A 238 -12.95 -17.68 16.32
N VAL A 239 -12.85 -17.97 17.61
CA VAL A 239 -14.01 -18.42 18.36
C VAL A 239 -15.00 -17.28 18.63
N SER A 240 -14.56 -16.21 19.27
CA SER A 240 -15.51 -15.17 19.60
C SER A 240 -14.77 -13.88 19.82
N PHE A 241 -15.49 -12.87 20.29
CA PHE A 241 -14.91 -11.62 20.79
C PHE A 241 -15.90 -10.82 21.65
N CYS A 242 -15.37 -9.92 22.47
CA CYS A 242 -16.15 -9.09 23.36
C CYS A 242 -17.61 -8.97 22.95
N ILE A 243 -17.84 -8.48 21.73
CA ILE A 243 -19.17 -8.09 21.29
C ILE A 243 -20.05 -9.29 20.97
N GLN A 244 -19.46 -10.28 20.32
CA GLN A 244 -20.15 -11.53 20.01
C GLN A 244 -20.64 -12.19 21.27
N SER A 245 -19.85 -12.09 22.35
CA SER A 245 -20.17 -12.72 23.63
C SER A 245 -21.00 -11.82 24.53
N GLY A 246 -21.54 -10.75 23.97
CA GLY A 246 -22.60 -9.98 24.63
C GLY A 246 -22.22 -8.72 25.37
N HIS A 247 -20.93 -8.39 25.38
CA HIS A 247 -20.44 -7.21 26.10
C HIS A 247 -19.93 -6.19 25.11
N GLY A 248 -20.12 -4.90 25.41
CA GLY A 248 -19.59 -3.85 24.56
C GLY A 248 -18.07 -3.77 24.58
N CYS A 249 -17.46 -3.44 23.45
CA CYS A 249 -16.05 -3.14 23.39
C CYS A 249 -15.66 -2.10 24.44
N LEU A 250 -14.61 -2.39 25.21
CA LEU A 250 -14.12 -1.50 26.26
C LEU A 250 -13.16 -0.50 25.64
N GLY A 251 -12.68 -0.84 24.45
CA GLY A 251 -11.72 0.01 23.73
C GLY A 251 -10.31 -0.23 24.22
N CYS A 252 -10.00 -1.49 24.55
CA CYS A 252 -8.82 -1.81 25.31
C CYS A 252 -7.53 -1.72 24.52
N ALA A 253 -7.65 -1.34 23.26
CA ALA A 253 -6.48 -1.14 22.41
C ALA A 253 -6.19 0.35 22.18
N GLU A 254 -6.92 1.21 22.89
CA GLU A 254 -6.87 2.64 22.64
C GLU A 254 -6.27 3.42 23.81
N ASN A 255 -5.47 4.42 23.48
CA ASN A 255 -4.77 5.19 24.48
C ASN A 255 -5.70 5.77 25.54
N GLY A 256 -5.37 5.47 26.79
CA GLY A 256 -6.09 6.00 27.96
C GLY A 256 -7.57 5.65 28.05
N PHE A 257 -7.93 4.48 27.50
CA PHE A 257 -9.31 3.99 27.48
C PHE A 257 -9.90 3.71 28.88
N TRP A 258 -9.03 3.51 29.85
CA TRP A 258 -9.46 3.29 31.21
C TRP A 258 -10.11 4.55 31.77
N ASP A 259 -9.69 5.69 31.25
CA ASP A 259 -10.15 6.97 31.78
C ASP A 259 -11.24 7.69 30.95
N ARG A 260 -11.77 7.07 29.90
CA ARG A 260 -12.78 7.75 29.06
C ARG A 260 -14.19 7.45 29.53
N GLY A 261 -14.49 7.83 30.75
CA GLY A 261 -15.81 7.61 31.33
C GLY A 261 -16.02 6.15 31.70
N SER A 262 -17.26 5.79 32.05
CA SER A 262 -17.60 4.41 32.34
C SER A 262 -17.58 3.58 31.07
N PHE A 263 -17.40 2.28 31.24
CA PHE A 263 -17.47 1.38 30.11
C PHE A 263 -18.90 1.24 29.65
N TYR A 264 -19.83 1.59 30.53
CA TYR A 264 -21.23 1.38 30.25
C TYR A 264 -22.00 2.60 29.74
N SER A 265 -21.30 3.61 29.23
CA SER A 265 -22.02 4.82 28.80
C SER A 265 -21.80 5.31 27.36
N ARG A 266 -22.90 5.26 26.60
CA ARG A 266 -23.05 5.79 25.25
C ARG A 266 -21.79 5.73 24.40
N VAL A 267 -21.01 6.82 24.44
CA VAL A 267 -19.89 7.15 23.53
C VAL A 267 -20.22 8.41 22.75
N VAL A 268 -19.49 9.47 23.09
CA VAL A 268 -19.70 10.80 22.53
C VAL A 268 -19.18 10.96 21.09
N ASP A 269 -19.97 11.62 20.24
CA ASP A 269 -19.52 12.10 18.92
C ASP A 269 -19.32 11.01 17.88
N ILE A 270 -20.22 10.04 17.90
CA ILE A 270 -20.34 9.05 16.84
C ILE A 270 -21.74 9.18 16.23
N PRO A 271 -21.83 9.46 14.91
CA PRO A 271 -23.15 9.68 14.30
C PRO A 271 -24.04 8.42 14.29
N GLN A 272 -25.22 8.55 14.86
CA GLN A 272 -26.19 7.46 14.99
C GLN A 272 -27.55 7.97 14.54
N MET A 273 -28.14 7.25 13.60
CA MET A 273 -29.44 7.62 13.04
C MET A 273 -29.95 6.34 12.47
N GLY A 274 -31.06 5.85 13.01
CA GLY A 274 -31.57 4.52 12.69
C GLY A 274 -32.40 4.51 11.44
N THR A 275 -32.21 3.49 10.60
CA THR A 275 -32.95 3.40 9.34
C THR A 275 -34.39 3.13 9.68
N HIS A 276 -34.61 2.01 10.36
CA HIS A 276 -35.95 1.58 10.76
C HIS A 276 -36.51 2.38 11.95
N SER A 277 -35.67 2.64 12.95
CA SER A 277 -36.10 3.39 14.12
C SER A 277 -36.70 4.74 13.73
N THR A 278 -36.02 5.49 12.87
CA THR A 278 -36.50 6.81 12.45
C THR A 278 -37.76 6.68 11.62
N ALA A 279 -37.74 5.82 10.62
CA ALA A 279 -38.92 5.53 9.80
C ALA A 279 -40.12 5.13 10.66
N ASP A 280 -39.87 4.25 11.63
CA ASP A 280 -40.88 3.86 12.61
C ASP A 280 -41.52 5.08 13.26
N THR A 281 -40.68 5.93 13.84
CA THR A 281 -41.15 7.11 14.51
C THR A 281 -41.93 8.00 13.55
N VAL A 282 -41.47 8.06 12.29
CA VAL A 282 -42.14 8.87 11.27
C VAL A 282 -43.55 8.33 11.02
N GLY A 283 -43.67 7.02 10.95
CA GLY A 283 -44.96 6.35 10.72
C GLY A 283 -45.94 6.51 11.87
N LEU A 284 -45.46 6.25 13.09
CA LEU A 284 -46.28 6.38 14.31
C LEU A 284 -46.61 7.87 14.57
N THR A 285 -45.71 8.75 14.14
CA THR A 285 -45.89 10.19 14.33
C THR A 285 -46.91 10.73 13.36
N ALA A 286 -47.04 10.07 12.21
CA ALA A 286 -48.02 10.44 11.18
C ALA A 286 -49.36 9.78 11.44
N LEU A 287 -49.31 8.50 11.81
CA LEU A 287 -50.51 7.79 12.20
C LEU A 287 -51.21 8.56 13.30
N GLY A 288 -50.44 8.92 14.32
CA GLY A 288 -50.92 9.70 15.46
C GLY A 288 -51.64 10.99 15.09
N VAL A 289 -51.13 11.67 14.06
CA VAL A 289 -51.76 12.88 13.52
C VAL A 289 -53.17 12.60 13.00
N VAL A 290 -53.33 11.52 12.23
CA VAL A 290 -54.63 11.16 11.67
C VAL A 290 -55.52 10.57 12.75
N ALA A 291 -54.90 9.84 13.67
CA ALA A 291 -55.59 9.17 14.78
C ALA A 291 -56.39 10.15 15.63
N ALA A 292 -55.77 11.28 15.97
CA ALA A 292 -56.41 12.33 16.77
C ALA A 292 -57.36 13.19 15.93
N ALA A 293 -57.03 13.35 14.65
CA ALA A 293 -57.82 14.19 13.74
C ALA A 293 -59.16 13.57 13.32
N VAL A 294 -59.18 12.26 13.12
CA VAL A 294 -60.42 11.56 12.73
C VAL A 294 -61.02 10.69 13.86
N GLY A 295 -60.27 9.70 14.35
CA GLY A 295 -60.69 8.90 15.52
C GLY A 295 -60.51 9.67 16.82
N VAL A 296 -59.62 9.18 17.69
CA VAL A 296 -59.11 9.93 18.88
C VAL A 296 -58.06 9.10 19.68
N HIS A 297 -57.39 8.19 18.96
CA HIS A 297 -56.46 7.13 19.48
C HIS A 297 -57.09 5.72 19.40
N ALA A 298 -56.31 4.68 19.67
CA ALA A 298 -56.80 3.31 19.48
C ALA A 298 -56.91 2.45 20.75
N VAL A 299 -58.15 2.09 21.11
CA VAL A 299 -58.46 1.08 22.14
C VAL A 299 -58.92 -0.22 21.43
N ALA A 300 -57.95 -1.08 21.08
CA ALA A 300 -58.19 -2.34 20.34
C ALA A 300 -58.99 -3.40 21.14
N SER A 301 -59.09 -4.61 20.59
CA SER A 301 -59.68 -5.77 21.31
C SER A 301 -58.90 -7.08 21.03
N ALA A 302 -58.59 -7.34 19.76
CA ALA A 302 -57.71 -8.45 19.39
C ALA A 302 -56.24 -8.04 19.49
N VAL A 303 -55.95 -6.81 19.03
CA VAL A 303 -54.59 -6.23 18.98
C VAL A 303 -53.67 -6.81 17.89
N ASP A 304 -53.96 -8.04 17.43
CA ASP A 304 -53.23 -8.67 16.30
C ASP A 304 -54.19 -9.27 15.25
N GLN A 305 -55.11 -10.15 15.69
CA GLN A 305 -56.21 -10.74 14.90
C GLN A 305 -55.85 -11.73 13.75
N ARG A 306 -54.73 -11.49 13.05
CA ARG A 306 -54.37 -12.25 11.83
C ARG A 306 -53.94 -13.73 12.01
N ARG A 307 -54.91 -14.62 12.09
CA ARG A 307 -54.70 -16.07 12.17
C ARG A 307 -55.93 -16.84 11.68
N SER B 2 25.15 -9.49 62.68
CA SER B 2 24.17 -10.58 62.43
C SER B 2 23.42 -10.95 63.71
N THR B 3 22.10 -11.09 63.60
CA THR B 3 21.22 -11.40 64.73
C THR B 3 20.51 -12.74 64.55
N GLN B 4 20.10 -13.35 65.65
CA GLN B 4 19.45 -14.66 65.62
C GLN B 4 18.26 -14.72 66.60
N TYR B 5 17.13 -15.23 66.11
CA TYR B 5 15.93 -15.41 66.95
C TYR B 5 15.10 -16.62 66.52
N GLU B 6 14.28 -17.13 67.44
CA GLU B 6 13.44 -18.30 67.16
C GLU B 6 12.03 -17.84 66.80
N THR B 7 11.36 -18.56 65.90
CA THR B 7 9.96 -18.27 65.53
C THR B 7 9.31 -19.47 64.84
N GLN B 8 8.12 -19.86 65.32
CA GLN B 8 7.33 -20.94 64.71
C GLN B 8 8.07 -22.28 64.63
N GLY B 9 9.02 -22.48 65.54
CA GLY B 9 9.84 -23.70 65.60
C GLY B 9 11.11 -23.65 64.78
N TYR B 10 11.43 -22.44 64.31
CA TYR B 10 12.51 -22.22 63.37
C TYR B 10 13.56 -21.35 64.02
N THR B 11 14.81 -21.50 63.61
CA THR B 11 15.88 -20.61 64.09
C THR B 11 16.43 -19.78 62.93
N ILE B 12 15.97 -18.54 62.89
CA ILE B 12 16.30 -17.59 61.83
C ILE B 12 17.64 -16.93 62.12
N ASN B 13 18.64 -17.26 61.30
CA ASN B 13 20.01 -16.78 61.50
C ASN B 13 20.64 -16.17 60.26
N ASN B 14 20.87 -14.86 60.27
CA ASN B 14 21.42 -14.15 59.12
C ASN B 14 22.95 -14.03 59.08
N ALA B 15 23.63 -14.83 59.90
CA ALA B 15 25.08 -14.99 59.82
C ALA B 15 25.39 -16.01 58.74
N GLY B 16 26.60 -15.92 58.18
CA GLY B 16 27.02 -16.81 57.11
C GLY B 16 26.71 -16.26 55.73
N ARG B 17 27.38 -16.82 54.73
CA ARG B 17 27.27 -16.40 53.33
CA ARG B 17 27.27 -16.40 53.33
C ARG B 17 25.83 -16.06 52.91
N ARG B 18 25.69 -14.90 52.26
CA ARG B 18 24.39 -14.44 51.78
C ARG B 18 24.25 -14.70 50.28
N LEU B 19 23.16 -15.37 49.88
CA LEU B 19 22.91 -15.66 48.45
C LEU B 19 21.76 -14.85 47.91
N VAL B 20 21.93 -14.30 46.71
CA VAL B 20 20.89 -13.46 46.11
C VAL B 20 20.34 -14.01 44.78
N VAL B 21 19.04 -14.36 44.78
CA VAL B 21 18.37 -14.80 43.56
C VAL B 21 17.41 -13.71 43.10
N ASP B 22 17.92 -12.83 42.24
CA ASP B 22 17.14 -11.73 41.66
C ASP B 22 17.59 -11.56 40.21
N PRO B 23 16.67 -11.73 39.23
CA PRO B 23 15.23 -11.98 39.37
C PRO B 23 14.82 -13.45 39.37
N ILE B 24 13.84 -13.80 40.18
CA ILE B 24 13.23 -15.12 40.15
C ILE B 24 12.52 -15.26 38.82
N THR B 25 12.78 -16.34 38.10
CA THR B 25 12.17 -16.58 36.79
C THR B 25 11.17 -17.73 36.81
N ARG B 26 10.49 -17.94 35.69
CA ARG B 26 9.45 -18.96 35.58
C ARG B 26 8.39 -18.81 36.66
N ILE B 27 8.06 -17.54 36.92
CA ILE B 27 6.96 -17.14 37.77
C ILE B 27 6.28 -15.98 37.08
N GLU B 28 5.15 -15.55 37.62
CA GLU B 28 4.50 -14.35 37.13
C GLU B 28 5.05 -13.11 37.87
N GLY B 29 5.44 -12.08 37.10
CA GLY B 29 5.89 -10.80 37.66
C GLY B 29 7.30 -10.76 38.26
N HIS B 30 7.49 -9.91 39.26
CA HIS B 30 8.84 -9.60 39.77
C HIS B 30 9.10 -9.99 41.22
N MET B 31 10.04 -10.92 41.43
CA MET B 31 10.39 -11.37 42.76
C MET B 31 11.89 -11.35 42.99
N ARG B 32 12.30 -10.94 44.19
CA ARG B 32 13.68 -11.08 44.63
C ARG B 32 13.74 -12.00 45.83
N CYS B 33 14.64 -12.99 45.79
CA CYS B 33 14.85 -13.86 46.93
C CYS B 33 16.27 -13.82 47.46
N GLU B 34 16.39 -13.68 48.77
CA GLU B 34 17.69 -13.69 49.43
C GLU B 34 17.70 -14.74 50.52
N VAL B 35 18.86 -15.36 50.74
CA VAL B 35 19.04 -16.35 51.80
C VAL B 35 20.40 -16.25 52.50
N ASN B 36 20.52 -16.97 53.61
CA ASN B 36 21.78 -17.17 54.29
C ASN B 36 22.04 -18.67 54.43
N ILE B 37 23.28 -19.08 54.17
CA ILE B 37 23.66 -20.47 54.36
C ILE B 37 24.81 -20.60 55.36
N ASN B 38 24.90 -21.76 56.01
CA ASN B 38 25.97 -22.03 56.96
C ASN B 38 27.10 -22.86 56.35
N ASP B 39 27.86 -23.53 57.21
CA ASP B 39 28.99 -24.35 56.77
C ASP B 39 28.50 -25.62 56.08
N GLN B 40 27.32 -26.10 56.48
CA GLN B 40 26.75 -27.32 55.91
C GLN B 40 25.89 -27.04 54.69
N ASN B 41 25.97 -25.80 54.20
CA ASN B 41 25.16 -25.34 53.06
C ASN B 41 23.66 -25.55 53.28
N VAL B 42 23.21 -25.20 54.48
CA VAL B 42 21.80 -25.31 54.86
C VAL B 42 21.23 -23.91 55.06
N ILE B 43 20.04 -23.67 54.51
CA ILE B 43 19.41 -22.37 54.64
C ILE B 43 18.93 -22.12 56.07
N THR B 44 19.49 -21.05 56.65
CA THR B 44 19.19 -20.65 58.03
C THR B 44 18.43 -19.32 58.09
N ASN B 45 18.28 -18.67 56.93
CA ASN B 45 17.48 -17.46 56.79
C ASN B 45 16.95 -17.34 55.38
N ALA B 46 15.69 -16.94 55.24
CA ALA B 46 15.08 -16.69 53.92
C ALA B 46 14.36 -15.35 53.87
N VAL B 47 14.46 -14.67 52.74
CA VAL B 47 13.92 -13.33 52.58
C VAL B 47 13.08 -13.25 51.32
N SER B 48 11.79 -12.97 51.48
CA SER B 48 10.81 -12.97 50.38
C SER B 48 10.31 -11.58 49.95
N CYS B 49 10.86 -11.08 48.86
CA CYS B 49 10.61 -9.71 48.42
C CYS B 49 9.89 -9.66 47.09
N GLY B 50 8.78 -8.91 47.04
CA GLY B 50 8.10 -8.63 45.79
C GLY B 50 8.62 -7.33 45.23
N THR B 51 9.21 -7.38 44.04
CA THR B 51 9.91 -6.22 43.49
C THR B 51 9.13 -5.43 42.44
N MET B 52 7.81 -5.37 42.59
CA MET B 52 6.92 -4.58 41.72
C MET B 52 5.69 -4.05 42.47
N PHE B 53 5.06 -3.01 41.91
CA PHE B 53 3.82 -2.43 42.47
C PHE B 53 3.21 -1.48 41.46
N ARG B 54 1.89 -1.54 41.33
CA ARG B 54 1.17 -0.73 40.34
C ARG B 54 0.10 0.16 40.98
N GLY B 55 -0.58 -0.41 41.97
CA GLY B 55 -1.50 0.29 42.85
C GLY B 55 -2.93 0.33 42.35
N LEU B 56 -3.52 -0.86 42.18
CA LEU B 56 -4.91 -0.93 41.75
C LEU B 56 -5.87 -0.37 42.80
N GLU B 57 -5.59 -0.67 44.05
CA GLU B 57 -6.43 -0.19 45.12
C GLU B 57 -6.59 1.34 45.06
N ILE B 58 -5.52 2.02 44.68
CA ILE B 58 -5.52 3.48 44.63
C ILE B 58 -6.32 3.95 43.41
N ILE B 59 -6.06 3.30 42.29
CA ILE B 59 -6.70 3.64 41.01
C ILE B 59 -8.23 3.53 41.04
N LEU B 60 -8.72 2.40 41.56
CA LEU B 60 -10.15 2.09 41.68
C LEU B 60 -10.99 3.17 42.30
N GLN B 61 -10.36 4.04 43.10
CA GLN B 61 -11.10 4.95 43.96
C GLN B 61 -11.92 5.96 43.18
N GLY B 62 -13.22 5.96 43.41
CA GLY B 62 -14.11 6.95 42.82
C GLY B 62 -14.65 6.56 41.47
N ARG B 63 -14.46 5.30 41.09
CA ARG B 63 -15.01 4.80 39.83
C ARG B 63 -16.34 4.07 40.04
N ASP B 64 -17.08 3.86 38.94
CA ASP B 64 -18.36 3.15 39.02
C ASP B 64 -18.09 1.69 39.35
N PRO B 65 -18.70 1.18 40.44
CA PRO B 65 -18.51 -0.20 40.89
C PRO B 65 -18.76 -1.26 39.81
N ARG B 66 -19.55 -0.92 38.79
CA ARG B 66 -19.78 -1.82 37.68
C ARG B 66 -18.61 -1.82 36.69
N ASP B 67 -17.75 -0.82 36.75
CA ASP B 67 -16.51 -0.80 35.95
C ASP B 67 -15.34 -1.50 36.65
N ALA B 68 -15.49 -1.78 37.95
CA ALA B 68 -14.40 -2.31 38.78
C ALA B 68 -13.81 -3.64 38.33
N TRP B 69 -14.66 -4.58 37.94
CA TRP B 69 -14.20 -5.92 37.52
C TRP B 69 -13.16 -5.82 36.42
N ALA B 70 -13.40 -4.92 35.48
CA ALA B 70 -12.53 -4.71 34.34
C ALA B 70 -11.14 -4.24 34.75
N PHE B 71 -11.10 -3.28 35.70
CA PHE B 71 -9.85 -2.77 36.25
C PHE B 71 -9.08 -3.85 37.01
N VAL B 72 -9.75 -4.50 37.97
CA VAL B 72 -9.06 -5.48 38.80
C VAL B 72 -8.80 -6.81 38.11
N GLU B 73 -9.47 -7.08 37.00
CA GLU B 73 -9.12 -8.28 36.26
C GLU B 73 -7.68 -8.17 35.78
N ARG B 74 -7.31 -6.97 35.35
CA ARG B 74 -5.96 -6.66 34.90
C ARG B 74 -4.92 -6.61 36.02
N ILE B 75 -5.28 -7.14 37.20
CA ILE B 75 -4.30 -7.38 38.26
C ILE B 75 -3.31 -8.42 37.76
N CYS B 76 -3.83 -9.51 37.19
CA CYS B 76 -2.97 -10.59 36.72
C CYS B 76 -3.52 -11.22 35.45
N GLY B 77 -2.64 -11.41 34.47
CA GLY B 77 -2.99 -12.04 33.20
C GLY B 77 -2.81 -13.55 33.21
N VAL B 78 -2.03 -14.05 34.15
CA VAL B 78 -1.90 -15.48 34.35
C VAL B 78 -3.19 -16.05 34.98
N CYS B 79 -3.52 -15.60 36.20
CA CYS B 79 -4.80 -15.98 36.82
C CYS B 79 -5.91 -15.09 36.30
N THR B 80 -5.93 -14.90 35.00
CA THR B 80 -6.88 -13.99 34.37
C THR B 80 -8.33 -14.40 34.61
N GLY B 81 -9.10 -13.48 35.18
CA GLY B 81 -10.52 -13.70 35.35
C GLY B 81 -10.90 -13.90 36.79
N VAL B 82 -9.99 -14.40 37.61
CA VAL B 82 -10.35 -14.68 39.00
C VAL B 82 -10.67 -13.38 39.75
N HIS B 83 -9.95 -12.32 39.43
CA HIS B 83 -10.13 -11.02 40.10
C HIS B 83 -11.41 -10.33 39.69
N ALA B 84 -11.83 -10.56 38.46
CA ALA B 84 -13.10 -10.06 37.97
C ALA B 84 -14.22 -10.76 38.71
N LEU B 85 -14.06 -12.07 38.87
CA LEU B 85 -15.05 -12.85 39.56
C LEU B 85 -15.16 -12.35 40.99
N ALA B 86 -14.01 -12.18 41.64
CA ALA B 86 -13.93 -11.68 43.01
C ALA B 86 -14.57 -10.30 43.12
N SER B 87 -14.43 -9.52 42.06
CA SER B 87 -15.01 -8.18 42.02
C SER B 87 -16.54 -8.27 41.99
N VAL B 88 -17.10 -8.88 40.95
CA VAL B 88 -18.54 -8.90 40.77
C VAL B 88 -19.19 -9.40 42.05
N TYR B 89 -18.59 -10.45 42.60
CA TYR B 89 -19.03 -11.08 43.84
C TYR B 89 -19.25 -10.03 44.93
N ALA B 90 -18.26 -9.15 45.05
CA ALA B 90 -18.21 -8.13 46.09
C ALA B 90 -19.18 -6.96 45.85
N ILE B 91 -19.25 -6.47 44.62
CA ILE B 91 -20.18 -5.40 44.32
C ILE B 91 -21.62 -5.87 44.54
N GLU B 92 -21.89 -7.13 44.15
CA GLU B 92 -23.18 -7.75 44.41
C GLU B 92 -23.43 -7.96 45.89
N ASP B 93 -22.37 -8.28 46.64
CA ASP B 93 -22.50 -8.41 48.09
C ASP B 93 -22.87 -7.06 48.71
N ALA B 94 -22.33 -5.99 48.13
CA ALA B 94 -22.51 -4.63 48.62
C ALA B 94 -23.91 -4.10 48.30
N ILE B 95 -24.26 -4.08 47.02
CA ILE B 95 -25.56 -3.61 46.57
C ILE B 95 -26.70 -4.55 47.01
N GLY B 96 -26.41 -5.85 47.11
CA GLY B 96 -27.40 -6.90 47.42
C GLY B 96 -28.12 -7.38 46.17
N ILE B 97 -27.36 -7.99 45.25
CA ILE B 97 -27.84 -8.16 43.86
C ILE B 97 -28.56 -9.46 43.50
N LYS B 98 -27.95 -10.62 43.80
CA LYS B 98 -28.56 -11.94 43.48
C LYS B 98 -28.67 -12.21 41.96
N VAL B 99 -27.79 -13.06 41.46
CA VAL B 99 -27.72 -13.42 40.05
C VAL B 99 -28.53 -14.69 39.71
N PRO B 100 -28.99 -14.83 38.45
CA PRO B 100 -29.77 -16.00 38.04
C PRO B 100 -28.90 -17.24 38.05
N ASP B 101 -29.54 -18.41 38.16
CA ASP B 101 -28.80 -19.67 38.30
C ASP B 101 -27.72 -19.84 37.23
N ASN B 102 -28.11 -19.71 35.96
CA ASN B 102 -27.20 -19.89 34.82
C ASN B 102 -25.97 -19.01 34.91
N ALA B 103 -26.15 -17.79 35.40
CA ALA B 103 -25.05 -16.85 35.53
C ALA B 103 -23.96 -17.47 36.40
N ASN B 104 -24.39 -18.00 37.54
CA ASN B 104 -23.49 -18.72 38.45
C ASN B 104 -22.83 -19.93 37.76
N ILE B 105 -23.65 -20.82 37.21
CA ILE B 105 -23.16 -22.04 36.55
C ILE B 105 -22.11 -21.73 35.51
N ILE B 106 -22.32 -20.61 34.83
CA ILE B 106 -21.37 -20.10 33.83
C ILE B 106 -20.10 -19.58 34.48
N ARG B 107 -20.27 -18.82 35.57
CA ARG B 107 -19.13 -18.24 36.30
C ARG B 107 -18.27 -19.37 36.87
N ASN B 108 -18.91 -20.39 37.40
CA ASN B 108 -18.22 -21.56 37.94
C ASN B 108 -17.43 -22.27 36.84
N ILE B 109 -18.01 -22.30 35.64
CA ILE B 109 -17.36 -22.83 34.46
C ILE B 109 -16.09 -22.01 34.17
N MET B 110 -16.24 -20.69 34.12
CA MET B 110 -15.11 -19.78 33.93
C MET B 110 -13.96 -20.07 34.91
N LEU B 111 -14.31 -20.30 36.17
CA LEU B 111 -13.29 -20.55 37.17
C LEU B 111 -12.64 -21.93 36.97
N ALA B 112 -13.47 -22.97 36.82
CA ALA B 112 -12.95 -24.33 36.62
C ALA B 112 -12.00 -24.35 35.42
N THR B 113 -12.39 -23.60 34.39
CA THR B 113 -11.54 -23.45 33.23
C THR B 113 -10.22 -22.79 33.58
N LEU B 114 -10.26 -21.73 34.38
CA LEU B 114 -9.02 -21.07 34.79
C LEU B 114 -8.11 -22.01 35.57
N TRP B 115 -8.71 -22.80 36.48
CA TRP B 115 -7.98 -23.81 37.22
C TRP B 115 -7.28 -24.81 36.31
N CYS B 116 -8.04 -25.40 35.38
CA CYS B 116 -7.51 -26.39 34.46
C CYS B 116 -6.34 -25.85 33.68
N HIS B 117 -6.51 -24.66 33.12
CA HIS B 117 -5.52 -24.04 32.26
C HIS B 117 -4.31 -23.59 33.07
N ASP B 118 -4.57 -22.78 34.10
CA ASP B 118 -3.50 -22.19 34.91
C ASP B 118 -2.59 -23.28 35.50
N HIS B 119 -3.19 -24.28 36.13
CA HIS B 119 -2.43 -25.37 36.71
C HIS B 119 -1.56 -26.08 35.68
N LEU B 120 -2.13 -26.31 34.49
CA LEU B 120 -1.44 -27.04 33.44
C LEU B 120 -0.19 -26.29 32.95
N VAL B 121 -0.38 -25.02 32.61
CA VAL B 121 0.72 -24.19 32.14
C VAL B 121 1.84 -24.11 33.19
N HIS B 122 1.46 -23.96 34.46
CA HIS B 122 2.45 -23.94 35.55
C HIS B 122 3.28 -25.21 35.65
N PHE B 123 2.61 -26.37 35.67
CA PHE B 123 3.27 -27.66 35.83
C PHE B 123 4.32 -27.96 34.76
N TYR B 124 4.06 -27.51 33.53
CA TYR B 124 4.99 -27.70 32.43
C TYR B 124 5.87 -26.47 32.14
N GLN B 125 5.24 -25.36 31.75
CA GLN B 125 5.99 -24.19 31.28
C GLN B 125 6.84 -23.50 32.35
N LEU B 126 6.30 -23.39 33.57
CA LEU B 126 6.99 -22.72 34.68
C LEU B 126 7.81 -23.70 35.55
N ALA B 127 7.14 -24.59 36.29
CA ALA B 127 7.81 -25.44 37.25
C ALA B 127 8.56 -26.62 36.63
N GLY B 128 8.13 -27.05 35.44
CA GLY B 128 8.59 -28.29 34.85
C GLY B 128 10.09 -28.45 34.83
N MET B 129 10.79 -27.42 34.35
CA MET B 129 12.24 -27.50 34.14
C MET B 129 13.08 -27.66 35.41
N ASP B 130 12.45 -27.44 36.58
CA ASP B 130 13.09 -27.69 37.87
C ASP B 130 13.35 -29.17 38.08
N TRP B 131 12.52 -30.00 37.46
CA TRP B 131 12.52 -31.46 37.63
C TRP B 131 13.00 -32.22 36.39
N ILE B 132 12.69 -31.67 35.22
CA ILE B 132 13.01 -32.31 33.95
C ILE B 132 14.29 -31.72 33.34
N ASP B 133 15.35 -32.52 33.32
CA ASP B 133 16.63 -32.13 32.74
C ASP B 133 16.51 -32.19 31.23
N VAL B 134 16.19 -31.04 30.63
CA VAL B 134 15.90 -30.95 29.19
C VAL B 134 17.00 -31.50 28.32
N LEU B 135 18.23 -31.08 28.58
CA LEU B 135 19.38 -31.49 27.78
C LEU B 135 19.76 -32.97 27.92
N ASP B 136 19.31 -33.59 29.01
CA ASP B 136 19.57 -35.01 29.25
C ASP B 136 18.68 -35.90 28.37
N ALA B 137 17.60 -35.32 27.82
CA ALA B 137 16.73 -36.01 26.88
C ALA B 137 17.47 -36.44 25.62
N LEU B 138 18.48 -35.65 25.24
CA LEU B 138 19.37 -35.96 24.11
C LEU B 138 20.16 -37.27 24.27
N LYS B 139 20.27 -37.77 25.51
N LYS B 139 20.26 -37.76 25.51
CA LYS B 139 20.93 -39.04 25.79
CA LYS B 139 20.92 -39.03 25.84
C LYS B 139 19.96 -40.21 25.97
C LYS B 139 19.97 -40.23 25.69
N ALA B 140 18.67 -39.95 25.82
CA ALA B 140 17.63 -40.99 25.91
C ALA B 140 17.47 -41.88 24.68
N ASP B 141 17.14 -43.16 24.94
CA ASP B 141 16.77 -44.11 23.89
C ASP B 141 15.26 -43.98 23.62
N PRO B 142 14.89 -43.59 22.40
CA PRO B 142 13.47 -43.42 22.08
C PRO B 142 12.60 -44.65 22.39
N ARG B 143 13.09 -45.86 22.07
CA ARG B 143 12.32 -47.10 22.28
C ARG B 143 11.97 -47.33 23.76
N LYS B 144 12.92 -47.03 24.64
CA LYS B 144 12.68 -47.15 26.06
C LYS B 144 11.80 -46.02 26.55
N THR B 145 11.94 -44.83 25.94
CA THR B 145 11.09 -43.70 26.27
C THR B 145 9.64 -44.04 25.91
N SER B 146 9.47 -44.70 24.78
CA SER B 146 8.17 -45.22 24.35
C SER B 146 7.64 -46.21 25.37
N GLU B 147 8.45 -47.22 25.68
CA GLU B 147 8.08 -48.27 26.66
CA GLU B 147 8.05 -48.27 26.63
C GLU B 147 7.66 -47.68 28.00
N LEU B 148 8.35 -46.62 28.43
CA LEU B 148 8.08 -45.99 29.73
C LEU B 148 6.73 -45.28 29.73
N ALA B 149 6.51 -44.43 28.73
CA ALA B 149 5.29 -43.66 28.64
C ALA B 149 4.09 -44.59 28.58
N GLN B 150 4.26 -45.72 27.91
CA GLN B 150 3.15 -46.64 27.75
C GLN B 150 2.85 -47.38 29.03
N SER B 151 3.85 -47.53 29.89
CA SER B 151 3.65 -48.20 31.16
C SER B 151 2.90 -47.31 32.12
N LEU B 152 2.99 -45.99 31.92
CA LEU B 152 2.42 -45.03 32.85
C LEU B 152 1.05 -44.50 32.45
N SER B 153 0.73 -44.59 31.17
CA SER B 153 -0.43 -43.86 30.66
C SER B 153 -0.99 -44.46 29.37
N SER B 154 -2.32 -44.35 29.24
CA SER B 154 -3.04 -44.82 28.06
CA SER B 154 -3.03 -44.82 28.05
C SER B 154 -3.07 -43.74 26.98
N TRP B 155 -2.29 -42.69 27.18
CA TRP B 155 -2.18 -41.60 26.24
C TRP B 155 -1.67 -42.14 24.92
N PRO B 156 -2.36 -41.82 23.80
CA PRO B 156 -2.05 -42.30 22.45
C PRO B 156 -0.65 -41.94 21.93
N LYS B 157 -0.24 -40.68 22.09
CA LYS B 157 1.05 -40.22 21.55
C LYS B 157 2.24 -40.78 22.33
N SER B 158 2.79 -41.90 21.86
CA SER B 158 3.83 -42.61 22.59
C SER B 158 4.73 -43.48 21.73
N SER B 159 4.56 -43.42 20.42
CA SER B 159 5.37 -44.24 19.49
C SER B 159 6.85 -43.90 19.61
N PRO B 160 7.72 -44.91 19.43
CA PRO B 160 9.17 -44.69 19.50
C PRO B 160 9.62 -43.67 18.47
N GLY B 161 8.98 -43.70 17.31
CA GLY B 161 9.23 -42.70 16.27
C GLY B 161 8.92 -41.30 16.74
N TYR B 162 7.83 -41.17 17.51
CA TYR B 162 7.39 -39.88 18.01
C TYR B 162 8.44 -39.27 18.93
N PHE B 163 8.88 -40.03 19.93
CA PHE B 163 9.90 -39.54 20.84
C PHE B 163 11.23 -39.26 20.11
N PHE B 164 11.46 -39.97 19.00
CA PHE B 164 12.65 -39.75 18.19
C PHE B 164 12.63 -38.41 17.45
N ASP B 165 11.48 -38.06 16.87
CA ASP B 165 11.32 -36.78 16.21
CA ASP B 165 11.31 -36.76 16.21
C ASP B 165 11.52 -35.67 17.23
N VAL B 166 10.87 -35.79 18.40
CA VAL B 166 10.98 -34.82 19.49
C VAL B 166 12.43 -34.63 19.89
N GLN B 167 13.14 -35.75 20.02
CA GLN B 167 14.55 -35.69 20.35
C GLN B 167 15.35 -34.98 19.25
N ASN B 168 15.11 -35.36 18.00
CA ASN B 168 15.81 -34.76 16.87
CA ASN B 168 15.83 -34.76 16.88
C ASN B 168 15.55 -33.28 16.75
N ARG B 169 14.28 -32.88 16.90
CA ARG B 169 13.86 -31.47 16.89
CA ARG B 169 13.93 -31.47 16.83
C ARG B 169 14.67 -30.67 17.90
N LEU B 170 14.77 -31.23 19.10
CA LEU B 170 15.55 -30.62 20.16
C LEU B 170 17.04 -30.63 19.82
N LYS B 171 17.52 -31.74 19.26
CA LYS B 171 18.91 -31.80 18.83
C LYS B 171 19.20 -30.74 17.77
N LYS B 172 18.27 -30.54 16.83
CA LYS B 172 18.40 -29.47 15.83
C LYS B 172 18.45 -28.12 16.52
N PHE B 173 17.50 -27.88 17.44
CA PHE B 173 17.40 -26.62 18.22
C PHE B 173 18.71 -26.24 18.91
N VAL B 174 19.23 -27.18 19.69
CA VAL B 174 20.45 -26.97 20.47
CA VAL B 174 20.45 -26.95 20.46
C VAL B 174 21.71 -26.93 19.59
N GLU B 175 21.74 -27.76 18.55
CA GLU B 175 22.91 -27.93 17.67
C GLU B 175 23.55 -26.63 17.16
N GLY B 176 22.75 -25.57 17.04
CA GLY B 176 23.19 -24.28 16.49
C GLY B 176 23.85 -23.32 17.47
N GLY B 177 23.87 -23.68 18.74
CA GLY B 177 24.44 -22.82 19.77
C GLY B 177 23.43 -21.82 20.30
N GLN B 178 22.17 -21.95 19.92
CA GLN B 178 21.12 -21.01 20.33
C GLN B 178 20.14 -21.66 21.29
N LEU B 179 20.65 -22.06 22.45
CA LEU B 179 19.86 -22.78 23.45
C LEU B 179 18.57 -22.04 23.85
N GLY B 180 18.52 -20.75 23.54
CA GLY B 180 17.32 -19.94 23.77
C GLY B 180 16.96 -19.88 25.22
N ILE B 181 15.87 -20.57 25.58
CA ILE B 181 15.32 -20.53 26.93
C ILE B 181 16.04 -21.51 27.87
N PHE B 182 16.78 -22.45 27.29
CA PHE B 182 17.53 -23.41 28.07
C PHE B 182 18.95 -22.92 28.35
N ARG B 183 19.27 -21.74 27.82
CA ARG B 183 20.60 -21.16 27.91
C ARG B 183 21.04 -20.91 29.35
N ASN B 184 22.27 -21.29 29.66
CA ASN B 184 22.84 -21.12 31.00
C ASN B 184 21.94 -21.65 32.11
N GLY B 185 21.14 -22.67 31.79
CA GLY B 185 20.24 -23.30 32.75
C GLY B 185 20.99 -24.11 33.78
N TYR B 186 20.29 -25.03 34.45
CA TYR B 186 20.91 -25.76 35.57
C TYR B 186 21.23 -27.22 35.31
N TRP B 187 21.06 -27.63 34.05
CA TRP B 187 21.23 -29.02 33.59
C TRP B 187 22.53 -29.66 34.06
N GLY B 188 22.43 -30.87 34.58
CA GLY B 188 23.59 -31.58 35.11
C GLY B 188 23.82 -31.37 36.60
N HIS B 189 22.95 -30.58 37.24
CA HIS B 189 22.91 -30.44 38.70
C HIS B 189 22.55 -31.79 39.31
N PRO B 190 23.20 -32.18 40.43
CA PRO B 190 22.96 -33.52 40.99
C PRO B 190 21.54 -33.73 41.58
N GLN B 191 20.76 -32.68 41.73
CA GLN B 191 19.38 -32.82 42.19
C GLN B 191 18.40 -33.22 41.09
N TYR B 192 18.84 -33.12 39.83
CA TYR B 192 18.09 -33.65 38.68
C TYR B 192 18.21 -35.16 38.77
N LYS B 193 17.09 -35.82 38.98
CA LYS B 193 17.11 -37.24 39.28
C LYS B 193 16.34 -38.07 38.26
N LEU B 194 15.88 -37.44 37.19
CA LEU B 194 15.16 -38.19 36.17
C LEU B 194 16.14 -38.90 35.24
N PRO B 195 15.84 -40.17 34.90
CA PRO B 195 16.64 -40.91 33.94
C PRO B 195 16.47 -40.38 32.51
N PRO B 196 17.48 -40.57 31.65
CA PRO B 196 17.40 -40.09 30.26
C PRO B 196 16.00 -40.20 29.66
N GLU B 197 15.40 -41.40 29.71
CA GLU B 197 14.11 -41.66 29.08
CA GLU B 197 14.11 -41.64 29.07
C GLU B 197 12.95 -40.83 29.63
N ALA B 198 12.95 -40.58 30.95
CA ALA B 198 11.90 -39.78 31.57
C ALA B 198 12.03 -38.31 31.20
N ASN B 199 13.27 -37.86 31.03
CA ASN B 199 13.57 -36.50 30.59
C ASN B 199 13.03 -36.19 29.20
N LEU B 200 13.20 -37.14 28.28
CA LEU B 200 12.65 -36.98 26.94
C LEU B 200 11.13 -37.05 26.98
N MET B 201 10.59 -37.98 27.77
CA MET B 201 9.14 -38.11 27.90
C MET B 201 8.58 -36.83 28.47
N GLY B 202 9.26 -36.28 29.47
CA GLY B 202 8.87 -35.02 30.07
C GLY B 202 8.84 -33.89 29.07
N PHE B 203 9.95 -33.71 28.35
CA PHE B 203 10.10 -32.59 27.44
C PHE B 203 9.09 -32.64 26.29
N ALA B 204 8.75 -33.86 25.86
CA ALA B 204 7.77 -34.05 24.80
C ALA B 204 6.40 -33.64 25.29
N HIS B 205 6.15 -33.92 26.56
CA HIS B 205 4.91 -33.48 27.18
C HIS B 205 4.89 -31.94 27.38
N TYR B 206 6.06 -31.38 27.69
CA TYR B 206 6.20 -29.92 27.84
C TYR B 206 5.69 -29.18 26.62
N LEU B 207 6.02 -29.71 25.45
CA LEU B 207 5.66 -29.09 24.18
C LEU B 207 4.20 -29.36 23.87
N GLU B 208 3.74 -30.59 24.12
CA GLU B 208 2.35 -30.97 23.89
C GLU B 208 1.40 -30.15 24.73
N ALA B 209 1.84 -29.87 25.95
CA ALA B 209 1.09 -29.02 26.88
C ALA B 209 1.06 -27.57 26.39
N LEU B 210 2.21 -27.05 26.00
CA LEU B 210 2.33 -25.67 25.51
C LEU B 210 1.48 -25.48 24.28
N ASP B 211 1.16 -26.58 23.60
CA ASP B 211 0.24 -26.56 22.46
C ASP B 211 -1.20 -26.64 22.93
N PHE B 212 -1.49 -27.61 23.79
CA PHE B 212 -2.88 -27.87 24.11
C PHE B 212 -3.52 -26.78 24.94
N GLN B 213 -2.70 -26.14 25.78
CA GLN B 213 -3.15 -25.14 26.76
C GLN B 213 -4.06 -24.12 26.12
N ARG B 214 -3.72 -23.73 24.89
CA ARG B 214 -4.47 -22.73 24.16
C ARG B 214 -5.94 -23.08 23.91
N GLU B 215 -6.24 -24.37 23.85
CA GLU B 215 -7.56 -24.81 23.47
C GLU B 215 -8.50 -24.73 24.63
N ILE B 216 -7.98 -24.93 25.84
CA ILE B 216 -8.80 -24.90 27.06
C ILE B 216 -9.54 -23.58 27.19
N VAL B 217 -8.86 -22.48 26.90
CA VAL B 217 -9.42 -21.14 27.09
C VAL B 217 -10.53 -20.78 26.11
N LYS B 218 -10.73 -21.59 25.07
CA LYS B 218 -11.85 -21.37 24.14
C LYS B 218 -13.17 -21.29 24.90
N ILE B 219 -13.25 -22.00 26.04
CA ILE B 219 -14.43 -21.98 26.89
C ILE B 219 -14.65 -20.57 27.41
N HIS B 220 -13.56 -19.92 27.82
CA HIS B 220 -13.61 -18.50 28.15
C HIS B 220 -14.09 -17.70 26.96
N ALA B 221 -13.52 -17.95 25.78
CA ALA B 221 -13.85 -17.18 24.57
C ALA B 221 -15.34 -17.22 24.27
N VAL B 222 -15.96 -18.38 24.47
CA VAL B 222 -17.39 -18.53 24.25
C VAL B 222 -18.21 -17.59 25.16
N PHE B 223 -18.07 -17.79 26.47
CA PHE B 223 -18.86 -17.05 27.47
C PHE B 223 -18.31 -15.64 27.74
N GLY B 224 -16.99 -15.56 27.92
CA GLY B 224 -16.28 -14.31 28.24
C GLY B 224 -15.99 -13.44 27.04
N GLY B 225 -15.86 -14.05 25.86
CA GLY B 225 -15.62 -13.31 24.64
C GLY B 225 -14.20 -13.48 24.16
N LYS B 226 -13.28 -13.54 25.12
CA LYS B 226 -11.87 -13.60 24.80
C LYS B 226 -11.11 -14.15 25.99
N ASN B 227 -9.91 -14.66 25.73
CA ASN B 227 -8.96 -14.95 26.78
C ASN B 227 -7.56 -14.70 26.21
N PRO B 228 -6.67 -14.03 26.95
CA PRO B 228 -6.80 -13.48 28.30
C PRO B 228 -7.84 -12.36 28.48
N HIS B 229 -8.16 -12.14 29.75
CA HIS B 229 -9.02 -11.05 30.20
C HIS B 229 -10.42 -11.04 29.59
N PRO B 230 -11.28 -12.03 29.94
CA PRO B 230 -12.69 -12.08 29.50
C PRO B 230 -13.58 -11.00 30.11
N ASN B 231 -14.86 -10.95 29.71
CA ASN B 231 -15.75 -9.89 30.16
C ASN B 231 -16.83 -10.39 31.10
N TRP B 232 -17.25 -9.52 32.02
CA TRP B 232 -18.24 -9.89 33.04
C TRP B 232 -19.20 -8.73 33.30
N ILE B 233 -20.28 -9.00 34.04
CA ILE B 233 -21.15 -7.93 34.54
C ILE B 233 -21.65 -8.14 35.96
N VAL B 234 -21.77 -7.04 36.69
CA VAL B 234 -22.48 -7.02 37.97
C VAL B 234 -23.93 -7.34 37.63
N GLY B 235 -24.40 -8.47 38.13
CA GLY B 235 -25.76 -8.91 37.86
C GLY B 235 -25.84 -10.27 37.20
N GLY B 236 -24.69 -10.81 36.81
CA GLY B 236 -24.63 -12.14 36.22
C GLY B 236 -23.57 -12.26 35.14
N MET B 237 -24.02 -12.47 33.91
CA MET B 237 -23.11 -12.58 32.74
C MET B 237 -23.73 -11.99 31.46
N PRO B 238 -22.88 -11.34 30.66
CA PRO B 238 -23.37 -10.66 29.46
C PRO B 238 -23.83 -11.65 28.37
N CYS B 239 -23.31 -12.87 28.44
CA CYS B 239 -23.43 -13.85 27.35
C CYS B 239 -24.82 -14.49 27.29
N ALA B 240 -25.76 -13.69 26.77
CA ALA B 240 -27.17 -14.06 26.72
C ALA B 240 -27.34 -15.33 25.89
N ILE B 241 -28.29 -16.17 26.32
CA ILE B 241 -28.50 -17.48 25.72
C ILE B 241 -29.77 -17.49 24.86
N ASN B 242 -29.60 -17.98 23.64
CA ASN B 242 -30.73 -18.24 22.74
C ASN B 242 -30.57 -19.58 22.03
N ILE B 243 -31.52 -20.48 22.30
CA ILE B 243 -31.40 -21.87 21.87
C ILE B 243 -32.34 -22.30 20.74
N ASP B 244 -33.54 -21.74 20.69
CA ASP B 244 -34.57 -22.27 19.79
C ASP B 244 -35.35 -21.21 19.01
N GLU B 245 -35.21 -19.95 19.41
CA GLU B 245 -35.95 -18.84 18.83
CA GLU B 245 -35.97 -18.89 18.76
C GLU B 245 -35.16 -18.08 17.75
N SER B 246 -35.88 -17.37 16.88
CA SER B 246 -35.28 -16.52 15.85
C SER B 246 -34.14 -15.67 16.42
N GLY B 247 -33.02 -15.62 15.69
CA GLY B 247 -31.86 -14.84 16.12
C GLY B 247 -30.99 -15.50 17.18
N ALA B 248 -30.95 -16.83 17.16
CA ALA B 248 -30.11 -17.57 18.09
C ALA B 248 -28.64 -17.42 17.69
N VAL B 249 -28.46 -16.95 16.46
CA VAL B 249 -27.15 -16.58 15.90
C VAL B 249 -26.49 -15.41 16.63
N GLY B 250 -27.30 -14.64 17.35
CA GLY B 250 -26.81 -13.53 18.14
C GLY B 250 -26.52 -13.83 19.59
N ALA B 251 -26.51 -15.12 19.95
CA ALA B 251 -26.41 -15.54 21.35
C ALA B 251 -25.69 -16.86 21.55
N VAL B 252 -25.49 -17.24 22.80
CA VAL B 252 -25.08 -18.61 23.14
C VAL B 252 -26.14 -19.59 22.63
N ASN B 253 -25.78 -20.38 21.63
CA ASN B 253 -26.70 -21.34 21.04
C ASN B 253 -26.14 -22.75 21.03
N MET B 254 -26.95 -23.67 20.47
CA MET B 254 -26.65 -25.10 20.53
CA MET B 254 -26.67 -25.11 20.51
C MET B 254 -25.28 -25.44 19.95
N GLU B 255 -24.86 -24.69 18.92
CA GLU B 255 -23.54 -24.85 18.34
C GLU B 255 -22.45 -24.40 19.31
N ARG B 256 -22.66 -23.25 19.96
CA ARG B 256 -21.68 -22.70 20.90
C ARG B 256 -21.48 -23.62 22.07
N LEU B 257 -22.60 -24.08 22.62
CA LEU B 257 -22.55 -25.04 23.72
C LEU B 257 -21.84 -26.33 23.32
N ASN B 258 -22.03 -26.72 22.06
CA ASN B 258 -21.33 -27.86 21.50
C ASN B 258 -19.82 -27.69 21.53
N LEU B 259 -19.35 -26.52 21.13
CA LEU B 259 -17.93 -26.23 21.19
C LEU B 259 -17.38 -26.41 22.60
N VAL B 260 -17.97 -25.67 23.55
CA VAL B 260 -17.63 -25.80 24.97
C VAL B 260 -17.56 -27.27 25.36
N GLN B 261 -18.62 -28.02 25.05
CA GLN B 261 -18.68 -29.43 25.39
C GLN B 261 -17.42 -30.16 24.93
N SER B 262 -17.04 -29.95 23.67
CA SER B 262 -15.90 -30.66 23.08
CA SER B 262 -15.91 -30.67 23.11
C SER B 262 -14.58 -30.29 23.75
N ILE B 263 -14.48 -29.04 24.20
CA ILE B 263 -13.26 -28.60 24.90
C ILE B 263 -13.18 -29.28 26.29
N ILE B 264 -14.31 -29.33 27.00
CA ILE B 264 -14.37 -30.00 28.28
C ILE B 264 -13.81 -31.41 28.16
N THR B 265 -14.34 -32.19 27.21
CA THR B 265 -13.90 -33.57 26.96
C THR B 265 -12.39 -33.64 26.73
N ARG B 266 -11.88 -32.77 25.86
CA ARG B 266 -10.47 -32.80 25.51
C ARG B 266 -9.56 -32.41 26.67
N THR B 267 -9.99 -31.38 27.42
CA THR B 267 -9.25 -30.89 28.59
C THR B 267 -9.17 -31.97 29.68
N ALA B 268 -10.32 -32.57 29.98
CA ALA B 268 -10.35 -33.64 30.96
C ALA B 268 -9.40 -34.74 30.53
N ASP B 269 -9.56 -35.21 29.28
CA ASP B 269 -8.75 -36.30 28.72
CA ASP B 269 -8.76 -36.31 28.78
C ASP B 269 -7.26 -36.00 28.78
N PHE B 270 -6.88 -34.78 28.39
CA PHE B 270 -5.48 -34.38 28.43
C PHE B 270 -4.87 -34.40 29.83
N ILE B 271 -5.53 -33.74 30.78
CA ILE B 271 -5.02 -33.63 32.16
C ILE B 271 -4.85 -35.01 32.76
N ASN B 272 -5.89 -35.82 32.62
CA ASN B 272 -5.93 -37.17 33.18
C ASN B 272 -4.86 -38.11 32.65
N ASN B 273 -4.40 -37.87 31.41
CA ASN B 273 -3.50 -38.80 30.73
C ASN B 273 -2.10 -38.27 30.41
N VAL B 274 -1.91 -36.97 30.59
CA VAL B 274 -0.59 -36.38 30.40
C VAL B 274 -0.06 -35.80 31.71
N MET B 275 -0.75 -34.80 32.29
CA MET B 275 -0.31 -34.16 33.52
CA MET B 275 -0.29 -34.17 33.52
C MET B 275 -0.32 -35.13 34.72
N ILE B 276 -1.50 -35.67 35.02
CA ILE B 276 -1.66 -36.59 36.13
C ILE B 276 -0.59 -37.69 36.19
N PRO B 277 -0.34 -38.40 35.07
CA PRO B 277 0.71 -39.41 35.09
C PRO B 277 2.11 -38.85 35.30
N ASP B 278 2.42 -37.72 34.68
CA ASP B 278 3.73 -37.08 34.86
C ASP B 278 3.98 -36.60 36.27
N ALA B 279 2.92 -36.11 36.91
CA ALA B 279 2.98 -35.72 38.31
C ALA B 279 3.41 -36.92 39.16
N LEU B 280 2.64 -38.01 39.06
CA LEU B 280 2.97 -39.21 39.79
CA LEU B 280 2.96 -39.24 39.76
C LEU B 280 4.40 -39.65 39.47
N ALA B 281 4.79 -39.56 38.19
CA ALA B 281 6.14 -39.95 37.76
C ALA B 281 7.27 -39.06 38.31
N ILE B 282 7.03 -37.76 38.43
CA ILE B 282 7.98 -36.86 39.08
C ILE B 282 8.07 -37.19 40.57
N GLY B 283 6.92 -37.53 41.15
CA GLY B 283 6.86 -38.09 42.51
C GLY B 283 7.69 -39.34 42.69
N GLN B 284 7.63 -40.26 41.74
CA GLN B 284 8.35 -41.54 41.80
C GLN B 284 9.87 -41.37 41.93
N PHE B 285 10.44 -40.53 41.07
CA PHE B 285 11.89 -40.42 40.93
C PHE B 285 12.53 -39.36 41.83
N ASN B 286 11.77 -38.32 42.16
CA ASN B 286 12.25 -37.31 43.09
C ASN B 286 11.63 -37.48 44.49
N LYS B 287 11.62 -38.71 44.99
CA LYS B 287 10.92 -39.10 46.23
C LYS B 287 11.37 -38.41 47.52
N PRO B 288 12.67 -38.17 47.70
CA PRO B 288 13.08 -37.54 48.95
C PRO B 288 12.56 -36.10 49.11
N TRP B 289 11.89 -35.58 48.09
CA TRP B 289 11.32 -34.23 48.14
C TRP B 289 9.96 -34.17 48.84
N SER B 290 9.51 -35.31 49.32
CA SER B 290 8.30 -35.38 50.12
C SER B 290 8.61 -35.01 51.58
N GLU B 291 9.87 -34.65 51.84
CA GLU B 291 10.35 -34.31 53.20
CA GLU B 291 10.32 -34.29 53.20
C GLU B 291 11.12 -32.98 53.22
N ILE B 292 11.30 -32.38 52.04
CA ILE B 292 12.01 -31.12 51.90
C ILE B 292 11.01 -30.02 51.56
N GLY B 293 11.14 -28.87 52.21
CA GLY B 293 10.29 -27.71 51.89
C GLY B 293 8.89 -27.74 52.48
N THR B 294 8.77 -28.34 53.67
CA THR B 294 7.49 -28.44 54.39
C THR B 294 6.90 -27.06 54.72
N GLY B 295 7.70 -26.18 55.33
CA GLY B 295 7.25 -24.82 55.62
C GLY B 295 6.11 -24.79 56.62
N LEU B 296 5.12 -23.95 56.34
CA LEU B 296 3.99 -23.79 57.26
C LEU B 296 2.93 -24.86 57.11
N SER B 297 3.04 -25.69 56.05
CA SER B 297 1.98 -26.62 55.67
C SER B 297 1.59 -27.65 56.72
N ASP B 298 2.44 -27.85 57.72
CA ASP B 298 2.12 -28.73 58.85
C ASP B 298 1.85 -27.96 60.14
N LYS B 299 1.56 -26.67 60.00
CA LYS B 299 1.26 -25.82 61.14
C LYS B 299 0.00 -25.00 60.89
N CYS B 300 0.05 -24.12 59.89
CA CYS B 300 -1.07 -23.23 59.57
C CYS B 300 -1.40 -23.23 58.08
N VAL B 301 -2.65 -23.57 57.76
CA VAL B 301 -3.16 -23.54 56.38
C VAL B 301 -4.53 -22.87 56.32
N LEU B 302 -4.84 -22.25 55.19
CA LEU B 302 -6.09 -21.49 55.02
C LEU B 302 -6.80 -21.67 53.68
N SER B 303 -8.11 -21.83 53.73
CA SER B 303 -8.98 -21.73 52.54
C SER B 303 -10.21 -20.90 52.88
N TYR B 304 -10.61 -20.03 51.94
CA TYR B 304 -11.88 -19.30 52.07
C TYR B 304 -13.04 -20.17 51.59
N GLY B 305 -12.78 -21.07 50.66
CA GLY B 305 -13.83 -21.83 49.99
C GLY B 305 -14.10 -21.25 48.60
N ALA B 306 -14.69 -22.03 47.71
CA ALA B 306 -14.98 -21.57 46.34
C ALA B 306 -16.03 -22.44 45.65
N PHE B 307 -16.47 -22.02 44.46
CA PHE B 307 -17.46 -22.74 43.63
C PHE B 307 -18.81 -22.95 44.36
N PRO B 308 -19.61 -21.88 44.50
CA PRO B 308 -20.91 -22.03 45.17
C PRO B 308 -21.95 -22.72 44.27
N ASP B 309 -22.34 -23.94 44.63
CA ASP B 309 -23.25 -24.71 43.78
C ASP B 309 -24.73 -24.29 43.91
N ILE B 310 -25.15 -23.90 45.12
CA ILE B 310 -26.44 -23.23 45.30
C ILE B 310 -26.21 -21.75 44.99
N ALA B 311 -26.97 -21.22 44.02
CA ALA B 311 -26.72 -19.89 43.49
C ALA B 311 -26.93 -18.80 44.54
N ASN B 312 -25.93 -17.91 44.66
CA ASN B 312 -25.95 -16.83 45.65
C ASN B 312 -25.95 -17.32 47.10
N ASP B 313 -25.34 -18.46 47.33
CA ASP B 313 -25.23 -19.04 48.66
C ASP B 313 -23.77 -19.35 48.89
N PHE B 314 -23.10 -18.50 49.63
CA PHE B 314 -21.68 -18.70 49.87
C PHE B 314 -21.45 -19.47 51.17
N GLY B 315 -22.50 -20.12 51.67
CA GLY B 315 -22.42 -20.94 52.87
C GLY B 315 -21.66 -22.24 52.67
N GLU B 316 -21.43 -22.93 53.78
CA GLU B 316 -20.70 -24.20 53.80
CA GLU B 316 -20.70 -24.21 53.79
C GLU B 316 -21.44 -25.29 53.00
N LYS B 317 -22.76 -25.28 53.08
CA LYS B 317 -23.56 -26.32 52.46
C LYS B 317 -23.65 -26.18 50.95
N SER B 318 -22.88 -25.24 50.38
CA SER B 318 -22.97 -24.90 48.95
C SER B 318 -21.64 -24.89 48.20
N LEU B 319 -20.61 -24.36 48.83
CA LEU B 319 -19.26 -24.28 48.23
C LEU B 319 -18.66 -25.66 47.99
N LEU B 320 -18.49 -26.02 46.72
CA LEU B 320 -17.97 -27.32 46.36
C LEU B 320 -16.51 -27.52 46.77
N MET B 321 -15.76 -26.44 46.82
CA MET B 321 -14.40 -26.43 47.36
C MET B 321 -14.44 -25.84 48.77
N PRO B 322 -14.33 -26.67 49.81
CA PRO B 322 -14.57 -26.25 51.21
C PRO B 322 -13.62 -25.16 51.74
N GLY B 323 -14.10 -24.38 52.70
CA GLY B 323 -13.28 -23.38 53.38
C GLY B 323 -12.90 -23.83 54.79
N GLY B 324 -12.06 -23.04 55.46
CA GLY B 324 -11.60 -23.38 56.81
C GLY B 324 -10.14 -23.04 57.05
N ALA B 325 -9.73 -23.04 58.31
CA ALA B 325 -8.33 -22.75 58.67
C ALA B 325 -7.86 -23.72 59.73
N VAL B 326 -6.57 -24.05 59.67
CA VAL B 326 -5.92 -24.86 60.69
C VAL B 326 -4.75 -24.06 61.24
N ILE B 327 -4.59 -24.10 62.56
CA ILE B 327 -3.47 -23.42 63.21
C ILE B 327 -2.76 -24.36 64.19
N ASN B 328 -1.47 -24.13 64.38
CA ASN B 328 -0.64 -24.88 65.34
C ASN B 328 -0.54 -26.37 65.07
N GLY B 329 -0.88 -26.77 63.84
CA GLY B 329 -0.81 -28.17 63.44
C GLY B 329 -1.97 -29.03 63.91
N ASP B 330 -3.00 -28.40 64.47
CA ASP B 330 -4.19 -29.12 64.93
C ASP B 330 -5.22 -29.23 63.83
N PHE B 331 -5.15 -30.34 63.10
CA PHE B 331 -5.98 -30.54 61.91
C PHE B 331 -7.29 -31.24 62.25
N ASN B 332 -7.46 -31.62 63.50
CA ASN B 332 -8.70 -32.25 63.92
C ASN B 332 -9.79 -31.22 64.18
N ASN B 333 -9.37 -29.97 64.40
CA ASN B 333 -10.28 -28.85 64.61
CA ASN B 333 -10.26 -28.84 64.63
C ASN B 333 -10.11 -27.79 63.53
N VAL B 334 -10.93 -27.90 62.48
CA VAL B 334 -10.86 -27.01 61.32
C VAL B 334 -11.77 -25.80 61.50
N LEU B 335 -11.16 -24.68 61.86
CA LEU B 335 -11.91 -23.50 62.29
C LEU B 335 -12.63 -22.78 61.16
N PRO B 336 -13.84 -22.24 61.44
CA PRO B 336 -14.56 -21.42 60.47
C PRO B 336 -13.90 -20.06 60.26
N VAL B 337 -13.86 -19.64 59.00
CA VAL B 337 -13.29 -18.36 58.61
C VAL B 337 -14.42 -17.36 58.33
N ASP B 338 -14.24 -16.12 58.79
CA ASP B 338 -15.18 -15.02 58.51
C ASP B 338 -14.40 -13.81 57.99
N LEU B 339 -14.83 -13.28 56.86
CA LEU B 339 -14.10 -12.20 56.22
C LEU B 339 -14.51 -10.81 56.71
N VAL B 340 -15.68 -10.74 57.36
CA VAL B 340 -16.18 -9.48 57.92
C VAL B 340 -15.49 -9.15 59.24
N ASP B 341 -15.28 -10.20 60.04
CA ASP B 341 -14.65 -10.15 61.37
C ASP B 341 -13.24 -9.52 61.34
N PRO B 342 -13.09 -8.35 61.99
CA PRO B 342 -11.84 -7.59 62.05
C PRO B 342 -10.71 -8.28 62.83
N GLN B 343 -11.04 -9.30 63.61
CA GLN B 343 -10.02 -9.99 64.37
CA GLN B 343 -10.07 -10.03 64.41
C GLN B 343 -9.51 -11.23 63.63
N GLN B 344 -9.96 -11.40 62.40
CA GLN B 344 -9.52 -12.51 61.54
C GLN B 344 -8.47 -12.07 60.52
N VAL B 345 -8.91 -11.64 59.33
CA VAL B 345 -7.97 -11.21 58.30
C VAL B 345 -7.45 -9.80 58.55
N GLN B 346 -6.13 -9.68 58.73
CA GLN B 346 -5.47 -8.41 59.01
CA GLN B 346 -5.50 -8.40 58.95
C GLN B 346 -4.24 -8.29 58.09
N GLU B 347 -3.74 -7.06 57.94
CA GLU B 347 -2.54 -6.81 57.12
C GLU B 347 -1.54 -5.88 57.80
N PHE B 348 -0.40 -6.42 58.20
CA PHE B 348 0.65 -5.62 58.84
C PHE B 348 1.62 -5.17 57.76
N VAL B 349 2.14 -3.96 57.89
CA VAL B 349 3.07 -3.42 56.90
C VAL B 349 4.38 -2.92 57.52
N ASP B 350 4.70 -3.41 58.71
CA ASP B 350 5.90 -2.97 59.39
C ASP B 350 7.16 -3.45 58.67
N HIS B 351 7.00 -4.38 57.72
CA HIS B 351 8.14 -4.87 56.93
C HIS B 351 7.92 -4.70 55.44
N ALA B 352 6.87 -3.98 55.08
CA ALA B 352 6.53 -3.68 53.70
C ALA B 352 6.68 -2.20 53.39
N TRP B 353 6.83 -1.83 52.12
CA TRP B 353 7.04 -0.43 51.77
C TRP B 353 5.76 0.41 51.74
N TYR B 354 5.03 0.40 52.84
CA TYR B 354 3.76 1.13 52.97
C TYR B 354 3.74 1.95 54.25
N ARG B 355 2.77 2.83 54.39
CA ARG B 355 2.68 3.73 55.55
C ARG B 355 1.33 3.60 56.25
N TYR B 356 1.39 3.39 57.55
CA TYR B 356 0.22 3.27 58.42
C TYR B 356 0.28 4.37 59.47
N PRO B 357 -0.89 4.74 60.06
CA PRO B 357 -0.84 5.62 61.22
C PRO B 357 0.00 4.98 62.33
N ASN B 358 -0.35 3.76 62.73
CA ASN B 358 0.49 2.95 63.60
C ASN B 358 0.88 1.70 62.86
N ASP B 359 2.17 1.54 62.62
CA ASP B 359 2.68 0.41 61.80
C ASP B 359 2.94 -0.87 62.60
N GLN B 360 2.57 -0.87 63.88
CA GLN B 360 2.71 -2.04 64.74
C GLN B 360 1.40 -2.84 64.87
N VAL B 361 0.29 -2.23 64.50
CA VAL B 361 -1.00 -2.91 64.48
C VAL B 361 -1.29 -3.47 63.09
N GLY B 362 -2.25 -4.39 63.02
CA GLY B 362 -2.70 -4.95 61.74
C GLY B 362 -4.07 -4.41 61.39
N ARG B 363 -4.28 -4.10 60.10
CA ARG B 363 -5.54 -3.56 59.62
C ARG B 363 -6.34 -4.58 58.82
N HIS B 364 -7.59 -4.81 59.23
CA HIS B 364 -8.53 -5.61 58.46
C HIS B 364 -8.82 -4.83 57.18
N PRO B 365 -8.96 -5.52 56.04
CA PRO B 365 -9.15 -4.87 54.74
C PRO B 365 -10.18 -3.72 54.67
N PHE B 366 -11.28 -3.81 55.41
CA PHE B 366 -12.27 -2.72 55.45
C PHE B 366 -11.72 -1.41 56.03
N ASP B 367 -10.61 -1.55 56.76
CA ASP B 367 -9.81 -0.43 57.27
C ASP B 367 -8.47 -0.29 56.52
N GLY B 368 -8.34 -0.99 55.40
CA GLY B 368 -7.08 -1.05 54.67
C GLY B 368 -6.58 0.31 54.27
N ILE B 369 -5.26 0.44 54.22
CA ILE B 369 -4.62 1.64 53.71
C ILE B 369 -3.51 1.26 52.73
N THR B 370 -3.70 1.61 51.46
CA THR B 370 -2.62 1.45 50.49
C THR B 370 -2.00 2.81 50.22
N ASP B 371 -1.02 3.13 51.06
CA ASP B 371 -0.18 4.30 50.89
C ASP B 371 1.25 3.82 50.63
N PRO B 372 1.70 3.86 49.36
CA PRO B 372 3.03 3.40 49.03
C PRO B 372 4.11 4.30 49.61
N TRP B 373 5.14 3.69 50.16
CA TRP B 373 6.27 4.44 50.71
C TRP B 373 7.52 3.57 50.67
N TYR B 374 8.25 3.68 49.56
CA TYR B 374 9.50 2.97 49.37
C TYR B 374 10.55 3.53 50.33
N ASN B 375 11.10 2.62 51.12
CA ASN B 375 12.06 2.95 52.16
C ASN B 375 12.78 1.69 52.63
N PRO B 376 13.93 1.40 52.01
CA PRO B 376 14.65 0.15 52.26
C PRO B 376 15.64 0.21 53.43
N GLY B 377 16.10 1.41 53.77
CA GLY B 377 17.03 1.60 54.87
C GLY B 377 18.48 1.24 54.54
N ASP B 378 19.26 0.91 55.57
CA ASP B 378 20.67 0.54 55.42
C ASP B 378 20.79 -0.79 54.69
N VAL B 379 20.81 -0.71 53.35
N VAL B 379 20.82 -0.73 53.35
CA VAL B 379 20.96 -1.88 52.51
CA VAL B 379 20.86 -1.94 52.53
C VAL B 379 22.25 -1.76 51.71
C VAL B 379 22.28 -2.30 52.04
N LYS B 380 23.10 -2.79 51.77
N LYS B 380 23.26 -1.53 52.51
CA LYS B 380 24.32 -2.78 50.99
CA LYS B 380 24.68 -1.67 52.10
C LYS B 380 24.08 -2.03 49.68
C LYS B 380 24.82 -1.62 50.59
N GLY B 381 24.80 -0.92 49.49
N GLY B 381 24.62 -0.41 50.05
CA GLY B 381 24.65 -0.13 48.28
CA GLY B 381 24.56 -0.16 48.61
C GLY B 381 23.93 1.19 48.49
C GLY B 381 23.97 1.23 48.43
N SER B 382 22.75 1.31 47.89
CA SER B 382 21.97 2.56 47.89
C SER B 382 20.47 2.30 47.68
N ASP B 383 19.70 3.37 47.51
CA ASP B 383 18.27 3.29 47.17
C ASP B 383 18.02 2.75 45.77
N THR B 384 18.92 3.09 44.85
CA THR B 384 18.83 2.68 43.45
C THR B 384 19.68 1.45 43.17
N ASN B 385 20.35 0.96 44.21
CA ASN B 385 21.14 -0.26 44.11
C ASN B 385 21.10 -1.12 45.38
N ILE B 386 20.10 -1.99 45.47
CA ILE B 386 19.98 -2.92 46.59
C ILE B 386 20.87 -4.13 46.33
N GLN B 387 21.99 -4.18 47.03
CA GLN B 387 22.88 -5.34 46.97
C GLN B 387 22.38 -6.43 47.90
N GLN B 388 21.79 -6.01 49.02
CA GLN B 388 21.33 -6.93 50.06
C GLN B 388 20.20 -6.27 50.84
N LEU B 389 19.00 -6.84 50.78
CA LEU B 389 17.83 -6.27 51.44
C LEU B 389 18.03 -6.26 52.94
N ASN B 390 17.41 -5.31 53.62
CA ASN B 390 17.49 -5.26 55.08
C ASN B 390 16.23 -5.85 55.72
N GLU B 391 16.26 -7.15 55.98
CA GLU B 391 15.07 -7.85 56.50
C GLU B 391 14.67 -7.44 57.93
N GLN B 392 15.55 -6.73 58.64
CA GLN B 392 15.24 -6.22 59.97
CA GLN B 392 15.23 -6.23 59.97
C GLN B 392 14.20 -5.11 59.89
N GLU B 393 14.19 -4.40 58.76
CA GLU B 393 13.19 -3.34 58.52
C GLU B 393 12.33 -3.62 57.29
N ARG B 394 12.05 -2.59 56.48
CA ARG B 394 11.14 -2.73 55.32
C ARG B 394 11.86 -3.24 54.08
N TYR B 395 11.27 -4.26 53.43
CA TYR B 395 12.00 -4.99 52.38
C TYR B 395 11.18 -5.64 51.24
N SER B 396 9.92 -5.21 51.04
CA SER B 396 9.04 -5.82 50.03
C SER B 396 7.84 -4.96 49.70
N TRP B 397 7.34 -5.07 48.48
CA TRP B 397 6.11 -4.38 48.07
C TRP B 397 4.86 -5.17 48.46
N ILE B 398 5.07 -6.30 49.12
CA ILE B 398 4.00 -7.19 49.51
C ILE B 398 3.61 -6.89 50.94
N LYS B 399 2.32 -6.60 51.16
CA LYS B 399 1.78 -6.48 52.51
C LYS B 399 1.82 -7.85 53.21
N ALA B 400 1.95 -7.86 54.54
CA ALA B 400 1.91 -9.10 55.33
C ALA B 400 0.53 -9.40 55.97
N PRO B 401 -0.27 -10.28 55.31
CA PRO B 401 -1.58 -10.62 55.89
C PRO B 401 -1.46 -11.76 56.90
N ARG B 402 -2.29 -11.72 57.94
CA ARG B 402 -2.31 -12.75 58.97
C ARG B 402 -3.73 -13.07 59.38
N TRP B 403 -4.06 -14.36 59.41
CA TRP B 403 -5.34 -14.77 59.94
C TRP B 403 -5.26 -14.91 61.46
N ARG B 404 -5.94 -14.00 62.16
CA ARG B 404 -5.91 -13.95 63.63
C ARG B 404 -4.48 -13.87 64.18
N GLY B 405 -3.62 -13.12 63.50
CA GLY B 405 -2.23 -13.02 63.90
C GLY B 405 -1.35 -14.15 63.40
N ASN B 406 -1.97 -15.26 62.97
CA ASN B 406 -1.23 -16.44 62.49
C ASN B 406 -0.73 -16.31 61.04
N ALA B 407 0.51 -16.72 60.81
CA ALA B 407 1.09 -16.77 59.46
C ALA B 407 0.58 -18.01 58.74
N MET B 408 -0.09 -17.80 57.61
CA MET B 408 -0.76 -18.90 56.91
C MET B 408 -0.12 -19.27 55.57
N GLU B 409 -0.27 -20.54 55.19
CA GLU B 409 -0.05 -20.97 53.81
C GLU B 409 -1.42 -21.19 53.12
N VAL B 410 -1.56 -20.61 51.93
CA VAL B 410 -2.74 -20.80 51.05
C VAL B 410 -2.34 -21.49 49.74
N GLY B 411 -3.32 -22.00 49.02
CA GLY B 411 -3.04 -22.68 47.75
C GLY B 411 -3.43 -24.14 47.70
N PRO B 412 -3.14 -24.80 46.57
CA PRO B 412 -3.54 -26.18 46.34
C PRO B 412 -3.27 -27.14 47.51
N LEU B 413 -2.08 -27.10 48.10
CA LEU B 413 -1.76 -27.96 49.25
C LEU B 413 -2.63 -27.63 50.45
N ALA B 414 -2.82 -26.34 50.71
CA ALA B 414 -3.71 -25.91 51.80
C ALA B 414 -5.14 -26.43 51.59
N ARG B 415 -5.70 -26.16 50.42
CA ARG B 415 -7.04 -26.61 50.04
C ARG B 415 -7.25 -28.10 50.24
N THR B 416 -6.19 -28.86 50.01
CA THR B 416 -6.25 -30.31 50.09
C THR B 416 -6.29 -30.80 51.53
N LEU B 417 -5.43 -30.25 52.38
CA LEU B 417 -5.41 -30.63 53.79
C LEU B 417 -6.71 -30.21 54.50
N ILE B 418 -7.15 -28.97 54.25
CA ILE B 418 -8.44 -28.47 54.76
C ILE B 418 -9.61 -29.34 54.29
N ALA B 419 -9.66 -29.63 52.98
CA ALA B 419 -10.67 -30.53 52.41
C ALA B 419 -10.59 -31.92 53.02
N TYR B 420 -9.38 -32.45 53.13
CA TYR B 420 -9.17 -33.80 53.64
C TYR B 420 -9.65 -33.94 55.08
N HIS B 421 -9.16 -33.05 55.94
CA HIS B 421 -9.43 -33.14 57.37
C HIS B 421 -10.83 -32.65 57.73
N LYS B 422 -11.53 -32.02 56.79
CA LYS B 422 -12.96 -31.74 56.94
C LYS B 422 -13.83 -32.98 56.65
N GLY B 423 -13.22 -34.03 56.10
CA GLY B 423 -13.89 -35.28 55.84
C GLY B 423 -14.46 -35.47 54.44
N ASP B 424 -14.06 -34.60 53.50
CA ASP B 424 -14.59 -34.62 52.13
C ASP B 424 -14.43 -35.99 51.47
N ALA B 425 -15.54 -36.70 51.29
CA ALA B 425 -15.55 -38.05 50.71
C ALA B 425 -14.67 -38.17 49.46
N ALA B 426 -14.82 -37.23 48.52
CA ALA B 426 -14.01 -37.19 47.31
C ALA B 426 -12.50 -37.07 47.58
N THR B 427 -12.12 -36.16 48.49
CA THR B 427 -10.71 -35.84 48.73
C THR B 427 -9.97 -36.90 49.54
N VAL B 428 -10.68 -37.60 50.40
CA VAL B 428 -10.06 -38.66 51.20
C VAL B 428 -9.70 -39.85 50.30
N GLU B 429 -10.44 -40.04 49.20
CA GLU B 429 -10.17 -41.13 48.25
CA GLU B 429 -10.13 -41.14 48.30
C GLU B 429 -9.10 -40.75 47.23
N SER B 430 -9.03 -39.47 46.90
CA SER B 430 -8.04 -38.98 45.94
CA SER B 430 -8.04 -38.98 45.93
C SER B 430 -6.63 -38.92 46.52
N VAL B 431 -6.53 -38.51 47.77
CA VAL B 431 -5.24 -38.37 48.46
C VAL B 431 -4.70 -39.73 48.88
N ASP B 432 -5.56 -40.54 49.49
CA ASP B 432 -5.14 -41.83 50.01
C ASP B 432 -4.61 -42.73 48.92
N ARG B 433 -5.26 -42.69 47.75
CA ARG B 433 -4.82 -43.52 46.64
C ARG B 433 -3.55 -42.96 46.00
N MET B 434 -3.45 -41.64 45.94
CA MET B 434 -2.26 -40.95 45.41
C MET B 434 -1.02 -41.24 46.24
N MET B 435 -1.14 -41.17 47.56
CA MET B 435 -0.01 -41.43 48.43
C MET B 435 0.32 -42.92 48.52
N SER B 436 -0.70 -43.77 48.37
CA SER B 436 -0.53 -45.23 48.37
CA SER B 436 -0.50 -45.23 48.38
C SER B 436 0.20 -45.69 47.11
N ALA B 437 -0.09 -45.01 46.00
CA ALA B 437 0.55 -45.28 44.73
C ALA B 437 2.05 -44.97 44.79
N LEU B 438 2.42 -43.96 45.57
CA LEU B 438 3.84 -43.60 45.75
C LEU B 438 4.53 -44.32 46.92
N ASN B 439 3.80 -45.20 47.62
CA ASN B 439 4.26 -45.84 48.87
C ASN B 439 4.81 -44.85 49.91
N LEU B 440 4.21 -43.66 49.94
CA LEU B 440 4.54 -42.58 50.88
C LEU B 440 3.41 -42.36 51.89
N PRO B 441 3.76 -41.98 53.13
CA PRO B 441 2.74 -41.71 54.15
C PRO B 441 1.97 -40.43 53.86
N LEU B 442 0.88 -40.18 54.60
CA LEU B 442 0.06 -39.00 54.38
C LEU B 442 0.87 -37.70 54.51
N SER B 443 1.82 -37.68 55.45
CA SER B 443 2.64 -36.51 55.76
C SER B 443 3.57 -36.09 54.63
N GLY B 444 3.87 -37.05 53.74
CA GLY B 444 4.67 -36.78 52.54
C GLY B 444 4.09 -35.69 51.65
N ILE B 445 2.79 -35.45 51.80
CA ILE B 445 2.07 -34.44 51.04
C ILE B 445 2.36 -33.01 51.51
N GLN B 446 2.88 -32.87 52.73
CA GLN B 446 3.22 -31.56 53.29
C GLN B 446 4.66 -31.23 52.95
N SER B 447 4.87 -30.87 51.68
CA SER B 447 6.21 -30.69 51.13
C SER B 447 6.17 -30.00 49.77
N THR B 448 7.36 -29.60 49.30
CA THR B 448 7.54 -29.04 47.96
C THR B 448 6.99 -29.99 46.90
N LEU B 449 7.26 -31.29 47.07
CA LEU B 449 6.68 -32.32 46.20
C LEU B 449 5.17 -32.44 46.43
N GLY B 450 4.75 -32.30 47.68
CA GLY B 450 3.34 -32.35 48.03
C GLY B 450 2.57 -31.30 47.28
N ARG B 451 3.14 -30.10 47.22
CA ARG B 451 2.52 -28.95 46.53
C ARG B 451 2.25 -29.18 45.05
N ILE B 452 3.20 -29.83 44.37
CA ILE B 452 3.09 -30.12 42.95
C ILE B 452 2.01 -31.18 42.73
N LEU B 453 2.06 -32.23 43.54
CA LEU B 453 1.13 -33.34 43.45
C LEU B 453 -0.32 -32.90 43.61
N CYS B 454 -0.56 -32.00 44.57
CA CYS B 454 -1.89 -31.52 44.86
C CYS B 454 -2.44 -30.69 43.72
N ARG B 455 -1.58 -29.84 43.16
CA ARG B 455 -1.93 -28.97 42.02
C ARG B 455 -2.46 -29.80 40.84
N ALA B 456 -1.72 -30.86 40.52
CA ALA B 456 -2.10 -31.82 39.51
C ALA B 456 -3.45 -32.45 39.83
N HIS B 457 -3.62 -32.94 41.06
CA HIS B 457 -4.90 -33.49 41.57
CA HIS B 457 -4.91 -33.52 41.42
C HIS B 457 -6.04 -32.49 41.39
N GLU B 458 -5.72 -31.21 41.66
CA GLU B 458 -6.70 -30.12 41.55
C GLU B 458 -7.15 -29.84 40.13
N ALA B 459 -6.22 -29.92 39.18
CA ALA B 459 -6.58 -29.79 37.78
C ALA B 459 -7.51 -30.92 37.37
N GLN B 460 -7.19 -32.14 37.82
CA GLN B 460 -8.04 -33.29 37.56
C GLN B 460 -9.45 -33.03 38.10
N TRP B 461 -9.51 -32.58 39.35
CA TRP B 461 -10.76 -32.22 40.00
C TRP B 461 -11.52 -31.17 39.21
N ALA B 462 -10.83 -30.10 38.83
CA ALA B 462 -11.43 -28.96 38.11
C ALA B 462 -12.04 -29.39 36.78
N ALA B 463 -11.33 -30.23 36.05
CA ALA B 463 -11.79 -30.70 34.75
C ALA B 463 -13.01 -31.60 34.89
N GLY B 464 -13.03 -32.39 35.97
CA GLY B 464 -14.20 -33.18 36.31
C GLY B 464 -15.38 -32.28 36.59
N LYS B 465 -15.13 -31.25 37.41
CA LYS B 465 -16.15 -30.28 37.79
C LYS B 465 -16.66 -29.47 36.61
N LEU B 466 -15.79 -29.24 35.61
CA LEU B 466 -16.21 -28.59 34.36
C LEU B 466 -17.41 -29.28 33.74
N GLN B 467 -17.26 -30.58 33.53
CA GLN B 467 -18.32 -31.43 32.98
C GLN B 467 -19.58 -31.38 33.85
N TYR B 468 -19.39 -31.39 35.16
CA TYR B 468 -20.49 -31.23 36.11
C TYR B 468 -21.28 -29.94 35.92
N PHE B 469 -20.55 -28.81 35.84
CA PHE B 469 -21.16 -27.49 35.69
C PHE B 469 -21.85 -27.38 34.34
N PHE B 470 -21.21 -27.90 33.30
CA PHE B 470 -21.83 -27.89 31.98
C PHE B 470 -23.19 -28.56 32.06
N ASP B 471 -23.19 -29.81 32.52
CA ASP B 471 -24.40 -30.60 32.62
C ASP B 471 -25.50 -29.86 33.38
N LYS B 472 -25.12 -29.24 34.49
CA LYS B 472 -26.06 -28.42 35.28
CA LYS B 472 -26.05 -28.41 35.26
C LYS B 472 -26.71 -27.35 34.38
N LEU B 473 -25.89 -26.61 33.62
CA LEU B 473 -26.38 -25.55 32.75
C LEU B 473 -27.31 -26.09 31.70
N MET B 474 -26.95 -27.22 31.11
CA MET B 474 -27.78 -27.85 30.10
C MET B 474 -29.12 -28.31 30.66
N THR B 475 -29.13 -28.85 31.89
CA THR B 475 -30.38 -29.30 32.54
C THR B 475 -31.35 -28.14 32.70
N ASN B 476 -30.82 -26.97 33.04
CA ASN B 476 -31.62 -25.75 33.08
C ASN B 476 -32.19 -25.38 31.69
N LEU B 477 -31.35 -25.44 30.66
CA LEU B 477 -31.81 -25.12 29.31
C LEU B 477 -32.90 -26.08 28.88
N LYS B 478 -32.65 -27.39 29.04
CA LYS B 478 -33.66 -28.42 28.86
C LYS B 478 -34.94 -27.98 29.54
N ASN B 479 -34.82 -27.55 30.80
CA ASN B 479 -35.96 -27.16 31.62
C ASN B 479 -36.41 -25.70 31.45
N GLY B 480 -36.19 -25.12 30.26
CA GLY B 480 -36.72 -23.81 29.93
C GLY B 480 -36.21 -22.65 30.75
N ASN B 481 -35.19 -22.90 31.58
CA ASN B 481 -34.54 -21.85 32.37
C ASN B 481 -33.37 -21.24 31.61
N LEU B 482 -33.52 -19.98 31.20
CA LEU B 482 -32.56 -19.34 30.29
C LEU B 482 -31.82 -18.10 30.81
N ALA B 483 -32.47 -17.37 31.72
CA ALA B 483 -31.93 -16.09 32.25
C ALA B 483 -30.44 -16.15 32.62
N THR B 484 -29.71 -15.12 32.17
CA THR B 484 -28.27 -15.03 32.44
C THR B 484 -27.86 -13.79 33.23
N ALA B 485 -28.80 -12.86 33.41
CA ALA B 485 -28.47 -11.63 34.11
C ALA B 485 -29.67 -11.06 34.87
N SER B 486 -29.40 -10.47 36.03
CA SER B 486 -30.37 -9.66 36.74
C SER B 486 -30.08 -8.19 36.51
N THR B 487 -31.15 -7.40 36.37
CA THR B 487 -30.99 -6.00 35.98
C THR B 487 -31.76 -5.01 36.87
N GLU B 488 -32.35 -5.53 37.96
CA GLU B 488 -33.14 -4.72 38.90
C GLU B 488 -32.30 -3.62 39.53
N LYS B 489 -31.14 -4.02 40.05
CA LYS B 489 -30.26 -3.07 40.69
C LYS B 489 -29.03 -2.73 39.82
N TRP B 490 -29.24 -2.59 38.52
CA TRP B 490 -28.16 -2.19 37.61
C TRP B 490 -27.99 -0.68 37.63
N GLU B 491 -29.09 0.04 37.80
CA GLU B 491 -29.06 1.49 37.93
C GLU B 491 -28.53 1.91 39.30
N PRO B 492 -27.62 2.91 39.34
CA PRO B 492 -27.07 3.47 40.58
C PRO B 492 -28.14 4.15 41.45
N ALA B 493 -29.18 4.67 40.81
CA ALA B 493 -30.30 5.28 41.52
C ALA B 493 -30.95 4.27 42.47
N THR B 494 -30.76 2.98 42.23
CA THR B 494 -31.39 1.93 43.05
C THR B 494 -30.49 1.31 44.10
N TRP B 495 -29.21 1.68 44.11
CA TRP B 495 -28.26 1.19 45.13
C TRP B 495 -28.39 1.93 46.46
N PRO B 496 -28.18 1.22 47.58
CA PRO B 496 -27.99 1.92 48.84
C PRO B 496 -27.04 3.11 48.69
N THR B 497 -27.36 4.23 49.33
CA THR B 497 -26.51 5.43 49.29
CA THR B 497 -26.53 5.45 49.32
C THR B 497 -25.11 5.15 49.83
N GLU B 498 -25.01 4.23 50.79
CA GLU B 498 -23.75 3.85 51.43
C GLU B 498 -23.81 2.36 51.76
N CYS B 499 -22.84 1.58 51.31
CA CYS B 499 -22.82 0.13 51.59
C CYS B 499 -21.46 -0.50 51.31
N ARG B 500 -21.27 -1.74 51.76
CA ARG B 500 -20.00 -2.44 51.57
C ARG B 500 -20.20 -3.93 51.42
N GLY B 501 -19.23 -4.58 50.79
CA GLY B 501 -19.33 -6.00 50.48
C GLY B 501 -18.00 -6.72 50.31
N VAL B 502 -18.03 -8.05 50.42
CA VAL B 502 -16.84 -8.91 50.34
C VAL B 502 -16.98 -9.92 49.20
N GLY B 503 -15.99 -9.97 48.33
CA GLY B 503 -15.95 -10.98 47.29
C GLY B 503 -14.86 -11.99 47.56
N PHE B 504 -15.21 -13.26 47.53
CA PHE B 504 -14.21 -14.29 47.83
C PHE B 504 -14.37 -15.59 47.07
N THR B 505 -13.23 -16.18 46.76
CA THR B 505 -13.14 -17.41 46.02
C THR B 505 -11.75 -18.01 46.22
N GLU B 506 -11.50 -19.17 45.62
CA GLU B 506 -10.17 -19.73 45.58
C GLU B 506 -9.58 -19.61 44.17
N ALA B 507 -8.63 -18.69 44.03
CA ALA B 507 -7.81 -18.61 42.83
C ALA B 507 -6.87 -19.84 42.74
N PRO B 508 -6.37 -20.14 41.54
CA PRO B 508 -5.48 -21.28 41.39
C PRO B 508 -4.35 -21.34 42.41
N ARG B 509 -3.98 -20.19 42.95
CA ARG B 509 -2.85 -20.10 43.87
C ARG B 509 -3.23 -20.09 45.35
N GLY B 510 -4.50 -19.82 45.64
CA GLY B 510 -4.97 -19.79 47.02
C GLY B 510 -6.20 -18.94 47.25
N ALA B 511 -6.27 -18.39 48.46
CA ALA B 511 -7.46 -17.69 48.90
C ALA B 511 -7.46 -16.21 48.50
N LEU B 512 -8.50 -15.82 47.76
CA LEU B 512 -8.64 -14.45 47.29
C LEU B 512 -9.85 -13.72 47.89
N GLY B 513 -9.61 -12.50 48.36
CA GLY B 513 -10.67 -11.65 48.86
C GLY B 513 -10.63 -10.24 48.32
N HIS B 514 -11.79 -9.73 47.95
CA HIS B 514 -11.99 -8.33 47.60
C HIS B 514 -12.98 -7.67 48.57
N TRP B 515 -12.51 -6.65 49.29
CA TRP B 515 -13.35 -5.87 50.17
C TRP B 515 -13.60 -4.53 49.50
N ALA B 516 -14.88 -4.19 49.29
CA ALA B 516 -15.27 -2.97 48.58
C ALA B 516 -16.29 -2.14 49.34
N ALA B 517 -16.15 -0.81 49.24
CA ALA B 517 -17.07 0.12 49.89
C ALA B 517 -17.63 1.15 48.90
N ILE B 518 -18.94 1.35 48.93
CA ILE B 518 -19.62 2.24 48.00
C ILE B 518 -20.19 3.44 48.73
N ARG B 519 -20.06 4.62 48.11
CA ARG B 519 -20.66 5.86 48.61
CA ARG B 519 -20.66 5.86 48.61
C ARG B 519 -21.13 6.75 47.47
N ASP B 520 -22.44 6.96 47.38
CA ASP B 520 -23.08 7.77 46.34
C ASP B 520 -22.75 7.32 44.94
N GLY B 521 -22.84 6.00 44.74
CA GLY B 521 -22.60 5.38 43.43
C GLY B 521 -21.14 5.34 43.00
N LYS B 522 -20.24 5.61 43.95
CA LYS B 522 -18.80 5.61 43.68
C LYS B 522 -18.08 4.64 44.62
N ILE B 523 -16.96 4.11 44.15
CA ILE B 523 -16.08 3.34 45.01
C ILE B 523 -15.45 4.27 46.03
N ASP B 524 -15.71 3.96 47.29
CA ASP B 524 -15.10 4.67 48.40
C ASP B 524 -13.80 3.99 48.77
N LEU B 525 -13.85 2.67 48.91
CA LEU B 525 -12.66 1.89 49.24
C LEU B 525 -12.71 0.57 48.51
N TYR B 526 -11.55 0.11 48.06
CA TYR B 526 -11.45 -1.20 47.47
C TYR B 526 -10.10 -1.78 47.85
N GLN B 527 -10.13 -2.85 48.64
CA GLN B 527 -8.93 -3.49 49.13
C GLN B 527 -8.84 -4.94 48.67
N CYS B 528 -7.63 -5.37 48.34
CA CYS B 528 -7.41 -6.72 47.85
C CYS B 528 -6.41 -7.46 48.66
N VAL B 529 -6.76 -8.69 49.00
CA VAL B 529 -5.83 -9.63 49.61
C VAL B 529 -5.76 -10.91 48.77
N VAL B 530 -4.63 -11.07 48.11
CA VAL B 530 -4.42 -12.05 47.07
C VAL B 530 -3.60 -13.24 47.61
N PRO B 531 -3.87 -14.46 47.10
CA PRO B 531 -3.15 -15.68 47.45
C PRO B 531 -1.65 -15.49 47.63
N THR B 532 -0.96 -14.99 46.62
CA THR B 532 0.50 -14.85 46.74
C THR B 532 0.92 -13.82 47.79
N THR B 533 0.05 -12.84 48.08
CA THR B 533 0.29 -11.90 49.19
C THR B 533 0.42 -12.66 50.50
N TRP B 534 -0.43 -13.68 50.70
CA TRP B 534 -0.31 -14.60 51.85
C TRP B 534 1.00 -15.35 51.83
N ASN B 535 1.30 -15.99 50.72
CA ASN B 535 2.43 -16.89 50.66
C ASN B 535 3.80 -16.20 50.71
N ALA B 536 3.94 -15.15 49.90
CA ALA B 536 5.22 -14.43 49.79
C ALA B 536 5.39 -13.33 50.83
N SER B 537 4.46 -13.30 51.79
CA SER B 537 4.42 -12.28 52.84
C SER B 537 5.76 -12.09 53.59
N PRO B 538 6.16 -10.81 53.76
CA PRO B 538 7.24 -10.41 54.67
C PRO B 538 6.91 -10.79 56.09
N ARG B 539 7.79 -10.43 57.01
CA ARG B 539 7.57 -10.64 58.44
C ARG B 539 6.60 -9.60 59.03
N ASP B 540 6.09 -9.90 60.23
CA ASP B 540 5.22 -8.99 60.95
C ASP B 540 5.89 -8.48 62.24
N PRO B 541 5.18 -7.67 63.06
CA PRO B 541 5.79 -7.13 64.28
C PRO B 541 6.44 -8.19 65.15
N LYS B 542 5.76 -9.33 65.31
CA LYS B 542 6.26 -10.44 66.15
C LYS B 542 7.40 -11.23 65.50
N GLY B 543 7.81 -10.81 64.30
CA GLY B 543 8.91 -11.45 63.55
C GLY B 543 8.55 -12.77 62.88
N GLN B 544 7.27 -13.10 62.85
CA GLN B 544 6.80 -14.34 62.25
C GLN B 544 7.07 -14.33 60.75
N ILE B 545 7.39 -15.50 60.20
CA ILE B 545 7.74 -15.60 58.78
C ILE B 545 6.59 -16.12 57.90
N GLY B 546 6.58 -15.66 56.65
CA GLY B 546 5.61 -16.10 55.65
C GLY B 546 5.80 -17.53 55.15
N ALA B 547 4.81 -18.05 54.43
CA ALA B 547 4.83 -19.43 53.94
C ALA B 547 6.11 -19.75 53.17
N TYR B 548 6.54 -18.81 52.32
CA TYR B 548 7.75 -18.96 51.49
C TYR B 548 9.00 -19.12 52.35
N GLU B 549 9.35 -18.06 53.07
CA GLU B 549 10.56 -18.03 53.88
C GLU B 549 10.60 -19.25 54.78
N ALA B 550 9.42 -19.71 55.21
CA ALA B 550 9.31 -20.92 56.04
C ALA B 550 9.69 -22.21 55.27
N ALA B 551 9.20 -22.32 54.04
CA ALA B 551 9.45 -23.52 53.25
C ALA B 551 10.90 -23.63 52.78
N LEU B 552 11.62 -22.50 52.79
CA LEU B 552 13.02 -22.48 52.34
C LEU B 552 14.00 -22.84 53.45
N MET B 553 13.58 -22.64 54.70
CA MET B 553 14.43 -22.88 55.87
C MET B 553 14.80 -24.34 55.93
N ASN B 554 16.03 -24.60 56.41
CA ASN B 554 16.56 -25.96 56.59
C ASN B 554 16.73 -26.78 55.31
N THR B 555 16.59 -26.13 54.16
CA THR B 555 16.77 -26.79 52.89
C THR B 555 18.26 -26.91 52.60
N LYS B 556 18.71 -28.13 52.28
CA LYS B 556 20.10 -28.37 51.90
C LYS B 556 20.31 -27.96 50.45
N MET B 557 21.38 -27.20 50.21
CA MET B 557 21.82 -26.84 48.86
C MET B 557 23.06 -27.65 48.49
N ALA B 558 23.06 -28.20 47.28
CA ALA B 558 24.21 -28.95 46.80
C ALA B 558 25.26 -28.01 46.19
N ILE B 559 24.81 -27.10 45.33
CA ILE B 559 25.67 -26.04 44.83
C ILE B 559 25.02 -24.72 45.19
N PRO B 560 25.73 -23.88 45.96
CA PRO B 560 25.24 -22.58 46.42
C PRO B 560 25.03 -21.55 45.29
N GLU B 561 25.95 -21.50 44.33
CA GLU B 561 25.83 -20.53 43.23
CA GLU B 561 25.83 -20.53 43.23
C GLU B 561 24.74 -20.93 42.24
N GLN B 562 24.33 -22.20 42.28
CA GLN B 562 23.23 -22.69 41.44
CA GLN B 562 23.23 -22.70 41.44
C GLN B 562 22.01 -23.06 42.30
N PRO B 563 21.07 -22.09 42.47
CA PRO B 563 19.97 -22.20 43.42
C PRO B 563 18.75 -23.00 42.95
N LEU B 564 18.97 -24.22 42.46
CA LEU B 564 17.88 -25.08 42.02
C LEU B 564 17.00 -25.44 43.20
N GLU B 565 17.62 -25.88 44.29
CA GLU B 565 16.86 -26.24 45.47
C GLU B 565 15.92 -25.08 45.87
N ILE B 566 16.42 -23.85 45.74
CA ILE B 566 15.61 -22.68 46.05
C ILE B 566 14.45 -22.58 45.08
N LEU B 567 14.75 -22.66 43.79
CA LEU B 567 13.72 -22.50 42.74
C LEU B 567 12.62 -23.55 42.82
N ARG B 568 13.04 -24.79 43.09
CA ARG B 568 12.14 -25.93 43.24
C ARG B 568 11.08 -25.64 44.30
N THR B 569 11.54 -25.28 45.49
CA THR B 569 10.66 -24.95 46.60
C THR B 569 9.75 -23.76 46.28
N LEU B 570 10.31 -22.71 45.69
CA LEU B 570 9.53 -21.51 45.40
C LEU B 570 8.48 -21.75 44.33
N HIS B 571 8.88 -22.35 43.21
CA HIS B 571 7.96 -22.58 42.09
C HIS B 571 6.79 -23.47 42.49
N SER B 572 7.01 -24.36 43.46
CA SER B 572 5.98 -25.31 43.88
C SER B 572 4.77 -24.62 44.52
N PHE B 573 5.00 -23.43 45.05
CA PHE B 573 3.93 -22.57 45.54
C PHE B 573 3.17 -21.88 44.43
N ASP B 574 3.79 -21.83 43.24
CA ASP B 574 3.24 -21.11 42.09
C ASP B 574 3.17 -19.61 42.35
N PRO B 575 4.34 -18.95 42.41
CA PRO B 575 4.36 -17.51 42.68
C PRO B 575 3.75 -16.69 41.56
N CYS B 576 2.98 -15.68 41.95
CA CYS B 576 2.33 -14.73 41.06
C CYS B 576 2.43 -13.36 41.71
N LEU B 577 3.46 -12.63 41.29
CA LEU B 577 3.85 -11.41 41.99
C LEU B 577 2.96 -10.19 41.70
N ALA B 578 2.60 -9.97 40.43
CA ALA B 578 1.66 -8.89 40.11
C ALA B 578 0.32 -9.08 40.81
N CYS B 579 -0.08 -10.33 41.00
CA CYS B 579 -1.21 -10.69 41.88
C CYS B 579 -0.94 -10.27 43.32
N SER B 580 0.21 -10.67 43.86
CA SER B 580 0.55 -10.39 45.27
C SER B 580 0.66 -8.90 45.61
N THR B 581 1.02 -8.08 44.62
CA THR B 581 1.30 -6.66 44.83
C THR B 581 0.18 -5.73 44.36
N HIS B 582 -0.43 -6.04 43.20
CA HIS B 582 -1.53 -5.27 42.61
C HIS B 582 -1.36 -3.75 42.76
N LYS C 4 -30.62 -45.89 26.83
CA LYS C 4 -29.27 -46.39 26.39
C LYS C 4 -29.16 -46.62 24.87
N PRO C 5 -30.16 -47.29 24.23
CA PRO C 5 -30.12 -47.41 22.76
C PRO C 5 -30.17 -46.07 22.02
N ARG C 6 -29.39 -45.93 20.96
CA ARG C 6 -29.39 -44.71 20.14
C ARG C 6 -30.60 -44.67 19.18
N ILE C 7 -31.00 -43.47 18.77
CA ILE C 7 -32.18 -43.30 17.89
C ILE C 7 -31.84 -43.65 16.44
N PRO C 8 -32.62 -44.56 15.83
CA PRO C 8 -32.37 -44.99 14.46
C PRO C 8 -32.60 -43.89 13.42
N VAL C 9 -31.64 -43.74 12.51
CA VAL C 9 -31.72 -42.79 11.42
C VAL C 9 -31.54 -43.54 10.09
N VAL C 10 -32.44 -43.24 9.15
CA VAL C 10 -32.31 -43.74 7.79
C VAL C 10 -31.98 -42.55 6.92
N TRP C 11 -30.96 -42.71 6.08
CA TRP C 11 -30.47 -41.64 5.23
C TRP C 11 -30.48 -42.07 3.76
N ILE C 12 -31.43 -41.52 3.00
CA ILE C 12 -31.55 -41.84 1.58
C ILE C 12 -31.03 -40.70 0.72
N HIS C 13 -30.73 -41.02 -0.55
CA HIS C 13 -30.24 -40.03 -1.53
C HIS C 13 -31.04 -40.13 -2.83
N GLY C 14 -31.54 -39.01 -3.32
CA GLY C 14 -32.23 -38.98 -4.62
C GLY C 14 -31.25 -38.46 -5.65
N LEU C 15 -31.73 -37.62 -6.57
CA LEU C 15 -30.82 -36.90 -7.46
C LEU C 15 -30.12 -35.90 -6.61
N GLU C 16 -28.80 -36.04 -6.52
CA GLU C 16 -27.98 -35.29 -5.57
C GLU C 16 -26.57 -35.14 -6.11
N CYS C 17 -25.82 -34.16 -5.58
CA CYS C 17 -24.38 -34.08 -5.85
C CYS C 17 -23.54 -34.63 -4.69
N THR C 18 -24.22 -34.99 -3.59
CA THR C 18 -23.61 -35.52 -2.35
C THR C 18 -22.86 -34.48 -1.51
N CYS C 19 -23.11 -33.20 -1.81
CA CYS C 19 -22.50 -32.09 -1.06
C CYS C 19 -23.01 -32.01 0.37
N CYS C 20 -24.20 -32.54 0.62
CA CYS C 20 -24.76 -32.50 1.97
C CYS C 20 -24.13 -33.56 2.89
N THR C 21 -23.90 -34.76 2.36
CA THR C 21 -23.24 -35.79 3.14
C THR C 21 -21.77 -35.42 3.33
N GLU C 22 -21.16 -34.85 2.30
CA GLU C 22 -19.82 -34.27 2.46
C GLU C 22 -19.79 -33.20 3.56
N SER C 23 -20.77 -32.29 3.58
CA SER C 23 -20.85 -31.22 4.60
C SER C 23 -21.00 -31.78 6.02
N PHE C 24 -22.02 -32.61 6.22
CA PHE C 24 -22.28 -33.20 7.52
C PHE C 24 -21.01 -33.76 8.16
N ILE C 25 -20.15 -34.41 7.36
CA ILE C 25 -18.95 -35.03 7.92
C ILE C 25 -17.85 -34.02 8.25
N ARG C 26 -17.95 -32.81 7.70
CA ARG C 26 -17.00 -31.72 8.06
C ARG C 26 -17.22 -31.17 9.47
N SER C 27 -18.23 -31.69 10.19
CA SER C 27 -18.64 -31.13 11.48
C SER C 27 -17.50 -31.20 12.49
N ALA C 28 -17.26 -30.06 13.14
CA ALA C 28 -16.18 -29.92 14.10
C ALA C 28 -16.65 -30.23 15.51
N HIS C 29 -17.89 -29.89 15.84
CA HIS C 29 -18.44 -30.09 17.20
C HIS C 29 -19.96 -30.25 17.20
N PRO C 30 -20.45 -31.47 17.53
CA PRO C 30 -19.69 -32.71 17.80
C PRO C 30 -19.08 -33.30 16.53
N LEU C 31 -18.08 -34.16 16.69
CA LEU C 31 -17.38 -34.70 15.52
C LEU C 31 -18.28 -35.64 14.74
N ALA C 32 -18.18 -35.63 13.42
CA ALA C 32 -19.00 -36.53 12.60
C ALA C 32 -18.99 -37.96 13.18
N LYS C 33 -17.76 -38.43 13.43
CA LYS C 33 -17.45 -39.66 14.11
C LYS C 33 -18.29 -39.86 15.39
N ASP C 34 -18.28 -38.86 16.28
CA ASP C 34 -18.97 -38.95 17.57
C ASP C 34 -20.49 -38.96 17.41
N VAL C 35 -21.00 -38.28 16.38
CA VAL C 35 -22.42 -38.31 16.08
C VAL C 35 -22.87 -39.76 15.79
N ILE C 36 -22.10 -40.45 14.96
CA ILE C 36 -22.41 -41.79 14.47
C ILE C 36 -22.23 -42.89 15.52
N LEU C 37 -21.25 -42.69 16.41
CA LEU C 37 -20.92 -43.72 17.41
C LEU C 37 -21.64 -43.54 18.75
N SER C 38 -22.18 -42.36 18.99
CA SER C 38 -22.70 -42.00 20.32
C SER C 38 -24.07 -41.31 20.36
N LEU C 39 -24.38 -40.46 19.38
CA LEU C 39 -25.61 -39.65 19.43
C LEU C 39 -26.81 -40.29 18.72
N ILE C 40 -26.55 -40.93 17.58
CA ILE C 40 -27.58 -41.62 16.80
C ILE C 40 -27.08 -42.94 16.26
N SER C 41 -28.02 -43.85 15.92
CA SER C 41 -27.67 -45.04 15.15
C SER C 41 -28.00 -44.90 13.67
N LEU C 42 -27.06 -44.31 12.93
CA LEU C 42 -27.12 -44.21 11.48
C LEU C 42 -27.17 -45.61 10.89
N ASP C 43 -28.39 -46.07 10.66
CA ASP C 43 -28.71 -47.46 10.30
C ASP C 43 -28.67 -47.74 8.79
N TYR C 44 -28.75 -46.69 7.98
CA TYR C 44 -28.72 -46.80 6.51
C TYR C 44 -28.21 -45.50 5.86
N ASP C 45 -27.13 -45.60 5.09
CA ASP C 45 -26.61 -44.46 4.35
C ASP C 45 -25.77 -45.00 3.21
N ASP C 46 -26.31 -44.93 2.00
CA ASP C 46 -25.64 -45.46 0.81
C ASP C 46 -24.15 -45.08 0.70
N THR C 47 -23.82 -43.87 1.15
CA THR C 47 -22.46 -43.33 0.96
C THR C 47 -21.40 -43.91 1.92
N LEU C 48 -21.82 -44.50 3.03
CA LEU C 48 -20.88 -44.90 4.07
C LEU C 48 -20.96 -46.35 4.49
N MET C 49 -22.10 -46.97 4.26
CA MET C 49 -22.37 -48.31 4.78
C MET C 49 -21.60 -49.42 4.08
N ALA C 50 -21.38 -50.51 4.81
CA ALA C 50 -20.66 -51.67 4.29
C ALA C 50 -21.48 -52.39 3.22
N ALA C 51 -22.74 -52.67 3.53
CA ALA C 51 -23.58 -53.48 2.66
C ALA C 51 -23.91 -52.79 1.34
N ALA C 52 -23.74 -53.54 0.25
CA ALA C 52 -24.20 -53.13 -1.08
C ALA C 52 -25.20 -54.14 -1.64
N GLY C 53 -25.81 -53.82 -2.77
CA GLY C 53 -26.69 -54.76 -3.47
C GLY C 53 -27.79 -55.31 -2.60
N THR C 54 -28.07 -56.61 -2.76
CA THR C 54 -29.18 -57.26 -2.03
C THR C 54 -28.94 -57.38 -0.51
N GLN C 55 -27.70 -57.11 -0.09
CA GLN C 55 -27.39 -56.92 1.33
C GLN C 55 -27.89 -55.55 1.81
N ALA C 56 -27.60 -54.50 1.05
CA ALA C 56 -28.08 -53.15 1.35
C ALA C 56 -29.59 -53.03 1.28
N GLU C 57 -30.20 -53.70 0.30
CA GLU C 57 -31.66 -53.81 0.19
C GLU C 57 -32.24 -54.44 1.45
N GLU C 58 -31.57 -55.48 1.94
CA GLU C 58 -31.99 -56.19 3.14
C GLU C 58 -31.92 -55.38 4.43
N VAL C 59 -30.88 -54.57 4.59
CA VAL C 59 -30.78 -53.70 5.76
C VAL C 59 -31.93 -52.70 5.74
N PHE C 60 -32.17 -52.09 4.58
CA PHE C 60 -33.23 -51.09 4.41
C PHE C 60 -34.58 -51.65 4.86
N GLU C 61 -35.05 -52.64 4.12
CA GLU C 61 -36.24 -53.39 4.47
C GLU C 61 -36.31 -53.76 5.96
N ASP C 62 -35.21 -54.26 6.54
CA ASP C 62 -35.17 -54.69 7.95
C ASP C 62 -35.35 -53.56 8.94
N ILE C 63 -34.71 -52.41 8.65
CA ILE C 63 -34.73 -51.23 9.53
C ILE C 63 -36.07 -50.50 9.51
N ILE C 64 -36.64 -50.30 8.31
CA ILE C 64 -37.94 -49.63 8.21
C ILE C 64 -39.11 -50.47 8.75
N THR C 65 -38.91 -51.79 8.80
CA THR C 65 -39.88 -52.72 9.36
C THR C 65 -39.80 -52.70 10.89
N GLN C 66 -38.60 -52.97 11.41
CA GLN C 66 -38.39 -53.17 12.84
C GLN C 66 -38.52 -51.88 13.66
N TYR C 67 -38.27 -50.74 13.03
CA TYR C 67 -38.40 -49.45 13.70
C TYR C 67 -39.52 -48.59 13.12
N ASN C 68 -40.51 -49.24 12.50
CA ASN C 68 -41.66 -48.55 11.90
C ASN C 68 -42.34 -47.61 12.88
N GLY C 69 -42.48 -46.36 12.46
CA GLY C 69 -43.05 -45.31 13.30
C GLY C 69 -42.06 -44.67 14.27
N LYS C 70 -40.86 -45.26 14.37
CA LYS C 70 -39.90 -44.88 15.42
C LYS C 70 -38.62 -44.18 14.96
N TYR C 71 -38.29 -44.24 13.66
CA TYR C 71 -37.02 -43.71 13.13
C TYR C 71 -37.14 -42.37 12.43
N ILE C 72 -36.00 -41.68 12.34
CA ILE C 72 -35.90 -40.39 11.64
C ILE C 72 -35.43 -40.62 10.21
N LEU C 73 -36.07 -39.91 9.27
CA LEU C 73 -35.70 -40.03 7.87
C LEU C 73 -34.96 -38.80 7.42
N ALA C 74 -33.67 -38.97 7.15
CA ALA C 74 -32.89 -37.93 6.51
C ALA C 74 -32.99 -38.16 5.02
N VAL C 75 -33.28 -37.10 4.29
CA VAL C 75 -33.25 -37.17 2.82
C VAL C 75 -32.34 -36.09 2.26
N GLU C 76 -31.46 -36.52 1.37
CA GLU C 76 -30.53 -35.64 0.71
C GLU C 76 -30.83 -35.83 -0.77
N GLY C 77 -30.84 -34.74 -1.52
CA GLY C 77 -31.26 -34.76 -2.93
C GLY C 77 -32.78 -34.86 -3.07
N ASN C 78 -33.26 -35.00 -4.30
CA ASN C 78 -34.72 -35.03 -4.57
C ASN C 78 -35.14 -36.05 -5.63
N PRO C 79 -36.44 -36.37 -5.69
CA PRO C 79 -36.94 -37.30 -6.69
C PRO C 79 -37.30 -36.65 -8.05
N PRO C 80 -36.92 -37.29 -9.17
CA PRO C 80 -37.40 -36.86 -10.47
C PRO C 80 -38.75 -37.49 -10.81
N LEU C 81 -39.56 -36.73 -11.55
CA LEU C 81 -40.89 -37.19 -11.93
C LEU C 81 -40.95 -37.62 -13.39
N GLY C 82 -40.04 -37.09 -14.20
CA GLY C 82 -40.00 -37.36 -15.64
C GLY C 82 -39.57 -38.77 -15.98
N GLU C 83 -40.00 -39.25 -17.15
CA GLU C 83 -39.71 -40.60 -17.62
C GLU C 83 -40.06 -41.65 -16.55
N GLN C 84 -41.28 -41.54 -16.01
CA GLN C 84 -41.82 -42.39 -14.95
CA GLN C 84 -41.80 -42.46 -14.98
C GLN C 84 -40.93 -42.51 -13.70
N GLY C 85 -40.09 -41.50 -13.50
CA GLY C 85 -39.24 -41.44 -12.31
C GLY C 85 -37.91 -42.17 -12.44
N MET C 86 -37.64 -42.70 -13.63
CA MET C 86 -36.42 -43.47 -13.88
C MET C 86 -35.14 -42.64 -14.13
N PHE C 87 -35.25 -41.32 -13.97
CA PHE C 87 -34.07 -40.47 -14.02
C PHE C 87 -33.22 -40.70 -12.77
N CYS C 88 -33.76 -41.47 -11.82
CA CYS C 88 -33.02 -41.92 -10.64
C CYS C 88 -33.54 -43.29 -10.22
N ILE C 89 -32.80 -44.32 -10.62
CA ILE C 89 -33.17 -45.70 -10.39
C ILE C 89 -32.49 -46.23 -9.15
N SER C 90 -33.25 -46.92 -8.31
CA SER C 90 -32.72 -47.52 -7.10
C SER C 90 -33.27 -48.91 -6.89
N SER C 91 -32.39 -49.90 -6.95
CA SER C 91 -32.71 -51.34 -6.95
C SER C 91 -33.64 -51.74 -8.09
N GLY C 92 -33.47 -51.07 -9.22
CA GLY C 92 -34.23 -51.37 -10.44
C GLY C 92 -35.58 -50.67 -10.54
N ARG C 93 -35.88 -49.85 -9.55
CA ARG C 93 -37.18 -49.18 -9.49
C ARG C 93 -36.99 -47.67 -9.28
N PRO C 94 -38.00 -46.85 -9.65
CA PRO C 94 -37.83 -45.41 -9.50
C PRO C 94 -37.48 -45.07 -8.06
N PHE C 95 -36.73 -44.00 -7.87
CA PHE C 95 -36.31 -43.59 -6.54
C PHE C 95 -37.51 -43.19 -5.72
N ILE C 96 -38.46 -42.51 -6.35
CA ILE C 96 -39.63 -41.99 -5.65
C ILE C 96 -40.37 -43.05 -4.80
N GLU C 97 -40.35 -44.30 -5.27
CA GLU C 97 -40.91 -45.43 -4.54
C GLU C 97 -40.16 -45.75 -3.24
N LYS C 98 -38.82 -45.67 -3.26
CA LYS C 98 -37.98 -45.89 -2.07
C LYS C 98 -38.24 -44.79 -1.07
N LEU C 99 -38.39 -43.56 -1.57
CA LEU C 99 -38.68 -42.41 -0.73
C LEU C 99 -40.01 -42.58 -0.02
N LYS C 100 -41.07 -42.80 -0.80
CA LYS C 100 -42.41 -42.94 -0.24
C LYS C 100 -42.48 -44.02 0.84
N ARG C 101 -41.81 -45.15 0.59
CA ARG C 101 -41.82 -46.34 1.47
C ARG C 101 -40.98 -46.15 2.74
N ALA C 102 -40.03 -45.23 2.68
CA ALA C 102 -39.24 -44.85 3.85
C ALA C 102 -39.95 -43.74 4.62
N ALA C 103 -40.64 -42.87 3.89
CA ALA C 103 -41.34 -41.73 4.48
C ALA C 103 -42.49 -42.18 5.34
N ALA C 104 -43.33 -43.07 4.80
CA ALA C 104 -44.51 -43.57 5.50
C ALA C 104 -44.17 -44.25 6.83
N GLY C 105 -42.97 -44.83 6.91
CA GLY C 105 -42.52 -45.51 8.12
C GLY C 105 -41.82 -44.63 9.13
N ALA C 106 -41.54 -43.38 8.75
CA ALA C 106 -40.78 -42.48 9.61
C ALA C 106 -41.67 -41.64 10.51
N SER C 107 -41.11 -41.22 11.65
CA SER C 107 -41.81 -40.34 12.58
C SER C 107 -41.65 -38.89 12.18
N ALA C 108 -40.46 -38.52 11.71
CA ALA C 108 -40.21 -37.19 11.18
C ALA C 108 -39.16 -37.25 10.10
N ILE C 109 -39.10 -36.19 9.30
CA ILE C 109 -38.23 -36.11 8.11
C ILE C 109 -37.32 -34.89 8.10
N ILE C 110 -36.03 -35.11 7.92
CA ILE C 110 -35.09 -34.01 7.75
C ILE C 110 -34.70 -33.89 6.29
N ALA C 111 -35.18 -32.81 5.67
CA ALA C 111 -34.80 -32.48 4.31
C ALA C 111 -33.48 -31.67 4.30
N TRP C 112 -32.39 -32.37 3.99
CA TRP C 112 -31.05 -31.80 3.96
C TRP C 112 -30.79 -31.03 2.66
N GLY C 113 -30.16 -29.86 2.81
CA GLY C 113 -29.73 -29.00 1.70
C GLY C 113 -30.85 -28.41 0.84
N THR C 114 -30.47 -27.58 -0.12
CA THR C 114 -31.43 -26.97 -1.03
C THR C 114 -32.12 -27.99 -1.93
N CYS C 115 -31.45 -29.09 -2.25
CA CYS C 115 -32.04 -30.15 -3.06
C CYS C 115 -33.35 -30.65 -2.47
N ALA C 116 -33.29 -31.18 -1.24
CA ALA C 116 -34.48 -31.76 -0.60
C ALA C 116 -35.49 -30.71 -0.14
N SER C 117 -35.00 -29.51 0.17
CA SER C 117 -35.84 -28.40 0.63
C SER C 117 -36.62 -27.71 -0.50
N TRP C 118 -35.89 -27.37 -1.54
CA TRP C 118 -36.40 -26.48 -2.59
C TRP C 118 -36.37 -27.09 -3.98
N GLY C 119 -35.27 -27.77 -4.30
CA GLY C 119 -35.04 -28.36 -5.61
C GLY C 119 -33.61 -28.23 -6.07
N CYS C 120 -32.94 -27.15 -5.67
CA CYS C 120 -31.55 -26.88 -6.06
C CYS C 120 -31.31 -26.98 -7.59
N VAL C 121 -30.06 -27.28 -7.98
CA VAL C 121 -29.61 -27.12 -9.36
C VAL C 121 -30.38 -27.96 -10.40
N GLN C 122 -30.64 -29.22 -10.10
CA GLN C 122 -31.30 -30.13 -11.05
C GLN C 122 -32.67 -29.61 -11.45
N ALA C 123 -33.21 -28.73 -10.63
CA ALA C 123 -34.55 -28.19 -10.78
C ALA C 123 -34.55 -26.76 -11.32
N ALA C 124 -33.38 -26.25 -11.67
CA ALA C 124 -33.30 -24.94 -12.33
C ALA C 124 -33.65 -25.11 -13.81
N ARG C 125 -34.23 -24.06 -14.40
CA ARG C 125 -34.68 -24.05 -15.81
C ARG C 125 -33.64 -24.68 -16.74
N PRO C 126 -34.09 -25.53 -17.70
CA PRO C 126 -35.45 -25.89 -18.06
C PRO C 126 -36.00 -27.08 -17.26
N ASN C 127 -35.31 -27.44 -16.18
CA ASN C 127 -35.67 -28.57 -15.30
C ASN C 127 -36.00 -29.86 -16.07
N PRO C 128 -34.97 -30.56 -16.55
CA PRO C 128 -35.17 -31.61 -17.53
C PRO C 128 -35.71 -32.89 -16.92
N THR C 129 -35.41 -33.11 -15.64
CA THR C 129 -35.80 -34.35 -14.98
C THR C 129 -37.07 -34.17 -14.16
N GLN C 130 -37.60 -32.96 -14.16
CA GLN C 130 -38.70 -32.56 -13.29
C GLN C 130 -38.45 -32.93 -11.82
N ALA C 131 -37.31 -32.46 -11.32
CA ALA C 131 -36.97 -32.62 -9.91
C ALA C 131 -37.95 -31.79 -9.10
N THR C 132 -38.52 -32.42 -8.08
CA THR C 132 -39.43 -31.74 -7.16
C THR C 132 -38.95 -31.99 -5.72
N PRO C 133 -39.05 -30.96 -4.86
CA PRO C 133 -38.68 -31.08 -3.43
C PRO C 133 -39.53 -32.09 -2.65
N ILE C 134 -39.02 -32.51 -1.49
CA ILE C 134 -39.66 -33.52 -0.64
C ILE C 134 -41.06 -33.11 -0.22
N ASP C 135 -41.23 -31.84 0.11
CA ASP C 135 -42.52 -31.33 0.60
C ASP C 135 -43.62 -31.27 -0.46
N LYS C 136 -43.24 -31.46 -1.73
CA LYS C 136 -44.20 -31.58 -2.84
C LYS C 136 -44.62 -33.04 -3.11
N VAL C 137 -43.89 -33.99 -2.54
CA VAL C 137 -44.12 -35.43 -2.77
C VAL C 137 -44.60 -36.12 -1.48
N ILE C 138 -44.03 -35.77 -0.34
CA ILE C 138 -44.43 -36.33 0.94
C ILE C 138 -45.20 -35.28 1.73
N THR C 139 -46.50 -35.46 1.85
CA THR C 139 -47.37 -34.41 2.39
C THR C 139 -48.08 -34.80 3.68
N ASP C 140 -47.76 -35.97 4.23
CA ASP C 140 -48.42 -36.46 5.45
C ASP C 140 -47.51 -36.48 6.68
N LYS C 141 -46.25 -36.07 6.51
CA LYS C 141 -45.25 -36.14 7.58
C LYS C 141 -44.67 -34.77 7.89
N PRO C 142 -44.19 -34.57 9.14
CA PRO C 142 -43.43 -33.37 9.46
C PRO C 142 -42.09 -33.37 8.73
N ILE C 143 -41.78 -32.25 8.07
CA ILE C 143 -40.53 -32.11 7.34
C ILE C 143 -39.76 -30.85 7.74
N ILE C 144 -38.58 -31.05 8.28
CA ILE C 144 -37.71 -29.94 8.61
C ILE C 144 -36.82 -29.67 7.40
N LYS C 145 -36.94 -28.46 6.85
CA LYS C 145 -36.10 -28.02 5.74
C LYS C 145 -34.88 -27.36 6.28
N VAL C 146 -33.71 -27.93 6.02
CA VAL C 146 -32.44 -27.30 6.38
C VAL C 146 -31.69 -26.95 5.08
N PRO C 147 -32.03 -25.82 4.46
CA PRO C 147 -31.50 -25.52 3.14
C PRO C 147 -30.02 -25.07 3.15
N GLY C 148 -29.51 -24.76 1.96
CA GLY C 148 -28.11 -24.43 1.74
C GLY C 148 -27.50 -25.45 0.79
N CYS C 149 -26.64 -25.00 -0.12
CA CYS C 149 -25.97 -25.90 -1.06
C CYS C 149 -24.45 -25.91 -0.82
N PRO C 150 -23.98 -26.58 0.27
CA PRO C 150 -24.71 -27.29 1.33
C PRO C 150 -25.10 -26.37 2.51
N PRO C 151 -25.73 -26.95 3.56
CA PRO C 151 -25.89 -26.19 4.80
C PRO C 151 -24.58 -26.25 5.59
N ILE C 152 -24.40 -25.33 6.52
CA ILE C 152 -23.15 -25.26 7.32
C ILE C 152 -22.99 -26.51 8.18
N PRO C 153 -21.85 -27.21 8.04
CA PRO C 153 -21.61 -28.46 8.74
C PRO C 153 -22.01 -28.41 10.21
N ASP C 154 -21.55 -27.39 10.93
CA ASP C 154 -21.81 -27.30 12.36
C ASP C 154 -23.29 -26.99 12.67
N VAL C 155 -24.01 -26.42 11.68
CA VAL C 155 -25.46 -26.19 11.76
C VAL C 155 -26.19 -27.53 11.63
N MET C 156 -25.82 -28.33 10.62
CA MET C 156 -26.39 -29.66 10.47
C MET C 156 -26.27 -30.40 11.79
N SER C 157 -25.03 -30.67 12.21
CA SER C 157 -24.77 -31.35 13.48
C SER C 157 -25.49 -30.71 14.67
N ALA C 158 -25.45 -29.37 14.76
CA ALA C 158 -26.15 -28.63 15.82
C ALA C 158 -27.65 -28.91 15.87
N ILE C 159 -28.29 -28.89 14.70
CA ILE C 159 -29.70 -29.29 14.58
C ILE C 159 -29.95 -30.72 15.09
N ILE C 160 -29.09 -31.65 14.67
CA ILE C 160 -29.05 -33.01 15.19
C ILE C 160 -28.96 -33.03 16.71
N THR C 161 -27.95 -32.36 17.26
CA THR C 161 -27.77 -32.32 18.71
CA THR C 161 -27.78 -32.34 18.71
C THR C 161 -28.97 -31.69 19.41
N TYR C 162 -29.58 -30.69 18.79
CA TYR C 162 -30.76 -30.10 19.39
C TYR C 162 -31.83 -31.16 19.52
N MET C 163 -32.12 -31.86 18.44
CA MET C 163 -33.18 -32.86 18.43
C MET C 163 -32.94 -34.00 19.40
N VAL C 164 -31.69 -34.43 19.54
CA VAL C 164 -31.37 -35.51 20.47
C VAL C 164 -31.40 -35.05 21.92
N THR C 165 -30.73 -33.95 22.21
CA THR C 165 -30.67 -33.43 23.59
C THR C 165 -32.02 -32.99 24.12
N PHE C 166 -32.81 -32.32 23.28
CA PHE C 166 -34.08 -31.75 23.73
C PHE C 166 -35.27 -32.62 23.36
N ASP C 167 -35.00 -33.69 22.61
CA ASP C 167 -36.00 -34.71 22.31
C ASP C 167 -37.22 -34.12 21.61
N ARG C 168 -37.00 -33.09 20.80
CA ARG C 168 -38.09 -32.43 20.08
CA ARG C 168 -38.09 -32.47 20.06
C ARG C 168 -37.58 -31.84 18.77
N LEU C 169 -38.52 -31.56 17.87
CA LEU C 169 -38.22 -30.88 16.62
C LEU C 169 -37.93 -29.39 16.85
N PRO C 170 -36.92 -28.87 16.17
CA PRO C 170 -36.62 -27.44 16.25
C PRO C 170 -37.82 -26.62 15.79
N ASP C 171 -37.93 -25.39 16.29
CA ASP C 171 -39.02 -24.51 15.86
C ASP C 171 -38.75 -23.85 14.49
N VAL C 172 -39.78 -23.84 13.64
CA VAL C 172 -39.65 -23.48 12.23
C VAL C 172 -40.36 -22.20 11.83
N ASP C 173 -39.76 -21.46 10.89
CA ASP C 173 -40.46 -20.36 10.23
C ASP C 173 -41.57 -20.96 9.35
N ARG C 174 -42.44 -20.11 8.83
CA ARG C 174 -43.61 -20.58 8.09
C ARG C 174 -43.21 -21.23 6.76
N MET C 175 -41.97 -21.71 6.71
CA MET C 175 -41.39 -22.27 5.49
C MET C 175 -40.71 -23.62 5.78
N GLY C 176 -40.65 -23.99 7.05
CA GLY C 176 -40.16 -25.31 7.45
C GLY C 176 -38.71 -25.32 7.90
N ARG C 177 -38.09 -24.15 7.93
CA ARG C 177 -36.68 -24.05 8.34
C ARG C 177 -36.57 -23.84 9.84
N PRO C 178 -35.59 -24.50 10.49
CA PRO C 178 -35.38 -24.23 11.91
C PRO C 178 -35.06 -22.75 12.15
N LEU C 179 -35.73 -22.18 13.15
CA LEU C 179 -35.60 -20.78 13.45
C LEU C 179 -34.21 -20.39 13.85
N MET C 180 -33.56 -21.19 14.69
CA MET C 180 -32.22 -20.84 15.20
C MET C 180 -31.28 -20.25 14.14
N PHE C 181 -31.09 -20.98 13.04
CA PHE C 181 -30.10 -20.57 12.03
C PHE C 181 -30.69 -19.91 10.78
N TYR C 182 -32.01 -19.98 10.61
CA TYR C 182 -32.67 -19.41 9.43
C TYR C 182 -33.68 -18.29 9.76
N GLY C 183 -33.51 -17.68 10.92
CA GLY C 183 -34.46 -16.67 11.39
C GLY C 183 -34.05 -15.28 10.96
N GLN C 184 -32.78 -15.16 10.58
CA GLN C 184 -32.16 -13.89 10.17
C GLN C 184 -31.41 -14.06 8.86
N ARG C 185 -31.39 -12.98 8.08
CA ARG C 185 -30.68 -12.91 6.79
C ARG C 185 -29.18 -12.68 6.96
N ILE C 186 -28.40 -13.11 5.98
CA ILE C 186 -26.96 -12.87 5.97
C ILE C 186 -26.57 -11.37 6.12
N HIS C 187 -27.25 -10.54 5.33
CA HIS C 187 -27.16 -9.08 5.36
C HIS C 187 -27.46 -8.52 6.76
N ASP C 188 -28.03 -9.36 7.63
CA ASP C 188 -28.47 -8.93 8.95
C ASP C 188 -27.33 -9.05 9.94
N LYS C 189 -26.34 -9.87 9.61
CA LYS C 189 -25.30 -10.15 10.56
C LYS C 189 -24.04 -10.20 9.77
N CYS C 190 -24.00 -9.43 8.70
CA CYS C 190 -22.79 -9.29 7.87
C CYS C 190 -21.78 -8.38 8.53
N TYR C 191 -20.54 -8.87 8.58
CA TYR C 191 -19.42 -8.10 9.13
C TYR C 191 -19.05 -6.88 8.27
N ARG C 192 -19.45 -6.93 7.00
CA ARG C 192 -19.25 -5.84 6.08
C ARG C 192 -20.42 -4.87 6.02
N ARG C 193 -21.39 -5.01 6.91
CA ARG C 193 -22.55 -4.10 6.89
C ARG C 193 -22.17 -2.63 7.01
N ALA C 194 -21.20 -2.36 7.88
CA ALA C 194 -20.66 -1.02 8.06
C ALA C 194 -20.35 -0.32 6.73
N HIS C 195 -19.76 -1.07 5.80
CA HIS C 195 -19.41 -0.56 4.49
C HIS C 195 -20.61 -0.32 3.60
N PHE C 196 -21.54 -1.28 3.61
CA PHE C 196 -22.80 -1.20 2.86
C PHE C 196 -23.52 0.14 3.05
N ASP C 197 -24.03 0.37 4.27
CA ASP C 197 -24.78 1.57 4.58
C ASP C 197 -23.97 2.84 4.38
N ALA C 198 -22.65 2.73 4.57
CA ALA C 198 -21.70 3.81 4.32
C ALA C 198 -21.70 4.25 2.85
N GLY C 199 -21.90 3.28 1.96
CA GLY C 199 -21.86 3.52 0.52
C GLY C 199 -20.54 3.06 -0.07
N GLU C 200 -19.87 2.19 0.67
CA GLU C 200 -18.52 1.73 0.31
C GLU C 200 -18.53 0.32 -0.32
N PHE C 201 -18.42 0.25 -1.65
CA PHE C 201 -18.55 -1.03 -2.38
C PHE C 201 -17.38 -1.43 -3.24
N VAL C 202 -17.12 -2.73 -3.27
CA VAL C 202 -16.29 -3.33 -4.30
C VAL C 202 -16.95 -3.00 -5.65
N GLN C 203 -16.18 -2.53 -6.64
CA GLN C 203 -16.76 -2.24 -7.96
C GLN C 203 -16.41 -3.30 -8.98
N SER C 204 -15.19 -3.83 -8.88
CA SER C 204 -14.65 -4.83 -9.79
C SER C 204 -13.63 -5.59 -8.96
N TRP C 205 -13.32 -6.84 -9.34
CA TRP C 205 -12.61 -7.72 -8.41
C TRP C 205 -11.22 -7.24 -8.17
N ASP C 206 -10.72 -7.44 -6.97
CA ASP C 206 -9.33 -7.08 -6.60
C ASP C 206 -9.00 -5.59 -6.64
N ASP C 207 -10.02 -4.73 -6.72
CA ASP C 207 -9.78 -3.27 -6.70
C ASP C 207 -9.46 -2.80 -5.30
N ASP C 208 -9.02 -1.55 -5.17
CA ASP C 208 -8.67 -1.03 -3.86
C ASP C 208 -9.73 -1.29 -2.81
N ALA C 209 -10.99 -1.11 -3.17
CA ALA C 209 -12.14 -1.40 -2.30
C ALA C 209 -12.16 -2.85 -1.82
N ALA C 210 -12.00 -3.77 -2.76
CA ALA C 210 -12.03 -5.18 -2.45
C ALA C 210 -10.94 -5.62 -1.49
N ARG C 211 -9.82 -4.94 -1.55
CA ARG C 211 -8.69 -5.30 -0.73
C ARG C 211 -8.93 -4.90 0.74
N LYS C 212 -9.79 -3.90 0.93
CA LYS C 212 -10.09 -3.36 2.24
C LYS C 212 -11.33 -4.06 2.81
N GLY C 213 -11.90 -4.96 2.00
CA GLY C 213 -13.01 -5.80 2.42
C GLY C 213 -14.25 -4.96 2.50
N TYR C 214 -14.52 -4.20 1.45
CA TYR C 214 -15.75 -3.39 1.37
C TYR C 214 -16.93 -4.27 1.02
N CYS C 215 -18.11 -3.67 0.97
CA CYS C 215 -19.33 -4.42 0.70
C CYS C 215 -19.35 -5.00 -0.71
N LEU C 216 -19.92 -6.20 -0.84
CA LEU C 216 -20.03 -6.87 -2.15
C LEU C 216 -21.44 -6.77 -2.80
N TYR C 217 -22.36 -6.06 -2.15
CA TYR C 217 -23.64 -5.66 -2.75
C TYR C 217 -23.58 -5.41 -4.28
N LYS C 218 -22.67 -4.53 -4.70
CA LYS C 218 -22.57 -4.14 -6.08
C LYS C 218 -22.00 -5.25 -6.96
N MET C 219 -21.40 -6.26 -6.36
CA MET C 219 -20.96 -7.44 -7.12
C MET C 219 -22.04 -8.49 -7.11
N GLY C 220 -23.25 -8.04 -6.76
CA GLY C 220 -24.46 -8.86 -6.84
C GLY C 220 -24.75 -9.74 -5.65
N CYS C 221 -24.12 -9.44 -4.51
CA CYS C 221 -24.33 -10.20 -3.27
C CYS C 221 -25.81 -10.32 -2.98
N LYS C 222 -26.26 -11.51 -2.59
CA LYS C 222 -27.68 -11.69 -2.39
C LYS C 222 -28.05 -11.82 -0.92
N GLY C 223 -27.03 -11.67 -0.06
CA GLY C 223 -27.19 -11.70 1.39
C GLY C 223 -28.44 -10.97 1.90
N PRO C 224 -28.68 -9.73 1.40
CA PRO C 224 -29.90 -8.97 1.68
C PRO C 224 -31.22 -9.74 1.61
N THR C 225 -31.22 -10.87 0.90
CA THR C 225 -32.45 -11.67 0.69
C THR C 225 -32.28 -13.20 0.92
N THR C 226 -31.38 -13.55 1.82
CA THR C 226 -30.99 -14.93 2.01
C THR C 226 -30.90 -15.26 3.49
N TYR C 227 -31.77 -16.16 3.93
CA TYR C 227 -31.79 -16.58 5.31
C TYR C 227 -30.85 -17.78 5.52
N ASN C 228 -29.74 -17.54 6.23
CA ASN C 228 -28.80 -18.57 6.66
C ASN C 228 -28.03 -18.06 7.89
N ALA C 229 -26.92 -18.70 8.24
CA ALA C 229 -26.19 -18.35 9.44
C ALA C 229 -24.71 -18.20 9.13
N CYS C 230 -24.41 -18.04 7.85
CA CYS C 230 -23.03 -18.01 7.38
C CYS C 230 -22.22 -16.80 7.88
N SER C 231 -22.88 -15.66 8.07
CA SER C 231 -22.23 -14.48 8.57
C SER C 231 -22.00 -14.55 10.10
N SER C 232 -22.79 -15.36 10.76
CA SER C 232 -22.70 -15.46 12.22
CA SER C 232 -22.69 -15.47 12.21
C SER C 232 -21.91 -16.70 12.62
N THR C 233 -22.46 -17.88 12.33
CA THR C 233 -21.81 -19.16 12.64
C THR C 233 -20.57 -19.40 11.80
N ARG C 234 -20.69 -19.15 10.49
CA ARG C 234 -19.56 -19.24 9.56
C ARG C 234 -19.24 -20.69 9.23
N TRP C 235 -18.49 -20.87 8.15
CA TRP C 235 -18.15 -22.19 7.59
C TRP C 235 -16.84 -22.80 8.10
N ASN C 236 -16.88 -24.11 8.35
CA ASN C 236 -15.69 -24.91 8.56
C ASN C 236 -14.96 -24.49 9.81
N ASP C 237 -15.62 -24.65 10.95
CA ASP C 237 -15.06 -24.29 12.27
C ASP C 237 -14.78 -22.78 12.32
N GLY C 238 -15.77 -22.02 11.88
CA GLY C 238 -15.70 -20.55 11.91
C GLY C 238 -14.50 -19.96 11.19
N VAL C 239 -14.01 -20.64 10.16
CA VAL C 239 -12.87 -20.10 9.40
C VAL C 239 -13.27 -18.92 8.51
N SER C 240 -14.23 -19.12 7.62
CA SER C 240 -14.63 -18.08 6.66
C SER C 240 -16.04 -18.32 6.15
N PHE C 241 -16.43 -17.55 5.14
CA PHE C 241 -17.69 -17.73 4.41
C PHE C 241 -17.68 -16.85 3.16
N CYS C 242 -18.48 -17.25 2.16
CA CYS C 242 -18.54 -16.59 0.87
C CYS C 242 -18.06 -15.14 0.88
N ILE C 243 -18.69 -14.33 1.72
CA ILE C 243 -18.47 -12.87 1.70
C ILE C 243 -17.10 -12.49 2.24
N GLN C 244 -16.66 -13.16 3.30
CA GLN C 244 -15.37 -12.89 3.89
C GLN C 244 -14.30 -13.18 2.89
N SER C 245 -14.52 -14.21 2.08
CA SER C 245 -13.50 -14.67 1.13
C SER C 245 -13.61 -13.95 -0.22
N GLY C 246 -14.42 -12.91 -0.25
CA GLY C 246 -14.38 -11.97 -1.37
C GLY C 246 -15.44 -12.12 -2.46
N HIS C 247 -16.35 -13.10 -2.29
CA HIS C 247 -17.45 -13.33 -3.25
C HIS C 247 -18.80 -12.96 -2.64
N GLY C 248 -19.71 -12.43 -3.46
CA GLY C 248 -21.07 -12.16 -2.98
C GLY C 248 -21.86 -13.43 -2.61
N CYS C 249 -22.77 -13.33 -1.64
CA CYS C 249 -23.71 -14.41 -1.37
C CYS C 249 -24.50 -14.71 -2.64
N LEU C 250 -24.57 -16.01 -3.00
CA LEU C 250 -25.32 -16.47 -4.18
C LEU C 250 -26.76 -16.66 -3.77
N GLY C 251 -26.99 -16.77 -2.47
CA GLY C 251 -28.30 -17.03 -1.90
C GLY C 251 -28.64 -18.51 -1.92
N CYS C 252 -27.64 -19.35 -1.68
CA CYS C 252 -27.75 -20.76 -1.98
C CYS C 252 -28.60 -21.54 -0.99
N ALA C 253 -29.23 -20.83 -0.06
CA ALA C 253 -30.16 -21.44 0.87
C ALA C 253 -31.60 -21.04 0.57
N GLU C 254 -31.79 -20.34 -0.54
CA GLU C 254 -33.08 -19.75 -0.83
C GLU C 254 -33.75 -20.42 -2.02
N ASN C 255 -35.07 -20.52 -1.96
CA ASN C 255 -35.87 -21.20 -2.99
C ASN C 255 -35.67 -20.63 -4.37
N GLY C 256 -35.28 -21.48 -5.32
CA GLY C 256 -35.12 -21.08 -6.71
C GLY C 256 -34.06 -20.04 -6.99
N PHE C 257 -33.04 -19.99 -6.15
CA PHE C 257 -31.99 -18.97 -6.24
C PHE C 257 -31.16 -19.09 -7.51
N TRP C 258 -31.15 -20.28 -8.11
CA TRP C 258 -30.41 -20.52 -9.35
C TRP C 258 -31.00 -19.71 -10.49
N ASP C 259 -32.31 -19.47 -10.42
CA ASP C 259 -33.06 -18.77 -11.47
C ASP C 259 -33.32 -17.31 -11.22
N ARG C 260 -32.78 -16.78 -10.12
CA ARG C 260 -32.97 -15.40 -9.82
C ARG C 260 -31.80 -14.59 -10.37
N GLY C 261 -31.85 -14.40 -11.70
CA GLY C 261 -30.94 -13.53 -12.44
C GLY C 261 -29.52 -13.99 -12.32
N SER C 262 -28.58 -13.16 -12.78
CA SER C 262 -27.17 -13.50 -12.62
C SER C 262 -26.80 -13.38 -11.16
N PHE C 263 -25.76 -14.09 -10.77
CA PHE C 263 -25.23 -13.98 -9.42
C PHE C 263 -24.49 -12.66 -9.24
N TYR C 264 -23.97 -12.12 -10.35
CA TYR C 264 -23.18 -10.91 -10.28
C TYR C 264 -24.08 -9.74 -10.51
N SER C 265 -25.38 -10.01 -10.49
CA SER C 265 -26.31 -8.97 -10.82
C SER C 265 -27.25 -8.63 -9.68
N ARG C 266 -27.47 -7.32 -9.53
CA ARG C 266 -28.52 -6.77 -8.66
C ARG C 266 -29.58 -6.36 -9.67
N VAL C 267 -30.85 -6.60 -9.40
CA VAL C 267 -31.89 -6.48 -10.47
C VAL C 267 -31.73 -7.67 -11.46
N VAL C 268 -32.53 -8.71 -11.23
CA VAL C 268 -32.30 -10.02 -11.84
C VAL C 268 -33.51 -10.66 -12.57
N ASP C 269 -33.24 -11.75 -13.28
CA ASP C 269 -34.24 -12.54 -14.03
C ASP C 269 -35.51 -12.87 -13.25
N ILE C 270 -36.63 -12.40 -13.79
CA ILE C 270 -37.95 -12.76 -13.30
C ILE C 270 -38.43 -13.93 -14.16
N PRO C 271 -38.41 -15.16 -13.60
CA PRO C 271 -38.56 -16.36 -14.41
C PRO C 271 -39.90 -16.46 -15.13
N GLN C 272 -40.92 -15.80 -14.59
CA GLN C 272 -42.23 -15.80 -15.23
C GLN C 272 -42.26 -14.91 -16.47
N MET C 273 -41.40 -13.88 -16.50
CA MET C 273 -41.25 -13.02 -17.66
C MET C 273 -40.45 -13.69 -18.77
N GLY C 274 -40.03 -14.93 -18.55
CA GLY C 274 -39.39 -15.75 -19.58
C GLY C 274 -37.90 -15.59 -19.68
N THR C 275 -37.39 -16.01 -20.84
CA THR C 275 -35.96 -16.06 -21.17
C THR C 275 -35.05 -15.28 -20.21
N HIS C 276 -35.06 -13.96 -20.30
CA HIS C 276 -34.25 -13.12 -19.42
C HIS C 276 -35.03 -12.01 -18.76
N SER C 277 -35.53 -11.06 -19.55
CA SER C 277 -36.39 -9.97 -19.09
C SER C 277 -36.38 -9.70 -17.55
N THR C 278 -35.53 -8.77 -17.13
CA THR C 278 -35.41 -8.36 -15.74
C THR C 278 -36.35 -7.20 -15.42
N ALA C 279 -36.50 -6.88 -14.14
CA ALA C 279 -37.34 -5.78 -13.69
C ALA C 279 -37.11 -4.51 -14.51
N ASP C 280 -35.83 -4.14 -14.63
CA ASP C 280 -35.39 -3.04 -15.46
C ASP C 280 -35.85 -3.20 -16.93
N THR C 281 -35.48 -4.33 -17.55
CA THR C 281 -35.84 -4.64 -18.94
C THR C 281 -37.31 -4.39 -19.21
N VAL C 282 -38.17 -5.06 -18.43
CA VAL C 282 -39.63 -4.97 -18.63
C VAL C 282 -40.16 -3.56 -18.30
N GLY C 283 -39.66 -2.97 -17.21
CA GLY C 283 -40.00 -1.59 -16.85
C GLY C 283 -39.62 -0.58 -17.91
N LEU C 284 -38.38 -0.64 -18.36
CA LEU C 284 -37.87 0.26 -19.41
C LEU C 284 -38.49 0.04 -20.79
N THR C 285 -38.93 -1.20 -21.05
CA THR C 285 -39.74 -1.51 -22.22
C THR C 285 -41.05 -0.76 -22.11
N ALA C 286 -41.73 -0.89 -20.97
CA ALA C 286 -42.97 -0.18 -20.75
C ALA C 286 -42.79 1.34 -20.80
N LEU C 287 -41.70 1.83 -20.20
CA LEU C 287 -41.42 3.26 -20.17
C LEU C 287 -41.30 3.89 -21.58
N GLY C 288 -40.60 3.19 -22.46
CA GLY C 288 -40.45 3.61 -23.85
C GLY C 288 -41.70 3.41 -24.69
N VAL C 289 -42.58 2.50 -24.26
CA VAL C 289 -43.88 2.30 -24.92
C VAL C 289 -44.76 3.53 -24.72
N VAL C 290 -44.91 3.94 -23.46
CA VAL C 290 -45.73 5.10 -23.11
C VAL C 290 -45.03 6.39 -23.54
N ALA C 291 -43.70 6.34 -23.65
CA ALA C 291 -42.93 7.45 -24.19
C ALA C 291 -43.22 7.72 -25.67
N ALA C 292 -43.57 6.67 -26.40
CA ALA C 292 -43.96 6.77 -27.81
C ALA C 292 -45.47 7.00 -27.96
N ALA C 293 -46.25 6.45 -27.03
CA ALA C 293 -47.70 6.71 -26.93
C ALA C 293 -47.95 8.20 -26.65
N VAL C 294 -47.00 8.84 -25.98
CA VAL C 294 -46.97 10.30 -25.83
C VAL C 294 -46.63 10.96 -27.17
N GLY C 295 -45.67 10.39 -27.89
CA GLY C 295 -45.27 10.90 -29.21
C GLY C 295 -46.40 10.87 -30.23
N VAL C 296 -47.31 9.93 -30.08
CA VAL C 296 -48.40 9.74 -31.05
C VAL C 296 -49.60 10.69 -30.82
N HIS C 297 -49.95 10.96 -29.56
CA HIS C 297 -51.04 11.91 -29.22
C HIS C 297 -50.60 13.38 -29.30
N ALA C 298 -49.30 13.63 -29.11
CA ALA C 298 -48.72 14.96 -29.30
C ALA C 298 -48.66 15.29 -30.79
N VAL C 299 -48.34 14.29 -31.60
CA VAL C 299 -48.40 14.41 -33.05
C VAL C 299 -49.86 14.45 -33.53
N ALA C 300 -50.79 14.21 -32.60
CA ALA C 300 -52.23 14.27 -32.88
C ALA C 300 -52.86 15.58 -32.39
N SER C 301 -52.03 16.63 -32.29
CA SER C 301 -52.49 17.95 -31.82
C SER C 301 -52.94 18.85 -32.98
N ALA C 302 -54.02 18.44 -33.65
CA ALA C 302 -54.58 19.19 -34.78
C ALA C 302 -55.36 20.42 -34.32
N VAL C 303 -54.64 21.42 -33.80
CA VAL C 303 -55.24 22.69 -33.38
C VAL C 303 -55.34 23.67 -34.54
N SER D 2 -28.70 -66.28 -25.07
CA SER D 2 -27.36 -65.74 -24.67
C SER D 2 -26.42 -65.72 -25.86
N THR D 3 -25.68 -64.63 -26.01
CA THR D 3 -24.73 -64.46 -27.11
C THR D 3 -23.30 -64.29 -26.59
N GLN D 4 -22.32 -64.60 -27.44
CA GLN D 4 -20.90 -64.51 -27.07
C GLN D 4 -20.05 -63.88 -28.18
N TYR D 5 -19.18 -62.95 -27.81
CA TYR D 5 -18.27 -62.31 -28.77
C TYR D 5 -16.93 -61.92 -28.13
N GLU D 6 -15.89 -61.75 -28.94
CA GLU D 6 -14.55 -61.36 -28.46
C GLU D 6 -14.37 -59.85 -28.61
N THR D 7 -13.68 -59.22 -27.66
CA THR D 7 -13.31 -57.78 -27.74
C THR D 7 -12.16 -57.43 -26.80
N GLN D 8 -11.14 -56.75 -27.35
CA GLN D 8 -9.99 -56.26 -26.57
C GLN D 8 -9.24 -57.36 -25.80
N GLY D 9 -9.28 -58.58 -26.35
CA GLY D 9 -8.64 -59.76 -25.75
C GLY D 9 -9.50 -60.48 -24.73
N TYR D 10 -10.78 -60.13 -24.70
CA TYR D 10 -11.71 -60.65 -23.71
C TYR D 10 -12.81 -61.44 -24.39
N THR D 11 -13.38 -62.42 -23.69
CA THR D 11 -14.51 -63.17 -24.22
C THR D 11 -15.75 -62.89 -23.38
N ILE D 12 -16.57 -61.98 -23.90
CA ILE D 12 -17.80 -61.52 -23.26
C ILE D 12 -18.94 -62.51 -23.47
N ASN D 13 -19.34 -63.17 -22.39
CA ASN D 13 -20.36 -64.23 -22.44
C ASN D 13 -21.46 -64.03 -21.40
N ASN D 14 -22.70 -63.79 -21.86
CA ASN D 14 -23.84 -63.58 -20.96
C ASN D 14 -24.69 -64.83 -20.63
N ALA D 15 -24.11 -66.00 -20.91
CA ALA D 15 -24.68 -67.26 -20.45
C ALA D 15 -24.23 -67.51 -19.02
N GLY D 16 -25.02 -68.28 -18.30
CA GLY D 16 -24.70 -68.57 -16.90
C GLY D 16 -25.33 -67.57 -15.96
N ARG D 17 -25.45 -68.00 -14.68
CA ARG D 17 -26.09 -67.23 -13.62
CA ARG D 17 -26.09 -67.24 -13.62
C ARG D 17 -25.78 -65.73 -13.68
N ARG D 18 -26.82 -64.91 -13.54
CA ARG D 18 -26.74 -63.45 -13.57
C ARG D 18 -26.81 -62.85 -12.17
N LEU D 19 -25.80 -62.08 -11.78
CA LEU D 19 -25.78 -61.48 -10.47
C LEU D 19 -26.03 -59.99 -10.56
N VAL D 20 -26.86 -59.47 -9.65
CA VAL D 20 -27.22 -58.04 -9.65
C VAL D 20 -26.79 -57.30 -8.37
N VAL D 21 -25.88 -56.33 -8.54
CA VAL D 21 -25.46 -55.46 -7.45
C VAL D 21 -26.02 -54.06 -7.68
N ASP D 22 -27.19 -53.82 -7.09
CA ASP D 22 -27.91 -52.54 -7.15
C ASP D 22 -28.64 -52.33 -5.82
N PRO D 23 -28.28 -51.26 -5.07
CA PRO D 23 -27.34 -50.21 -5.43
C PRO D 23 -25.92 -50.45 -4.94
N ILE D 24 -24.95 -50.00 -5.76
CA ILE D 24 -23.56 -49.97 -5.37
C ILE D 24 -23.43 -48.94 -4.27
N THR D 25 -22.82 -49.33 -3.15
CA THR D 25 -22.61 -48.41 -2.01
C THR D 25 -21.15 -47.99 -1.84
N ARG D 26 -20.92 -47.07 -0.90
CA ARG D 26 -19.58 -46.51 -0.64
C ARG D 26 -18.96 -45.97 -1.93
N ILE D 27 -19.83 -45.36 -2.72
CA ILE D 27 -19.45 -44.55 -3.88
C ILE D 27 -20.27 -43.27 -3.85
N GLU D 28 -19.95 -42.35 -4.72
CA GLU D 28 -20.75 -41.15 -4.88
C GLU D 28 -21.89 -41.44 -5.88
N GLY D 29 -23.12 -41.13 -5.48
CA GLY D 29 -24.27 -41.23 -6.39
C GLY D 29 -24.85 -42.63 -6.60
N HIS D 30 -25.42 -42.85 -7.78
CA HIS D 30 -26.21 -44.05 -8.07
C HIS D 30 -25.66 -44.95 -9.19
N MET D 31 -25.21 -46.14 -8.81
CA MET D 31 -24.71 -47.11 -9.77
C MET D 31 -25.42 -48.48 -9.64
N ARG D 32 -25.65 -49.12 -10.78
CA ARG D 32 -26.10 -50.50 -10.84
C ARG D 32 -25.06 -51.33 -11.56
N CYS D 33 -24.71 -52.47 -10.98
CA CYS D 33 -23.79 -53.38 -11.62
C CYS D 33 -24.38 -54.77 -11.77
N GLU D 34 -24.27 -55.32 -12.98
CA GLU D 34 -24.73 -56.66 -13.28
C GLU D 34 -23.60 -57.48 -13.89
N VAL D 35 -23.58 -58.77 -13.59
CA VAL D 35 -22.55 -59.68 -14.11
C VAL D 35 -23.11 -61.05 -14.46
N ASN D 36 -22.28 -61.82 -15.15
CA ASN D 36 -22.54 -63.22 -15.39
C ASN D 36 -21.37 -64.05 -14.89
N ILE D 37 -21.68 -65.16 -14.22
CA ILE D 37 -20.66 -66.12 -13.79
C ILE D 37 -20.89 -67.50 -14.40
N ASN D 38 -19.82 -68.28 -14.48
CA ASN D 38 -19.88 -69.64 -15.02
C ASN D 38 -19.84 -70.71 -13.92
N ASP D 39 -19.46 -71.93 -14.28
CA ASP D 39 -19.38 -73.02 -13.32
C ASP D 39 -18.23 -72.83 -12.34
N GLN D 40 -17.16 -72.16 -12.78
CA GLN D 40 -15.98 -71.89 -11.94
C GLN D 40 -16.11 -70.60 -11.15
N ASN D 41 -17.31 -70.01 -11.14
CA ASN D 41 -17.58 -68.74 -10.45
C ASN D 41 -16.66 -67.60 -10.90
N VAL D 42 -16.43 -67.53 -12.21
CA VAL D 42 -15.56 -66.52 -12.82
C VAL D 42 -16.41 -65.59 -13.68
N ILE D 43 -16.17 -64.29 -13.55
CA ILE D 43 -16.95 -63.31 -14.31
C ILE D 43 -16.60 -63.36 -15.79
N THR D 44 -17.62 -63.64 -16.61
CA THR D 44 -17.47 -63.72 -18.05
C THR D 44 -18.24 -62.61 -18.77
N ASN D 45 -18.99 -61.81 -17.99
CA ASN D 45 -19.68 -60.62 -18.49
C ASN D 45 -19.88 -59.62 -17.36
N ALA D 46 -19.66 -58.34 -17.68
CA ALA D 46 -19.85 -57.21 -16.74
C ALA D 46 -20.65 -56.07 -17.37
N VAL D 47 -21.55 -55.51 -16.60
CA VAL D 47 -22.46 -54.47 -17.08
C VAL D 47 -22.40 -53.26 -16.15
N SER D 48 -21.99 -52.12 -16.69
CA SER D 48 -21.78 -50.90 -15.88
C SER D 48 -22.81 -49.80 -16.15
N CYS D 49 -23.78 -49.70 -15.27
CA CYS D 49 -24.90 -48.78 -15.45
C CYS D 49 -24.94 -47.64 -14.46
N GLY D 50 -25.04 -46.41 -14.95
CA GLY D 50 -25.25 -45.25 -14.09
C GLY D 50 -26.74 -44.97 -13.95
N THR D 51 -27.25 -45.08 -12.72
CA THR D 51 -28.69 -45.02 -12.48
C THR D 51 -29.22 -43.65 -12.02
N MET D 52 -28.59 -42.57 -12.51
CA MET D 52 -29.02 -41.20 -12.20
C MET D 52 -28.72 -40.25 -13.35
N PHE D 53 -29.44 -39.12 -13.38
CA PHE D 53 -29.21 -38.05 -14.37
C PHE D 53 -29.95 -36.80 -13.95
N ARG D 54 -29.30 -35.64 -14.13
CA ARG D 54 -29.86 -34.35 -13.70
C ARG D 54 -29.95 -33.34 -14.84
N GLY D 55 -28.91 -33.35 -15.69
CA GLY D 55 -28.91 -32.59 -16.93
C GLY D 55 -28.35 -31.19 -16.82
N LEU D 56 -27.12 -31.09 -16.35
CA LEU D 56 -26.45 -29.79 -16.22
C LEU D 56 -26.21 -29.14 -17.59
N GLU D 57 -25.80 -29.96 -18.54
CA GLU D 57 -25.54 -29.49 -19.90
C GLU D 57 -26.75 -28.75 -20.48
N ILE D 58 -27.95 -29.25 -20.16
CA ILE D 58 -29.18 -28.66 -20.66
C ILE D 58 -29.49 -27.37 -19.92
N ILE D 59 -29.32 -27.41 -18.60
CA ILE D 59 -29.62 -26.29 -17.71
C ILE D 59 -28.78 -25.06 -18.03
N LEU D 60 -27.49 -25.29 -18.24
CA LEU D 60 -26.50 -24.22 -18.51
C LEU D 60 -26.81 -23.29 -19.67
N GLN D 61 -27.70 -23.69 -20.57
CA GLN D 61 -27.91 -22.93 -21.80
C GLN D 61 -28.62 -21.60 -21.63
N GLY D 62 -27.99 -20.56 -22.18
CA GLY D 62 -28.50 -19.19 -22.16
C GLY D 62 -28.06 -18.43 -20.92
N ARG D 63 -27.24 -19.08 -20.09
CA ARG D 63 -26.72 -18.47 -18.86
C ARG D 63 -25.49 -17.58 -19.10
N ASP D 64 -25.31 -16.59 -18.24
CA ASP D 64 -24.13 -15.77 -18.27
C ASP D 64 -22.92 -16.67 -17.95
N PRO D 65 -21.97 -16.78 -18.90
CA PRO D 65 -20.79 -17.66 -18.74
C PRO D 65 -20.04 -17.47 -17.42
N ARG D 66 -20.18 -16.29 -16.82
CA ARG D 66 -19.55 -16.01 -15.54
C ARG D 66 -20.32 -16.68 -14.40
N ASP D 67 -21.57 -17.04 -14.65
CA ASP D 67 -22.38 -17.79 -13.67
C ASP D 67 -22.16 -19.32 -13.77
N ALA D 68 -21.53 -19.76 -14.86
CA ALA D 68 -21.41 -21.18 -15.16
C ALA D 68 -20.68 -21.99 -14.11
N TRP D 69 -19.53 -21.51 -13.62
CA TRP D 69 -18.73 -22.26 -12.64
C TRP D 69 -19.54 -22.68 -11.43
N ALA D 70 -20.48 -21.82 -11.04
CA ALA D 70 -21.32 -22.06 -9.86
C ALA D 70 -22.27 -23.24 -10.08
N PHE D 71 -22.91 -23.26 -11.26
CA PHE D 71 -23.81 -24.31 -11.68
C PHE D 71 -23.09 -25.65 -11.79
N VAL D 72 -22.01 -25.69 -12.57
CA VAL D 72 -21.31 -26.95 -12.81
C VAL D 72 -20.47 -27.41 -11.63
N GLU D 73 -20.22 -26.53 -10.65
CA GLU D 73 -19.51 -27.01 -9.46
C GLU D 73 -20.40 -28.02 -8.77
N ARG D 74 -21.70 -27.72 -8.78
CA ARG D 74 -22.74 -28.56 -8.17
C ARG D 74 -23.00 -29.82 -8.98
N ILE D 75 -22.10 -30.17 -9.89
CA ILE D 75 -22.13 -31.49 -10.51
C ILE D 75 -21.84 -32.56 -9.43
N CYS D 76 -20.81 -32.30 -8.62
CA CYS D 76 -20.42 -33.25 -7.58
C CYS D 76 -19.92 -32.57 -6.32
N GLY D 77 -20.46 -33.03 -5.19
CA GLY D 77 -20.08 -32.53 -3.87
C GLY D 77 -18.85 -33.22 -3.31
N VAL D 78 -18.57 -34.43 -3.80
CA VAL D 78 -17.35 -35.14 -3.38
C VAL D 78 -16.12 -34.50 -4.04
N CYS D 79 -16.08 -34.48 -5.37
CA CYS D 79 -14.99 -33.78 -6.07
C CYS D 79 -15.33 -32.31 -6.22
N THR D 80 -15.86 -31.75 -5.13
CA THR D 80 -16.25 -30.34 -5.10
C THR D 80 -15.11 -29.39 -5.48
N GLY D 81 -15.36 -28.60 -6.52
CA GLY D 81 -14.47 -27.54 -6.88
C GLY D 81 -13.76 -27.79 -8.18
N VAL D 82 -13.60 -29.06 -8.54
CA VAL D 82 -12.85 -29.38 -9.76
C VAL D 82 -13.61 -28.93 -11.01
N HIS D 83 -14.93 -29.01 -10.95
CA HIS D 83 -15.78 -28.62 -12.07
C HIS D 83 -15.81 -27.12 -12.28
N ALA D 84 -15.76 -26.39 -11.17
CA ALA D 84 -15.69 -24.95 -11.20
C ALA D 84 -14.39 -24.55 -11.90
N LEU D 85 -13.30 -25.21 -11.49
CA LEU D 85 -12.00 -24.94 -12.04
C LEU D 85 -11.99 -25.18 -13.54
N ALA D 86 -12.57 -26.31 -13.92
CA ALA D 86 -12.73 -26.69 -15.31
C ALA D 86 -13.57 -25.67 -16.06
N SER D 87 -14.55 -25.09 -15.38
CA SER D 87 -15.39 -24.07 -15.97
C SER D 87 -14.60 -22.79 -16.23
N VAL D 88 -14.10 -22.18 -15.16
CA VAL D 88 -13.43 -20.92 -15.31
C VAL D 88 -12.40 -21.08 -16.40
N TYR D 89 -11.67 -22.21 -16.38
CA TYR D 89 -10.64 -22.49 -17.37
C TYR D 89 -11.14 -22.31 -18.82
N ALA D 90 -12.34 -22.85 -19.06
CA ALA D 90 -12.97 -22.88 -20.36
C ALA D 90 -13.53 -21.55 -20.81
N ILE D 91 -14.22 -20.85 -19.91
CA ILE D 91 -14.74 -19.53 -20.24
C ILE D 91 -13.59 -18.57 -20.60
N GLU D 92 -12.48 -18.69 -19.87
CA GLU D 92 -11.27 -17.90 -20.11
C GLU D 92 -10.64 -18.30 -21.44
N ASP D 93 -10.68 -19.59 -21.75
CA ASP D 93 -10.16 -20.06 -23.02
C ASP D 93 -10.98 -19.49 -24.15
N ALA D 94 -12.28 -19.34 -23.92
CA ALA D 94 -13.21 -18.83 -24.91
C ALA D 94 -13.02 -17.32 -25.14
N ILE D 95 -13.21 -16.54 -24.09
CA ILE D 95 -13.11 -15.08 -24.14
C ILE D 95 -11.67 -14.64 -24.40
N GLY D 96 -10.72 -15.44 -23.94
CA GLY D 96 -9.31 -15.09 -24.08
C GLY D 96 -8.87 -14.18 -22.96
N ILE D 97 -9.21 -14.60 -21.74
CA ILE D 97 -8.82 -13.91 -20.52
C ILE D 97 -7.56 -14.57 -19.99
N LYS D 98 -6.64 -13.79 -19.44
CA LYS D 98 -5.42 -14.33 -18.82
C LYS D 98 -5.32 -13.88 -17.36
N VAL D 99 -5.21 -14.84 -16.46
CA VAL D 99 -5.32 -14.55 -15.03
C VAL D 99 -3.96 -14.21 -14.47
N PRO D 100 -3.93 -13.45 -13.37
CA PRO D 100 -2.68 -13.09 -12.69
C PRO D 100 -2.04 -14.30 -12.01
N ASP D 101 -0.72 -14.25 -11.87
CA ASP D 101 0.01 -15.39 -11.36
C ASP D 101 -0.64 -15.94 -10.09
N ASN D 102 -0.83 -15.07 -9.10
CA ASN D 102 -1.34 -15.53 -7.81
C ASN D 102 -2.65 -16.29 -7.95
N ALA D 103 -3.48 -15.87 -8.89
CA ALA D 103 -4.78 -16.49 -9.15
C ALA D 103 -4.57 -17.96 -9.44
N ASN D 104 -3.64 -18.23 -10.36
CA ASN D 104 -3.26 -19.58 -10.69
C ASN D 104 -2.75 -20.33 -9.46
N ILE D 105 -1.72 -19.77 -8.81
CA ILE D 105 -1.07 -20.42 -7.65
C ILE D 105 -2.09 -20.83 -6.58
N ILE D 106 -3.07 -19.95 -6.38
CA ILE D 106 -4.22 -20.20 -5.52
C ILE D 106 -5.12 -21.36 -6.04
N ARG D 107 -5.48 -21.29 -7.33
CA ARG D 107 -6.31 -22.31 -7.93
C ARG D 107 -5.65 -23.67 -7.82
N ASN D 108 -4.33 -23.71 -8.06
CA ASN D 108 -3.56 -24.93 -7.94
C ASN D 108 -3.58 -25.43 -6.50
N ILE D 109 -3.60 -24.50 -5.55
CA ILE D 109 -3.70 -24.88 -4.14
C ILE D 109 -5.07 -25.50 -3.89
N MET D 110 -6.11 -24.87 -4.43
CA MET D 110 -7.44 -25.41 -4.33
C MET D 110 -7.49 -26.83 -4.85
N LEU D 111 -6.82 -27.10 -5.97
CA LEU D 111 -6.89 -28.42 -6.54
C LEU D 111 -6.06 -29.45 -5.76
N ALA D 112 -4.83 -29.07 -5.40
CA ALA D 112 -3.98 -29.94 -4.59
C ALA D 112 -4.68 -30.32 -3.28
N THR D 113 -5.37 -29.34 -2.67
CA THR D 113 -6.22 -29.56 -1.51
C THR D 113 -7.35 -30.59 -1.79
N LEU D 114 -8.06 -30.43 -2.91
CA LEU D 114 -9.10 -31.37 -3.27
C LEU D 114 -8.57 -32.80 -3.42
N TRP D 115 -7.39 -32.92 -4.04
CA TRP D 115 -6.72 -34.22 -4.19
C TRP D 115 -6.43 -34.88 -2.82
N CYS D 116 -5.82 -34.11 -1.92
CA CYS D 116 -5.42 -34.60 -0.61
C CYS D 116 -6.61 -35.07 0.17
N HIS D 117 -7.66 -34.26 0.17
CA HIS D 117 -8.86 -34.54 0.92
C HIS D 117 -9.61 -35.69 0.28
N ASP D 118 -9.94 -35.54 -1.01
CA ASP D 118 -10.76 -36.52 -1.72
C ASP D 118 -10.17 -37.93 -1.63
N HIS D 119 -8.87 -38.05 -1.92
CA HIS D 119 -8.16 -39.34 -1.88
C HIS D 119 -8.21 -39.99 -0.49
N LEU D 120 -8.00 -39.17 0.53
CA LEU D 120 -8.01 -39.65 1.92
C LEU D 120 -9.36 -40.21 2.33
N VAL D 121 -10.41 -39.43 2.11
CA VAL D 121 -11.77 -39.84 2.42
C VAL D 121 -12.13 -41.14 1.69
N HIS D 122 -11.74 -41.24 0.41
CA HIS D 122 -11.98 -42.47 -0.34
C HIS D 122 -11.32 -43.71 0.31
N PHE D 123 -10.01 -43.59 0.55
CA PHE D 123 -9.20 -44.70 1.08
C PHE D 123 -9.75 -45.29 2.37
N TYR D 124 -10.30 -44.45 3.23
CA TYR D 124 -10.82 -44.90 4.50
C TYR D 124 -12.33 -45.03 4.48
N GLN D 125 -13.04 -43.94 4.19
CA GLN D 125 -14.49 -43.96 4.37
C GLN D 125 -15.21 -44.80 3.36
N LEU D 126 -14.74 -44.75 2.12
CA LEU D 126 -15.35 -45.50 1.03
C LEU D 126 -14.76 -46.92 0.83
N ALA D 127 -13.52 -46.97 0.33
CA ALA D 127 -12.88 -48.24 -0.06
C ALA D 127 -12.39 -49.08 1.11
N GLY D 128 -12.13 -48.45 2.24
CA GLY D 128 -11.46 -49.10 3.36
C GLY D 128 -12.06 -50.42 3.76
N MET D 129 -13.37 -50.44 3.97
CA MET D 129 -14.04 -51.62 4.49
C MET D 129 -13.99 -52.84 3.58
N ASP D 130 -13.63 -52.64 2.32
CA ASP D 130 -13.40 -53.74 1.40
C ASP D 130 -12.25 -54.60 1.86
N TRP D 131 -11.28 -53.98 2.53
CA TRP D 131 -10.01 -54.62 2.92
C TRP D 131 -9.87 -54.86 4.42
N ILE D 132 -10.46 -53.97 5.20
CA ILE D 132 -10.38 -54.02 6.66
C ILE D 132 -11.63 -54.66 7.27
N ASP D 133 -11.45 -55.86 7.84
CA ASP D 133 -12.54 -56.58 8.47
C ASP D 133 -12.80 -55.94 9.83
N VAL D 134 -13.72 -54.98 9.84
CA VAL D 134 -14.04 -54.18 11.03
C VAL D 134 -14.30 -55.05 12.28
N LEU D 135 -15.20 -56.02 12.15
CA LEU D 135 -15.61 -56.80 13.30
C LEU D 135 -14.50 -57.71 13.82
N ASP D 136 -13.51 -57.99 12.97
CA ASP D 136 -12.38 -58.84 13.34
C ASP D 136 -11.40 -58.11 14.28
N ALA D 137 -11.52 -56.78 14.34
CA ALA D 137 -10.74 -55.95 15.24
C ALA D 137 -11.02 -56.31 16.69
N LEU D 138 -12.26 -56.72 16.95
CA LEU D 138 -12.67 -57.15 18.28
C LEU D 138 -11.90 -58.38 18.81
N LYS D 139 -11.26 -59.12 17.91
N LYS D 139 -11.26 -59.12 17.91
CA LYS D 139 -10.44 -60.28 18.30
CA LYS D 139 -10.43 -60.28 18.25
C LYS D 139 -8.95 -59.95 18.36
C LYS D 139 -9.00 -59.86 18.62
N ALA D 140 -8.60 -58.69 18.14
CA ALA D 140 -7.20 -58.23 18.20
C ALA D 140 -6.66 -57.98 19.60
N ASP D 141 -5.38 -58.31 19.80
CA ASP D 141 -4.63 -57.95 21.01
C ASP D 141 -4.06 -56.53 20.84
N PRO D 142 -4.48 -55.59 21.72
CA PRO D 142 -4.03 -54.20 21.62
C PRO D 142 -2.51 -54.05 21.64
N ARG D 143 -1.82 -54.81 22.48
CA ARG D 143 -0.35 -54.71 22.59
C ARG D 143 0.37 -55.04 21.28
N LYS D 144 -0.11 -56.08 20.58
CA LYS D 144 0.43 -56.44 19.27
C LYS D 144 0.01 -55.46 18.18
N THR D 145 -1.19 -54.89 18.32
CA THR D 145 -1.66 -53.84 17.41
C THR D 145 -0.75 -52.61 17.53
N SER D 146 -0.39 -52.28 18.76
CA SER D 146 0.59 -51.23 19.06
C SER D 146 1.93 -51.54 18.42
N GLU D 147 2.48 -52.72 18.72
CA GLU D 147 3.75 -53.19 18.16
CA GLU D 147 3.76 -53.15 18.17
C GLU D 147 3.78 -53.12 16.63
N LEU D 148 2.65 -53.46 15.99
CA LEU D 148 2.53 -53.47 14.53
C LEU D 148 2.58 -52.07 13.95
N ALA D 149 1.70 -51.20 14.44
CA ALA D 149 1.62 -49.83 13.96
C ALA D 149 2.96 -49.13 14.11
N GLN D 150 3.71 -49.52 15.14
CA GLN D 150 4.96 -48.85 15.43
C GLN D 150 6.06 -49.33 14.49
N SER D 151 5.92 -50.56 14.03
CA SER D 151 6.86 -51.11 13.08
C SER D 151 6.70 -50.49 11.69
N LEU D 152 5.49 -50.01 11.38
CA LEU D 152 5.19 -49.48 10.05
C LEU D 152 5.30 -47.98 9.91
N SER D 153 5.21 -47.26 11.03
CA SER D 153 5.02 -45.81 10.99
C SER D 153 5.52 -45.12 12.22
N SER D 154 6.03 -43.89 12.01
CA SER D 154 6.49 -43.02 13.09
CA SER D 154 6.49 -43.03 13.11
C SER D 154 5.34 -42.18 13.68
N TRP D 155 4.12 -42.48 13.24
CA TRP D 155 2.93 -41.79 13.71
C TRP D 155 2.83 -41.95 15.22
N PRO D 156 2.62 -40.84 15.93
CA PRO D 156 2.58 -40.80 17.38
C PRO D 156 1.46 -41.63 18.04
N LYS D 157 0.24 -41.57 17.51
CA LYS D 157 -0.89 -42.28 18.12
C LYS D 157 -0.80 -43.78 17.88
N SER D 158 -0.23 -44.49 18.85
CA SER D 158 0.05 -45.92 18.70
C SER D 158 0.15 -46.72 20.01
N SER D 159 -0.16 -46.07 21.13
CA SER D 159 -0.08 -46.72 22.46
C SER D 159 -1.04 -47.89 22.56
N PRO D 160 -0.64 -48.94 23.29
CA PRO D 160 -1.49 -50.11 23.46
C PRO D 160 -2.80 -49.75 24.13
N GLY D 161 -2.76 -48.73 24.99
CA GLY D 161 -3.96 -48.21 25.63
C GLY D 161 -4.90 -47.59 24.61
N TYR D 162 -4.31 -46.91 23.62
CA TYR D 162 -5.09 -46.26 22.58
C TYR D 162 -5.88 -47.26 21.77
N PHE D 163 -5.22 -48.30 21.26
CA PHE D 163 -5.91 -49.30 20.47
C PHE D 163 -6.96 -50.04 21.30
N PHE D 164 -6.74 -50.09 22.61
CA PHE D 164 -7.67 -50.72 23.54
C PHE D 164 -8.96 -49.92 23.71
N ASP D 165 -8.84 -48.60 23.84
CA ASP D 165 -10.00 -47.72 23.91
CA ASP D 165 -10.01 -47.70 23.89
C ASP D 165 -10.82 -47.84 22.61
N VAL D 166 -10.13 -47.72 21.47
CA VAL D 166 -10.75 -47.88 20.15
C VAL D 166 -11.51 -49.20 20.08
N GLN D 167 -10.86 -50.27 20.51
CA GLN D 167 -11.48 -51.58 20.49
C GLN D 167 -12.72 -51.59 21.38
N ASN D 168 -12.59 -51.05 22.59
CA ASN D 168 -13.71 -51.01 23.54
CA ASN D 168 -13.72 -51.04 23.53
C ASN D 168 -14.88 -50.17 23.03
N ARG D 169 -14.55 -49.01 22.46
CA ARG D 169 -15.55 -48.11 21.85
CA ARG D 169 -15.59 -48.15 21.92
C ARG D 169 -16.40 -48.89 20.84
N LEU D 170 -15.69 -49.59 19.95
CA LEU D 170 -16.33 -50.43 18.94
C LEU D 170 -17.10 -51.59 19.60
N LYS D 171 -16.53 -52.19 20.65
CA LYS D 171 -17.23 -53.23 21.38
C LYS D 171 -18.51 -52.67 22.00
N LYS D 172 -18.44 -51.46 22.54
CA LYS D 172 -19.62 -50.73 23.03
C LYS D 172 -20.64 -50.51 21.91
N PHE D 173 -20.19 -49.93 20.80
CA PHE D 173 -21.04 -49.74 19.61
C PHE D 173 -21.81 -51.00 19.17
N VAL D 174 -21.08 -52.08 18.91
CA VAL D 174 -21.65 -53.32 18.41
CA VAL D 174 -21.68 -53.30 18.40
C VAL D 174 -22.50 -54.04 19.45
N GLU D 175 -22.06 -53.99 20.71
CA GLU D 175 -22.70 -54.70 21.84
C GLU D 175 -24.22 -54.55 21.96
N GLY D 176 -24.75 -53.40 21.53
CA GLY D 176 -26.18 -53.11 21.62
C GLY D 176 -27.05 -53.66 20.49
N GLY D 177 -26.43 -54.30 19.50
CA GLY D 177 -27.15 -54.87 18.36
C GLY D 177 -27.47 -53.84 17.29
N GLN D 178 -26.83 -52.66 17.39
CA GLN D 178 -27.05 -51.56 16.45
C GLN D 178 -25.82 -51.35 15.60
N LEU D 179 -25.47 -52.37 14.82
CA LEU D 179 -24.26 -52.33 13.99
C LEU D 179 -24.16 -51.10 13.07
N GLY D 180 -25.30 -50.43 12.86
CA GLY D 180 -25.38 -49.22 12.06
C GLY D 180 -24.89 -49.44 10.64
N ILE D 181 -23.71 -48.89 10.34
CA ILE D 181 -23.15 -48.93 8.99
C ILE D 181 -22.45 -50.26 8.68
N PHE D 182 -22.10 -51.01 9.73
CA PHE D 182 -21.47 -52.31 9.57
C PHE D 182 -22.51 -53.42 9.46
N ARG D 183 -23.78 -53.04 9.55
CA ARG D 183 -24.90 -53.98 9.56
C ARG D 183 -25.00 -54.80 8.27
N ASN D 184 -25.17 -56.12 8.42
CA ASN D 184 -25.27 -57.06 7.29
C ASN D 184 -24.11 -56.87 6.28
N GLY D 185 -22.93 -56.52 6.79
CA GLY D 185 -21.73 -56.33 5.98
C GLY D 185 -21.18 -57.65 5.51
N TYR D 186 -19.92 -57.65 5.06
CA TYR D 186 -19.32 -58.85 4.48
C TYR D 186 -18.29 -59.58 5.34
N TRP D 187 -18.20 -59.13 6.59
CA TRP D 187 -17.22 -59.59 7.57
C TRP D 187 -17.19 -61.10 7.66
N GLY D 188 -15.98 -61.66 7.63
CA GLY D 188 -15.80 -63.11 7.65
C GLY D 188 -15.73 -63.76 6.28
N HIS D 189 -15.79 -62.96 5.22
CA HIS D 189 -15.58 -63.42 3.86
C HIS D 189 -14.12 -63.86 3.74
N PRO D 190 -13.86 -64.98 3.04
CA PRO D 190 -12.49 -65.51 2.99
C PRO D 190 -11.48 -64.64 2.22
N GLN D 191 -11.97 -63.62 1.52
CA GLN D 191 -11.08 -62.65 0.86
C GLN D 191 -10.56 -61.54 1.79
N TYR D 192 -11.15 -61.42 2.98
CA TYR D 192 -10.58 -60.58 4.04
C TYR D 192 -9.35 -61.29 4.54
N LYS D 193 -8.19 -60.66 4.36
CA LYS D 193 -6.92 -61.32 4.63
C LYS D 193 -6.10 -60.60 5.68
N LEU D 194 -6.66 -59.56 6.30
CA LEU D 194 -5.95 -58.87 7.37
C LEU D 194 -6.02 -59.63 8.70
N PRO D 195 -4.88 -59.74 9.42
CA PRO D 195 -4.85 -60.36 10.75
C PRO D 195 -5.56 -59.47 11.78
N PRO D 196 -6.08 -60.06 12.87
CA PRO D 196 -6.79 -59.31 13.91
C PRO D 196 -6.20 -57.93 14.18
N GLU D 197 -4.90 -57.90 14.45
CA GLU D 197 -4.21 -56.65 14.84
CA GLU D 197 -4.21 -56.66 14.84
C GLU D 197 -4.20 -55.58 13.75
N ALA D 198 -4.11 -55.99 12.49
CA ALA D 198 -4.12 -55.04 11.38
C ALA D 198 -5.51 -54.46 11.19
N ASN D 199 -6.53 -55.28 11.41
CA ASN D 199 -7.92 -54.85 11.34
C ASN D 199 -8.24 -53.75 12.34
N LEU D 200 -7.80 -53.93 13.59
CA LEU D 200 -7.96 -52.89 14.61
C LEU D 200 -7.14 -51.63 14.27
N MET D 201 -5.91 -51.84 13.80
CA MET D 201 -5.05 -50.72 13.39
C MET D 201 -5.75 -49.94 12.29
N GLY D 202 -6.30 -50.66 11.31
CA GLY D 202 -7.03 -50.04 10.21
C GLY D 202 -8.22 -49.23 10.69
N PHE D 203 -9.07 -49.86 11.51
CA PHE D 203 -10.31 -49.23 11.97
C PHE D 203 -10.07 -47.99 12.79
N ALA D 204 -9.00 -48.01 13.58
CA ALA D 204 -8.60 -46.86 14.36
C ALA D 204 -8.19 -45.69 13.44
N HIS D 205 -7.51 -46.05 12.35
CA HIS D 205 -7.09 -45.10 11.35
C HIS D 205 -8.30 -44.58 10.57
N TYR D 206 -9.26 -45.47 10.31
CA TYR D 206 -10.56 -45.09 9.71
C TYR D 206 -11.23 -43.92 10.44
N LEU D 207 -11.16 -43.94 11.75
CA LEU D 207 -11.86 -42.96 12.57
C LEU D 207 -11.02 -41.72 12.65
N GLU D 208 -9.70 -41.89 12.81
CA GLU D 208 -8.77 -40.76 12.82
C GLU D 208 -8.87 -39.95 11.54
N ALA D 209 -8.96 -40.65 10.41
CA ALA D 209 -9.12 -40.05 9.10
C ALA D 209 -10.44 -39.32 8.98
N LEU D 210 -11.52 -39.94 9.43
CA LEU D 210 -12.83 -39.34 9.36
C LEU D 210 -12.89 -38.13 10.25
N ASP D 211 -11.95 -38.02 11.19
CA ASP D 211 -11.81 -36.80 11.98
C ASP D 211 -10.95 -35.76 11.27
N PHE D 212 -9.82 -36.20 10.76
CA PHE D 212 -8.84 -35.26 10.25
C PHE D 212 -9.28 -34.62 8.96
N GLN D 213 -10.03 -35.38 8.16
CA GLN D 213 -10.41 -34.94 6.81
C GLN D 213 -10.96 -33.51 6.78
N ARG D 214 -11.77 -33.19 7.79
CA ARG D 214 -12.45 -31.91 7.90
C ARG D 214 -11.49 -30.73 7.97
N GLU D 215 -10.28 -30.96 8.47
CA GLU D 215 -9.32 -29.88 8.67
C GLU D 215 -8.64 -29.46 7.36
N ILE D 216 -8.45 -30.43 6.47
CA ILE D 216 -7.79 -30.19 5.19
C ILE D 216 -8.52 -29.10 4.40
N VAL D 217 -9.86 -29.19 4.39
CA VAL D 217 -10.69 -28.26 3.62
C VAL D 217 -10.71 -26.81 4.12
N LYS D 218 -10.19 -26.56 5.31
CA LYS D 218 -10.05 -25.20 5.80
C LYS D 218 -9.27 -24.33 4.79
N ILE D 219 -8.38 -24.95 4.04
CA ILE D 219 -7.62 -24.27 2.99
C ILE D 219 -8.59 -23.70 1.95
N HIS D 220 -9.59 -24.52 1.61
CA HIS D 220 -10.69 -24.07 0.74
C HIS D 220 -11.46 -22.94 1.39
N ALA D 221 -11.72 -23.06 2.69
CA ALA D 221 -12.50 -22.07 3.41
C ALA D 221 -11.85 -20.71 3.38
N VAL D 222 -10.52 -20.70 3.45
CA VAL D 222 -9.76 -19.46 3.37
C VAL D 222 -9.96 -18.78 2.01
N PHE D 223 -9.59 -19.48 0.93
CA PHE D 223 -9.52 -18.88 -0.42
C PHE D 223 -10.89 -18.88 -1.08
N GLY D 224 -11.57 -20.02 -0.95
CA GLY D 224 -12.86 -20.25 -1.58
C GLY D 224 -14.02 -19.73 -0.76
N GLY D 225 -13.82 -19.56 0.55
CA GLY D 225 -14.88 -19.05 1.39
C GLY D 225 -15.55 -20.14 2.21
N LYS D 226 -15.77 -21.29 1.57
CA LYS D 226 -16.44 -22.42 2.21
C LYS D 226 -16.07 -23.73 1.52
N ASN D 227 -16.30 -24.84 2.21
CA ASN D 227 -16.21 -26.15 1.62
C ASN D 227 -17.19 -27.03 2.37
N PRO D 228 -18.00 -27.85 1.65
CA PRO D 228 -18.10 -28.00 0.19
C PRO D 228 -18.47 -26.74 -0.61
N HIS D 229 -18.22 -26.85 -1.92
CA HIS D 229 -18.65 -25.88 -2.91
C HIS D 229 -18.14 -24.46 -2.70
N PRO D 230 -16.83 -24.24 -2.84
CA PRO D 230 -16.21 -22.93 -2.75
C PRO D 230 -16.54 -21.99 -3.92
N ASN D 231 -16.08 -20.74 -3.84
CA ASN D 231 -16.41 -19.76 -4.85
C ASN D 231 -15.23 -19.39 -5.74
N TRP D 232 -15.54 -19.05 -6.99
CA TRP D 232 -14.52 -18.73 -7.98
C TRP D 232 -14.94 -17.53 -8.85
N ILE D 233 -14.03 -16.97 -9.65
CA ILE D 233 -14.45 -16.05 -10.72
C ILE D 233 -13.73 -16.25 -12.03
N VAL D 234 -14.43 -15.98 -13.13
CA VAL D 234 -13.80 -15.74 -14.43
C VAL D 234 -12.89 -14.48 -14.32
N GLY D 235 -11.60 -14.70 -14.50
CA GLY D 235 -10.62 -13.64 -14.38
C GLY D 235 -9.60 -13.91 -13.31
N GLY D 236 -9.87 -14.91 -12.45
CA GLY D 236 -8.90 -15.33 -11.44
C GLY D 236 -9.50 -15.85 -10.18
N MET D 237 -9.36 -15.09 -9.09
CA MET D 237 -9.98 -15.44 -7.81
C MET D 237 -10.50 -14.22 -7.04
N PRO D 238 -11.66 -14.38 -6.35
CA PRO D 238 -12.26 -13.27 -5.60
C PRO D 238 -11.45 -12.82 -4.37
N CYS D 239 -10.62 -13.73 -3.85
CA CYS D 239 -10.02 -13.62 -2.51
C CYS D 239 -8.82 -12.70 -2.50
N ALA D 240 -9.15 -11.42 -2.56
CA ALA D 240 -8.16 -10.34 -2.71
C ALA D 240 -7.22 -10.40 -1.53
N ILE D 241 -5.98 -10.05 -1.77
CA ILE D 241 -4.95 -10.21 -0.77
C ILE D 241 -4.51 -8.85 -0.26
N ASN D 242 -4.55 -8.68 1.07
CA ASN D 242 -3.95 -7.50 1.70
C ASN D 242 -2.99 -7.89 2.84
N ILE D 243 -1.72 -7.46 2.73
CA ILE D 243 -0.70 -7.93 3.64
C ILE D 243 -0.15 -6.90 4.63
N ASP D 244 0.00 -5.65 4.22
CA ASP D 244 0.47 -4.64 5.17
C ASP D 244 0.00 -3.25 4.79
N GLU D 245 -1.28 -3.17 4.45
CA GLU D 245 -1.97 -1.87 4.27
C GLU D 245 -3.19 -1.82 5.16
N SER D 246 -3.66 -0.60 5.38
CA SER D 246 -4.85 -0.40 6.17
C SER D 246 -5.97 -1.26 5.62
N GLY D 247 -6.62 -2.02 6.48
CA GLY D 247 -7.76 -2.82 6.08
C GLY D 247 -7.42 -4.21 5.55
N ALA D 248 -6.33 -4.79 6.05
CA ALA D 248 -5.91 -6.14 5.69
C ALA D 248 -6.82 -7.11 6.37
N VAL D 249 -7.66 -6.57 7.25
CA VAL D 249 -8.65 -7.36 7.95
C VAL D 249 -9.77 -7.72 6.99
N GLY D 250 -9.83 -7.02 5.87
CA GLY D 250 -10.85 -7.30 4.87
C GLY D 250 -10.41 -8.23 3.74
N ALA D 251 -9.27 -8.90 3.91
CA ALA D 251 -8.66 -9.64 2.81
C ALA D 251 -7.91 -10.84 3.31
N VAL D 252 -7.35 -11.61 2.38
CA VAL D 252 -6.24 -12.55 2.70
C VAL D 252 -4.98 -11.85 3.29
N ASN D 253 -4.73 -12.12 4.56
CA ASN D 253 -3.65 -11.49 5.25
C ASN D 253 -2.71 -12.49 5.92
N MET D 254 -1.65 -11.94 6.53
CA MET D 254 -0.59 -12.72 7.12
CA MET D 254 -0.57 -12.72 7.14
C MET D 254 -1.11 -13.79 8.06
N GLU D 255 -2.18 -13.46 8.79
CA GLU D 255 -2.84 -14.43 9.70
C GLU D 255 -3.55 -15.56 8.95
N ARG D 256 -4.29 -15.19 7.90
CA ARG D 256 -5.00 -16.15 7.06
CA ARG D 256 -5.01 -16.16 7.09
C ARG D 256 -4.02 -17.07 6.39
N LEU D 257 -2.97 -16.50 5.81
CA LEU D 257 -1.94 -17.31 5.20
C LEU D 257 -1.29 -18.26 6.21
N ASN D 258 -1.12 -17.78 7.45
CA ASN D 258 -0.65 -18.63 8.55
C ASN D 258 -1.53 -19.85 8.81
N LEU D 259 -2.86 -19.65 8.76
CA LEU D 259 -3.81 -20.75 8.91
CA LEU D 259 -3.81 -20.75 8.91
C LEU D 259 -3.51 -21.78 7.82
N VAL D 260 -3.57 -21.33 6.57
CA VAL D 260 -3.29 -22.21 5.44
C VAL D 260 -2.01 -22.99 5.70
N GLN D 261 -0.92 -22.26 5.94
CA GLN D 261 0.37 -22.91 6.17
C GLN D 261 0.26 -24.07 7.14
N SER D 262 -0.41 -23.87 8.28
CA SER D 262 -0.48 -24.88 9.34
CA SER D 262 -0.45 -24.89 9.33
C SER D 262 -1.25 -26.11 8.92
N ILE D 263 -2.26 -25.93 8.06
CA ILE D 263 -3.06 -27.05 7.55
C ILE D 263 -2.25 -27.86 6.55
N ILE D 264 -1.48 -27.16 5.70
CA ILE D 264 -0.55 -27.84 4.80
C ILE D 264 0.36 -28.82 5.57
N THR D 265 1.04 -28.31 6.62
CA THR D 265 1.96 -29.11 7.42
C THR D 265 1.25 -30.31 8.01
N ARG D 266 0.06 -30.08 8.57
CA ARG D 266 -0.70 -31.16 9.20
C ARG D 266 -1.22 -32.21 8.21
N THR D 267 -1.69 -31.75 7.05
CA THR D 267 -2.17 -32.62 5.99
C THR D 267 -1.05 -33.48 5.44
N ALA D 268 0.10 -32.87 5.14
CA ALA D 268 1.25 -33.61 4.65
C ALA D 268 1.63 -34.70 5.66
N ASP D 269 1.85 -34.27 6.91
CA ASP D 269 2.23 -35.17 8.01
CA ASP D 269 2.26 -35.18 7.96
C ASP D 269 1.27 -36.33 8.17
N PHE D 270 -0.03 -36.03 8.15
CA PHE D 270 -1.05 -37.09 8.26
C PHE D 270 -1.01 -38.11 7.14
N ILE D 271 -1.06 -37.65 5.90
CA ILE D 271 -1.04 -38.53 4.73
C ILE D 271 0.19 -39.43 4.76
N ASN D 272 1.36 -38.82 4.94
CA ASN D 272 2.64 -39.53 4.95
C ASN D 272 2.79 -40.58 6.04
N ASN D 273 2.09 -40.39 7.15
CA ASN D 273 2.26 -41.29 8.30
C ASN D 273 1.05 -42.14 8.72
N VAL D 274 -0.10 -41.87 8.12
CA VAL D 274 -1.28 -42.68 8.36
C VAL D 274 -1.72 -43.42 7.09
N MET D 275 -2.06 -42.67 6.02
CA MET D 275 -2.53 -43.27 4.78
CA MET D 275 -2.54 -43.29 4.79
C MET D 275 -1.43 -44.05 4.09
N ILE D 276 -0.33 -43.37 3.76
CA ILE D 276 0.79 -44.00 3.06
C ILE D 276 1.24 -45.35 3.65
N PRO D 277 1.47 -45.43 4.97
CA PRO D 277 1.83 -46.72 5.56
C PRO D 277 0.71 -47.74 5.51
N ASP D 278 -0.55 -47.31 5.66
CA ASP D 278 -1.70 -48.22 5.56
C ASP D 278 -1.89 -48.80 4.16
N ALA D 279 -1.66 -47.96 3.14
CA ALA D 279 -1.68 -48.40 1.76
C ALA D 279 -0.68 -49.53 1.56
N LEU D 280 0.59 -49.29 1.90
CA LEU D 280 1.63 -50.31 1.78
CA LEU D 280 1.66 -50.30 1.82
C LEU D 280 1.27 -51.58 2.56
N ALA D 281 0.69 -51.41 3.75
CA ALA D 281 0.27 -52.53 4.59
C ALA D 281 -0.88 -53.32 4.00
N ILE D 282 -1.82 -52.65 3.34
CA ILE D 282 -2.89 -53.36 2.63
C ILE D 282 -2.29 -54.13 1.45
N GLY D 283 -1.32 -53.50 0.79
CA GLY D 283 -0.52 -54.14 -0.23
C GLY D 283 0.19 -55.40 0.26
N GLN D 284 0.74 -55.35 1.49
CA GLN D 284 1.49 -56.48 2.05
C GLN D 284 0.65 -57.72 2.21
N PHE D 285 -0.53 -57.57 2.82
CA PHE D 285 -1.36 -58.73 3.20
C PHE D 285 -2.35 -59.18 2.14
N ASN D 286 -2.77 -58.26 1.27
CA ASN D 286 -3.62 -58.63 0.15
C ASN D 286 -2.84 -58.69 -1.18
N LYS D 287 -1.66 -59.30 -1.14
CA LYS D 287 -0.75 -59.32 -2.29
C LYS D 287 -1.29 -59.91 -3.61
N PRO D 288 -2.06 -61.03 -3.56
CA PRO D 288 -2.48 -61.59 -4.85
C PRO D 288 -3.38 -60.66 -5.66
N TRP D 289 -3.75 -59.52 -5.08
CA TRP D 289 -4.61 -58.58 -5.75
C TRP D 289 -3.83 -57.66 -6.70
N SER D 290 -2.53 -57.93 -6.84
CA SER D 290 -1.70 -57.22 -7.80
C SER D 290 -1.82 -57.84 -9.19
N GLU D 291 -2.67 -58.88 -9.28
CA GLU D 291 -2.86 -59.62 -10.52
CA GLU D 291 -2.86 -59.59 -10.54
C GLU D 291 -4.34 -59.75 -10.87
N ILE D 292 -5.20 -59.26 -9.98
CA ILE D 292 -6.65 -59.32 -10.16
C ILE D 292 -7.19 -57.93 -10.48
N GLY D 293 -8.09 -57.85 -11.46
CA GLY D 293 -8.72 -56.58 -11.83
C GLY D 293 -7.85 -55.62 -12.65
N THR D 294 -7.02 -56.18 -13.53
CA THR D 294 -6.14 -55.40 -14.40
C THR D 294 -6.95 -54.50 -15.34
N GLY D 295 -7.94 -55.06 -16.02
CA GLY D 295 -8.79 -54.31 -16.93
C GLY D 295 -8.05 -53.69 -18.09
N LEU D 296 -8.32 -52.42 -18.35
CA LEU D 296 -7.73 -51.74 -19.50
C LEU D 296 -6.33 -51.22 -19.22
N SER D 297 -5.96 -51.20 -17.95
CA SER D 297 -4.75 -50.54 -17.48
C SER D 297 -3.45 -51.01 -18.12
N ASP D 298 -3.47 -52.16 -18.79
CA ASP D 298 -2.28 -52.62 -19.50
C ASP D 298 -2.51 -52.59 -21.01
N LYS D 299 -3.50 -51.81 -21.42
CA LYS D 299 -3.80 -51.64 -22.84
C LYS D 299 -3.92 -50.14 -23.20
N CYS D 300 -4.93 -49.48 -22.65
CA CYS D 300 -5.21 -48.07 -22.94
C CYS D 300 -5.43 -47.23 -21.69
N VAL D 301 -4.60 -46.19 -21.54
CA VAL D 301 -4.73 -45.26 -20.43
C VAL D 301 -4.63 -43.83 -20.93
N LEU D 302 -5.26 -42.90 -20.22
CA LEU D 302 -5.39 -41.50 -20.67
C LEU D 302 -5.22 -40.48 -19.55
N SER D 303 -4.45 -39.42 -19.83
CA SER D 303 -4.39 -38.23 -18.98
C SER D 303 -4.40 -36.97 -19.82
N TYR D 304 -5.16 -35.96 -19.40
CA TYR D 304 -5.14 -34.67 -20.10
C TYR D 304 -3.93 -33.90 -19.65
N GLY D 305 -3.57 -34.04 -18.38
CA GLY D 305 -2.56 -33.20 -17.73
C GLY D 305 -3.23 -32.23 -16.77
N ALA D 306 -2.49 -31.68 -15.81
CA ALA D 306 -3.07 -30.74 -14.83
C ALA D 306 -2.01 -29.96 -14.08
N PHE D 307 -2.45 -28.97 -13.27
CA PHE D 307 -1.55 -28.14 -12.46
C PHE D 307 -0.55 -27.31 -13.30
N PRO D 308 -1.03 -26.30 -14.04
CA PRO D 308 -0.10 -25.51 -14.89
C PRO D 308 0.77 -24.57 -14.06
N ASP D 309 2.07 -24.83 -14.00
CA ASP D 309 2.95 -24.02 -13.16
C ASP D 309 3.35 -22.65 -13.76
N ILE D 310 3.48 -22.57 -15.08
CA ILE D 310 3.58 -21.29 -15.77
C ILE D 310 2.16 -20.82 -15.99
N ALA D 311 1.82 -19.67 -15.42
CA ALA D 311 0.45 -19.18 -15.44
C ALA D 311 -0.11 -18.94 -16.85
N ASN D 312 -1.30 -19.49 -17.10
CA ASN D 312 -1.98 -19.41 -18.41
C ASN D 312 -1.25 -20.14 -19.54
N ASP D 313 -0.46 -21.14 -19.16
CA ASP D 313 0.26 -21.97 -20.10
C ASP D 313 -0.12 -23.43 -19.81
N PHE D 314 -1.03 -23.97 -20.61
CA PHE D 314 -1.44 -25.35 -20.45
C PHE D 314 -0.58 -26.32 -21.26
N GLY D 315 0.57 -25.85 -21.72
CA GLY D 315 1.50 -26.65 -22.51
C GLY D 315 2.22 -27.68 -21.68
N GLU D 316 2.95 -28.55 -22.37
CA GLU D 316 3.67 -29.67 -21.76
CA GLU D 316 3.67 -29.67 -21.76
C GLU D 316 4.73 -29.17 -20.78
N LYS D 317 5.41 -28.09 -21.14
CA LYS D 317 6.52 -27.57 -20.37
C LYS D 317 6.04 -26.85 -19.10
N SER D 318 4.75 -26.96 -18.80
CA SER D 318 4.17 -26.24 -17.67
C SER D 318 3.37 -27.09 -16.72
N LEU D 319 2.61 -28.04 -17.25
CA LEU D 319 1.71 -28.88 -16.45
C LEU D 319 2.48 -29.82 -15.52
N LEU D 320 2.38 -29.62 -14.21
CA LEU D 320 3.18 -30.42 -13.29
C LEU D 320 2.78 -31.89 -13.24
N MET D 321 1.52 -32.15 -13.55
CA MET D 321 1.00 -33.50 -13.73
C MET D 321 0.85 -33.73 -15.23
N PRO D 322 1.77 -34.53 -15.83
CA PRO D 322 1.84 -34.70 -17.30
C PRO D 322 0.57 -35.30 -17.94
N GLY D 323 0.33 -34.95 -19.21
CA GLY D 323 -0.74 -35.56 -20.01
C GLY D 323 -0.22 -36.58 -21.00
N GLY D 324 -1.12 -37.21 -21.73
CA GLY D 324 -0.75 -38.21 -22.73
C GLY D 324 -1.66 -39.43 -22.72
N ALA D 325 -1.55 -40.23 -23.78
CA ALA D 325 -2.36 -41.43 -23.90
C ALA D 325 -1.52 -42.60 -24.39
N VAL D 326 -1.85 -43.80 -23.92
CA VAL D 326 -1.24 -45.01 -24.42
C VAL D 326 -2.34 -45.91 -24.96
N ILE D 327 -2.08 -46.55 -26.09
CA ILE D 327 -3.04 -47.47 -26.68
C ILE D 327 -2.37 -48.78 -27.04
N ASN D 328 -3.15 -49.86 -27.01
CA ASN D 328 -2.68 -51.19 -27.41
C ASN D 328 -1.53 -51.74 -26.57
N GLY D 329 -1.33 -51.16 -25.39
CA GLY D 329 -0.29 -51.58 -24.47
C GLY D 329 1.10 -51.11 -24.84
N ASP D 330 1.20 -50.23 -25.82
CA ASP D 330 2.49 -49.65 -26.22
C ASP D 330 2.79 -48.41 -25.39
N PHE D 331 3.52 -48.62 -24.31
CA PHE D 331 3.83 -47.56 -23.36
C PHE D 331 5.14 -46.85 -23.69
N ASN D 332 5.84 -47.33 -24.70
CA ASN D 332 7.07 -46.67 -25.14
C ASN D 332 6.79 -45.46 -26.04
N ASN D 333 5.59 -45.44 -26.61
CA ASN D 333 5.12 -44.31 -27.41
CA ASN D 333 5.11 -44.32 -27.43
C ASN D 333 3.89 -43.64 -26.78
N VAL D 334 4.15 -42.60 -25.97
CA VAL D 334 3.09 -41.88 -25.28
C VAL D 334 2.56 -40.73 -26.11
N LEU D 335 1.41 -40.94 -26.72
CA LEU D 335 0.85 -40.02 -27.71
C LEU D 335 0.30 -38.72 -27.13
N PRO D 336 0.48 -37.60 -27.88
CA PRO D 336 -0.09 -36.30 -27.48
C PRO D 336 -1.61 -36.24 -27.65
N VAL D 337 -2.29 -35.68 -26.65
CA VAL D 337 -3.73 -35.56 -26.66
C VAL D 337 -4.12 -34.13 -27.01
N ASP D 338 -5.11 -33.97 -27.89
CA ASP D 338 -5.64 -32.66 -28.25
C ASP D 338 -7.15 -32.63 -28.08
N LEU D 339 -7.65 -31.65 -27.33
CA LEU D 339 -9.08 -31.63 -27.01
C LEU D 339 -9.93 -30.94 -28.07
N VAL D 340 -9.29 -30.17 -28.95
CA VAL D 340 -9.97 -29.45 -30.02
C VAL D 340 -10.27 -30.41 -31.18
N ASP D 341 -9.31 -31.31 -31.42
CA ASP D 341 -9.33 -32.30 -32.51
C ASP D 341 -10.54 -33.23 -32.43
N PRO D 342 -11.43 -33.14 -33.43
CA PRO D 342 -12.68 -33.93 -33.48
C PRO D 342 -12.46 -35.44 -33.67
N GLN D 343 -11.25 -35.84 -34.08
CA GLN D 343 -10.95 -37.26 -34.28
CA GLN D 343 -10.89 -37.25 -34.29
C GLN D 343 -10.31 -37.88 -33.03
N GLN D 344 -10.28 -37.11 -31.94
CA GLN D 344 -9.76 -37.58 -30.66
C GLN D 344 -10.89 -37.93 -29.67
N VAL D 345 -11.29 -36.97 -28.84
CA VAL D 345 -12.35 -37.23 -27.86
C VAL D 345 -13.75 -37.25 -28.52
N GLN D 346 -14.42 -38.40 -28.43
CA GLN D 346 -15.75 -38.59 -29.01
CA GLN D 346 -15.76 -38.53 -28.98
C GLN D 346 -16.66 -39.23 -27.98
N GLU D 347 -17.97 -39.11 -28.17
CA GLU D 347 -18.95 -39.73 -27.28
C GLU D 347 -20.05 -40.46 -28.05
N PHE D 348 -20.06 -41.78 -27.95
CA PHE D 348 -21.10 -42.61 -28.58
C PHE D 348 -22.22 -42.84 -27.58
N VAL D 349 -23.46 -42.92 -28.06
CA VAL D 349 -24.58 -43.13 -27.15
C VAL D 349 -25.48 -44.29 -27.55
N ASP D 350 -24.95 -45.18 -28.39
CA ASP D 350 -25.76 -46.28 -28.89
C ASP D 350 -26.13 -47.26 -27.79
N HIS D 351 -25.48 -47.15 -26.63
CA HIS D 351 -25.79 -48.00 -25.50
C HIS D 351 -26.21 -47.18 -24.26
N ALA D 352 -26.35 -45.87 -24.47
CA ALA D 352 -26.77 -44.95 -23.41
C ALA D 352 -28.16 -44.40 -23.67
N TRP D 353 -28.84 -43.94 -22.63
CA TRP D 353 -30.21 -43.44 -22.78
C TRP D 353 -30.30 -42.03 -23.34
N TYR D 354 -29.68 -41.82 -24.51
CA TYR D 354 -29.71 -40.53 -25.18
C TYR D 354 -30.09 -40.70 -26.65
N ARG D 355 -30.34 -39.58 -27.31
CA ARG D 355 -30.78 -39.60 -28.70
C ARG D 355 -29.85 -38.76 -29.56
N TYR D 356 -29.39 -39.35 -30.65
CA TYR D 356 -28.53 -38.70 -31.65
C TYR D 356 -29.22 -38.73 -33.01
N PRO D 357 -28.82 -37.82 -33.94
CA PRO D 357 -29.31 -37.97 -35.31
C PRO D 357 -28.92 -39.34 -35.87
N ASN D 358 -27.63 -39.64 -35.86
CA ASN D 358 -27.14 -40.98 -36.15
C ASN D 358 -26.45 -41.53 -34.91
N ASP D 359 -26.98 -42.63 -34.37
CA ASP D 359 -26.48 -43.18 -33.12
C ASP D 359 -25.35 -44.19 -33.28
N GLN D 360 -24.86 -44.33 -34.50
CA GLN D 360 -23.73 -45.21 -34.77
C GLN D 360 -22.39 -44.46 -34.86
N VAL D 361 -22.45 -43.14 -35.00
CA VAL D 361 -21.26 -42.27 -35.01
C VAL D 361 -20.98 -41.71 -33.62
N GLY D 362 -19.74 -41.25 -33.43
CA GLY D 362 -19.35 -40.60 -32.19
C GLY D 362 -19.22 -39.10 -32.39
N ARG D 363 -19.72 -38.32 -31.41
CA ARG D 363 -19.66 -36.88 -31.49
CA ARG D 363 -19.67 -36.88 -31.48
C ARG D 363 -18.63 -36.30 -30.53
N HIS D 364 -17.75 -35.45 -31.08
CA HIS D 364 -16.79 -34.69 -30.29
C HIS D 364 -17.58 -33.64 -29.51
N PRO D 365 -17.19 -33.38 -28.25
CA PRO D 365 -17.96 -32.49 -27.36
C PRO D 365 -18.44 -31.16 -27.95
N PHE D 366 -17.72 -30.55 -28.88
CA PHE D 366 -18.19 -29.28 -29.50
C PHE D 366 -19.43 -29.49 -30.35
N ASP D 367 -19.65 -30.74 -30.75
CA ASP D 367 -20.85 -31.15 -31.46
C ASP D 367 -21.81 -31.94 -30.56
N GLY D 368 -21.51 -31.98 -29.26
CA GLY D 368 -22.25 -32.79 -28.31
C GLY D 368 -23.75 -32.53 -28.34
N ILE D 369 -24.50 -33.59 -28.04
CA ILE D 369 -25.95 -33.47 -27.90
C ILE D 369 -26.38 -34.21 -26.63
N THR D 370 -26.85 -33.45 -25.65
CA THR D 370 -27.46 -34.05 -24.46
C THR D 370 -28.98 -33.96 -24.59
N ASP D 371 -29.53 -34.98 -25.24
CA ASP D 371 -30.96 -35.19 -25.35
C ASP D 371 -31.31 -36.49 -24.64
N PRO D 372 -31.90 -36.39 -23.43
CA PRO D 372 -32.22 -37.57 -22.64
C PRO D 372 -33.35 -38.35 -23.26
N TRP D 373 -33.20 -39.67 -23.32
CA TRP D 373 -34.23 -40.53 -23.85
C TRP D 373 -34.11 -41.91 -23.19
N TYR D 374 -34.83 -42.07 -22.08
CA TYR D 374 -34.87 -43.33 -21.35
C TYR D 374 -35.59 -44.38 -22.18
N ASN D 375 -34.88 -45.47 -22.46
CA ASN D 375 -35.37 -46.55 -23.30
C ASN D 375 -34.57 -47.84 -23.11
N PRO D 376 -35.03 -48.69 -22.17
CA PRO D 376 -34.26 -49.86 -21.75
C PRO D 376 -34.50 -51.11 -22.60
N GLY D 377 -35.66 -51.18 -23.26
CA GLY D 377 -36.02 -52.31 -24.12
C GLY D 377 -36.48 -53.54 -23.35
N ASP D 378 -36.33 -54.71 -23.98
CA ASP D 378 -36.71 -55.99 -23.38
C ASP D 378 -35.82 -56.32 -22.18
N VAL D 379 -36.23 -55.83 -21.01
N VAL D 379 -36.22 -55.84 -21.00
CA VAL D 379 -35.52 -56.08 -19.76
CA VAL D 379 -35.41 -56.03 -19.79
C VAL D 379 -36.44 -56.84 -18.82
C VAL D 379 -35.91 -57.18 -18.90
N LYS D 380 -35.96 -57.97 -18.30
N LYS D 380 -36.93 -57.90 -19.39
CA LYS D 380 -36.75 -58.72 -17.32
CA LYS D 380 -37.56 -59.00 -18.65
C LYS D 380 -37.57 -57.75 -16.49
C LYS D 380 -38.04 -58.54 -17.26
N GLY D 381 -38.89 -57.88 -16.57
N GLY D 381 -39.08 -57.71 -17.29
CA GLY D 381 -39.78 -57.00 -15.82
CA GLY D 381 -39.63 -57.04 -16.11
C GLY D 381 -40.49 -55.97 -16.67
C GLY D 381 -40.56 -55.95 -16.62
N SER D 382 -40.17 -54.69 -16.44
CA SER D 382 -40.86 -53.55 -17.07
C SER D 382 -39.97 -52.29 -17.12
N ASP D 383 -40.54 -51.16 -17.54
CA ASP D 383 -39.85 -49.87 -17.52
C ASP D 383 -39.62 -49.35 -16.11
N THR D 384 -40.55 -49.64 -15.21
CA THR D 384 -40.49 -49.19 -13.82
C THR D 384 -39.85 -50.25 -12.92
N ASN D 385 -39.51 -51.40 -13.51
CA ASN D 385 -38.91 -52.50 -12.77
C ASN D 385 -37.89 -53.28 -13.61
N ILE D 386 -36.65 -52.79 -13.61
CA ILE D 386 -35.56 -53.47 -14.29
C ILE D 386 -35.05 -54.58 -13.37
N GLN D 387 -35.37 -55.83 -13.73
CA GLN D 387 -34.83 -56.98 -13.02
C GLN D 387 -33.45 -57.32 -13.57
N GLN D 388 -33.26 -57.07 -14.86
CA GLN D 388 -32.02 -57.41 -15.56
C GLN D 388 -31.85 -56.50 -16.77
N LEU D 389 -30.83 -55.63 -16.74
CA LEU D 389 -30.57 -54.70 -17.85
C LEU D 389 -30.33 -55.43 -19.16
N ASN D 390 -30.64 -54.79 -20.27
CA ASN D 390 -30.39 -55.37 -21.58
C ASN D 390 -29.15 -54.76 -22.22
N GLU D 391 -28.00 -55.39 -21.98
CA GLU D 391 -26.70 -54.87 -22.44
C GLU D 391 -26.49 -54.90 -23.97
N GLN D 392 -27.37 -55.61 -24.68
CA GLN D 392 -27.35 -55.63 -26.14
CA GLN D 392 -27.34 -55.63 -26.14
C GLN D 392 -27.80 -54.29 -26.70
N GLU D 393 -28.68 -53.61 -25.99
CA GLU D 393 -29.13 -52.25 -26.37
C GLU D 393 -28.77 -51.18 -25.33
N ARG D 394 -29.67 -50.24 -25.07
CA ARG D 394 -29.36 -49.12 -24.18
C ARG D 394 -29.59 -49.46 -22.71
N TYR D 395 -28.65 -49.08 -21.85
CA TYR D 395 -28.62 -49.60 -20.48
C TYR D 395 -27.93 -48.73 -19.41
N SER D 396 -27.69 -47.44 -19.70
CA SER D 396 -27.03 -46.55 -18.74
C SER D 396 -27.29 -45.08 -19.02
N TRP D 397 -27.28 -44.27 -17.97
CA TRP D 397 -27.37 -42.82 -18.15
C TRP D 397 -26.02 -42.20 -18.46
N ILE D 398 -25.00 -43.05 -18.60
CA ILE D 398 -23.63 -42.62 -18.86
C ILE D 398 -23.31 -42.71 -20.35
N LYS D 399 -22.90 -41.58 -20.95
CA LYS D 399 -22.44 -41.58 -22.34
C LYS D 399 -21.13 -42.37 -22.45
N ALA D 400 -20.84 -42.91 -23.62
CA ALA D 400 -19.60 -43.66 -23.83
C ALA D 400 -18.55 -42.85 -24.59
N PRO D 401 -17.59 -42.24 -23.87
CA PRO D 401 -16.53 -41.52 -24.54
C PRO D 401 -15.39 -42.44 -24.99
N ARG D 402 -14.79 -42.10 -26.12
CA ARG D 402 -13.65 -42.85 -26.66
C ARG D 402 -12.59 -41.91 -27.24
N TRP D 403 -11.34 -42.13 -26.83
CA TRP D 403 -10.22 -41.41 -27.41
C TRP D 403 -9.81 -42.10 -28.72
N ARG D 404 -10.09 -41.44 -29.84
CA ARG D 404 -9.80 -41.95 -31.18
C ARG D 404 -10.44 -43.32 -31.40
N GLY D 405 -11.62 -43.52 -30.82
CA GLY D 405 -12.28 -44.82 -30.90
C GLY D 405 -11.84 -45.83 -29.86
N ASN D 406 -10.74 -45.55 -29.17
CA ASN D 406 -10.19 -46.46 -28.16
C ASN D 406 -10.88 -46.32 -26.80
N ALA D 407 -11.19 -47.45 -26.17
CA ALA D 407 -11.75 -47.45 -24.81
C ALA D 407 -10.63 -47.21 -23.81
N MET D 408 -10.79 -46.17 -22.99
CA MET D 408 -9.69 -45.74 -22.11
C MET D 408 -9.98 -45.94 -20.62
N GLU D 409 -8.92 -46.10 -19.84
CA GLU D 409 -9.00 -45.96 -18.39
C GLU D 409 -8.34 -44.66 -17.97
N VAL D 410 -9.04 -43.87 -17.15
CA VAL D 410 -8.50 -42.63 -16.57
C VAL D 410 -8.39 -42.74 -15.06
N GLY D 411 -7.68 -41.81 -14.44
CA GLY D 411 -7.52 -41.80 -12.99
C GLY D 411 -6.11 -41.99 -12.47
N PRO D 412 -5.97 -42.06 -11.13
CA PRO D 412 -4.65 -42.18 -10.48
C PRO D 412 -3.71 -43.22 -11.15
N LEU D 413 -4.16 -44.47 -11.33
CA LEU D 413 -3.34 -45.49 -12.02
C LEU D 413 -2.91 -45.07 -13.44
N ALA D 414 -3.82 -44.47 -14.20
CA ALA D 414 -3.51 -44.00 -15.55
C ALA D 414 -2.47 -42.88 -15.47
N ARG D 415 -2.72 -41.92 -14.60
CA ARG D 415 -1.80 -40.80 -14.40
C ARG D 415 -0.39 -41.29 -14.07
N THR D 416 -0.32 -42.41 -13.36
CA THR D 416 0.96 -42.90 -12.91
C THR D 416 1.72 -43.57 -14.04
N LEU D 417 1.04 -44.40 -14.82
CA LEU D 417 1.71 -45.06 -15.92
C LEU D 417 2.13 -44.06 -16.98
N ILE D 418 1.26 -43.09 -17.27
CA ILE D 418 1.56 -42.04 -18.24
C ILE D 418 2.77 -41.25 -17.75
N ALA D 419 2.73 -40.85 -16.49
CA ALA D 419 3.83 -40.09 -15.90
C ALA D 419 5.11 -40.90 -15.91
N TYR D 420 5.02 -42.18 -15.55
CA TYR D 420 6.20 -43.03 -15.43
C TYR D 420 6.88 -43.21 -16.78
N HIS D 421 6.10 -43.60 -17.77
CA HIS D 421 6.63 -43.94 -19.08
C HIS D 421 6.99 -42.73 -19.91
N LYS D 422 6.58 -41.54 -19.44
CA LYS D 422 7.03 -40.29 -20.01
C LYS D 422 8.42 -39.91 -19.51
N GLY D 423 8.88 -40.60 -18.47
CA GLY D 423 10.22 -40.40 -17.89
C GLY D 423 10.33 -39.51 -16.66
N ASP D 424 9.19 -39.14 -16.09
CA ASP D 424 9.13 -38.22 -14.95
C ASP D 424 10.03 -38.65 -13.80
N ALA D 425 11.14 -37.93 -13.66
CA ALA D 425 12.13 -38.18 -12.60
C ALA D 425 11.51 -38.53 -11.23
N ALA D 426 10.56 -37.70 -10.78
CA ALA D 426 9.87 -37.92 -9.52
C ALA D 426 9.12 -39.25 -9.48
N THR D 427 8.39 -39.56 -10.56
CA THR D 427 7.49 -40.70 -10.57
C THR D 427 8.22 -42.03 -10.74
N VAL D 428 9.36 -42.01 -11.42
CA VAL D 428 10.14 -43.23 -11.59
C VAL D 428 10.77 -43.65 -10.26
N GLU D 429 11.03 -42.70 -9.37
CA GLU D 429 11.58 -42.99 -8.04
CA GLU D 429 11.59 -43.06 -8.07
C GLU D 429 10.50 -43.39 -7.03
N SER D 430 9.29 -42.85 -7.23
CA SER D 430 8.18 -43.13 -6.32
CA SER D 430 8.17 -43.13 -6.32
C SER D 430 7.57 -44.51 -6.54
N VAL D 431 7.49 -44.92 -7.80
CA VAL D 431 6.91 -46.20 -8.16
C VAL D 431 7.89 -47.34 -7.91
N ASP D 432 9.14 -47.14 -8.34
CA ASP D 432 10.17 -48.20 -8.22
C ASP D 432 10.44 -48.59 -6.77
N ARG D 433 10.45 -47.60 -5.88
CA ARG D 433 10.66 -47.86 -4.46
C ARG D 433 9.43 -48.52 -3.83
N MET D 434 8.23 -48.04 -4.22
CA MET D 434 6.96 -48.60 -3.77
C MET D 434 6.82 -50.09 -4.13
N MET D 435 7.11 -50.43 -5.37
CA MET D 435 6.99 -51.81 -5.81
C MET D 435 8.12 -52.68 -5.23
N SER D 436 9.29 -52.08 -5.02
CA SER D 436 10.43 -52.79 -4.44
CA SER D 436 10.42 -52.81 -4.46
C SER D 436 10.18 -53.12 -2.98
N ALA D 437 9.47 -52.20 -2.31
CA ALA D 437 9.11 -52.39 -0.92
C ALA D 437 8.16 -53.57 -0.75
N LEU D 438 7.30 -53.79 -1.76
CA LEU D 438 6.34 -54.89 -1.74
C LEU D 438 6.90 -56.17 -2.35
N ASN D 439 8.15 -56.12 -2.82
CA ASN D 439 8.77 -57.22 -3.58
C ASN D 439 7.93 -57.71 -4.78
N LEU D 440 7.20 -56.77 -5.40
CA LEU D 440 6.37 -57.02 -6.58
C LEU D 440 6.96 -56.35 -7.82
N PRO D 441 6.76 -56.95 -9.01
CA PRO D 441 7.26 -56.36 -10.24
C PRO D 441 6.47 -55.09 -10.62
N LEU D 442 6.96 -54.33 -11.60
CA LEU D 442 6.30 -53.10 -12.07
C LEU D 442 4.85 -53.34 -12.51
N SER D 443 4.61 -54.48 -13.17
CA SER D 443 3.30 -54.87 -13.69
C SER D 443 2.24 -55.05 -12.60
N GLY D 444 2.71 -55.37 -11.38
CA GLY D 444 1.83 -55.52 -10.22
C GLY D 444 0.97 -54.29 -9.99
N ILE D 445 1.44 -53.15 -10.52
CA ILE D 445 0.73 -51.87 -10.37
C ILE D 445 -0.53 -51.78 -11.25
N GLN D 446 -0.61 -52.62 -12.28
CA GLN D 446 -1.73 -52.59 -13.19
C GLN D 446 -2.78 -53.56 -12.70
N SER D 447 -3.46 -53.14 -11.63
CA SER D 447 -4.40 -54.00 -10.92
C SER D 447 -5.31 -53.21 -9.98
N THR D 448 -6.29 -53.92 -9.42
CA THR D 448 -7.18 -53.39 -8.40
C THR D 448 -6.40 -52.91 -7.20
N LEU D 449 -5.38 -53.67 -6.81
CA LEU D 449 -4.43 -53.23 -5.78
C LEU D 449 -3.57 -52.07 -6.26
N GLY D 450 -3.17 -52.12 -7.54
CA GLY D 450 -2.39 -51.05 -8.16
C GLY D 450 -3.08 -49.70 -8.07
N ARG D 451 -4.37 -49.68 -8.36
CA ARG D 451 -5.21 -48.48 -8.29
C ARG D 451 -5.23 -47.81 -6.93
N ILE D 452 -5.33 -48.61 -5.86
CA ILE D 452 -5.34 -48.11 -4.49
C ILE D 452 -3.97 -47.51 -4.14
N LEU D 453 -2.92 -48.27 -4.41
CA LEU D 453 -1.55 -47.86 -4.15
C LEU D 453 -1.19 -46.51 -4.79
N CYS D 454 -1.62 -46.31 -6.04
CA CYS D 454 -1.30 -45.08 -6.77
C CYS D 454 -2.00 -43.87 -6.16
N ARG D 455 -3.26 -44.09 -5.76
CA ARG D 455 -4.11 -43.07 -5.17
C ARG D 455 -3.45 -42.51 -3.93
N ALA D 456 -3.00 -43.41 -3.07
CA ALA D 456 -2.25 -43.07 -1.89
C ALA D 456 -0.98 -42.32 -2.25
N HIS D 457 -0.22 -42.80 -3.23
CA HIS D 457 0.99 -42.11 -3.74
CA HIS D 457 0.98 -42.07 -3.59
C HIS D 457 0.65 -40.70 -4.20
N GLU D 458 -0.49 -40.59 -4.89
CA GLU D 458 -0.94 -39.30 -5.40
C GLU D 458 -1.26 -38.28 -4.30
N ALA D 459 -1.89 -38.76 -3.21
CA ALA D 459 -2.19 -37.91 -2.07
C ALA D 459 -0.89 -37.39 -1.47
N GLN D 460 0.10 -38.27 -1.38
CA GLN D 460 1.39 -37.90 -0.89
C GLN D 460 1.97 -36.82 -1.77
N TRP D 461 1.89 -37.04 -3.09
CA TRP D 461 2.37 -36.08 -4.10
C TRP D 461 1.65 -34.75 -3.97
N ALA D 462 0.33 -34.81 -3.91
CA ALA D 462 -0.51 -33.61 -3.82
C ALA D 462 -0.14 -32.73 -2.62
N ALA D 463 0.04 -33.37 -1.45
CA ALA D 463 0.37 -32.68 -0.21
C ALA D 463 1.75 -32.08 -0.28
N GLY D 464 2.67 -32.78 -0.93
CA GLY D 464 3.97 -32.22 -1.28
C GLY D 464 3.79 -30.96 -2.10
N LYS D 465 3.01 -31.09 -3.17
CA LYS D 465 2.75 -29.97 -4.06
C LYS D 465 2.05 -28.77 -3.42
N LEU D 466 1.18 -29.03 -2.45
CA LEU D 466 0.57 -27.96 -1.68
C LEU D 466 1.60 -26.99 -1.13
N GLN D 467 2.57 -27.53 -0.40
CA GLN D 467 3.67 -26.74 0.18
C GLN D 467 4.44 -25.97 -0.89
N TYR D 468 4.66 -26.61 -2.03
CA TYR D 468 5.33 -25.99 -3.16
C TYR D 468 4.57 -24.76 -3.65
N PHE D 469 3.25 -24.92 -3.83
CA PHE D 469 2.38 -23.84 -4.32
C PHE D 469 2.30 -22.69 -3.32
N PHE D 470 2.11 -23.03 -2.05
CA PHE D 470 2.10 -22.05 -1.00
C PHE D 470 3.38 -21.22 -1.10
N ASP D 471 4.53 -21.88 -1.04
CA ASP D 471 5.80 -21.19 -1.15
C ASP D 471 5.86 -20.25 -2.35
N LYS D 472 5.41 -20.74 -3.51
CA LYS D 472 5.35 -19.93 -4.72
CA LYS D 472 5.36 -19.92 -4.71
C LYS D 472 4.55 -18.63 -4.46
N LEU D 473 3.38 -18.78 -3.85
CA LEU D 473 2.53 -17.64 -3.53
C LEU D 473 3.24 -16.65 -2.62
N MET D 474 3.90 -17.17 -1.60
CA MET D 474 4.60 -16.33 -0.64
C MET D 474 5.76 -15.57 -1.25
N THR D 475 6.52 -16.22 -2.13
CA THR D 475 7.61 -15.56 -2.83
C THR D 475 7.09 -14.37 -3.62
N ASN D 476 5.91 -14.51 -4.22
CA ASN D 476 5.29 -13.40 -4.93
C ASN D 476 4.93 -12.28 -3.98
N LEU D 477 4.42 -12.64 -2.82
CA LEU D 477 4.00 -11.65 -1.85
C LEU D 477 5.19 -10.91 -1.31
N LYS D 478 6.24 -11.65 -0.95
CA LYS D 478 7.56 -11.08 -0.63
C LYS D 478 7.99 -10.09 -1.72
N ASN D 479 7.82 -10.50 -2.97
CA ASN D 479 8.23 -9.72 -4.10
C ASN D 479 7.17 -8.76 -4.63
N GLY D 480 6.34 -8.24 -3.73
CA GLY D 480 5.40 -7.16 -4.10
C GLY D 480 4.34 -7.48 -5.15
N ASN D 481 4.27 -8.74 -5.56
CA ASN D 481 3.27 -9.17 -6.51
C ASN D 481 2.02 -9.62 -5.79
N LEU D 482 0.93 -8.87 -5.94
CA LEU D 482 -0.27 -9.14 -5.15
C LEU D 482 -1.55 -9.49 -5.95
N ALA D 483 -1.61 -9.01 -7.20
CA ALA D 483 -2.82 -9.15 -8.01
C ALA D 483 -3.42 -10.54 -7.98
N THR D 484 -4.75 -10.60 -7.82
CA THR D 484 -5.47 -11.89 -7.78
C THR D 484 -6.53 -12.06 -8.87
N ALA D 485 -6.87 -10.98 -9.58
CA ALA D 485 -7.92 -11.05 -10.58
C ALA D 485 -7.61 -10.14 -11.74
N SER D 486 -8.01 -10.56 -12.93
CA SER D 486 -8.02 -9.71 -14.10
C SER D 486 -9.46 -9.33 -14.40
N THR D 487 -9.71 -8.04 -14.60
CA THR D 487 -11.08 -7.56 -14.83
C THR D 487 -11.27 -6.91 -16.22
N GLU D 488 -10.20 -6.92 -17.03
CA GLU D 488 -10.20 -6.24 -18.32
C GLU D 488 -11.35 -6.75 -19.20
N LYS D 489 -11.56 -8.05 -19.20
CA LYS D 489 -12.63 -8.63 -20.03
C LYS D 489 -13.81 -9.20 -19.20
N TRP D 490 -14.09 -8.60 -18.05
CA TRP D 490 -15.18 -9.04 -17.19
C TRP D 490 -16.53 -8.63 -17.74
N GLU D 491 -16.56 -7.51 -18.44
CA GLU D 491 -17.78 -7.04 -19.09
C GLU D 491 -18.07 -7.81 -20.37
N PRO D 492 -19.34 -8.24 -20.56
CA PRO D 492 -19.79 -8.91 -21.78
C PRO D 492 -19.64 -8.06 -23.04
N ALA D 493 -19.74 -6.75 -22.89
CA ALA D 493 -19.55 -5.86 -24.02
C ALA D 493 -18.19 -6.07 -24.67
N THR D 494 -17.24 -6.64 -23.92
CA THR D 494 -15.87 -6.74 -24.39
C THR D 494 -15.51 -8.14 -24.92
N TRP D 495 -16.44 -9.09 -24.80
CA TRP D 495 -16.22 -10.46 -25.28
C TRP D 495 -16.48 -10.59 -26.75
N PRO D 496 -15.76 -11.48 -27.45
CA PRO D 496 -16.10 -11.82 -28.81
C PRO D 496 -17.59 -12.12 -28.93
N THR D 497 -18.22 -11.64 -30.01
CA THR D 497 -19.65 -11.86 -30.23
CA THR D 497 -19.65 -11.86 -30.26
C THR D 497 -19.96 -13.35 -30.29
N GLU D 498 -18.98 -14.12 -30.79
CA GLU D 498 -19.12 -15.56 -30.93
C GLU D 498 -17.74 -16.17 -30.68
N CYS D 499 -17.68 -17.13 -29.76
CA CYS D 499 -16.43 -17.85 -29.47
C CYS D 499 -16.64 -19.17 -28.71
N ARG D 500 -15.55 -19.94 -28.58
CA ARG D 500 -15.61 -21.20 -27.84
C ARG D 500 -14.27 -21.52 -27.18
N GLY D 501 -14.33 -22.36 -26.14
CA GLY D 501 -13.15 -22.75 -25.37
C GLY D 501 -13.20 -24.11 -24.69
N VAL D 502 -12.03 -24.59 -24.28
CA VAL D 502 -11.92 -25.87 -23.61
C VAL D 502 -11.27 -25.71 -22.24
N GLY D 503 -11.91 -26.30 -21.22
CA GLY D 503 -11.37 -26.31 -19.87
C GLY D 503 -10.97 -27.72 -19.54
N PHE D 504 -9.72 -27.90 -19.11
CA PHE D 504 -9.25 -29.23 -18.75
C PHE D 504 -8.28 -29.26 -17.56
N THR D 505 -8.41 -30.35 -16.82
CA THR D 505 -7.58 -30.65 -15.65
C THR D 505 -7.71 -32.12 -15.27
N GLU D 506 -6.97 -32.53 -14.26
CA GLU D 506 -7.13 -33.85 -13.70
C GLU D 506 -7.86 -33.77 -12.35
N ALA D 507 -9.11 -34.22 -12.36
CA ALA D 507 -9.88 -34.47 -11.12
C ALA D 507 -9.37 -35.70 -10.39
N PRO D 508 -9.58 -35.78 -9.07
CA PRO D 508 -9.03 -36.90 -8.32
C PRO D 508 -9.32 -38.27 -8.96
N ARG D 509 -10.35 -38.34 -9.81
CA ARG D 509 -10.75 -39.59 -10.42
C ARG D 509 -10.27 -39.80 -11.86
N GLY D 510 -9.78 -38.75 -12.51
CA GLY D 510 -9.23 -38.89 -13.86
C GLY D 510 -9.25 -37.62 -14.68
N ALA D 511 -9.40 -37.78 -15.99
CA ALA D 511 -9.34 -36.65 -16.90
C ALA D 511 -10.69 -35.92 -17.12
N LEU D 512 -10.69 -34.62 -16.76
CA LEU D 512 -11.88 -33.76 -16.89
C LEU D 512 -11.76 -32.66 -17.97
N GLY D 513 -12.78 -32.58 -18.82
CA GLY D 513 -12.87 -31.55 -19.84
C GLY D 513 -14.23 -30.87 -19.88
N HIS D 514 -14.20 -29.55 -19.99
CA HIS D 514 -15.40 -28.74 -20.26
C HIS D 514 -15.25 -28.03 -21.60
N TRP D 515 -16.16 -28.32 -22.53
CA TRP D 515 -16.21 -27.63 -23.81
C TRP D 515 -17.37 -26.66 -23.78
N ALA D 516 -17.09 -25.39 -24.05
CA ALA D 516 -18.10 -24.33 -23.94
C ALA D 516 -18.14 -23.40 -25.15
N ALA D 517 -19.34 -22.95 -25.49
CA ALA D 517 -19.51 -22.07 -26.63
C ALA D 517 -20.33 -20.87 -26.23
N ILE D 518 -19.90 -19.69 -26.67
CA ILE D 518 -20.56 -18.43 -26.34
C ILE D 518 -21.14 -17.77 -27.58
N ARG D 519 -22.34 -17.21 -27.43
CA ARG D 519 -22.97 -16.43 -28.49
CA ARG D 519 -22.97 -16.42 -28.49
C ARG D 519 -23.78 -15.28 -27.89
N ASP D 520 -23.37 -14.05 -28.19
CA ASP D 520 -23.98 -12.79 -27.71
C ASP D 520 -24.09 -12.71 -26.18
N GLY D 521 -22.98 -13.02 -25.51
CA GLY D 521 -22.91 -12.97 -24.05
C GLY D 521 -23.62 -14.11 -23.34
N LYS D 522 -24.07 -15.12 -24.09
CA LYS D 522 -24.82 -16.25 -23.55
C LYS D 522 -24.14 -17.57 -23.87
N ILE D 523 -24.28 -18.55 -22.97
CA ILE D 523 -23.85 -19.92 -23.23
C ILE D 523 -24.70 -20.49 -24.34
N ASP D 524 -24.06 -20.83 -25.45
CA ASP D 524 -24.71 -21.48 -26.58
C ASP D 524 -24.68 -22.98 -26.36
N LEU D 525 -23.50 -23.50 -26.02
CA LEU D 525 -23.30 -24.91 -25.78
C LEU D 525 -22.33 -25.09 -24.60
N TYR D 526 -22.56 -26.11 -23.80
CA TYR D 526 -21.67 -26.44 -22.71
C TYR D 526 -21.74 -27.96 -22.56
N GLN D 527 -20.63 -28.62 -22.85
CA GLN D 527 -20.56 -30.07 -22.79
C GLN D 527 -19.50 -30.56 -21.83
N CYS D 528 -19.82 -31.63 -21.12
CA CYS D 528 -18.96 -32.16 -20.07
C CYS D 528 -18.59 -33.59 -20.30
N VAL D 529 -17.29 -33.85 -20.22
CA VAL D 529 -16.74 -35.22 -20.22
C VAL D 529 -15.87 -35.45 -18.97
N VAL D 530 -16.47 -36.17 -18.03
CA VAL D 530 -15.97 -36.33 -16.68
C VAL D 530 -15.28 -37.68 -16.56
N PRO D 531 -14.22 -37.76 -15.73
CA PRO D 531 -13.48 -38.98 -15.44
C PRO D 531 -14.31 -40.29 -15.33
N THR D 532 -15.32 -40.33 -14.46
CA THR D 532 -16.09 -41.56 -14.26
C THR D 532 -16.94 -41.87 -15.50
N THR D 533 -17.22 -40.85 -16.33
CA THR D 533 -17.89 -41.11 -17.61
C THR D 533 -17.00 -41.98 -18.47
N TRP D 534 -15.69 -41.72 -18.46
CA TRP D 534 -14.72 -42.59 -19.12
C TRP D 534 -14.69 -44.02 -18.53
N ASN D 535 -14.55 -44.13 -17.22
CA ASN D 535 -14.37 -45.42 -16.56
C ASN D 535 -15.62 -46.28 -16.53
N ALA D 536 -16.77 -45.68 -16.21
CA ALA D 536 -18.01 -46.44 -16.07
C ALA D 536 -18.75 -46.60 -17.40
N SER D 537 -18.12 -46.13 -18.46
CA SER D 537 -18.69 -46.12 -19.80
C SER D 537 -19.32 -47.46 -20.26
N PRO D 538 -20.55 -47.39 -20.81
CA PRO D 538 -21.19 -48.49 -21.53
C PRO D 538 -20.38 -48.90 -22.75
N ARG D 539 -20.91 -49.84 -23.53
CA ARG D 539 -20.27 -50.25 -24.76
C ARG D 539 -20.55 -49.26 -25.89
N ASP D 540 -19.76 -49.36 -26.97
CA ASP D 540 -19.95 -48.52 -28.17
C ASP D 540 -20.41 -49.38 -29.36
N PRO D 541 -20.56 -48.77 -30.57
CA PRO D 541 -21.00 -49.54 -31.74
C PRO D 541 -20.21 -50.83 -31.98
N LYS D 542 -18.89 -50.76 -31.83
CA LYS D 542 -18.00 -51.90 -32.05
C LYS D 542 -18.01 -52.92 -30.91
N GLY D 543 -18.88 -52.69 -29.92
CA GLY D 543 -19.02 -53.60 -28.77
C GLY D 543 -17.89 -53.56 -27.75
N GLN D 544 -17.00 -52.57 -27.88
CA GLN D 544 -15.88 -52.41 -26.96
C GLN D 544 -16.38 -52.06 -25.57
N ILE D 545 -15.68 -52.57 -24.57
CA ILE D 545 -16.09 -52.36 -23.17
C ILE D 545 -15.32 -51.26 -22.45
N GLY D 546 -15.98 -50.65 -21.47
CA GLY D 546 -15.37 -49.59 -20.64
C GLY D 546 -14.38 -50.13 -19.62
N ALA D 547 -13.62 -49.21 -19.02
CA ALA D 547 -12.61 -49.56 -18.01
C ALA D 547 -13.14 -50.47 -16.90
N TYR D 548 -14.36 -50.19 -16.44
CA TYR D 548 -15.03 -50.95 -15.37
C TYR D 548 -15.29 -52.41 -15.75
N GLU D 549 -16.19 -52.58 -16.73
CA GLU D 549 -16.55 -53.90 -17.21
C GLU D 549 -15.32 -54.74 -17.54
N ALA D 550 -14.28 -54.08 -18.05
CA ALA D 550 -13.01 -54.73 -18.34
C ALA D 550 -12.30 -55.27 -17.08
N ALA D 551 -12.26 -54.47 -16.03
CA ALA D 551 -11.55 -54.82 -14.80
C ALA D 551 -12.27 -55.91 -14.01
N LEU D 552 -13.56 -56.08 -14.28
CA LEU D 552 -14.36 -57.08 -13.59
C LEU D 552 -14.26 -58.45 -14.24
N MET D 553 -13.94 -58.48 -15.53
CA MET D 553 -13.81 -59.72 -16.29
C MET D 553 -12.74 -60.64 -15.72
N ASN D 554 -13.02 -61.94 -15.76
CA ASN D 554 -12.08 -62.98 -15.32
C ASN D 554 -11.78 -62.96 -13.81
N THR D 555 -12.55 -62.18 -13.06
CA THR D 555 -12.38 -62.12 -11.62
C THR D 555 -13.08 -63.30 -10.96
N LYS D 556 -12.33 -64.04 -10.14
CA LYS D 556 -12.86 -65.17 -9.39
C LYS D 556 -13.67 -64.64 -8.20
N MET D 557 -14.86 -65.20 -8.02
CA MET D 557 -15.71 -64.90 -6.86
C MET D 557 -15.71 -66.11 -5.94
N ALA D 558 -15.54 -65.86 -4.65
CA ALA D 558 -15.56 -66.95 -3.66
C ALA D 558 -17.00 -67.29 -3.25
N ILE D 559 -17.77 -66.26 -2.93
CA ILE D 559 -19.21 -66.41 -2.69
C ILE D 559 -19.92 -65.47 -3.65
N PRO D 560 -20.79 -66.04 -4.51
CA PRO D 560 -21.55 -65.31 -5.52
C PRO D 560 -22.59 -64.35 -4.96
N GLU D 561 -23.29 -64.73 -3.90
CA GLU D 561 -24.30 -63.86 -3.29
CA GLU D 561 -24.30 -63.86 -3.29
C GLU D 561 -23.68 -62.72 -2.48
N GLN D 562 -22.40 -62.86 -2.13
CA GLN D 562 -21.66 -61.80 -1.44
CA GLN D 562 -21.66 -61.79 -1.44
C GLN D 562 -20.56 -61.22 -2.34
N PRO D 563 -20.89 -60.13 -3.07
CA PRO D 563 -20.04 -59.58 -4.13
C PRO D 563 -18.91 -58.65 -3.66
N LEU D 564 -18.07 -59.14 -2.74
CA LEU D 564 -16.93 -58.37 -2.26
C LEU D 564 -15.91 -58.22 -3.38
N GLU D 565 -15.56 -59.33 -4.05
CA GLU D 565 -14.63 -59.26 -5.16
C GLU D 565 -15.05 -58.20 -6.20
N ILE D 566 -16.36 -58.09 -6.44
CA ILE D 566 -16.90 -57.05 -7.32
C ILE D 566 -16.69 -55.67 -6.71
N LEU D 567 -17.06 -55.49 -5.45
CA LEU D 567 -16.95 -54.20 -4.79
C LEU D 567 -15.51 -53.69 -4.73
N ARG D 568 -14.60 -54.61 -4.41
CA ARG D 568 -13.16 -54.30 -4.31
C ARG D 568 -12.66 -53.66 -5.59
N THR D 569 -12.91 -54.34 -6.71
CA THR D 569 -12.50 -53.90 -8.03
C THR D 569 -13.13 -52.56 -8.43
N LEU D 570 -14.43 -52.44 -8.17
CA LEU D 570 -15.14 -51.21 -8.51
C LEU D 570 -14.68 -49.97 -7.70
N HIS D 571 -14.65 -50.10 -6.38
CA HIS D 571 -14.24 -49.02 -5.49
C HIS D 571 -12.83 -48.55 -5.76
N SER D 572 -11.97 -49.44 -6.23
CA SER D 572 -10.57 -49.10 -6.51
C SER D 572 -10.43 -48.05 -7.60
N PHE D 573 -11.44 -47.94 -8.47
CA PHE D 573 -11.52 -46.90 -9.47
C PHE D 573 -12.01 -45.58 -8.91
N ASP D 574 -12.58 -45.64 -7.71
CA ASP D 574 -13.23 -44.49 -7.07
C ASP D 574 -14.42 -43.98 -7.89
N PRO D 575 -15.54 -44.76 -7.92
CA PRO D 575 -16.69 -44.33 -8.71
C PRO D 575 -17.30 -43.05 -8.18
N CYS D 576 -17.74 -42.21 -9.11
CA CYS D 576 -18.40 -40.97 -8.82
C CYS D 576 -19.49 -40.82 -9.87
N LEU D 577 -20.70 -41.23 -9.51
CA LEU D 577 -21.76 -41.32 -10.50
C LEU D 577 -22.41 -39.98 -10.92
N ALA D 578 -22.75 -39.14 -9.95
CA ALA D 578 -23.28 -37.81 -10.29
C ALA D 578 -22.29 -37.03 -11.16
N CYS D 579 -20.99 -37.23 -10.93
CA CYS D 579 -19.96 -36.70 -11.83
C CYS D 579 -20.12 -37.28 -13.21
N SER D 580 -20.22 -38.59 -13.29
CA SER D 580 -20.26 -39.29 -14.58
C SER D 580 -21.49 -38.99 -15.43
N THR D 581 -22.59 -38.58 -14.79
CA THR D 581 -23.85 -38.40 -15.49
C THR D 581 -24.20 -36.93 -15.66
N HIS D 582 -23.93 -36.14 -14.63
CA HIS D 582 -24.22 -34.70 -14.63
C HIS D 582 -25.54 -34.32 -15.32
N LYS E 4 29.00 -3.48 3.51
CA LYS E 4 29.99 -2.60 2.83
C LYS E 4 30.15 -2.92 1.33
N PRO E 5 30.27 -4.22 0.96
CA PRO E 5 30.35 -4.57 -0.48
C PRO E 5 29.07 -4.23 -1.24
N ARG E 6 29.21 -3.75 -2.47
CA ARG E 6 28.08 -3.38 -3.31
C ARG E 6 27.50 -4.61 -3.98
N ILE E 7 26.21 -4.54 -4.32
CA ILE E 7 25.50 -5.68 -4.91
CA ILE E 7 25.49 -5.68 -4.91
C ILE E 7 25.85 -5.87 -6.40
N PRO E 8 26.28 -7.10 -6.77
CA PRO E 8 26.68 -7.41 -8.15
C PRO E 8 25.53 -7.41 -9.14
N VAL E 9 25.72 -6.68 -10.23
CA VAL E 9 24.75 -6.61 -11.31
C VAL E 9 25.44 -7.09 -12.58
N VAL E 10 24.75 -7.94 -13.35
CA VAL E 10 25.17 -8.37 -14.67
C VAL E 10 24.21 -7.77 -15.67
N TRP E 11 24.74 -7.13 -16.69
CA TRP E 11 23.89 -6.43 -17.65
C TRP E 11 24.16 -6.95 -19.06
N ILE E 12 23.21 -7.70 -19.60
CA ILE E 12 23.38 -8.30 -20.92
C ILE E 12 22.54 -7.58 -21.98
N HIS E 13 22.87 -7.79 -23.25
CA HIS E 13 22.17 -7.14 -24.35
C HIS E 13 21.89 -8.18 -25.40
N GLY E 14 20.67 -8.20 -25.91
CA GLY E 14 20.29 -9.10 -26.99
C GLY E 14 20.15 -8.28 -28.23
N LEU E 15 19.08 -8.49 -28.99
CA LEU E 15 18.75 -7.61 -30.10
C LEU E 15 18.20 -6.35 -29.49
N GLU E 16 18.89 -5.24 -29.75
CA GLU E 16 18.67 -3.99 -29.03
C GLU E 16 19.14 -2.82 -29.86
N CYS E 17 18.63 -1.63 -29.57
CA CYS E 17 19.16 -0.39 -30.18
C CYS E 17 20.09 0.36 -29.25
N THR E 18 20.24 -0.16 -28.04
CA THR E 18 21.04 0.44 -26.96
C THR E 18 20.46 1.75 -26.37
N CYS E 19 19.20 2.07 -26.72
CA CYS E 19 18.48 3.20 -26.12
C CYS E 19 18.27 3.04 -24.62
N CYS E 20 18.25 1.84 -24.08
CA CYS E 20 18.03 1.71 -22.63
C CYS E 20 19.29 2.02 -21.80
N THR E 21 20.43 1.49 -22.24
CA THR E 21 21.72 1.87 -21.64
C THR E 21 22.00 3.38 -21.85
N GLU E 22 21.68 3.91 -23.03
CA GLU E 22 21.71 5.38 -23.24
C GLU E 22 20.87 6.18 -22.22
N SER E 23 19.64 5.70 -21.98
CA SER E 23 18.71 6.31 -21.02
C SER E 23 19.21 6.29 -19.60
N PHE E 24 19.58 5.09 -19.15
CA PHE E 24 20.12 4.89 -17.82
C PHE E 24 21.21 5.92 -17.49
N ILE E 25 22.13 6.14 -18.41
CA ILE E 25 23.22 7.07 -18.11
C ILE E 25 22.80 8.53 -18.11
N ARG E 26 21.63 8.83 -18.68
CA ARG E 26 21.04 10.20 -18.58
C ARG E 26 20.56 10.60 -17.19
N SER E 27 20.55 9.65 -16.23
CA SER E 27 20.02 9.92 -14.88
C SER E 27 20.69 11.10 -14.19
N ALA E 28 19.82 11.95 -13.66
CA ALA E 28 20.24 13.16 -12.98
C ALA E 28 20.29 12.97 -11.46
N HIS E 29 19.44 12.12 -10.90
CA HIS E 29 19.49 11.85 -9.45
C HIS E 29 18.99 10.45 -9.10
N PRO E 30 19.90 9.56 -8.64
CA PRO E 30 21.35 9.76 -8.46
C PRO E 30 22.06 9.77 -9.81
N LEU E 31 23.29 10.28 -9.82
CA LEU E 31 24.03 10.33 -11.07
C LEU E 31 24.44 8.95 -11.54
N ALA E 32 24.38 8.72 -12.85
CA ALA E 32 24.78 7.45 -13.42
C ALA E 32 26.11 7.03 -12.79
N LYS E 33 27.08 7.94 -12.86
CA LYS E 33 28.38 7.79 -12.21
C LYS E 33 28.31 7.28 -10.77
N ASP E 34 27.48 7.92 -9.94
CA ASP E 34 27.30 7.55 -8.53
C ASP E 34 26.60 6.21 -8.33
N VAL E 35 25.72 5.82 -9.25
CA VAL E 35 25.09 4.50 -9.17
C VAL E 35 26.16 3.43 -9.28
N ILE E 36 27.06 3.60 -10.25
CA ILE E 36 28.09 2.63 -10.57
C ILE E 36 29.18 2.58 -9.52
N LEU E 37 29.51 3.73 -8.93
CA LEU E 37 30.65 3.79 -8.01
C LEU E 37 30.28 3.55 -6.55
N SER E 38 29.00 3.70 -6.22
CA SER E 38 28.56 3.66 -4.80
C SER E 38 27.36 2.77 -4.47
N LEU E 39 26.42 2.62 -5.40
CA LEU E 39 25.16 1.92 -5.12
C LEU E 39 25.19 0.46 -5.51
N ILE E 40 25.81 0.15 -6.65
CA ILE E 40 25.90 -1.23 -7.13
C ILE E 40 27.29 -1.53 -7.65
N SER E 41 27.62 -2.81 -7.82
CA SER E 41 28.83 -3.18 -8.55
C SER E 41 28.46 -3.77 -9.91
N LEU E 42 28.25 -2.87 -10.88
CA LEU E 42 28.04 -3.22 -12.26
C LEU E 42 29.24 -4.04 -12.76
N ASP E 43 29.09 -5.37 -12.71
CA ASP E 43 30.20 -6.29 -12.89
C ASP E 43 30.40 -6.77 -14.34
N TYR E 44 29.40 -6.50 -15.20
CA TYR E 44 29.44 -6.87 -16.60
C TYR E 44 28.43 -6.07 -17.37
N ASP E 45 28.92 -5.36 -18.39
CA ASP E 45 28.07 -4.59 -19.29
C ASP E 45 28.88 -4.32 -20.55
N ASP E 46 28.50 -5.01 -21.63
CA ASP E 46 29.20 -4.93 -22.93
C ASP E 46 29.45 -3.48 -23.39
N THR E 47 28.54 -2.57 -23.05
CA THR E 47 28.64 -1.20 -23.55
C THR E 47 29.72 -0.33 -22.88
N LEU E 48 30.12 -0.69 -21.66
CA LEU E 48 30.96 0.21 -20.87
C LEU E 48 32.28 -0.38 -20.40
N MET E 49 32.34 -1.71 -20.35
CA MET E 49 33.44 -2.44 -19.69
C MET E 49 34.75 -2.43 -20.48
N ALA E 50 35.86 -2.56 -19.78
CA ALA E 50 37.19 -2.54 -20.41
C ALA E 50 37.47 -3.80 -21.23
N ALA E 51 37.15 -4.95 -20.64
CA ALA E 51 37.41 -6.26 -21.25
C ALA E 51 36.56 -6.55 -22.48
N ALA E 52 37.22 -6.93 -23.57
CA ALA E 52 36.55 -7.46 -24.76
C ALA E 52 36.95 -8.91 -24.98
N GLY E 53 36.31 -9.58 -25.94
CA GLY E 53 36.73 -10.92 -26.38
C GLY E 53 36.87 -11.89 -25.23
N THR E 54 37.90 -12.73 -25.29
CA THR E 54 38.08 -13.80 -24.31
C THR E 54 38.40 -13.31 -22.90
N GLN E 55 38.70 -12.01 -22.78
CA GLN E 55 38.77 -11.36 -21.47
C GLN E 55 37.37 -11.09 -20.92
N ALA E 56 36.48 -10.58 -21.78
CA ALA E 56 35.09 -10.32 -21.42
C ALA E 56 34.31 -11.61 -21.14
N GLU E 57 34.60 -12.64 -21.93
CA GLU E 57 34.08 -13.97 -21.72
C GLU E 57 34.45 -14.43 -20.32
N GLU E 58 35.70 -14.19 -19.93
CA GLU E 58 36.20 -14.60 -18.62
C GLU E 58 35.58 -13.88 -17.44
N VAL E 59 35.28 -12.59 -17.58
CA VAL E 59 34.65 -11.85 -16.50
C VAL E 59 33.26 -12.39 -16.31
N PHE E 60 32.56 -12.60 -17.42
CA PHE E 60 31.20 -13.12 -17.37
C PHE E 60 31.14 -14.40 -16.56
N GLU E 61 31.91 -15.40 -17.00
CA GLU E 61 31.95 -16.71 -16.35
CA GLU E 61 31.88 -16.70 -16.34
C GLU E 61 32.32 -16.59 -14.89
N ASP E 62 33.33 -15.77 -14.60
CA ASP E 62 33.81 -15.60 -13.23
C ASP E 62 32.76 -15.01 -12.30
N ILE E 63 32.00 -14.03 -12.79
CA ILE E 63 31.01 -13.35 -11.99
C ILE E 63 29.79 -14.23 -11.73
N ILE E 64 29.28 -14.88 -12.77
CA ILE E 64 28.09 -15.72 -12.62
C ILE E 64 28.38 -17.00 -11.80
N THR E 65 29.65 -17.38 -11.73
CA THR E 65 30.08 -18.51 -10.91
C THR E 65 30.21 -18.11 -9.45
N GLN E 66 30.97 -17.05 -9.20
CA GLN E 66 31.34 -16.63 -7.86
C GLN E 66 30.18 -15.96 -7.10
N TYR E 67 29.20 -15.42 -7.83
CA TYR E 67 28.03 -14.81 -7.20
C TYR E 67 26.73 -15.53 -7.55
N ASN E 68 26.84 -16.82 -7.89
CA ASN E 68 25.69 -17.64 -8.25
C ASN E 68 24.63 -17.60 -7.18
N GLY E 69 23.42 -17.24 -7.59
CA GLY E 69 22.29 -17.14 -6.68
C GLY E 69 22.18 -15.80 -6.00
N LYS E 70 23.22 -14.97 -6.18
CA LYS E 70 23.37 -13.72 -5.41
C LYS E 70 23.29 -12.42 -6.21
N TYR E 71 23.40 -12.48 -7.54
CA TYR E 71 23.45 -11.26 -8.37
C TYR E 71 22.16 -10.89 -9.08
N ILE E 72 22.05 -9.62 -9.47
CA ILE E 72 20.88 -9.14 -10.23
C ILE E 72 21.19 -9.19 -11.72
N LEU E 73 20.20 -9.62 -12.50
CA LEU E 73 20.37 -9.68 -13.95
C LEU E 73 19.57 -8.61 -14.65
N ALA E 74 20.27 -7.63 -15.21
CA ALA E 74 19.66 -6.61 -16.06
C ALA E 74 19.75 -7.10 -17.50
N VAL E 75 18.60 -7.14 -18.17
CA VAL E 75 18.55 -7.47 -19.60
C VAL E 75 17.94 -6.36 -20.39
N GLU E 76 18.68 -5.92 -21.40
CA GLU E 76 18.28 -4.87 -22.33
C GLU E 76 18.28 -5.50 -23.72
N GLY E 77 17.21 -5.27 -24.49
CA GLY E 77 16.97 -6.02 -25.75
C GLY E 77 16.42 -7.43 -25.50
N ASN E 78 16.21 -8.18 -26.58
CA ASN E 78 15.59 -9.53 -26.52
C ASN E 78 16.23 -10.60 -27.42
N PRO E 79 15.99 -11.89 -27.13
CA PRO E 79 16.55 -12.96 -27.94
C PRO E 79 15.72 -13.28 -29.19
N PRO E 80 16.40 -13.51 -30.34
CA PRO E 80 15.67 -14.00 -31.50
C PRO E 80 15.62 -15.53 -31.45
N LEU E 81 14.57 -16.09 -32.02
CA LEU E 81 14.40 -17.53 -32.09
C LEU E 81 14.63 -18.10 -33.49
N GLY E 82 14.54 -17.24 -34.52
CA GLY E 82 14.72 -17.66 -35.92
C GLY E 82 16.16 -18.00 -36.28
N GLU E 83 16.32 -18.87 -37.28
CA GLU E 83 17.66 -19.30 -37.74
C GLU E 83 18.50 -19.79 -36.56
N GLN E 84 17.90 -20.70 -35.77
CA GLN E 84 18.50 -21.29 -34.58
CA GLN E 84 18.57 -21.31 -34.62
C GLN E 84 19.08 -20.28 -33.60
N GLY E 85 18.54 -19.06 -33.66
CA GLY E 85 18.89 -18.02 -32.71
C GLY E 85 20.11 -17.23 -33.10
N MET E 86 20.62 -17.49 -34.32
CA MET E 86 21.84 -16.87 -34.82
C MET E 86 21.64 -15.47 -35.43
N PHE E 87 20.43 -14.92 -35.30
CA PHE E 87 20.18 -13.50 -35.59
C PHE E 87 20.84 -12.56 -34.54
N CYS E 88 21.32 -13.14 -33.44
CA CYS E 88 22.13 -12.44 -32.44
C CYS E 88 23.18 -13.40 -31.88
N ILE E 89 24.38 -13.30 -32.41
CA ILE E 89 25.46 -14.19 -32.02
C ILE E 89 26.33 -13.52 -30.97
N SER E 90 26.63 -14.28 -29.91
CA SER E 90 27.48 -13.82 -28.82
C SER E 90 28.53 -14.89 -28.47
N SER E 91 29.81 -14.54 -28.69
CA SER E 91 30.95 -15.45 -28.53
C SER E 91 30.85 -16.70 -29.38
N GLY E 92 30.22 -16.54 -30.54
CA GLY E 92 30.12 -17.60 -31.54
C GLY E 92 28.91 -18.50 -31.37
N ARG E 93 28.08 -18.20 -30.38
CA ARG E 93 26.93 -19.03 -30.04
C ARG E 93 25.68 -18.15 -29.98
N PRO E 94 24.47 -18.76 -30.08
CA PRO E 94 23.25 -17.95 -30.04
C PRO E 94 23.16 -17.17 -28.74
N PHE E 95 22.57 -15.98 -28.82
CA PHE E 95 22.44 -15.12 -27.64
C PHE E 95 21.60 -15.81 -26.59
N ILE E 96 20.51 -16.44 -27.00
CA ILE E 96 19.59 -17.05 -26.06
C ILE E 96 20.31 -17.94 -25.03
N GLU E 97 21.41 -18.56 -25.44
CA GLU E 97 22.23 -19.38 -24.54
C GLU E 97 22.90 -18.56 -23.40
N LYS E 98 23.51 -17.43 -23.76
CA LYS E 98 24.12 -16.51 -22.78
C LYS E 98 23.05 -15.99 -21.82
N LEU E 99 21.84 -15.76 -22.36
CA LEU E 99 20.72 -15.29 -21.56
C LEU E 99 20.33 -16.35 -20.56
N LYS E 100 20.12 -17.57 -21.03
CA LYS E 100 19.68 -18.65 -20.17
C LYS E 100 20.65 -18.98 -19.03
N ARG E 101 21.96 -18.98 -19.32
CA ARG E 101 23.01 -19.27 -18.33
CA ARG E 101 22.98 -19.28 -18.31
C ARG E 101 23.12 -18.16 -17.27
N ALA E 102 22.95 -16.90 -17.72
CA ALA E 102 22.97 -15.74 -16.81
C ALA E 102 21.72 -15.70 -15.94
N ALA E 103 20.58 -16.07 -16.52
CA ALA E 103 19.30 -16.09 -15.82
C ALA E 103 19.24 -17.14 -14.70
N ALA E 104 19.62 -18.37 -15.01
CA ALA E 104 19.56 -19.44 -14.03
C ALA E 104 20.39 -19.15 -12.77
N GLY E 105 21.44 -18.32 -12.93
CA GLY E 105 22.32 -17.97 -11.82
C GLY E 105 21.90 -16.72 -11.05
N ALA E 106 20.94 -16.00 -11.58
CA ALA E 106 20.50 -14.73 -11.00
C ALA E 106 19.43 -14.94 -9.93
N SER E 107 19.35 -13.99 -9.00
CA SER E 107 18.32 -13.98 -7.98
C SER E 107 17.03 -13.32 -8.50
N ALA E 108 17.22 -12.23 -9.24
CA ALA E 108 16.11 -11.53 -9.87
C ALA E 108 16.54 -10.86 -11.20
N ILE E 109 15.55 -10.56 -12.03
CA ILE E 109 15.79 -10.07 -13.37
C ILE E 109 15.07 -8.76 -13.65
N ILE E 110 15.84 -7.71 -13.89
CA ILE E 110 15.24 -6.51 -14.44
C ILE E 110 15.23 -6.58 -15.96
N ALA E 111 14.02 -6.49 -16.53
CA ALA E 111 13.79 -6.40 -17.99
C ALA E 111 13.67 -4.93 -18.38
N TRP E 112 14.76 -4.35 -18.85
CA TRP E 112 14.79 -2.94 -19.21
C TRP E 112 14.11 -2.67 -20.53
N GLY E 113 13.31 -1.62 -20.58
CA GLY E 113 12.68 -1.16 -21.82
C GLY E 113 11.60 -2.06 -22.42
N THR E 114 10.99 -1.58 -23.50
CA THR E 114 9.95 -2.36 -24.20
C THR E 114 10.47 -3.63 -24.90
N CYS E 115 11.74 -3.60 -25.35
CA CYS E 115 12.42 -4.79 -25.92
C CYS E 115 12.35 -6.00 -25.00
N ALA E 116 12.96 -5.88 -23.82
CA ALA E 116 13.01 -6.97 -22.89
C ALA E 116 11.63 -7.25 -22.28
N SER E 117 10.80 -6.22 -22.17
CA SER E 117 9.49 -6.38 -21.54
C SER E 117 8.48 -7.02 -22.49
N TRP E 118 8.42 -6.48 -23.70
CA TRP E 118 7.34 -6.79 -24.63
C TRP E 118 7.79 -7.32 -26.00
N GLY E 119 8.89 -6.80 -26.52
CA GLY E 119 9.34 -7.16 -27.85
C GLY E 119 9.83 -5.96 -28.63
N CYS E 120 9.23 -4.80 -28.38
CA CYS E 120 9.54 -3.53 -29.09
C CYS E 120 9.59 -3.69 -30.62
N VAL E 121 10.42 -2.88 -31.28
CA VAL E 121 10.38 -2.73 -32.74
C VAL E 121 10.74 -4.01 -33.50
N GLN E 122 11.82 -4.68 -33.08
CA GLN E 122 12.30 -5.90 -33.78
C GLN E 122 11.20 -6.95 -33.87
N ALA E 123 10.18 -6.76 -33.04
CA ALA E 123 9.12 -7.71 -32.94
C ALA E 123 7.84 -7.24 -33.62
N ALA E 124 7.89 -6.10 -34.28
CA ALA E 124 6.74 -5.59 -35.03
C ALA E 124 6.49 -6.44 -36.27
N ARG E 125 5.28 -6.39 -36.86
CA ARG E 125 4.95 -7.12 -38.10
C ARG E 125 6.03 -6.86 -39.15
N PRO E 126 6.58 -7.93 -39.75
CA PRO E 126 6.20 -9.33 -39.59
C PRO E 126 7.07 -10.11 -38.60
N ASN E 127 7.92 -9.41 -37.86
CA ASN E 127 8.83 -10.02 -36.86
C ASN E 127 9.74 -11.04 -37.52
N PRO E 128 10.72 -10.55 -38.30
CA PRO E 128 11.51 -11.40 -39.17
C PRO E 128 12.46 -12.30 -38.39
N THR E 129 12.86 -11.85 -37.20
CA THR E 129 13.86 -12.54 -36.39
C THR E 129 13.23 -13.35 -35.28
N GLN E 130 11.89 -13.34 -35.23
CA GLN E 130 11.12 -13.94 -34.13
C GLN E 130 11.67 -13.53 -32.77
N ALA E 131 11.81 -12.23 -32.57
CA ALA E 131 12.16 -11.67 -31.29
C ALA E 131 11.05 -11.98 -30.31
N THR E 132 11.41 -12.54 -29.16
CA THR E 132 10.44 -12.82 -28.09
C THR E 132 10.92 -12.22 -26.77
N PRO E 133 10.00 -11.60 -26.00
CA PRO E 133 10.37 -10.97 -24.71
C PRO E 133 10.96 -11.98 -23.73
N ILE E 134 11.64 -11.50 -22.70
CA ILE E 134 12.36 -12.35 -21.74
CA ILE E 134 12.35 -12.42 -21.82
C ILE E 134 11.42 -13.22 -20.93
N ASP E 135 10.24 -12.68 -20.60
CA ASP E 135 9.22 -13.45 -19.84
C ASP E 135 8.68 -14.66 -20.59
N LYS E 136 8.94 -14.74 -21.90
CA LYS E 136 8.55 -15.88 -22.72
C LYS E 136 9.63 -16.96 -22.80
N VAL E 137 10.85 -16.58 -22.44
CA VAL E 137 12.00 -17.45 -22.53
C VAL E 137 12.48 -17.91 -21.14
N ILE E 138 12.48 -16.99 -20.17
CA ILE E 138 12.89 -17.30 -18.80
C ILE E 138 11.67 -17.32 -17.91
N THR E 139 11.25 -18.52 -17.52
CA THR E 139 9.96 -18.66 -16.83
C THR E 139 10.08 -19.17 -15.40
N ASP E 140 11.30 -19.19 -14.86
CA ASP E 140 11.53 -19.70 -13.51
C ASP E 140 12.07 -18.67 -12.54
N LYS E 141 12.19 -17.42 -12.99
CA LYS E 141 12.75 -16.36 -12.17
C LYS E 141 11.76 -15.19 -12.06
N PRO E 142 11.88 -14.38 -10.99
CA PRO E 142 11.15 -13.10 -10.91
C PRO E 142 11.66 -12.10 -11.93
N ILE E 143 10.75 -11.56 -12.73
CA ILE E 143 11.11 -10.58 -13.72
C ILE E 143 10.33 -9.28 -13.54
N ILE E 144 11.06 -8.19 -13.31
CA ILE E 144 10.47 -6.85 -13.28
C ILE E 144 10.54 -6.26 -14.68
N LYS E 145 9.38 -5.90 -15.23
CA LYS E 145 9.32 -5.30 -16.55
C LYS E 145 9.26 -3.82 -16.34
N VAL E 146 10.24 -3.11 -16.90
CA VAL E 146 10.29 -1.66 -16.82
C VAL E 146 10.22 -1.15 -18.24
N PRO E 147 9.00 -1.12 -18.85
CA PRO E 147 8.86 -0.80 -20.28
C PRO E 147 9.10 0.66 -20.65
N GLY E 148 8.94 0.97 -21.93
CA GLY E 148 9.24 2.30 -22.46
C GLY E 148 10.38 2.20 -23.47
N CYS E 149 10.31 2.99 -24.55
CA CYS E 149 11.35 2.97 -25.57
C CYS E 149 12.04 4.33 -25.71
N PRO E 150 12.91 4.69 -24.74
CA PRO E 150 13.28 3.99 -23.50
C PRO E 150 12.31 4.22 -22.30
N PRO E 151 12.63 3.68 -21.12
CA PRO E 151 11.99 4.18 -19.90
C PRO E 151 12.64 5.49 -19.48
N ILE E 152 11.97 6.28 -18.64
CA ILE E 152 12.51 7.57 -18.18
C ILE E 152 13.76 7.33 -17.34
N PRO E 153 14.90 7.92 -17.73
CA PRO E 153 16.14 7.69 -16.97
C PRO E 153 15.94 7.67 -15.42
N ASP E 154 15.26 8.70 -14.89
CA ASP E 154 15.24 8.94 -13.46
C ASP E 154 14.37 7.93 -12.78
N VAL E 155 13.51 7.29 -13.59
CA VAL E 155 12.64 6.15 -13.23
C VAL E 155 13.51 4.89 -13.14
N MET E 156 14.20 4.53 -14.21
CA MET E 156 15.19 3.46 -14.13
C MET E 156 15.98 3.58 -12.81
N SER E 157 16.79 4.66 -12.70
CA SER E 157 17.64 4.87 -11.52
C SER E 157 16.82 4.81 -10.22
N ALA E 158 15.68 5.52 -10.19
CA ALA E 158 14.74 5.45 -9.05
C ALA E 158 14.43 3.99 -8.66
N ILE E 159 14.14 3.17 -9.67
CA ILE E 159 13.78 1.76 -9.44
C ILE E 159 14.96 1.05 -8.78
N ILE E 160 16.15 1.27 -9.33
CA ILE E 160 17.40 0.76 -8.77
C ILE E 160 17.53 1.19 -7.29
N THR E 161 17.38 2.49 -7.03
CA THR E 161 17.56 3.04 -5.68
CA THR E 161 17.56 3.02 -5.68
C THR E 161 16.51 2.48 -4.74
N TYR E 162 15.31 2.24 -5.26
CA TYR E 162 14.29 1.60 -4.43
C TYR E 162 14.78 0.23 -3.96
N MET E 163 15.22 -0.58 -4.92
CA MET E 163 15.72 -1.92 -4.65
C MET E 163 16.93 -1.98 -3.74
N VAL E 164 17.86 -1.04 -3.90
CA VAL E 164 19.04 -1.04 -3.02
C VAL E 164 18.70 -0.52 -1.62
N THR E 165 18.02 0.62 -1.53
CA THR E 165 17.62 1.20 -0.26
C THR E 165 16.65 0.33 0.54
N PHE E 166 15.61 -0.18 -0.12
CA PHE E 166 14.59 -0.96 0.58
C PHE E 166 14.86 -2.44 0.59
N ASP E 167 15.91 -2.86 -0.11
CA ASP E 167 16.36 -4.26 -0.14
C ASP E 167 15.25 -5.22 -0.56
N ARG E 168 14.46 -4.81 -1.55
CA ARG E 168 13.35 -5.62 -2.02
C ARG E 168 12.95 -5.27 -3.44
N LEU E 169 12.15 -6.13 -4.04
CA LEU E 169 11.60 -5.88 -5.35
C LEU E 169 10.41 -4.95 -5.25
N PRO E 170 10.33 -3.96 -6.15
CA PRO E 170 9.17 -3.06 -6.22
C PRO E 170 7.84 -3.82 -6.41
N ASP E 171 6.75 -3.26 -5.91
CA ASP E 171 5.44 -3.87 -6.09
C ASP E 171 5.06 -3.78 -7.54
N VAL E 172 4.37 -4.80 -8.02
CA VAL E 172 4.06 -4.87 -9.45
C VAL E 172 2.60 -5.19 -9.77
N ASP E 173 2.13 -4.62 -10.87
CA ASP E 173 0.79 -4.93 -11.40
C ASP E 173 0.79 -6.31 -11.97
N ARG E 174 -0.39 -6.82 -12.32
CA ARG E 174 -0.43 -8.19 -12.83
C ARG E 174 0.55 -8.41 -14.00
N MET E 175 1.03 -7.32 -14.58
CA MET E 175 1.78 -7.35 -15.81
C MET E 175 3.27 -7.57 -15.55
N GLY E 176 3.72 -7.21 -14.37
CA GLY E 176 5.15 -7.23 -14.05
C GLY E 176 5.82 -5.87 -13.97
N ARG E 177 5.06 -4.80 -14.15
CA ARG E 177 5.60 -3.43 -14.09
C ARG E 177 5.57 -2.87 -12.69
N PRO E 178 6.61 -2.12 -12.30
CA PRO E 178 6.59 -1.48 -10.99
C PRO E 178 5.36 -0.59 -10.83
N LEU E 179 4.74 -0.59 -9.66
CA LEU E 179 3.50 0.13 -9.50
C LEU E 179 3.69 1.63 -9.40
N MET E 180 4.75 2.02 -8.70
CA MET E 180 5.15 3.44 -8.61
C MET E 180 5.00 4.20 -9.90
N PHE E 181 5.71 3.78 -10.95
CA PHE E 181 5.62 4.56 -12.18
C PHE E 181 4.66 4.08 -13.25
N TYR E 182 4.15 2.87 -13.11
CA TYR E 182 3.28 2.33 -14.14
C TYR E 182 1.86 2.00 -13.64
N GLY E 183 1.45 2.69 -12.60
CA GLY E 183 0.15 2.40 -12.01
C GLY E 183 -0.95 3.25 -12.60
N GLN E 184 -0.55 4.36 -13.23
CA GLN E 184 -1.49 5.31 -13.80
C GLN E 184 -1.20 5.64 -15.27
N ARG E 185 -2.27 5.88 -16.04
CA ARG E 185 -2.14 6.25 -17.46
C ARG E 185 -1.54 7.67 -17.67
N ILE E 186 -0.87 7.90 -18.81
CA ILE E 186 -0.33 9.23 -19.15
C ILE E 186 -1.45 10.25 -19.15
N HIS E 187 -2.57 9.82 -19.75
CA HIS E 187 -3.82 10.58 -19.88
C HIS E 187 -4.41 11.06 -18.56
N ASP E 188 -4.05 10.42 -17.45
CA ASP E 188 -4.65 10.78 -16.17
C ASP E 188 -3.76 11.63 -15.32
N LYS E 189 -2.61 11.98 -15.84
CA LYS E 189 -1.79 13.01 -15.23
C LYS E 189 -1.26 13.93 -16.32
N CYS E 190 -2.05 14.10 -17.38
CA CYS E 190 -1.65 15.00 -18.48
C CYS E 190 -2.00 16.45 -18.21
N TYR E 191 -1.00 17.32 -18.39
CA TYR E 191 -1.16 18.76 -18.12
C TYR E 191 -2.12 19.45 -19.09
N ARG E 192 -2.31 18.84 -20.25
CA ARG E 192 -3.32 19.29 -21.21
C ARG E 192 -4.67 18.57 -21.07
N ARG E 193 -4.89 17.79 -19.99
CA ARG E 193 -6.21 17.16 -19.78
C ARG E 193 -7.35 18.16 -19.80
N ALA E 194 -7.10 19.33 -19.21
CA ALA E 194 -8.05 20.43 -19.19
C ALA E 194 -8.69 20.66 -20.59
N HIS E 195 -7.83 20.76 -21.60
CA HIS E 195 -8.26 20.94 -22.99
C HIS E 195 -9.02 19.75 -23.51
N PHE E 196 -8.54 18.55 -23.23
CA PHE E 196 -9.22 17.34 -23.65
C PHE E 196 -10.60 17.31 -23.03
N ASP E 197 -10.69 17.84 -21.81
CA ASP E 197 -11.94 17.79 -21.10
C ASP E 197 -12.90 18.78 -21.71
N ALA E 198 -12.35 19.92 -22.15
CA ALA E 198 -13.16 20.95 -22.82
C ALA E 198 -13.59 20.55 -24.22
N GLY E 199 -12.78 19.74 -24.90
CA GLY E 199 -12.98 19.43 -26.31
C GLY E 199 -12.21 20.41 -27.19
N GLU E 200 -11.03 20.78 -26.71
CA GLU E 200 -10.13 21.74 -27.37
C GLU E 200 -8.89 21.03 -27.91
N PHE E 201 -8.91 20.70 -29.20
CA PHE E 201 -7.84 19.89 -29.78
C PHE E 201 -6.97 20.58 -30.85
N VAL E 202 -5.72 20.15 -30.94
CA VAL E 202 -4.88 20.43 -32.09
C VAL E 202 -5.52 19.68 -33.23
N GLN E 203 -5.62 20.31 -34.41
CA GLN E 203 -6.24 19.65 -35.58
C GLN E 203 -5.25 19.30 -36.72
N SER E 204 -4.26 20.16 -36.90
CA SER E 204 -3.15 19.92 -37.80
C SER E 204 -1.98 20.71 -37.23
N TRP E 205 -0.76 20.23 -37.44
CA TRP E 205 0.41 20.73 -36.72
C TRP E 205 0.56 22.24 -36.87
N ASP E 206 1.04 22.89 -35.80
CA ASP E 206 1.37 24.32 -35.80
C ASP E 206 0.17 25.25 -36.02
N ASP E 207 -1.05 24.70 -35.93
CA ASP E 207 -2.26 25.53 -35.99
C ASP E 207 -2.47 26.31 -34.69
N ASP E 208 -3.38 27.28 -34.71
CA ASP E 208 -3.62 28.12 -33.53
C ASP E 208 -3.80 27.32 -32.26
N ALA E 209 -4.53 26.21 -32.37
CA ALA E 209 -4.73 25.30 -31.25
C ALA E 209 -3.41 24.76 -30.68
N ALA E 210 -2.51 24.31 -31.57
CA ALA E 210 -1.22 23.72 -31.17
C ALA E 210 -0.33 24.74 -30.47
N ARG E 211 -0.42 25.99 -30.92
CA ARG E 211 0.34 27.11 -30.36
C ARG E 211 -0.03 27.42 -28.91
N LYS E 212 -1.26 27.10 -28.54
CA LYS E 212 -1.76 27.33 -27.18
C LYS E 212 -1.58 26.08 -26.34
N GLY E 213 -1.12 25.00 -26.97
CA GLY E 213 -0.90 23.76 -26.24
C GLY E 213 -2.18 23.03 -25.89
N TYR E 214 -3.09 22.95 -26.86
CA TYR E 214 -4.32 22.18 -26.72
C TYR E 214 -4.02 20.70 -26.79
N CYS E 215 -5.05 19.87 -26.58
CA CYS E 215 -4.87 18.43 -26.48
C CYS E 215 -4.48 17.86 -27.83
N LEU E 216 -3.66 16.81 -27.79
CA LEU E 216 -3.19 16.14 -29.00
C LEU E 216 -3.96 14.86 -29.34
N TYR E 217 -5.03 14.60 -28.58
CA TYR E 217 -5.89 13.39 -28.75
C TYR E 217 -6.27 13.12 -30.21
N LYS E 218 -6.60 14.20 -30.94
CA LYS E 218 -7.01 14.07 -32.33
C LYS E 218 -5.84 13.92 -33.30
N MET E 219 -4.63 14.21 -32.83
CA MET E 219 -3.41 13.88 -33.58
C MET E 219 -2.93 12.46 -33.23
N GLY E 220 -3.85 11.69 -32.64
CA GLY E 220 -3.65 10.27 -32.38
C GLY E 220 -2.86 9.93 -31.14
N CYS E 221 -2.75 10.91 -30.22
CA CYS E 221 -2.08 10.69 -28.94
C CYS E 221 -2.63 9.42 -28.28
N LYS E 222 -1.74 8.62 -27.72
CA LYS E 222 -2.20 7.37 -27.18
C LYS E 222 -1.89 7.27 -25.70
N GLY E 223 -1.79 8.43 -25.07
CA GLY E 223 -1.71 8.54 -23.61
C GLY E 223 -2.93 8.01 -22.85
N PRO E 224 -4.15 8.14 -23.42
CA PRO E 224 -5.35 7.50 -22.91
C PRO E 224 -5.26 6.01 -22.65
N THR E 225 -4.29 5.36 -23.29
CA THR E 225 -4.08 3.91 -23.10
C THR E 225 -2.64 3.49 -22.86
N THR E 226 -1.89 4.27 -22.10
CA THR E 226 -0.49 3.99 -21.93
C THR E 226 -0.07 4.28 -20.51
N TYR E 227 0.46 3.27 -19.84
CA TYR E 227 0.91 3.42 -18.45
C TYR E 227 2.40 3.73 -18.42
N ASN E 228 2.70 4.94 -17.98
CA ASN E 228 4.07 5.40 -17.78
C ASN E 228 4.03 6.60 -16.84
N ALA E 229 5.14 7.29 -16.68
CA ALA E 229 5.17 8.36 -15.72
C ALA E 229 5.60 9.66 -16.37
N CYS E 230 5.44 9.73 -17.70
CA CYS E 230 6.01 10.84 -18.49
C CYS E 230 5.34 12.22 -18.23
N SER E 231 4.03 12.20 -18.02
CA SER E 231 3.26 13.40 -17.71
C SER E 231 3.54 13.94 -16.29
N SER E 232 3.99 13.05 -15.39
CA SER E 232 4.24 13.39 -13.99
CA SER E 232 4.24 13.39 -13.99
C SER E 232 5.72 13.59 -13.70
N THR E 233 6.52 12.54 -13.84
CA THR E 233 7.94 12.61 -13.62
C THR E 233 8.62 13.39 -14.75
N ARG E 234 8.18 13.15 -15.99
CA ARG E 234 8.77 13.77 -17.20
C ARG E 234 10.25 13.42 -17.47
N TRP E 235 10.70 13.78 -18.66
CA TRP E 235 11.97 13.29 -19.17
C TRP E 235 13.12 14.25 -18.94
N ASN E 236 14.31 13.69 -18.72
CA ASN E 236 15.56 14.46 -18.71
C ASN E 236 15.59 15.59 -17.69
N ASP E 237 15.53 15.20 -16.42
CA ASP E 237 15.54 16.14 -15.30
C ASP E 237 14.29 17.03 -15.36
N GLY E 238 13.14 16.39 -15.58
CA GLY E 238 11.83 17.07 -15.68
C GLY E 238 11.74 18.22 -16.68
N VAL E 239 12.52 18.16 -17.77
CA VAL E 239 12.47 19.20 -18.78
C VAL E 239 11.15 19.10 -19.57
N SER E 240 10.93 18.00 -20.27
CA SER E 240 9.74 17.93 -21.09
C SER E 240 9.22 16.49 -21.21
N PHE E 241 8.29 16.28 -22.14
CA PHE E 241 7.94 14.95 -22.60
C PHE E 241 7.14 15.05 -23.88
N CYS E 242 7.11 13.95 -24.63
CA CYS E 242 6.37 13.82 -25.91
C CYS E 242 5.31 14.91 -26.12
N ILE E 243 4.35 14.95 -25.21
CA ILE E 243 3.13 15.74 -25.34
C ILE E 243 3.40 17.21 -25.16
N GLN E 244 4.23 17.52 -24.17
CA GLN E 244 4.62 18.90 -23.90
C GLN E 244 5.38 19.51 -25.10
N SER E 245 6.17 18.71 -25.79
CA SER E 245 6.90 19.16 -26.97
C SER E 245 6.07 19.05 -28.25
N GLY E 246 4.75 18.82 -28.10
CA GLY E 246 3.79 18.94 -29.21
C GLY E 246 3.41 17.70 -30.00
N HIS E 247 3.89 16.53 -29.60
CA HIS E 247 3.58 15.29 -30.31
C HIS E 247 2.77 14.37 -29.42
N GLY E 248 1.81 13.66 -30.02
CA GLY E 248 1.03 12.69 -29.27
C GLY E 248 1.85 11.54 -28.71
N CYS E 249 1.45 11.02 -27.56
CA CYS E 249 2.04 9.81 -27.00
C CYS E 249 1.90 8.70 -28.03
N LEU E 250 3.01 8.01 -28.30
CA LEU E 250 3.05 6.87 -29.22
C LEU E 250 2.62 5.59 -28.50
N GLY E 251 2.68 5.62 -27.17
CA GLY E 251 2.33 4.47 -26.35
C GLY E 251 3.51 3.52 -26.22
N CYS E 252 4.71 4.08 -26.14
CA CYS E 252 5.93 3.29 -26.32
C CYS E 252 6.30 2.45 -25.12
N ALA E 253 5.44 2.43 -24.11
CA ALA E 253 5.67 1.60 -22.95
C ALA E 253 4.62 0.49 -22.86
N GLU E 254 3.84 0.35 -23.93
CA GLU E 254 2.73 -0.61 -23.96
C GLU E 254 2.95 -1.78 -24.91
N ASN E 255 2.44 -2.94 -24.54
CA ASN E 255 2.66 -4.14 -25.33
C ASN E 255 2.14 -4.02 -26.76
N GLY E 256 3.03 -4.30 -27.72
CA GLY E 256 2.71 -4.25 -29.15
C GLY E 256 2.18 -2.93 -29.70
N PHE E 257 2.63 -1.82 -29.12
CA PHE E 257 2.20 -0.48 -29.54
C PHE E 257 2.61 -0.10 -30.97
N TRP E 258 3.63 -0.78 -31.49
CA TRP E 258 4.10 -0.53 -32.84
C TRP E 258 3.03 -0.98 -33.82
N ASP E 259 2.21 -1.95 -33.43
CA ASP E 259 1.23 -2.52 -34.33
C ASP E 259 -0.22 -2.08 -34.12
N ARG E 260 -0.49 -1.12 -33.24
CA ARG E 260 -1.87 -0.64 -32.98
C ARG E 260 -2.29 0.51 -33.91
N GLY E 261 -2.25 0.26 -35.21
CA GLY E 261 -2.60 1.28 -36.17
C GLY E 261 -1.50 2.33 -36.30
N SER E 262 -1.83 3.43 -36.99
CA SER E 262 -0.90 4.53 -37.12
C SER E 262 -0.75 5.28 -35.80
N PHE E 263 0.38 5.96 -35.65
CA PHE E 263 0.56 6.83 -34.49
C PHE E 263 -0.28 8.08 -34.60
N TYR E 264 -0.75 8.36 -35.81
CA TYR E 264 -1.55 9.54 -36.05
C TYR E 264 -3.05 9.32 -36.17
N SER E 265 -3.56 8.20 -35.66
CA SER E 265 -5.01 7.98 -35.72
C SER E 265 -5.76 7.77 -34.39
N ARG E 266 -6.59 8.77 -34.07
CA ARG E 266 -7.57 8.76 -32.97
C ARG E 266 -7.14 8.04 -31.70
N VAL E 267 -7.48 6.75 -31.63
CA VAL E 267 -7.41 5.85 -30.44
C VAL E 267 -8.81 5.33 -30.05
N VAL E 268 -9.05 4.04 -30.30
CA VAL E 268 -10.37 3.41 -30.12
C VAL E 268 -10.74 3.21 -28.64
N ASP E 269 -12.01 3.43 -28.32
CA ASP E 269 -12.62 3.04 -27.03
C ASP E 269 -12.14 3.80 -25.79
N ILE E 270 -11.89 5.10 -25.97
CA ILE E 270 -11.61 6.01 -24.87
C ILE E 270 -12.71 7.05 -24.85
N PRO E 271 -13.50 7.15 -23.75
CA PRO E 271 -14.63 8.08 -23.73
C PRO E 271 -14.20 9.56 -23.85
N GLN E 272 -14.79 10.23 -24.84
CA GLN E 272 -14.51 11.64 -25.13
C GLN E 272 -15.83 12.36 -25.35
N MET E 273 -16.02 13.44 -24.59
CA MET E 273 -17.22 14.25 -24.61
C MET E 273 -16.77 15.56 -24.03
N GLY E 274 -16.80 16.62 -24.84
CA GLY E 274 -16.25 17.93 -24.46
C GLY E 274 -17.20 18.71 -23.59
N THR E 275 -16.65 19.41 -22.61
CA THR E 275 -17.48 20.21 -21.71
C THR E 275 -18.00 21.40 -22.50
N HIS E 276 -17.07 22.18 -23.05
CA HIS E 276 -17.37 23.37 -23.80
C HIS E 276 -17.83 23.05 -25.22
N SER E 277 -17.14 22.12 -25.88
CA SER E 277 -17.51 21.72 -27.23
C SER E 277 -18.99 21.31 -27.34
N THR E 278 -19.47 20.50 -26.39
CA THR E 278 -20.84 20.04 -26.43
C THR E 278 -21.84 21.16 -26.11
N ALA E 279 -21.56 21.91 -25.05
CA ALA E 279 -22.35 23.11 -24.74
C ALA E 279 -22.39 24.11 -25.92
N ASP E 280 -21.23 24.36 -26.53
CA ASP E 280 -21.17 25.20 -27.73
C ASP E 280 -22.17 24.74 -28.78
N THR E 281 -22.06 23.48 -29.18
CA THR E 281 -22.97 22.90 -30.16
C THR E 281 -24.42 22.99 -29.72
N VAL E 282 -24.67 22.79 -28.42
CA VAL E 282 -26.01 22.97 -27.88
C VAL E 282 -26.51 24.40 -28.08
N GLY E 283 -25.62 25.38 -27.87
CA GLY E 283 -25.98 26.80 -28.01
C GLY E 283 -26.23 27.26 -29.45
N LEU E 284 -25.35 26.85 -30.35
CA LEU E 284 -25.44 27.18 -31.77
C LEU E 284 -26.59 26.39 -32.41
N THR E 285 -26.89 25.22 -31.85
CA THR E 285 -27.99 24.38 -32.33
C THR E 285 -29.33 24.96 -31.91
N ALA E 286 -29.38 25.63 -30.75
CA ALA E 286 -30.60 26.26 -30.26
C ALA E 286 -30.78 27.63 -30.89
N LEU E 287 -29.69 28.40 -30.96
CA LEU E 287 -29.70 29.68 -31.66
C LEU E 287 -30.24 29.51 -33.06
N GLY E 288 -29.66 28.57 -33.80
CA GLY E 288 -30.09 28.20 -35.16
C GLY E 288 -31.57 27.91 -35.29
N VAL E 289 -32.14 27.24 -34.28
CA VAL E 289 -33.58 26.98 -34.24
C VAL E 289 -34.39 28.28 -34.26
N VAL E 290 -34.01 29.25 -33.41
CA VAL E 290 -34.69 30.55 -33.33
C VAL E 290 -34.33 31.44 -34.52
N ALA E 291 -33.09 31.28 -35.01
CA ALA E 291 -32.59 32.03 -36.17
C ALA E 291 -33.47 31.82 -37.39
N ALA E 292 -33.78 30.55 -37.67
CA ALA E 292 -34.63 30.18 -38.82
C ALA E 292 -36.12 30.47 -38.59
N ALA E 293 -36.55 30.36 -37.33
CA ALA E 293 -37.94 30.54 -36.94
C ALA E 293 -38.40 32.00 -36.97
N VAL E 294 -37.54 32.92 -36.55
CA VAL E 294 -37.88 34.36 -36.52
C VAL E 294 -37.17 35.18 -37.63
N GLY E 295 -35.84 35.19 -37.62
CA GLY E 295 -35.04 35.83 -38.69
C GLY E 295 -35.02 34.96 -39.94
N VAL E 296 -33.83 34.47 -40.30
CA VAL E 296 -33.64 33.41 -41.33
C VAL E 296 -32.14 33.08 -41.53
N HIS E 297 -31.35 33.36 -40.48
CA HIS E 297 -29.87 33.26 -40.40
C HIS E 297 -29.23 34.66 -40.33
N ALA E 298 -27.91 34.73 -40.10
CA ALA E 298 -27.24 36.01 -39.86
C ALA E 298 -26.19 36.44 -40.90
N VAL E 299 -26.51 37.52 -41.62
CA VAL E 299 -25.56 38.23 -42.48
C VAL E 299 -25.15 39.54 -41.78
N ALA E 300 -24.10 39.45 -40.94
CA ALA E 300 -23.59 40.58 -40.13
C ALA E 300 -22.97 41.73 -40.95
N SER E 301 -22.35 42.70 -40.27
CA SER E 301 -21.58 43.78 -40.92
C SER E 301 -20.29 44.12 -40.15
N ALA E 302 -20.42 44.31 -38.85
CA ALA E 302 -19.23 44.47 -38.00
C ALA E 302 -18.67 43.09 -37.64
N VAL E 303 -19.56 42.15 -37.31
CA VAL E 303 -19.21 40.78 -36.86
C VAL E 303 -18.66 40.67 -35.41
N ASP E 304 -18.12 41.76 -34.87
CA ASP E 304 -17.69 41.83 -33.46
C ASP E 304 -18.18 43.11 -32.74
N GLN E 305 -17.93 44.27 -33.35
CA GLN E 305 -18.41 45.63 -32.93
C GLN E 305 -17.92 46.23 -31.58
N ARG E 306 -17.70 45.38 -30.57
CA ARG E 306 -17.40 45.80 -29.17
C ARG E 306 -16.02 46.44 -28.91
N ARG E 307 -15.92 47.75 -29.18
CA ARG E 307 -14.71 48.55 -28.93
C ARG E 307 -15.05 50.03 -28.81
N SER F 2 44.94 -22.66 -46.24
CA SER F 2 45.11 -21.18 -46.20
C SER F 2 45.46 -20.61 -47.58
N THR F 3 44.79 -19.52 -47.94
CA THR F 3 44.96 -18.86 -49.23
C THR F 3 45.48 -17.43 -49.09
N GLN F 4 46.11 -16.91 -50.13
CA GLN F 4 46.69 -15.56 -50.10
C GLN F 4 46.44 -14.81 -51.41
N TYR F 5 46.01 -13.55 -51.30
CA TYR F 5 45.78 -12.71 -52.47
C TYR F 5 46.02 -11.22 -52.17
N GLU F 6 46.32 -10.44 -53.20
CA GLU F 6 46.59 -8.99 -53.05
C GLU F 6 45.31 -8.20 -53.33
N THR F 7 45.12 -7.10 -52.59
CA THR F 7 43.98 -6.18 -52.80
C THR F 7 44.25 -4.79 -52.20
N GLN F 8 44.06 -3.76 -53.02
CA GLN F 8 44.15 -2.37 -52.56
C GLN F 8 45.52 -2.06 -51.92
N GLY F 9 46.55 -2.76 -52.38
CA GLY F 9 47.92 -2.57 -51.90
C GLY F 9 48.26 -3.40 -50.67
N TYR F 10 47.37 -4.33 -50.34
CA TYR F 10 47.45 -5.14 -49.14
C TYR F 10 47.68 -6.60 -49.50
N THR F 11 48.36 -7.34 -48.64
CA THR F 11 48.52 -8.79 -48.83
C THR F 11 47.76 -9.57 -47.76
N ILE F 12 46.56 -10.03 -48.15
CA ILE F 12 45.64 -10.73 -47.26
C ILE F 12 46.00 -12.21 -47.14
N ASN F 13 46.49 -12.59 -45.96
CA ASN F 13 46.98 -13.94 -45.73
C ASN F 13 46.39 -14.59 -44.47
N ASN F 14 45.60 -15.64 -44.66
CA ASN F 14 44.96 -16.29 -43.52
C ASN F 14 45.73 -17.49 -42.95
N ALA F 15 47.00 -17.62 -43.32
CA ALA F 15 47.90 -18.57 -42.68
C ALA F 15 48.42 -17.96 -41.38
N GLY F 16 48.80 -18.81 -40.44
CA GLY F 16 49.29 -18.35 -39.14
C GLY F 16 48.19 -18.24 -38.10
N ARG F 17 48.61 -18.21 -36.84
CA ARG F 17 47.70 -18.20 -35.68
CA ARG F 17 47.70 -18.21 -35.69
C ARG F 17 46.49 -17.30 -35.90
N ARG F 18 45.30 -17.83 -35.60
CA ARG F 18 44.03 -17.11 -35.71
C ARG F 18 43.57 -16.58 -34.35
N LEU F 19 43.30 -15.29 -34.27
CA LEU F 19 42.84 -14.68 -33.02
C LEU F 19 41.37 -14.27 -33.12
N VAL F 20 40.60 -14.55 -32.05
CA VAL F 20 39.18 -14.22 -32.07
C VAL F 20 38.79 -13.25 -30.96
N VAL F 21 38.31 -12.09 -31.36
CA VAL F 21 37.78 -11.11 -30.42
C VAL F 21 36.24 -11.05 -30.55
N ASP F 22 35.56 -11.85 -29.74
CA ASP F 22 34.09 -11.90 -29.70
C ASP F 22 33.67 -12.12 -28.25
N PRO F 23 32.89 -11.18 -27.67
CA PRO F 23 32.34 -9.95 -28.29
C PRO F 23 33.22 -8.71 -28.17
N ILE F 24 33.21 -7.87 -29.19
CA ILE F 24 33.82 -6.54 -29.10
C ILE F 24 32.99 -5.73 -28.12
N THR F 25 33.64 -5.08 -27.17
CA THR F 25 32.96 -4.27 -26.16
C THR F 25 33.26 -2.80 -26.34
N ARG F 26 32.59 -1.95 -25.55
CA ARG F 26 32.74 -0.49 -25.64
C ARG F 26 32.42 0.03 -27.04
N ILE F 27 31.40 -0.59 -27.64
CA ILE F 27 30.84 -0.18 -28.92
C ILE F 27 29.34 -0.36 -28.77
N GLU F 28 28.60 0.09 -29.75
CA GLU F 28 27.16 -0.11 -29.75
C GLU F 28 26.84 -1.42 -30.45
N GLY F 29 26.06 -2.29 -29.79
CA GLY F 29 25.59 -3.54 -30.40
C GLY F 29 26.58 -4.69 -30.44
N HIS F 30 26.47 -5.55 -31.45
CA HIS F 30 27.17 -6.83 -31.45
C HIS F 30 28.14 -7.03 -32.60
N MET F 31 29.43 -7.12 -32.29
CA MET F 31 30.45 -7.30 -33.30
C MET F 31 31.44 -8.43 -32.95
N ARG F 32 31.79 -9.22 -33.95
CA ARG F 32 32.83 -10.25 -33.82
C ARG F 32 34.00 -9.86 -34.71
N CYS F 33 35.21 -9.90 -34.15
CA CYS F 33 36.39 -9.67 -34.96
C CYS F 33 37.35 -10.85 -34.90
N GLU F 34 37.83 -11.24 -36.07
CA GLU F 34 38.82 -12.31 -36.18
C GLU F 34 40.01 -11.80 -36.98
N VAL F 35 41.20 -12.29 -36.63
CA VAL F 35 42.43 -11.93 -37.35
C VAL F 35 43.38 -13.12 -37.52
N ASN F 36 44.39 -12.92 -38.37
CA ASN F 36 45.54 -13.82 -38.45
C ASN F 36 46.81 -13.04 -38.21
N ILE F 37 47.72 -13.63 -37.44
CA ILE F 37 49.04 -13.04 -37.19
C ILE F 37 50.16 -13.97 -37.64
N ASN F 38 51.31 -13.39 -37.98
CA ASN F 38 52.48 -14.16 -38.40
C ASN F 38 53.49 -14.38 -37.26
N ASP F 39 54.74 -14.65 -37.65
CA ASP F 39 55.83 -14.86 -36.68
C ASP F 39 56.23 -13.57 -36.00
N GLN F 40 56.05 -12.44 -36.70
CA GLN F 40 56.36 -11.11 -36.15
C GLN F 40 55.18 -10.47 -35.40
N ASN F 41 54.14 -11.26 -35.16
CA ASN F 41 52.93 -10.79 -34.51
C ASN F 41 52.29 -9.60 -35.22
N VAL F 42 52.28 -9.64 -36.55
CA VAL F 42 51.71 -8.57 -37.36
C VAL F 42 50.46 -9.09 -38.04
N ILE F 43 49.40 -8.28 -38.05
CA ILE F 43 48.13 -8.69 -38.66
C ILE F 43 48.24 -8.76 -40.18
N THR F 44 47.95 -9.93 -40.72
CA THR F 44 48.04 -10.20 -42.16
C THR F 44 46.64 -10.52 -42.74
N ASN F 45 45.66 -10.67 -41.85
CA ASN F 45 44.26 -10.85 -42.24
C ASN F 45 43.33 -10.32 -41.16
N ALA F 46 42.29 -9.61 -41.58
CA ALA F 46 41.27 -9.10 -40.65
C ALA F 46 39.85 -9.41 -41.12
N VAL F 47 38.99 -9.78 -40.18
CA VAL F 47 37.66 -10.21 -40.52
C VAL F 47 36.66 -9.40 -39.71
N SER F 48 35.75 -8.71 -40.40
CA SER F 48 34.78 -7.84 -39.73
C SER F 48 33.32 -8.32 -39.81
N CYS F 49 32.85 -8.86 -38.70
CA CYS F 49 31.55 -9.50 -38.65
C CYS F 49 30.58 -8.80 -37.71
N GLY F 50 29.39 -8.48 -38.23
CA GLY F 50 28.30 -7.95 -37.42
C GLY F 50 27.40 -9.06 -36.94
N THR F 51 27.34 -9.26 -35.64
CA THR F 51 26.69 -10.45 -35.09
C THR F 51 25.24 -10.23 -34.62
N MET F 52 24.52 -9.32 -35.27
CA MET F 52 23.12 -9.05 -34.93
C MET F 52 22.34 -8.63 -36.17
N PHE F 53 21.02 -8.70 -36.09
CA PHE F 53 20.11 -8.27 -37.15
C PHE F 53 18.68 -8.28 -36.65
N ARG F 54 17.92 -7.24 -37.00
CA ARG F 54 16.53 -7.06 -36.52
C ARG F 54 15.52 -6.97 -37.65
N GLY F 55 15.91 -6.25 -38.71
CA GLY F 55 15.19 -6.24 -39.97
C GLY F 55 14.19 -5.12 -40.07
N LEU F 56 14.65 -3.90 -39.90
CA LEU F 56 13.78 -2.72 -39.97
C LEU F 56 13.23 -2.57 -41.39
N GLU F 57 14.12 -2.72 -42.37
CA GLU F 57 13.70 -2.59 -43.75
C GLU F 57 12.47 -3.46 -44.03
N ILE F 58 12.40 -4.62 -43.40
CA ILE F 58 11.31 -5.58 -43.64
C ILE F 58 10.06 -5.16 -42.92
N ILE F 59 10.25 -4.69 -41.68
CA ILE F 59 9.16 -4.25 -40.83
C ILE F 59 8.41 -3.02 -41.40
N LEU F 60 9.18 -2.04 -41.87
CA LEU F 60 8.66 -0.78 -42.42
C LEU F 60 7.61 -0.94 -43.51
N GLN F 61 7.62 -2.10 -44.16
CA GLN F 61 6.85 -2.29 -45.37
C GLN F 61 5.33 -2.24 -45.16
N GLY F 62 4.69 -1.30 -45.86
CA GLY F 62 3.25 -1.22 -45.83
C GLY F 62 2.71 -0.33 -44.74
N ARG F 63 3.59 0.42 -44.08
CA ARG F 63 3.15 1.36 -43.06
C ARG F 63 3.00 2.77 -43.61
N ASP F 64 2.31 3.64 -42.86
CA ASP F 64 2.17 5.05 -43.25
C ASP F 64 3.51 5.78 -43.17
N PRO F 65 3.93 6.38 -44.29
CA PRO F 65 5.23 7.05 -44.37
C PRO F 65 5.45 8.06 -43.26
N ARG F 66 4.38 8.62 -42.72
CA ARG F 66 4.50 9.56 -41.62
C ARG F 66 4.82 8.87 -40.28
N ASP F 67 4.61 7.55 -40.23
CA ASP F 67 4.97 6.76 -39.04
C ASP F 67 6.41 6.28 -39.09
N ALA F 68 7.01 6.35 -40.27
CA ALA F 68 8.31 5.74 -40.53
C ALA F 68 9.46 6.22 -39.62
N TRP F 69 9.54 7.53 -39.39
CA TRP F 69 10.62 8.14 -38.59
C TRP F 69 10.70 7.47 -37.22
N ALA F 70 9.52 7.21 -36.65
CA ALA F 70 9.40 6.59 -35.33
C ALA F 70 10.05 5.20 -35.28
N PHE F 71 9.74 4.38 -36.29
CA PHE F 71 10.30 3.03 -36.41
C PHE F 71 11.81 3.05 -36.62
N VAL F 72 12.26 3.81 -37.62
CA VAL F 72 13.69 3.84 -37.96
C VAL F 72 14.53 4.60 -36.96
N GLU F 73 13.92 5.50 -36.19
CA GLU F 73 14.69 6.13 -35.12
C GLU F 73 15.23 5.08 -34.17
N ARG F 74 14.39 4.07 -33.92
CA ARG F 74 14.74 2.91 -33.06
C ARG F 74 15.77 1.95 -33.69
N ILE F 75 16.40 2.40 -34.77
CA ILE F 75 17.54 1.68 -35.33
C ILE F 75 18.65 1.69 -34.28
N CYS F 76 18.92 2.89 -33.75
CA CYS F 76 20.04 3.09 -32.85
C CYS F 76 19.76 4.13 -31.77
N GLY F 77 20.02 3.74 -30.53
CA GLY F 77 19.77 4.60 -29.37
C GLY F 77 20.96 5.45 -28.99
N VAL F 78 22.13 5.04 -29.49
CA VAL F 78 23.35 5.81 -29.33
C VAL F 78 23.28 7.00 -30.26
N CYS F 79 23.18 6.77 -31.58
CA CYS F 79 23.00 7.88 -32.55
C CYS F 79 21.51 8.25 -32.68
N THR F 80 20.85 8.38 -31.54
CA THR F 80 19.39 8.52 -31.50
C THR F 80 18.95 9.82 -32.16
N GLY F 81 18.04 9.68 -33.11
CA GLY F 81 17.46 10.84 -33.78
C GLY F 81 17.96 11.06 -35.20
N VAL F 82 19.17 10.57 -35.51
CA VAL F 82 19.72 10.77 -36.85
C VAL F 82 18.90 10.05 -37.91
N HIS F 83 18.41 8.85 -37.56
CA HIS F 83 17.59 8.04 -38.48
C HIS F 83 16.21 8.61 -38.73
N ALA F 84 15.63 9.21 -37.67
CA ALA F 84 14.39 9.93 -37.80
C ALA F 84 14.59 11.10 -38.76
N LEU F 85 15.67 11.86 -38.57
CA LEU F 85 15.95 12.97 -39.43
C LEU F 85 16.06 12.50 -40.87
N ALA F 86 16.83 11.42 -41.05
CA ALA F 86 17.04 10.82 -42.37
C ALA F 86 15.72 10.37 -42.96
N SER F 87 14.82 9.94 -42.09
CA SER F 87 13.50 9.49 -42.53
C SER F 87 12.71 10.68 -43.06
N VAL F 88 12.44 11.64 -42.19
CA VAL F 88 11.56 12.74 -42.55
C VAL F 88 12.04 13.33 -43.87
N TYR F 89 13.36 13.57 -43.96
CA TYR F 89 14.05 14.07 -45.15
C TYR F 89 13.58 13.35 -46.41
N ALA F 90 13.54 12.02 -46.33
CA ALA F 90 13.22 11.16 -47.46
C ALA F 90 11.75 11.20 -47.82
N ILE F 91 10.86 11.07 -46.83
CA ILE F 91 9.44 11.11 -47.11
C ILE F 91 9.05 12.46 -47.76
N GLU F 92 9.65 13.53 -47.24
CA GLU F 92 9.52 14.86 -47.83
C GLU F 92 10.12 14.90 -49.23
N ASP F 93 11.23 14.19 -49.45
CA ASP F 93 11.82 14.15 -50.79
C ASP F 93 10.89 13.42 -51.75
N ALA F 94 10.17 12.42 -51.21
CA ALA F 94 9.22 11.63 -51.98
C ALA F 94 7.94 12.40 -52.30
N ILE F 95 7.27 12.90 -51.28
CA ILE F 95 6.01 13.61 -51.44
C ILE F 95 6.19 15.00 -52.06
N GLY F 96 7.34 15.59 -51.82
CA GLY F 96 7.67 16.95 -52.29
C GLY F 96 7.15 18.00 -51.33
N ILE F 97 7.66 18.00 -50.10
CA ILE F 97 6.99 18.69 -48.99
C ILE F 97 7.40 20.13 -48.66
N LYS F 98 8.70 20.40 -48.52
CA LYS F 98 9.19 21.76 -48.17
C LYS F 98 8.73 22.24 -46.78
N VAL F 99 9.68 22.25 -45.84
CA VAL F 99 9.44 22.66 -44.44
C VAL F 99 9.78 24.15 -44.19
N PRO F 100 9.16 24.75 -43.15
CA PRO F 100 9.40 26.15 -42.79
C PRO F 100 10.82 26.32 -42.30
N ASP F 101 11.34 27.55 -42.40
CA ASP F 101 12.73 27.80 -42.05
C ASP F 101 13.07 27.30 -40.64
N ASN F 102 12.28 27.73 -39.66
CA ASN F 102 12.50 27.32 -38.25
C ASN F 102 12.56 25.80 -38.06
N ALA F 103 11.72 25.06 -38.78
CA ALA F 103 11.71 23.60 -38.69
C ALA F 103 13.10 23.07 -38.97
N ASN F 104 13.71 23.60 -40.03
CA ASN F 104 15.07 23.24 -40.40
C ASN F 104 16.06 23.63 -39.32
N ILE F 105 16.06 24.91 -38.95
CA ILE F 105 17.01 25.44 -37.95
C ILE F 105 16.96 24.60 -36.66
N ILE F 106 15.75 24.20 -36.28
CA ILE F 106 15.56 23.32 -35.12
C ILE F 106 16.12 21.93 -35.38
N ARG F 107 15.89 21.39 -36.59
CA ARG F 107 16.38 20.06 -36.97
C ARG F 107 17.90 19.99 -36.97
N ASN F 108 18.52 21.06 -37.48
CA ASN F 108 19.97 21.23 -37.49
C ASN F 108 20.52 21.28 -36.07
N ILE F 109 19.79 22.00 -35.20
CA ILE F 109 20.05 22.01 -33.75
C ILE F 109 20.02 20.59 -33.15
N MET F 110 18.95 19.84 -33.41
CA MET F 110 18.87 18.44 -33.01
C MET F 110 20.11 17.63 -33.39
N LEU F 111 20.55 17.77 -34.66
CA LEU F 111 21.75 17.09 -35.17
C LEU F 111 23.05 17.55 -34.52
N ALA F 112 23.27 18.85 -34.45
CA ALA F 112 24.46 19.38 -33.79
C ALA F 112 24.56 18.91 -32.34
N THR F 113 23.42 18.88 -31.66
CA THR F 113 23.31 18.31 -30.32
C THR F 113 23.74 16.84 -30.28
N LEU F 114 23.17 16.02 -31.17
CA LEU F 114 23.58 14.62 -31.25
C LEU F 114 25.10 14.46 -31.47
N TRP F 115 25.66 15.26 -32.36
CA TRP F 115 27.12 15.30 -32.60
C TRP F 115 27.90 15.60 -31.31
N CYS F 116 27.51 16.67 -30.62
CA CYS F 116 28.20 17.09 -29.41
C CYS F 116 28.16 16.01 -28.38
N HIS F 117 26.97 15.43 -28.19
CA HIS F 117 26.75 14.43 -27.17
C HIS F 117 27.39 13.11 -27.54
N ASP F 118 27.10 12.62 -28.75
CA ASP F 118 27.56 11.31 -29.19
C ASP F 118 29.08 11.22 -29.19
N HIS F 119 29.72 12.22 -29.78
CA HIS F 119 31.18 12.30 -29.81
C HIS F 119 31.83 12.27 -28.43
N LEU F 120 31.26 13.06 -27.51
CA LEU F 120 31.78 13.18 -26.14
C LEU F 120 31.73 11.85 -25.38
N VAL F 121 30.56 11.22 -25.31
CA VAL F 121 30.39 9.93 -24.67
C VAL F 121 31.37 8.93 -25.27
N HIS F 122 31.53 8.92 -26.60
CA HIS F 122 32.45 7.99 -27.22
C HIS F 122 33.88 8.19 -26.74
N PHE F 123 34.35 9.43 -26.79
CA PHE F 123 35.73 9.74 -26.45
C PHE F 123 36.13 9.33 -25.04
N TYR F 124 35.18 9.41 -24.11
CA TYR F 124 35.41 9.01 -22.71
C TYR F 124 34.90 7.61 -22.36
N GLN F 125 33.59 7.41 -22.45
CA GLN F 125 32.97 6.15 -21.99
C GLN F 125 33.36 4.93 -22.79
N LEU F 126 33.45 5.08 -24.11
CA LEU F 126 33.75 3.96 -24.99
C LEU F 126 35.26 3.81 -25.30
N ALA F 127 35.82 4.76 -26.05
CA ALA F 127 37.20 4.66 -26.51
C ALA F 127 38.24 4.96 -25.45
N GLY F 128 37.85 5.71 -24.43
CA GLY F 128 38.78 6.29 -23.45
C GLY F 128 39.75 5.32 -22.83
N MET F 129 39.21 4.21 -22.33
CA MET F 129 40.02 3.24 -21.61
C MET F 129 41.09 2.52 -22.45
N ASP F 130 41.01 2.67 -23.77
CA ASP F 130 42.04 2.16 -24.69
C ASP F 130 43.37 2.90 -24.47
N TRP F 131 43.27 4.16 -24.06
CA TRP F 131 44.42 5.07 -23.97
C TRP F 131 44.77 5.42 -22.52
N ILE F 132 43.75 5.48 -21.68
CA ILE F 132 43.88 5.86 -20.26
C ILE F 132 43.93 4.63 -19.36
N ASP F 133 45.12 4.36 -18.83
CA ASP F 133 45.35 3.25 -17.89
C ASP F 133 44.75 3.60 -16.53
N VAL F 134 43.52 3.17 -16.30
CA VAL F 134 42.72 3.59 -15.13
C VAL F 134 43.45 3.28 -13.83
N LEU F 135 43.94 2.06 -13.70
CA LEU F 135 44.56 1.59 -12.47
C LEU F 135 45.90 2.27 -12.18
N ASP F 136 46.52 2.81 -13.22
CA ASP F 136 47.78 3.55 -13.07
C ASP F 136 47.57 4.92 -12.42
N ALA F 137 46.32 5.41 -12.41
CA ALA F 137 45.98 6.67 -11.75
C ALA F 137 46.25 6.60 -10.26
N LEU F 138 46.12 5.39 -9.69
CA LEU F 138 46.42 5.12 -8.28
C LEU F 138 47.87 5.35 -7.88
N LYS F 139 48.77 5.43 -8.86
N LYS F 139 48.76 5.42 -8.88
CA LYS F 139 50.18 5.72 -8.60
CA LYS F 139 50.17 5.72 -8.66
C LYS F 139 50.55 7.18 -8.89
C LYS F 139 50.45 7.22 -8.65
N ALA F 140 49.55 7.99 -9.26
CA ALA F 140 49.77 9.41 -9.56
C ALA F 140 49.88 10.32 -8.33
N ASP F 141 50.74 11.33 -8.43
CA ASP F 141 50.82 12.41 -7.44
C ASP F 141 49.78 13.49 -7.77
N PRO F 142 48.82 13.74 -6.86
CA PRO F 142 47.76 14.72 -7.14
C PRO F 142 48.27 16.12 -7.49
N ARG F 143 49.32 16.59 -6.81
CA ARG F 143 49.91 17.93 -7.06
C ARG F 143 50.49 18.10 -8.46
N LYS F 144 51.11 17.06 -9.00
CA LYS F 144 51.58 17.07 -10.37
C LYS F 144 50.46 16.87 -11.38
N THR F 145 49.44 16.11 -11.00
CA THR F 145 48.24 15.96 -11.83
C THR F 145 47.55 17.31 -11.98
N SER F 146 47.48 18.05 -10.87
CA SER F 146 46.95 19.40 -10.86
C SER F 146 47.74 20.29 -11.79
N GLU F 147 49.06 20.34 -11.57
CA GLU F 147 50.00 21.12 -12.39
CA GLU F 147 49.98 21.15 -12.38
C GLU F 147 49.85 20.84 -13.88
N LEU F 148 49.63 19.56 -14.22
CA LEU F 148 49.50 19.13 -15.62
C LEU F 148 48.20 19.64 -16.23
N ALA F 149 47.11 19.42 -15.53
CA ALA F 149 45.80 19.82 -16.04
C ALA F 149 45.77 21.30 -16.25
N GLN F 150 46.45 22.04 -15.38
CA GLN F 150 46.44 23.48 -15.50
C GLN F 150 47.31 23.98 -16.65
N SER F 151 48.33 23.20 -17.01
CA SER F 151 49.19 23.56 -18.13
C SER F 151 48.47 23.39 -19.47
N LEU F 152 47.46 22.52 -19.52
CA LEU F 152 46.79 22.16 -20.78
C LEU F 152 45.46 22.88 -21.01
N SER F 153 44.91 23.45 -19.96
CA SER F 153 43.52 23.89 -20.00
C SER F 153 43.17 24.89 -18.94
N SER F 154 42.28 25.80 -19.31
CA SER F 154 41.76 26.83 -18.42
CA SER F 154 41.78 26.83 -18.40
C SER F 154 40.55 26.34 -17.64
N TRP F 155 40.30 25.03 -17.74
CA TRP F 155 39.19 24.37 -17.05
C TRP F 155 39.35 24.53 -15.55
N PRO F 156 38.31 25.02 -14.87
CA PRO F 156 38.32 25.34 -13.45
C PRO F 156 38.66 24.18 -12.54
N LYS F 157 38.06 23.02 -12.77
CA LYS F 157 38.21 21.86 -11.86
C LYS F 157 39.58 21.20 -12.00
N SER F 158 40.53 21.62 -11.15
CA SER F 158 41.92 21.22 -11.29
C SER F 158 42.74 21.28 -10.01
N SER F 159 42.10 21.59 -8.89
CA SER F 159 42.82 21.66 -7.61
C SER F 159 43.45 20.32 -7.26
N PRO F 160 44.59 20.35 -6.55
CA PRO F 160 45.28 19.12 -6.13
C PRO F 160 44.41 18.29 -5.20
N GLY F 161 43.61 18.97 -4.39
CA GLY F 161 42.61 18.30 -3.55
C GLY F 161 41.58 17.56 -4.38
N TYR F 162 41.16 18.17 -5.49
CA TYR F 162 40.20 17.55 -6.39
C TYR F 162 40.71 16.22 -6.93
N PHE F 163 41.87 16.25 -7.56
CA PHE F 163 42.45 15.03 -8.10
C PHE F 163 42.71 13.98 -7.02
N PHE F 164 42.92 14.43 -5.79
CA PHE F 164 43.13 13.54 -4.66
C PHE F 164 41.85 12.79 -4.23
N ASP F 165 40.72 13.52 -4.20
CA ASP F 165 39.43 12.91 -3.89
CA ASP F 165 39.43 12.91 -3.91
C ASP F 165 39.10 11.84 -4.96
N VAL F 166 39.24 12.21 -6.24
CA VAL F 166 39.02 11.32 -7.38
C VAL F 166 39.86 10.06 -7.23
N GLN F 167 41.13 10.25 -6.88
CA GLN F 167 42.03 9.12 -6.66
C GLN F 167 41.55 8.26 -5.50
N ASN F 168 41.22 8.89 -4.37
CA ASN F 168 40.74 8.18 -3.21
CA ASN F 168 40.75 8.16 -3.21
C ASN F 168 39.46 7.41 -3.49
N ARG F 169 38.51 8.06 -4.18
CA ARG F 169 37.24 7.45 -4.60
CA ARG F 169 37.26 7.41 -4.52
C ARG F 169 37.51 6.17 -5.38
N LEU F 170 38.46 6.26 -6.31
CA LEU F 170 38.86 5.12 -7.12
C LEU F 170 39.54 4.07 -6.26
N LYS F 171 40.39 4.52 -5.33
CA LYS F 171 41.07 3.61 -4.41
C LYS F 171 40.05 2.87 -3.54
N LYS F 172 39.03 3.59 -3.05
CA LYS F 172 37.91 2.96 -2.34
C LYS F 172 37.21 1.93 -3.22
N PHE F 173 36.86 2.33 -4.45
CA PHE F 173 36.19 1.49 -5.43
C PHE F 173 36.93 0.16 -5.63
N VAL F 174 38.20 0.25 -5.99
CA VAL F 174 39.04 -0.92 -6.29
CA VAL F 174 39.01 -0.94 -6.28
C VAL F 174 39.34 -1.76 -5.03
N GLU F 175 39.60 -1.08 -3.91
CA GLU F 175 40.04 -1.70 -2.64
C GLU F 175 39.26 -2.93 -2.18
N GLY F 176 38.00 -3.03 -2.59
CA GLY F 176 37.08 -4.09 -2.15
C GLY F 176 37.14 -5.38 -2.98
N GLY F 177 37.84 -5.34 -4.09
CA GLY F 177 37.95 -6.50 -4.97
C GLY F 177 36.86 -6.50 -6.03
N GLN F 178 36.12 -5.39 -6.12
CA GLN F 178 34.99 -5.27 -7.03
C GLN F 178 35.30 -4.28 -8.12
N LEU F 179 36.29 -4.61 -8.94
CA LEU F 179 36.74 -3.71 -10.02
C LEU F 179 35.62 -3.29 -11.00
N GLY F 180 34.53 -4.07 -11.01
CA GLY F 180 33.35 -3.73 -11.79
C GLY F 180 33.62 -3.75 -13.27
N ILE F 181 33.65 -2.56 -13.85
CA ILE F 181 33.87 -2.41 -15.30
C ILE F 181 35.36 -2.42 -15.70
N PHE F 182 36.24 -2.28 -14.72
CA PHE F 182 37.68 -2.36 -14.96
C PHE F 182 38.22 -3.78 -14.78
N ARG F 183 37.34 -4.69 -14.37
CA ARG F 183 37.69 -6.07 -14.07
C ARG F 183 38.29 -6.76 -15.29
N ASN F 184 39.37 -7.50 -15.07
CA ASN F 184 40.07 -8.26 -16.12
C ASN F 184 40.37 -7.40 -17.36
N GLY F 185 40.56 -6.10 -17.14
CA GLY F 185 40.91 -5.16 -18.21
C GLY F 185 42.33 -5.34 -18.71
N TYR F 186 42.86 -4.33 -19.40
CA TYR F 186 44.15 -4.49 -20.07
C TYR F 186 45.33 -3.75 -19.42
N TRP F 187 45.04 -3.13 -18.27
CA TRP F 187 45.99 -2.30 -17.52
C TRP F 187 47.36 -2.94 -17.37
N GLY F 188 48.40 -2.16 -17.63
CA GLY F 188 49.77 -2.66 -17.58
C GLY F 188 50.30 -3.21 -18.89
N HIS F 189 49.47 -3.19 -19.92
CA HIS F 189 49.89 -3.48 -21.28
C HIS F 189 50.91 -2.43 -21.71
N PRO F 190 52.01 -2.83 -22.40
CA PRO F 190 53.06 -1.88 -22.75
C PRO F 190 52.65 -0.77 -23.75
N GLN F 191 51.50 -0.90 -24.42
CA GLN F 191 51.02 0.14 -25.31
C GLN F 191 50.33 1.30 -24.58
N TYR F 192 50.02 1.11 -23.30
CA TYR F 192 49.56 2.21 -22.45
C TYR F 192 50.75 3.09 -22.20
N LYS F 193 50.68 4.33 -22.67
CA LYS F 193 51.86 5.18 -22.66
C LYS F 193 51.65 6.45 -21.85
N LEU F 194 50.52 6.58 -21.18
CA LEU F 194 50.27 7.75 -20.37
C LEU F 194 50.99 7.63 -19.03
N PRO F 195 51.63 8.73 -18.57
CA PRO F 195 52.28 8.78 -17.26
C PRO F 195 51.23 8.84 -16.13
N PRO F 196 51.58 8.34 -14.94
CA PRO F 196 50.66 8.29 -13.81
C PRO F 196 49.70 9.49 -13.73
N GLU F 197 50.25 10.70 -13.81
CA GLU F 197 49.47 11.93 -13.63
CA GLU F 197 49.47 11.93 -13.63
C GLU F 197 48.42 12.17 -14.73
N ALA F 198 48.75 11.77 -15.96
CA ALA F 198 47.83 11.93 -17.09
C ALA F 198 46.68 10.93 -16.99
N ASN F 199 46.98 9.75 -16.45
CA ASN F 199 46.00 8.70 -16.22
C ASN F 199 44.94 9.13 -15.22
N LEU F 200 45.38 9.77 -14.13
CA LEU F 200 44.44 10.32 -13.14
C LEU F 200 43.64 11.49 -13.72
N MET F 201 44.32 12.37 -14.46
CA MET F 201 43.65 13.51 -15.08
C MET F 201 42.62 12.99 -16.04
N GLY F 202 42.99 11.98 -16.79
CA GLY F 202 42.07 11.34 -17.73
C GLY F 202 40.84 10.76 -17.07
N PHE F 203 41.04 9.97 -16.03
CA PHE F 203 39.96 9.25 -15.36
C PHE F 203 38.98 10.22 -14.70
N ALA F 204 39.53 11.33 -14.19
CA ALA F 204 38.73 12.38 -13.54
C ALA F 204 37.81 13.01 -14.58
N HIS F 205 38.35 13.22 -15.77
CA HIS F 205 37.57 13.73 -16.87
C HIS F 205 36.54 12.69 -17.35
N TYR F 206 36.92 11.42 -17.33
CA TYR F 206 35.99 10.34 -17.67
C TYR F 206 34.69 10.45 -16.88
N LEU F 207 34.82 10.74 -15.59
CA LEU F 207 33.68 10.79 -14.69
C LEU F 207 32.90 12.07 -14.92
N GLU F 208 33.64 13.18 -15.05
CA GLU F 208 33.05 14.51 -15.31
C GLU F 208 32.26 14.56 -16.61
N ALA F 209 32.75 13.82 -17.60
CA ALA F 209 32.09 13.69 -18.88
C ALA F 209 30.83 12.83 -18.74
N LEU F 210 30.95 11.71 -18.02
CA LEU F 210 29.83 10.81 -17.80
C LEU F 210 28.71 11.51 -17.01
N ASP F 211 29.07 12.58 -16.32
CA ASP F 211 28.10 13.40 -15.61
C ASP F 211 27.48 14.41 -16.56
N PHE F 212 28.34 15.14 -17.27
CA PHE F 212 27.90 16.30 -18.02
C PHE F 212 27.04 15.91 -19.23
N GLN F 213 27.40 14.77 -19.82
CA GLN F 213 26.81 14.31 -21.08
C GLN F 213 25.30 14.48 -21.04
N ARG F 214 24.72 14.09 -19.90
CA ARG F 214 23.27 14.08 -19.66
C ARG F 214 22.58 15.43 -19.88
N GLU F 215 23.36 16.52 -19.74
CA GLU F 215 22.80 17.87 -19.77
C GLU F 215 22.61 18.28 -21.22
N ILE F 216 23.52 17.82 -22.06
CA ILE F 216 23.55 18.23 -23.47
C ILE F 216 22.21 17.91 -24.11
N VAL F 217 21.68 16.75 -23.78
CA VAL F 217 20.47 16.28 -24.44
C VAL F 217 19.21 17.04 -24.02
N LYS F 218 19.32 17.93 -23.04
CA LYS F 218 18.16 18.72 -22.62
C LYS F 218 17.59 19.49 -23.80
N ILE F 219 18.48 19.83 -24.74
CA ILE F 219 18.13 20.55 -25.96
C ILE F 219 17.19 19.69 -26.79
N HIS F 220 17.50 18.39 -26.85
CA HIS F 220 16.56 17.43 -27.44
C HIS F 220 15.22 17.43 -26.71
N ALA F 221 15.28 17.35 -25.38
CA ALA F 221 14.08 17.32 -24.56
C ALA F 221 13.14 18.51 -24.86
N VAL F 222 13.71 19.69 -25.04
CA VAL F 222 12.90 20.89 -25.33
C VAL F 222 12.14 20.76 -26.64
N PHE F 223 12.89 20.54 -27.72
CA PHE F 223 12.31 20.46 -29.05
C PHE F 223 11.68 19.07 -29.36
N GLY F 224 12.44 18.02 -28.98
CA GLY F 224 12.04 16.65 -29.24
C GLY F 224 11.07 16.06 -28.21
N GLY F 225 11.10 16.60 -26.99
CA GLY F 225 10.25 16.07 -25.94
C GLY F 225 11.01 15.15 -24.98
N LYS F 226 11.91 14.36 -25.52
CA LYS F 226 12.68 13.45 -24.70
C LYS F 226 13.96 13.06 -25.38
N ASN F 227 14.90 12.54 -24.61
CA ASN F 227 16.07 11.88 -25.16
C ASN F 227 16.47 10.81 -24.18
N PRO F 228 16.80 9.58 -24.66
CA PRO F 228 16.82 9.11 -26.03
C PRO F 228 15.46 9.15 -26.80
N HIS F 229 15.56 8.95 -28.12
CA HIS F 229 14.42 8.81 -29.04
C HIS F 229 13.39 9.96 -29.03
N PRO F 230 13.81 11.18 -29.48
CA PRO F 230 12.88 12.33 -29.61
C PRO F 230 11.78 12.16 -30.69
N ASN F 231 10.89 13.14 -30.79
CA ASN F 231 9.80 13.08 -31.73
C ASN F 231 9.93 14.07 -32.89
N TRP F 232 9.43 13.67 -34.06
CA TRP F 232 9.56 14.49 -35.27
C TRP F 232 8.25 14.41 -36.09
N ILE F 233 8.13 15.24 -37.12
CA ILE F 233 7.02 15.10 -38.06
C ILE F 233 7.41 15.35 -39.50
N VAL F 234 6.78 14.62 -40.42
CA VAL F 234 6.90 14.92 -41.83
C VAL F 234 6.20 16.26 -42.06
N GLY F 235 6.97 17.25 -42.48
CA GLY F 235 6.44 18.59 -42.63
C GLY F 235 7.16 19.61 -41.79
N GLY F 236 8.05 19.15 -40.92
CA GLY F 236 8.82 20.08 -40.09
C GLY F 236 9.08 19.56 -38.68
N MET F 237 8.52 20.24 -37.68
CA MET F 237 8.65 19.82 -36.27
C MET F 237 7.38 20.10 -35.47
N PRO F 238 7.04 19.17 -34.54
CA PRO F 238 5.83 19.29 -33.72
C PRO F 238 5.89 20.44 -32.70
N CYS F 239 7.12 20.85 -32.34
CA CYS F 239 7.35 21.79 -31.26
C CYS F 239 6.97 23.25 -31.60
N ALA F 240 5.66 23.50 -31.69
CA ALA F 240 5.12 24.81 -32.03
C ALA F 240 5.63 25.91 -31.10
N ILE F 241 5.90 27.08 -31.67
CA ILE F 241 6.51 28.16 -30.91
C ILE F 241 5.47 29.23 -30.58
N ASN F 242 5.45 29.63 -29.31
CA ASN F 242 4.66 30.79 -28.89
C ASN F 242 5.47 31.66 -27.94
N ILE F 243 5.71 32.91 -28.35
CA ILE F 243 6.64 33.80 -27.65
C ILE F 243 5.97 34.92 -26.87
N ASP F 244 4.91 35.51 -27.43
CA ASP F 244 4.37 36.75 -26.89
C ASP F 244 2.87 36.75 -26.62
N GLU F 245 2.16 35.76 -27.19
CA GLU F 245 0.69 35.70 -27.14
CA GLU F 245 0.71 35.75 -27.09
C GLU F 245 0.18 34.81 -25.99
N SER F 246 -1.09 35.01 -25.62
CA SER F 246 -1.77 34.19 -24.64
C SER F 246 -1.55 32.69 -24.88
N GLY F 247 -1.14 31.99 -23.85
CA GLY F 247 -0.98 30.55 -23.93
C GLY F 247 0.38 30.12 -24.45
N ALA F 248 1.39 30.96 -24.20
CA ALA F 248 2.77 30.66 -24.57
C ALA F 248 3.33 29.54 -23.70
N VAL F 249 2.65 29.30 -22.60
CA VAL F 249 2.92 28.17 -21.70
C VAL F 249 2.64 26.80 -22.34
N GLY F 250 1.84 26.77 -23.41
CA GLY F 250 1.64 25.54 -24.16
C GLY F 250 2.64 25.26 -25.29
N ALA F 251 3.63 26.15 -25.45
CA ALA F 251 4.56 26.13 -26.59
C ALA F 251 6.01 26.43 -26.22
N VAL F 252 6.91 26.30 -27.19
CA VAL F 252 8.28 26.79 -27.04
C VAL F 252 8.24 28.29 -26.78
N ASN F 253 8.63 28.71 -25.60
CA ASN F 253 8.55 30.12 -25.27
C ASN F 253 9.88 30.67 -24.82
N MET F 254 9.91 31.95 -24.48
CA MET F 254 11.14 32.63 -24.11
CA MET F 254 11.14 32.65 -24.09
C MET F 254 11.94 31.92 -23.01
N GLU F 255 11.25 31.31 -22.06
CA GLU F 255 11.87 30.51 -20.98
C GLU F 255 12.51 29.22 -21.52
N ARG F 256 11.83 28.54 -22.44
CA ARG F 256 12.34 27.30 -23.03
C ARG F 256 13.57 27.58 -23.85
N LEU F 257 13.48 28.63 -24.65
CA LEU F 257 14.60 29.02 -25.45
C LEU F 257 15.77 29.39 -24.56
N ASN F 258 15.49 30.02 -23.43
CA ASN F 258 16.53 30.34 -22.44
C ASN F 258 17.30 29.09 -21.98
N LEU F 259 16.56 28.05 -21.65
CA LEU F 259 17.17 26.82 -21.18
C LEU F 259 18.12 26.28 -22.23
N VAL F 260 17.61 26.11 -23.46
CA VAL F 260 18.42 25.71 -24.60
C VAL F 260 19.72 26.53 -24.69
N GLN F 261 19.56 27.84 -24.66
CA GLN F 261 20.68 28.75 -24.74
C GLN F 261 21.74 28.37 -23.73
N SER F 262 21.33 28.21 -22.47
CA SER F 262 22.27 27.93 -21.37
CA SER F 262 22.29 27.94 -21.39
C SER F 262 23.03 26.62 -21.57
N ILE F 263 22.37 25.63 -22.18
CA ILE F 263 23.01 24.33 -22.42
C ILE F 263 24.04 24.48 -23.54
N ILE F 264 23.67 25.21 -24.57
CA ILE F 264 24.60 25.52 -25.65
C ILE F 264 25.92 26.08 -25.08
N THR F 265 25.82 27.12 -24.25
CA THR F 265 26.98 27.72 -23.58
C THR F 265 27.81 26.71 -22.80
N ARG F 266 27.15 25.88 -22.00
CA ARG F 266 27.82 24.88 -21.15
C ARG F 266 28.44 23.73 -21.93
N THR F 267 27.77 23.30 -22.99
CA THR F 267 28.27 22.25 -23.88
C THR F 267 29.52 22.73 -24.64
N ALA F 268 29.42 23.90 -25.24
CA ALA F 268 30.55 24.49 -25.90
C ALA F 268 31.72 24.54 -24.95
N ASP F 269 31.50 25.19 -23.80
CA ASP F 269 32.54 25.40 -22.78
CA ASP F 269 32.56 25.41 -22.83
C ASP F 269 33.20 24.10 -22.34
N PHE F 270 32.38 23.08 -22.04
CA PHE F 270 32.90 21.78 -21.64
C PHE F 270 33.78 21.11 -22.71
N ILE F 271 33.27 21.00 -23.93
CA ILE F 271 34.00 20.35 -25.02
C ILE F 271 35.34 21.02 -25.24
N ASN F 272 35.28 22.34 -25.37
CA ASN F 272 36.45 23.15 -25.63
C ASN F 272 37.55 23.06 -24.58
N ASN F 273 37.15 22.77 -23.33
CA ASN F 273 38.08 22.82 -22.19
C ASN F 273 38.38 21.48 -21.49
N VAL F 274 37.63 20.44 -21.86
CA VAL F 274 37.88 19.14 -21.28
C VAL F 274 38.28 18.17 -22.39
N MET F 275 37.38 17.94 -23.34
CA MET F 275 37.60 16.98 -24.43
CA MET F 275 37.63 16.97 -24.41
C MET F 275 38.75 17.42 -25.35
N ILE F 276 38.57 18.59 -25.97
CA ILE F 276 39.60 19.14 -26.86
C ILE F 276 41.01 19.06 -26.29
N PRO F 277 41.24 19.49 -25.02
CA PRO F 277 42.58 19.39 -24.45
C PRO F 277 43.06 17.97 -24.23
N ASP F 278 42.15 17.09 -23.82
CA ASP F 278 42.51 15.68 -23.61
C ASP F 278 42.84 14.98 -24.90
N ALA F 279 42.16 15.38 -25.98
CA ALA F 279 42.43 14.82 -27.29
C ALA F 279 43.86 15.10 -27.69
N LEU F 280 44.21 16.39 -27.66
CA LEU F 280 45.55 16.82 -27.99
CA LEU F 280 45.56 16.86 -27.95
C LEU F 280 46.57 16.12 -27.09
N ALA F 281 46.23 15.96 -25.81
CA ALA F 281 47.10 15.28 -24.82
C ALA F 281 47.32 13.78 -25.09
N ILE F 282 46.27 13.09 -25.55
CA ILE F 282 46.39 11.69 -25.95
C ILE F 282 47.24 11.61 -27.22
N GLY F 283 47.06 12.60 -28.09
CA GLY F 283 47.94 12.77 -29.24
C GLY F 283 49.40 12.96 -28.86
N GLN F 284 49.64 13.76 -27.82
CA GLN F 284 50.99 14.05 -27.35
C GLN F 284 51.77 12.81 -26.95
N PHE F 285 51.15 11.97 -26.14
CA PHE F 285 51.86 10.87 -25.49
C PHE F 285 51.80 9.55 -26.26
N ASN F 286 50.74 9.38 -27.06
CA ASN F 286 50.62 8.21 -27.92
C ASN F 286 50.92 8.57 -29.37
N LYS F 287 52.02 9.30 -29.58
CA LYS F 287 52.42 9.85 -30.90
C LYS F 287 52.63 8.85 -32.05
N PRO F 288 53.31 7.71 -31.80
CA PRO F 288 53.53 6.77 -32.92
C PRO F 288 52.23 6.19 -33.51
N TRP F 289 51.08 6.52 -32.93
CA TRP F 289 49.79 6.07 -33.44
C TRP F 289 49.24 6.93 -34.58
N SER F 290 50.04 7.91 -35.00
CA SER F 290 49.71 8.74 -36.15
C SER F 290 50.14 8.03 -37.43
N GLU F 291 50.69 6.82 -37.27
CA GLU F 291 51.22 6.02 -38.38
CA GLU F 291 51.18 6.03 -38.40
C GLU F 291 50.69 4.59 -38.37
N ILE F 292 49.92 4.24 -37.34
CA ILE F 292 49.34 2.91 -37.22
C ILE F 292 47.85 3.01 -37.51
N GLY F 293 47.32 2.04 -38.25
CA GLY F 293 45.87 1.97 -38.50
C GLY F 293 45.32 2.95 -39.52
N THR F 294 46.11 3.21 -40.56
CA THR F 294 45.76 4.12 -41.65
C THR F 294 44.52 3.61 -42.40
N GLY F 295 44.58 2.35 -42.85
CA GLY F 295 43.47 1.74 -43.57
C GLY F 295 43.16 2.40 -44.90
N LEU F 296 41.88 2.61 -45.17
CA LEU F 296 41.45 3.20 -46.43
C LEU F 296 41.61 4.70 -46.47
N SER F 297 41.86 5.31 -45.33
CA SER F 297 41.82 6.76 -45.19
C SER F 297 42.78 7.56 -46.09
N ASP F 298 43.79 6.90 -46.65
CA ASP F 298 44.69 7.54 -47.63
C ASP F 298 44.46 7.04 -49.06
N LYS F 299 43.30 6.43 -49.28
CA LYS F 299 42.93 5.89 -50.57
C LYS F 299 41.52 6.34 -50.95
N CYS F 300 40.52 5.89 -50.19
CA CYS F 300 39.11 6.18 -50.48
C CYS F 300 38.32 6.65 -49.27
N VAL F 301 37.78 7.86 -49.37
CA VAL F 301 36.94 8.43 -48.32
C VAL F 301 35.67 9.04 -48.92
N LEU F 302 34.60 9.08 -48.12
CA LEU F 302 33.28 9.52 -48.60
C LEU F 302 32.51 10.37 -47.59
N SER F 303 31.89 11.44 -48.09
CA SER F 303 30.89 12.20 -47.34
C SER F 303 29.69 12.52 -48.24
N TYR F 304 28.48 12.37 -47.71
CA TYR F 304 27.28 12.80 -48.42
C TYR F 304 27.10 14.30 -48.26
N GLY F 305 27.53 14.82 -47.11
CA GLY F 305 27.25 16.20 -46.70
C GLY F 305 26.13 16.25 -45.66
N ALA F 306 26.00 17.37 -44.95
CA ALA F 306 24.99 17.53 -43.91
C ALA F 306 24.80 18.99 -43.49
N PHE F 307 23.77 19.21 -42.67
CA PHE F 307 23.41 20.55 -42.15
C PHE F 307 23.10 21.55 -43.28
N PRO F 308 21.89 21.45 -43.88
CA PRO F 308 21.55 22.39 -44.95
C PRO F 308 21.14 23.74 -44.36
N ASP F 309 21.95 24.78 -44.62
CA ASP F 309 21.66 26.09 -44.03
C ASP F 309 20.55 26.89 -44.77
N ILE F 310 20.50 26.78 -46.09
CA ILE F 310 19.36 27.26 -46.86
C ILE F 310 18.29 26.18 -46.78
N ALA F 311 17.11 26.54 -46.30
CA ALA F 311 16.09 25.55 -45.98
C ALA F 311 15.53 24.84 -47.22
N ASN F 312 15.45 23.50 -47.14
CA ASN F 312 15.04 22.65 -48.28
C ASN F 312 15.96 22.74 -49.51
N ASP F 313 17.23 23.01 -49.28
CA ASP F 313 18.25 23.08 -50.31
C ASP F 313 19.38 22.15 -49.90
N PHE F 314 19.40 20.95 -50.45
CA PHE F 314 20.46 20.00 -50.12
C PHE F 314 21.68 20.11 -51.04
N GLY F 315 21.75 21.23 -51.77
CA GLY F 315 22.86 21.51 -52.70
C GLY F 315 24.15 21.87 -51.99
N GLU F 316 25.21 21.95 -52.78
CA GLU F 316 26.56 22.25 -52.29
CA GLU F 316 26.55 22.24 -52.28
C GLU F 316 26.62 23.63 -51.64
N LYS F 317 25.90 24.58 -52.19
CA LYS F 317 25.95 25.96 -51.73
C LYS F 317 25.24 26.17 -50.39
N SER F 318 24.79 25.09 -49.78
CA SER F 318 23.92 25.16 -48.61
C SER F 318 24.36 24.28 -47.44
N LEU F 319 24.79 23.06 -47.74
CA LEU F 319 25.24 22.14 -46.71
C LEU F 319 26.50 22.67 -46.02
N LEU F 320 26.38 22.93 -44.72
CA LEU F 320 27.50 23.48 -43.94
C LEU F 320 28.64 22.47 -43.73
N MET F 321 28.28 21.19 -43.63
CA MET F 321 29.25 20.09 -43.68
C MET F 321 29.34 19.51 -45.10
N PRO F 322 30.44 19.81 -45.85
CA PRO F 322 30.51 19.47 -47.29
C PRO F 322 30.43 17.97 -47.61
N GLY F 323 29.94 17.65 -48.81
CA GLY F 323 29.97 16.29 -49.34
C GLY F 323 31.06 16.08 -50.38
N GLY F 324 31.21 14.83 -50.83
CA GLY F 324 32.20 14.49 -51.85
C GLY F 324 32.88 13.16 -51.58
N ALA F 325 33.57 12.64 -52.59
CA ALA F 325 34.30 11.38 -52.48
C ALA F 325 35.69 11.48 -53.09
N VAL F 326 36.64 10.78 -52.47
CA VAL F 326 37.99 10.65 -53.01
C VAL F 326 38.26 9.16 -53.22
N ILE F 327 38.90 8.83 -54.33
CA ILE F 327 39.28 7.45 -54.65
C ILE F 327 40.73 7.40 -55.11
N ASN F 328 41.37 6.26 -54.87
CA ASN F 328 42.77 6.00 -55.28
C ASN F 328 43.82 6.95 -54.70
N GLY F 329 43.46 7.66 -53.63
CA GLY F 329 44.37 8.59 -52.99
C GLY F 329 44.53 9.92 -53.70
N ASP F 330 43.69 10.18 -54.71
CA ASP F 330 43.71 11.46 -55.40
C ASP F 330 42.77 12.46 -54.73
N PHE F 331 43.37 13.30 -53.87
CA PHE F 331 42.61 14.22 -53.04
C PHE F 331 42.51 15.59 -53.67
N ASN F 332 43.18 15.76 -54.80
CA ASN F 332 43.06 17.02 -55.54
C ASN F 332 41.79 17.10 -56.37
N ASN F 333 41.22 15.93 -56.67
CA ASN F 333 39.96 15.84 -57.41
CA ASN F 333 39.97 15.81 -57.42
C ASN F 333 38.87 15.19 -56.55
N VAL F 334 38.09 16.06 -55.89
CA VAL F 334 37.03 15.59 -55.00
C VAL F 334 35.70 15.43 -55.73
N LEU F 335 35.35 14.19 -56.02
CA LEU F 335 34.24 13.90 -56.91
C LEU F 335 32.86 14.16 -56.28
N PRO F 336 31.90 14.65 -57.10
CA PRO F 336 30.52 14.81 -56.64
C PRO F 336 29.82 13.47 -56.46
N VAL F 337 29.05 13.37 -55.39
CA VAL F 337 28.28 12.17 -55.06
C VAL F 337 26.80 12.39 -55.40
N ASP F 338 26.16 11.38 -55.98
CA ASP F 338 24.73 11.42 -56.29
C ASP F 338 24.07 10.14 -55.80
N LEU F 339 23.02 10.29 -54.98
CA LEU F 339 22.38 9.13 -54.35
C LEU F 339 21.31 8.47 -55.20
N VAL F 340 20.85 9.16 -56.24
CA VAL F 340 19.87 8.62 -57.18
C VAL F 340 20.56 7.68 -58.18
N ASP F 341 21.77 8.07 -58.59
CA ASP F 341 22.60 7.38 -59.61
C ASP F 341 22.89 5.91 -59.22
N PRO F 342 22.37 4.95 -60.01
CA PRO F 342 22.53 3.51 -59.78
C PRO F 342 23.96 3.00 -59.93
N GLN F 343 24.82 3.78 -60.54
CA GLN F 343 26.21 3.38 -60.73
CA GLN F 343 26.23 3.43 -60.76
C GLN F 343 27.12 3.92 -59.63
N GLN F 344 26.52 4.57 -58.63
CA GLN F 344 27.25 5.09 -57.48
C GLN F 344 27.12 4.19 -56.24
N VAL F 345 26.12 4.45 -55.39
CA VAL F 345 25.95 3.64 -54.17
C VAL F 345 25.30 2.29 -54.44
N GLN F 346 26.06 1.22 -54.19
CA GLN F 346 25.63 -0.16 -54.43
CA GLN F 346 25.57 -0.14 -54.40
C GLN F 346 25.84 -1.00 -53.18
N GLU F 347 25.16 -2.14 -53.09
CA GLU F 347 25.31 -3.06 -51.97
C GLU F 347 25.43 -4.52 -52.41
N PHE F 348 26.64 -5.07 -52.30
CA PHE F 348 26.89 -6.49 -52.59
C PHE F 348 26.68 -7.32 -51.33
N VAL F 349 26.17 -8.53 -51.50
CA VAL F 349 25.92 -9.40 -50.36
C VAL F 349 26.52 -10.80 -50.53
N ASP F 350 27.51 -10.91 -51.42
CA ASP F 350 28.14 -12.19 -51.66
C ASP F 350 28.92 -12.71 -50.44
N HIS F 351 29.16 -11.83 -49.47
CA HIS F 351 29.84 -12.22 -48.23
C HIS F 351 29.02 -11.94 -46.99
N ALA F 352 27.76 -11.54 -47.17
CA ALA F 352 26.84 -11.26 -46.06
C ALA F 352 25.73 -12.29 -46.02
N TRP F 353 25.07 -12.44 -44.89
CA TRP F 353 24.00 -13.46 -44.78
C TRP F 353 22.66 -13.03 -45.37
N TYR F 354 22.66 -12.69 -46.65
CA TYR F 354 21.44 -12.27 -47.36
C TYR F 354 21.31 -12.98 -48.70
N ARG F 355 20.14 -12.88 -49.31
CA ARG F 355 19.89 -13.57 -50.57
C ARG F 355 19.52 -12.59 -51.70
N TYR F 356 20.24 -12.72 -52.82
CA TYR F 356 19.98 -11.93 -54.03
C TYR F 356 19.63 -12.86 -55.19
N PRO F 357 18.91 -12.34 -56.22
CA PRO F 357 18.75 -13.12 -57.44
C PRO F 357 20.12 -13.50 -57.99
N ASN F 358 20.94 -12.49 -58.28
CA ASN F 358 22.34 -12.70 -58.62
C ASN F 358 23.21 -12.04 -57.56
N ASP F 359 23.96 -12.86 -56.84
CA ASP F 359 24.74 -12.39 -55.68
C ASP F 359 26.15 -11.87 -56.08
N GLN F 360 26.44 -11.83 -57.38
CA GLN F 360 27.70 -11.31 -57.88
C GLN F 360 27.61 -9.85 -58.33
N VAL F 361 26.38 -9.37 -58.52
CA VAL F 361 26.13 -7.96 -58.83
C VAL F 361 25.84 -7.14 -57.56
N GLY F 362 25.96 -5.82 -57.68
CA GLY F 362 25.59 -4.92 -56.61
C GLY F 362 24.28 -4.22 -56.90
N ARG F 363 23.47 -4.04 -55.87
CA ARG F 363 22.19 -3.36 -56.01
C ARG F 363 22.20 -1.99 -55.36
N HIS F 364 21.85 -0.97 -56.14
CA HIS F 364 21.60 0.37 -55.62
C HIS F 364 20.37 0.28 -54.73
N PRO F 365 20.35 1.04 -53.61
CA PRO F 365 19.28 0.93 -52.61
C PRO F 365 17.83 0.97 -53.13
N PHE F 366 17.56 1.69 -54.21
CA PHE F 366 16.20 1.71 -54.79
C PHE F 366 15.76 0.35 -55.36
N ASP F 367 16.75 -0.50 -55.61
CA ASP F 367 16.57 -1.90 -56.01
C ASP F 367 16.90 -2.89 -54.87
N GLY F 368 17.15 -2.34 -53.68
CA GLY F 368 17.61 -3.11 -52.53
C GLY F 368 16.73 -4.30 -52.24
N ILE F 369 17.35 -5.34 -51.69
CA ILE F 369 16.63 -6.52 -51.24
C ILE F 369 17.15 -6.96 -49.87
N THR F 370 16.33 -6.79 -48.84
CA THR F 370 16.68 -7.32 -47.53
C THR F 370 15.92 -8.63 -47.32
N ASP F 371 16.56 -9.70 -47.80
CA ASP F 371 16.10 -11.07 -47.55
C ASP F 371 17.16 -11.82 -46.73
N PRO F 372 16.90 -11.97 -45.41
CA PRO F 372 17.88 -12.59 -44.52
C PRO F 372 18.00 -14.07 -44.81
N TRP F 373 19.22 -14.56 -44.77
CA TRP F 373 19.52 -15.97 -45.02
C TRP F 373 20.83 -16.32 -44.35
N TYR F 374 20.73 -16.77 -43.11
CA TYR F 374 21.90 -17.16 -42.32
C TYR F 374 22.50 -18.42 -42.91
N ASN F 375 23.78 -18.34 -43.27
CA ASN F 375 24.50 -19.41 -43.94
C ASN F 375 26.00 -19.19 -43.83
N PRO F 376 26.64 -19.75 -42.79
CA PRO F 376 28.04 -19.51 -42.50
C PRO F 376 29.01 -20.46 -43.21
N GLY F 377 28.54 -21.66 -43.58
CA GLY F 377 29.34 -22.65 -44.30
C GLY F 377 30.27 -23.45 -43.41
N ASP F 378 31.34 -23.98 -44.00
CA ASP F 378 32.35 -24.76 -43.27
C ASP F 378 33.12 -23.85 -42.30
N VAL F 379 32.57 -23.69 -41.10
N VAL F 379 32.58 -23.69 -41.09
CA VAL F 379 33.18 -22.91 -40.04
CA VAL F 379 33.18 -22.80 -40.09
C VAL F 379 33.51 -23.81 -38.86
C VAL F 379 34.05 -23.54 -39.06
N LYS F 380 34.76 -23.77 -38.41
N LYS F 380 34.23 -24.85 -39.26
CA LYS F 380 35.15 -24.56 -37.26
CA LYS F 380 34.98 -25.71 -38.34
C LYS F 380 33.98 -24.66 -36.29
C LYS F 380 34.43 -25.60 -36.90
N GLY F 381 33.51 -25.87 -36.06
N GLY F 381 33.23 -26.15 -36.73
CA GLY F 381 32.38 -26.10 -35.16
CA GLY F 381 32.46 -26.06 -35.49
C GLY F 381 31.09 -26.46 -35.86
C GLY F 381 31.05 -26.51 -35.80
N SER F 382 30.10 -25.57 -35.76
CA SER F 382 28.74 -25.79 -36.28
C SER F 382 28.02 -24.47 -36.59
N ASP F 383 26.74 -24.58 -36.97
CA ASP F 383 25.88 -23.43 -37.17
C ASP F 383 25.60 -22.67 -35.86
N THR F 384 25.47 -23.41 -34.77
CA THR F 384 25.18 -22.82 -33.47
C THR F 384 26.46 -22.58 -32.68
N ASN F 385 27.60 -22.91 -33.29
CA ASN F 385 28.89 -22.71 -32.65
C ASN F 385 29.97 -22.35 -33.68
N ILE F 386 30.08 -21.06 -33.98
CA ILE F 386 31.15 -20.54 -34.85
C ILE F 386 32.44 -20.35 -34.05
N GLN F 387 33.38 -21.27 -34.22
CA GLN F 387 34.71 -21.15 -33.62
C GLN F 387 35.58 -20.22 -34.44
N GLN F 388 35.34 -20.19 -35.74
CA GLN F 388 36.16 -19.43 -36.67
C GLN F 388 35.33 -19.16 -37.94
N LEU F 389 35.06 -17.90 -38.23
CA LEU F 389 34.24 -17.54 -39.40
C LEU F 389 34.92 -17.95 -40.69
N ASN F 390 34.13 -18.22 -41.72
CA ASN F 390 34.71 -18.56 -43.01
C ASN F 390 34.67 -17.38 -43.94
N GLU F 391 35.74 -16.58 -43.94
CA GLU F 391 35.76 -15.32 -44.69
C GLU F 391 35.78 -15.50 -46.22
N GLN F 392 36.02 -16.74 -46.68
CA GLN F 392 35.98 -17.06 -48.11
CA GLN F 392 35.98 -17.05 -48.11
C GLN F 392 34.55 -16.99 -48.63
N GLU F 393 33.59 -17.30 -47.77
CA GLU F 393 32.16 -17.20 -48.12
C GLU F 393 31.40 -16.18 -47.24
N ARG F 394 30.19 -16.51 -46.79
CA ARG F 394 29.35 -15.55 -46.05
C ARG F 394 29.63 -15.57 -44.56
N TYR F 395 29.77 -14.37 -43.98
CA TYR F 395 30.32 -14.26 -42.62
C TYR F 395 29.90 -13.04 -41.78
N SER F 396 28.82 -12.35 -42.17
CA SER F 396 28.41 -11.12 -41.46
C SER F 396 26.97 -10.72 -41.77
N TRP F 397 26.30 -10.12 -40.79
CA TRP F 397 24.95 -9.62 -41.00
C TRP F 397 24.98 -8.24 -41.64
N ILE F 398 26.18 -7.77 -41.94
CA ILE F 398 26.36 -6.44 -42.56
C ILE F 398 26.43 -6.59 -44.09
N LYS F 399 25.58 -5.87 -44.81
CA LYS F 399 25.73 -5.75 -46.26
C LYS F 399 27.00 -4.98 -46.61
N ALA F 400 27.58 -5.27 -47.78
CA ALA F 400 28.77 -4.57 -48.25
C ALA F 400 28.46 -3.46 -49.27
N PRO F 401 28.34 -2.21 -48.82
CA PRO F 401 28.15 -1.10 -49.77
C PRO F 401 29.44 -0.59 -50.43
N ARG F 402 29.35 -0.20 -51.70
CA ARG F 402 30.49 0.34 -52.42
C ARG F 402 30.06 1.54 -53.24
N TRP F 403 30.83 2.62 -53.16
CA TRP F 403 30.62 3.75 -54.03
C TRP F 403 31.34 3.51 -55.35
N ARG F 404 30.57 3.33 -56.42
CA ARG F 404 31.10 3.02 -57.76
C ARG F 404 32.05 1.83 -57.77
N GLY F 405 31.74 0.83 -56.95
CA GLY F 405 32.61 -0.33 -56.81
C GLY F 405 33.76 -0.14 -55.83
N ASN F 406 34.04 1.09 -55.43
CA ASN F 406 35.17 1.39 -54.53
C ASN F 406 34.82 1.17 -53.06
N ALA F 407 35.76 0.60 -52.31
CA ALA F 407 35.60 0.41 -50.87
C ALA F 407 35.93 1.70 -50.16
N MET F 408 34.96 2.22 -49.41
CA MET F 408 35.08 3.55 -48.80
C MET F 408 35.18 3.55 -47.28
N GLU F 409 35.88 4.56 -46.75
CA GLU F 409 35.81 4.92 -45.32
C GLU F 409 34.93 6.16 -45.14
N VAL F 410 33.97 6.08 -44.22
CA VAL F 410 33.13 7.23 -43.85
C VAL F 410 33.37 7.58 -42.39
N GLY F 411 32.94 8.78 -41.99
CA GLY F 411 33.10 9.22 -40.60
C GLY F 411 33.91 10.48 -40.41
N PRO F 412 34.16 10.87 -39.14
CA PRO F 412 34.84 12.11 -38.81
C PRO F 412 36.14 12.36 -39.58
N LEU F 413 37.01 11.35 -39.68
CA LEU F 413 38.25 11.52 -40.46
C LEU F 413 37.99 11.74 -41.96
N ALA F 414 37.00 11.02 -42.49
CA ALA F 414 36.59 11.15 -43.89
C ALA F 414 36.06 12.56 -44.15
N ARG F 415 35.12 12.98 -43.32
CA ARG F 415 34.56 14.33 -43.37
C ARG F 415 35.61 15.45 -43.37
N THR F 416 36.69 15.21 -42.61
CA THR F 416 37.75 16.18 -42.43
C THR F 416 38.65 16.27 -43.67
N LEU F 417 39.06 15.12 -44.22
CA LEU F 417 39.87 15.13 -45.44
C LEU F 417 39.10 15.68 -46.64
N ILE F 418 37.83 15.28 -46.78
CA ILE F 418 36.94 15.80 -47.81
C ILE F 418 36.75 17.32 -47.67
N ALA F 419 36.43 17.76 -46.45
CA ALA F 419 36.28 19.20 -46.18
C ALA F 419 37.58 19.96 -46.43
N TYR F 420 38.69 19.42 -45.92
CA TYR F 420 40.01 20.05 -46.07
C TYR F 420 40.34 20.24 -47.53
N HIS F 421 40.35 19.14 -48.29
CA HIS F 421 40.79 19.16 -49.67
C HIS F 421 39.78 19.81 -50.61
N LYS F 422 38.57 20.08 -50.11
CA LYS F 422 37.62 20.93 -50.83
C LYS F 422 37.92 22.43 -50.66
N GLY F 423 38.79 22.76 -49.71
CA GLY F 423 39.28 24.12 -49.51
C GLY F 423 38.56 24.90 -48.41
N ASP F 424 37.79 24.20 -47.57
CA ASP F 424 37.00 24.83 -46.52
C ASP F 424 37.85 25.70 -45.63
N ALA F 425 37.64 27.01 -45.70
CA ALA F 425 38.40 27.98 -44.92
C ALA F 425 38.51 27.60 -43.43
N ALA F 426 37.37 27.27 -42.83
CA ALA F 426 37.32 26.84 -41.43
C ALA F 426 38.18 25.60 -41.15
N THR F 427 38.12 24.62 -42.03
CA THR F 427 38.76 23.31 -41.81
C THR F 427 40.26 23.31 -42.05
N VAL F 428 40.71 24.18 -42.95
CA VAL F 428 42.13 24.27 -43.25
C VAL F 428 42.87 24.92 -42.07
N GLU F 429 42.18 25.77 -41.32
CA GLU F 429 42.77 26.43 -40.15
CA GLU F 429 42.83 26.40 -40.17
C GLU F 429 42.71 25.55 -38.89
N SER F 430 41.68 24.71 -38.81
CA SER F 430 41.50 23.82 -37.67
CA SER F 430 41.50 23.82 -37.67
C SER F 430 42.47 22.66 -37.70
N VAL F 431 42.73 22.13 -38.90
CA VAL F 431 43.61 20.97 -39.09
C VAL F 431 45.07 21.37 -39.02
N ASP F 432 45.41 22.46 -39.70
CA ASP F 432 46.80 22.89 -39.76
C ASP F 432 47.36 23.27 -38.39
N ARG F 433 46.53 23.89 -37.56
CA ARG F 433 46.93 24.31 -36.23
C ARG F 433 46.99 23.11 -35.28
N MET F 434 46.07 22.16 -35.47
CA MET F 434 46.02 20.91 -34.69
C MET F 434 47.26 20.05 -34.93
N MET F 435 47.65 19.91 -36.19
CA MET F 435 48.80 19.09 -36.55
C MET F 435 50.10 19.81 -36.21
N SER F 436 50.10 21.15 -36.29
CA SER F 436 51.27 21.97 -35.94
CA SER F 436 51.28 21.95 -35.94
C SER F 436 51.54 21.95 -34.43
N ALA F 437 50.47 21.89 -33.65
CA ALA F 437 50.56 21.80 -32.19
C ALA F 437 51.20 20.48 -31.75
N LEU F 438 50.90 19.40 -32.48
CA LEU F 438 51.49 18.07 -32.23
C LEU F 438 52.86 17.84 -32.90
N ASN F 439 53.36 18.85 -33.63
CA ASN F 439 54.56 18.74 -34.47
C ASN F 439 54.56 17.52 -35.40
N LEU F 440 53.36 17.20 -35.91
CA LEU F 440 53.13 16.09 -36.84
C LEU F 440 52.72 16.62 -38.22
N PRO F 441 53.11 15.91 -39.30
CA PRO F 441 52.73 16.32 -40.67
C PRO F 441 51.24 16.12 -40.95
N LEU F 442 50.77 16.59 -42.11
CA LEU F 442 49.36 16.47 -42.47
C LEU F 442 48.90 15.01 -42.53
N SER F 443 49.80 14.12 -42.99
CA SER F 443 49.49 12.70 -43.17
C SER F 443 49.28 11.94 -41.85
N GLY F 444 49.84 12.47 -40.77
CA GLY F 444 49.62 11.92 -39.43
C GLY F 444 48.14 11.75 -39.08
N ILE F 445 47.29 12.56 -39.73
CA ILE F 445 45.86 12.57 -39.49
C ILE F 445 45.15 11.36 -40.08
N GLN F 446 45.82 10.68 -41.01
CA GLN F 446 45.27 9.47 -41.64
C GLN F 446 45.70 8.24 -40.84
N SER F 447 45.09 8.07 -39.66
CA SER F 447 45.47 7.05 -38.70
C SER F 447 44.40 6.82 -37.63
N THR F 448 44.58 5.74 -36.86
CA THR F 448 43.81 5.47 -35.65
C THR F 448 43.79 6.67 -34.70
N LEU F 449 44.96 7.31 -34.53
CA LEU F 449 45.06 8.57 -33.77
C LEU F 449 44.36 9.74 -34.51
N GLY F 450 44.52 9.77 -35.82
CA GLY F 450 43.87 10.76 -36.65
C GLY F 450 42.38 10.76 -36.43
N ARG F 451 41.77 9.57 -36.44
CA ARG F 451 40.32 9.42 -36.26
C ARG F 451 39.77 9.97 -34.95
N ILE F 452 40.53 9.80 -33.87
CA ILE F 452 40.14 10.29 -32.55
C ILE F 452 40.21 11.80 -32.55
N LEU F 453 41.35 12.32 -33.02
CA LEU F 453 41.61 13.75 -33.09
C LEU F 453 40.56 14.52 -33.88
N CYS F 454 40.08 13.93 -34.98
CA CYS F 454 39.08 14.56 -35.84
C CYS F 454 37.72 14.60 -35.18
N ARG F 455 37.38 13.52 -34.48
CA ARG F 455 36.13 13.40 -33.73
C ARG F 455 35.97 14.52 -32.72
N ALA F 456 37.05 14.75 -31.97
CA ALA F 456 37.13 15.83 -30.98
C ALA F 456 36.98 17.21 -31.63
N HIS F 457 37.68 17.44 -32.74
CA HIS F 457 37.56 18.67 -33.57
CA HIS F 457 37.54 18.71 -33.43
C HIS F 457 36.12 18.88 -34.02
N GLU F 458 35.48 17.77 -34.42
CA GLU F 458 34.07 17.79 -34.86
C GLU F 458 33.06 18.17 -33.78
N ALA F 459 33.28 17.66 -32.56
CA ALA F 459 32.48 18.05 -31.41
C ALA F 459 32.62 19.55 -31.16
N GLN F 460 33.86 20.04 -31.26
CA GLN F 460 34.13 21.46 -31.14
C GLN F 460 33.37 22.24 -32.20
N TRP F 461 33.44 21.75 -33.44
CA TRP F 461 32.76 22.36 -34.57
C TRP F 461 31.27 22.39 -34.33
N ALA F 462 30.72 21.25 -33.94
CA ALA F 462 29.28 21.09 -33.73
C ALA F 462 28.71 22.02 -32.67
N ALA F 463 29.47 22.17 -31.56
CA ALA F 463 29.06 23.02 -30.44
C ALA F 463 29.09 24.49 -30.83
N GLY F 464 30.05 24.85 -31.68
CA GLY F 464 30.09 26.18 -32.29
C GLY F 464 28.86 26.41 -33.15
N LYS F 465 28.60 25.47 -34.06
CA LYS F 465 27.44 25.53 -34.95
C LYS F 465 26.13 25.59 -34.17
N LEU F 466 26.05 24.91 -33.03
CA LEU F 466 24.86 24.98 -32.18
C LEU F 466 24.44 26.41 -31.92
N GLN F 467 25.40 27.19 -31.43
CA GLN F 467 25.19 28.60 -31.12
C GLN F 467 24.77 29.36 -32.36
N TYR F 468 25.32 28.95 -33.50
CA TYR F 468 25.01 29.56 -34.79
C TYR F 468 23.56 29.32 -35.15
N PHE F 469 23.14 28.08 -34.99
CA PHE F 469 21.78 27.68 -35.33
C PHE F 469 20.81 28.35 -34.40
N PHE F 470 21.14 28.36 -33.11
CA PHE F 470 20.30 29.04 -32.15
C PHE F 470 20.04 30.46 -32.58
N ASP F 471 21.12 31.23 -32.78
CA ASP F 471 21.04 32.63 -33.19
C ASP F 471 20.19 32.86 -34.43
N LYS F 472 20.35 31.97 -35.41
CA LYS F 472 19.53 31.98 -36.63
CA LYS F 472 19.52 31.98 -36.63
C LYS F 472 18.03 31.87 -36.28
N LEU F 473 17.69 30.91 -35.42
CA LEU F 473 16.32 30.74 -35.00
C LEU F 473 15.79 32.01 -34.32
N MET F 474 16.60 32.59 -33.45
CA MET F 474 16.20 33.77 -32.68
C MET F 474 15.95 34.95 -33.60
N THR F 475 16.85 35.14 -34.57
CA THR F 475 16.72 36.21 -35.57
C THR F 475 15.37 36.12 -36.32
N ASN F 476 14.93 34.89 -36.59
CA ASN F 476 13.63 34.67 -37.18
C ASN F 476 12.53 35.11 -36.21
N LEU F 477 12.62 34.67 -34.95
CA LEU F 477 11.66 35.04 -33.94
C LEU F 477 11.59 36.56 -33.80
N LYS F 478 12.75 37.20 -33.66
CA LYS F 478 12.83 38.65 -33.63
C LYS F 478 12.05 39.23 -34.79
N ASN F 479 12.20 38.60 -35.96
CA ASN F 479 11.61 39.10 -37.21
C ASN F 479 10.23 38.50 -37.51
N GLY F 480 9.49 38.14 -36.47
CA GLY F 480 8.09 37.72 -36.63
C GLY F 480 7.84 36.40 -37.33
N ASN F 481 8.91 35.72 -37.71
CA ASN F 481 8.83 34.41 -38.38
C ASN F 481 8.78 33.29 -37.35
N LEU F 482 7.60 32.65 -37.26
CA LEU F 482 7.38 31.65 -36.22
C LEU F 482 7.11 30.23 -36.69
N ALA F 483 6.55 30.07 -37.89
CA ALA F 483 6.12 28.76 -38.40
C ALA F 483 7.14 27.63 -38.21
N THR F 484 6.64 26.51 -37.70
CA THR F 484 7.46 25.32 -37.40
C THR F 484 7.03 24.07 -38.18
N ALA F 485 5.89 24.12 -38.87
CA ALA F 485 5.40 22.98 -39.64
C ALA F 485 4.58 23.35 -40.86
N SER F 486 4.74 22.58 -41.94
CA SER F 486 3.90 22.67 -43.12
C SER F 486 2.91 21.51 -43.09
N THR F 487 1.68 21.78 -43.53
CA THR F 487 0.61 20.81 -43.37
C THR F 487 -0.17 20.60 -44.65
N GLU F 488 0.30 21.19 -45.76
CA GLU F 488 -0.42 21.13 -47.04
C GLU F 488 -0.51 19.70 -47.51
N LYS F 489 0.62 19.00 -47.46
CA LYS F 489 0.69 17.62 -47.92
C LYS F 489 0.84 16.64 -46.74
N TRP F 490 0.12 16.92 -45.66
CA TRP F 490 0.04 16.01 -44.54
C TRP F 490 -0.98 14.89 -44.80
N GLU F 491 -2.05 15.22 -45.51
CA GLU F 491 -3.07 14.23 -45.86
C GLU F 491 -2.56 13.34 -47.00
N PRO F 492 -2.74 12.01 -46.89
CA PRO F 492 -2.35 11.04 -47.91
C PRO F 492 -3.07 11.25 -49.22
N ALA F 493 -4.30 11.75 -49.12
CA ALA F 493 -5.11 12.08 -50.29
C ALA F 493 -4.39 13.06 -51.22
N THR F 494 -3.43 13.79 -50.68
CA THR F 494 -2.72 14.83 -51.43
C THR F 494 -1.36 14.38 -51.96
N TRP F 495 -0.93 13.18 -51.58
CA TRP F 495 0.36 12.65 -52.05
C TRP F 495 0.23 12.04 -53.44
N PRO F 496 1.31 12.15 -54.26
CA PRO F 496 1.41 11.36 -55.49
C PRO F 496 1.01 9.90 -55.24
N THR F 497 0.26 9.31 -56.16
CA THR F 497 -0.16 7.91 -56.02
CA THR F 497 -0.17 7.90 -56.05
C THR F 497 1.05 6.96 -55.95
N GLU F 498 2.16 7.35 -56.58
CA GLU F 498 3.38 6.56 -56.62
C GLU F 498 4.56 7.51 -56.67
N CYS F 499 5.50 7.37 -55.74
CA CYS F 499 6.69 8.25 -55.73
C CYS F 499 7.84 7.69 -54.90
N ARG F 500 9.00 8.33 -54.98
CA ARG F 500 10.15 7.89 -54.20
C ARG F 500 11.10 9.03 -53.85
N GLY F 501 11.92 8.81 -52.82
CA GLY F 501 12.79 9.86 -52.31
C GLY F 501 13.99 9.37 -51.53
N VAL F 502 14.94 10.27 -51.32
CA VAL F 502 16.18 9.96 -50.65
C VAL F 502 16.41 10.91 -49.49
N GLY F 503 16.65 10.36 -48.30
CA GLY F 503 17.00 11.17 -47.14
C GLY F 503 18.46 10.96 -46.77
N PHE F 504 19.21 12.06 -46.66
CA PHE F 504 20.65 11.95 -46.39
C PHE F 504 21.21 13.04 -45.49
N THR F 505 22.19 12.62 -44.69
CA THR F 505 22.87 13.49 -43.74
C THR F 505 24.17 12.83 -43.29
N GLU F 506 24.90 13.51 -42.42
CA GLU F 506 26.07 12.92 -41.78
C GLU F 506 25.77 12.63 -40.31
N ALA F 507 25.60 11.34 -40.00
CA ALA F 507 25.49 10.87 -38.63
C ALA F 507 26.87 10.96 -37.98
N PRO F 508 26.94 10.97 -36.64
CA PRO F 508 28.23 11.07 -35.94
C PRO F 508 29.32 10.10 -36.43
N ARG F 509 28.89 9.01 -37.07
CA ARG F 509 29.81 7.97 -37.48
C ARG F 509 30.14 8.00 -38.97
N GLY F 510 29.32 8.70 -39.75
CA GLY F 510 29.57 8.84 -41.17
C GLY F 510 28.34 9.12 -41.99
N ALA F 511 28.40 8.68 -43.23
CA ALA F 511 27.39 9.04 -44.20
C ALA F 511 26.15 8.12 -44.13
N LEU F 512 25.00 8.74 -43.90
CA LEU F 512 23.73 8.03 -43.82
C LEU F 512 22.76 8.35 -44.98
N GLY F 513 22.18 7.30 -45.55
CA GLY F 513 21.13 7.46 -46.54
C GLY F 513 19.89 6.60 -46.28
N HIS F 514 18.73 7.20 -46.48
CA HIS F 514 17.46 6.47 -46.51
C HIS F 514 16.82 6.63 -47.87
N TRP F 515 16.58 5.49 -48.52
CA TRP F 515 15.89 5.46 -49.80
C TRP F 515 14.51 4.87 -49.55
N ALA F 516 13.48 5.61 -49.96
CA ALA F 516 12.10 5.25 -49.66
C ALA F 516 11.20 5.33 -50.87
N ALA F 517 10.25 4.41 -50.96
CA ALA F 517 9.29 4.34 -52.07
C ALA F 517 7.85 4.24 -51.56
N ILE F 518 6.97 5.06 -52.13
CA ILE F 518 5.57 5.10 -51.71
C ILE F 518 4.64 4.64 -52.82
N ARG F 519 3.60 3.89 -52.43
CA ARG F 519 2.57 3.44 -53.35
CA ARG F 519 2.58 3.45 -53.35
C ARG F 519 1.23 3.37 -52.64
N ASP F 520 0.30 4.22 -53.07
CA ASP F 520 -1.06 4.32 -52.49
C ASP F 520 -1.08 4.58 -51.00
N GLY F 521 -0.29 5.58 -50.59
CA GLY F 521 -0.20 6.00 -49.20
C GLY F 521 0.54 5.03 -48.29
N LYS F 522 1.21 4.05 -48.86
CA LYS F 522 1.92 3.01 -48.10
C LYS F 522 3.37 2.95 -48.49
N ILE F 523 4.22 2.51 -47.56
CA ILE F 523 5.62 2.22 -47.85
C ILE F 523 5.68 0.99 -48.72
N ASP F 524 6.26 1.18 -49.91
CA ASP F 524 6.50 0.10 -50.85
C ASP F 524 7.88 -0.49 -50.61
N LEU F 525 8.86 0.40 -50.50
CA LEU F 525 10.24 0.02 -50.23
C LEU F 525 10.89 1.04 -49.29
N TYR F 526 11.71 0.55 -48.38
CA TYR F 526 12.50 1.41 -47.51
C TYR F 526 13.85 0.74 -47.26
N GLN F 527 14.90 1.34 -47.80
CA GLN F 527 16.23 0.78 -47.66
C GLN F 527 17.15 1.74 -46.96
N CYS F 528 18.03 1.17 -46.14
CA CYS F 528 18.97 1.95 -45.35
C CYS F 528 20.40 1.59 -45.59
N VAL F 529 21.22 2.61 -45.78
CA VAL F 529 22.67 2.46 -45.82
C VAL F 529 23.34 3.38 -44.77
N VAL F 530 23.81 2.74 -43.71
CA VAL F 530 24.24 3.40 -42.51
C VAL F 530 25.77 3.46 -42.46
N PRO F 531 26.34 4.53 -41.86
CA PRO F 531 27.77 4.74 -41.72
C PRO F 531 28.55 3.49 -41.38
N THR F 532 28.18 2.79 -40.30
CA THR F 532 28.98 1.62 -39.88
C THR F 532 28.87 0.46 -40.87
N THR F 533 27.79 0.46 -41.66
CA THR F 533 27.64 -0.51 -42.74
C THR F 533 28.77 -0.33 -43.73
N TRP F 534 29.11 0.92 -44.04
CA TRP F 534 30.25 1.23 -44.89
C TRP F 534 31.56 0.76 -44.25
N ASN F 535 31.79 1.15 -43.00
CA ASN F 535 33.07 0.92 -42.34
C ASN F 535 33.34 -0.56 -42.00
N ALA F 536 32.34 -1.22 -41.42
CA ALA F 536 32.42 -2.62 -40.98
C ALA F 536 32.10 -3.64 -42.10
N SER F 537 31.95 -3.12 -43.32
CA SER F 537 31.61 -3.92 -44.49
C SER F 537 32.51 -5.14 -44.72
N PRO F 538 31.87 -6.31 -44.92
CA PRO F 538 32.53 -7.51 -45.44
C PRO F 538 33.18 -7.27 -46.79
N ARG F 539 33.74 -8.33 -47.38
CA ARG F 539 34.33 -8.25 -48.71
C ARG F 539 33.27 -8.32 -49.82
N ASP F 540 33.65 -7.91 -51.01
CA ASP F 540 32.75 -7.99 -52.17
C ASP F 540 33.25 -9.02 -53.19
N PRO F 541 32.56 -9.16 -54.36
CA PRO F 541 32.98 -10.17 -55.35
C PRO F 541 34.46 -10.09 -55.69
N LYS F 542 34.97 -8.88 -55.87
CA LYS F 542 36.38 -8.64 -56.22
C LYS F 542 37.35 -8.86 -55.05
N GLY F 543 36.83 -9.24 -53.89
CA GLY F 543 37.64 -9.54 -52.72
C GLY F 543 38.17 -8.33 -51.99
N GLN F 544 37.66 -7.15 -52.35
CA GLN F 544 38.07 -5.89 -51.74
C GLN F 544 37.63 -5.84 -50.29
N ILE F 545 38.45 -5.22 -49.45
CA ILE F 545 38.20 -5.19 -48.00
C ILE F 545 37.62 -3.86 -47.51
N GLY F 546 36.76 -3.95 -46.48
CA GLY F 546 36.13 -2.79 -45.83
C GLY F 546 37.10 -1.91 -45.07
N ALA F 547 36.65 -0.72 -44.69
CA ALA F 547 37.49 0.24 -43.95
C ALA F 547 38.17 -0.37 -42.71
N TYR F 548 37.40 -1.18 -41.96
CA TYR F 548 37.86 -1.82 -40.73
C TYR F 548 39.01 -2.79 -40.99
N GLU F 549 38.72 -3.84 -41.76
CA GLU F 549 39.69 -4.87 -42.06
C GLU F 549 40.96 -4.26 -42.60
N ALA F 550 40.81 -3.17 -43.37
CA ALA F 550 41.93 -2.42 -43.92
C ALA F 550 42.78 -1.76 -42.84
N ALA F 551 42.11 -1.10 -41.90
CA ALA F 551 42.81 -0.40 -40.85
C ALA F 551 43.52 -1.33 -39.85
N LEU F 552 43.13 -2.60 -39.85
CA LEU F 552 43.71 -3.54 -38.90
C LEU F 552 44.93 -4.24 -39.47
N MET F 553 45.03 -4.25 -40.80
CA MET F 553 46.15 -4.87 -41.49
C MET F 553 47.46 -4.20 -41.15
N ASN F 554 48.53 -5.01 -41.06
CA ASN F 554 49.89 -4.55 -40.77
C ASN F 554 50.10 -3.94 -39.39
N THR F 555 49.12 -4.11 -38.51
CA THR F 555 49.22 -3.60 -37.16
C THR F 555 50.01 -4.58 -36.32
N LYS F 556 51.05 -4.08 -35.66
CA LYS F 556 51.86 -4.86 -34.74
C LYS F 556 51.13 -5.06 -33.42
N MET F 557 51.10 -6.30 -32.94
CA MET F 557 50.56 -6.65 -31.63
C MET F 557 51.70 -6.99 -30.68
N ALA F 558 51.64 -6.41 -29.48
CA ALA F 558 52.66 -6.70 -28.46
C ALA F 558 52.32 -7.99 -27.71
N ILE F 559 51.09 -8.10 -27.23
CA ILE F 559 50.59 -9.36 -26.68
C ILE F 559 49.39 -9.80 -27.51
N PRO F 560 49.47 -10.99 -28.13
CA PRO F 560 48.42 -11.56 -28.97
C PRO F 560 47.12 -11.89 -28.21
N GLU F 561 47.23 -12.47 -27.02
CA GLU F 561 46.04 -12.82 -26.23
CA GLU F 561 46.04 -12.82 -26.23
C GLU F 561 45.34 -11.60 -25.63
N GLN F 562 46.03 -10.46 -25.60
CA GLN F 562 45.44 -9.19 -25.13
CA GLN F 562 45.44 -9.19 -25.13
C GLN F 562 45.36 -8.16 -26.27
N PRO F 563 44.22 -8.15 -26.99
CA PRO F 563 44.08 -7.42 -28.25
C PRO F 563 43.80 -5.94 -28.12
N LEU F 564 44.64 -5.22 -27.39
CA LEU F 564 44.45 -3.78 -27.21
C LEU F 564 44.66 -3.07 -28.53
N GLU F 565 45.73 -3.43 -29.24
CA GLU F 565 46.03 -2.81 -30.51
C GLU F 565 44.84 -2.93 -31.46
N ILE F 566 44.16 -4.08 -31.39
CA ILE F 566 42.93 -4.32 -32.17
C ILE F 566 41.83 -3.36 -31.72
N LEU F 567 41.58 -3.32 -30.42
CA LEU F 567 40.49 -2.50 -29.87
C LEU F 567 40.67 -1.01 -30.17
N ARG F 568 41.90 -0.53 -30.00
CA ARG F 568 42.28 0.86 -30.27
C ARG F 568 41.88 1.31 -31.68
N THR F 569 42.30 0.53 -32.68
CA THR F 569 42.00 0.79 -34.08
C THR F 569 40.52 0.70 -34.35
N LEU F 570 39.84 -0.30 -33.78
CA LEU F 570 38.43 -0.49 -34.03
C LEU F 570 37.63 0.65 -33.44
N HIS F 571 37.82 0.89 -32.15
CA HIS F 571 37.04 1.89 -31.42
C HIS F 571 37.17 3.27 -32.04
N SER F 572 38.32 3.54 -32.64
CA SER F 572 38.61 4.85 -33.22
C SER F 572 37.65 5.16 -34.36
N PHE F 573 37.10 4.13 -34.98
CA PHE F 573 36.09 4.30 -36.01
C PHE F 573 34.73 4.63 -35.42
N ASP F 574 34.58 4.34 -34.14
CA ASP F 574 33.30 4.46 -33.42
C ASP F 574 32.27 3.47 -33.99
N PRO F 575 32.51 2.16 -33.77
CA PRO F 575 31.55 1.18 -34.26
C PRO F 575 30.17 1.29 -33.62
N CYS F 576 29.16 1.17 -34.47
CA CYS F 576 27.76 1.15 -34.07
C CYS F 576 27.01 0.05 -34.85
N LEU F 577 26.89 -1.12 -34.21
CA LEU F 577 26.49 -2.31 -34.94
C LEU F 577 24.99 -2.42 -35.25
N ALA F 578 24.14 -2.13 -34.27
CA ALA F 578 22.69 -2.05 -34.50
C ALA F 578 22.36 -1.07 -35.63
N CYS F 579 23.14 0.01 -35.71
CA CYS F 579 23.08 0.94 -36.84
C CYS F 579 23.46 0.22 -38.13
N SER F 580 24.59 -0.47 -38.11
CA SER F 580 25.14 -1.11 -39.32
C SER F 580 24.26 -2.21 -39.89
N THR F 581 23.46 -2.85 -39.03
CA THR F 581 22.68 -4.01 -39.41
C THR F 581 21.20 -3.67 -39.60
N HIS F 582 20.65 -2.88 -38.68
CA HIS F 582 19.23 -2.48 -38.70
C HIS F 582 18.26 -3.59 -39.12
N LYS G 4 26.74 47.85 -27.37
CA LYS G 4 27.69 47.27 -26.38
C LYS G 4 27.33 47.58 -24.90
N PRO G 5 27.03 48.87 -24.56
CA PRO G 5 26.61 49.17 -23.19
C PRO G 5 25.29 48.51 -22.80
N ARG G 6 25.19 48.02 -21.57
CA ARG G 6 24.00 47.34 -21.09
C ARG G 6 22.95 48.35 -20.67
N ILE G 7 21.69 47.92 -20.65
CA ILE G 7 20.57 48.83 -20.33
C ILE G 7 20.43 49.05 -18.82
N PRO G 8 20.41 50.32 -18.40
CA PRO G 8 20.32 50.65 -16.98
C PRO G 8 18.98 50.30 -16.35
N VAL G 9 19.06 49.63 -15.21
CA VAL G 9 17.90 49.27 -14.42
C VAL G 9 18.04 49.87 -13.02
N VAL G 10 16.98 50.50 -12.52
CA VAL G 10 16.90 50.92 -11.14
C VAL G 10 15.87 50.03 -10.46
N TRP G 11 16.24 49.50 -9.30
CA TRP G 11 15.37 48.60 -8.56
C TRP G 11 15.13 49.15 -7.15
N ILE G 12 13.92 49.63 -6.92
CA ILE G 12 13.54 50.16 -5.60
C ILE G 12 12.64 49.19 -4.82
N HIS G 13 12.55 49.40 -3.51
CA HIS G 13 11.73 48.56 -2.63
C HIS G 13 10.87 49.45 -1.71
N GLY G 14 9.58 49.19 -1.67
CA GLY G 14 8.69 49.89 -0.73
C GLY G 14 8.47 49.00 0.48
N LEU G 15 7.22 48.91 0.93
CA LEU G 15 6.84 47.90 1.93
C LEU G 15 6.81 46.58 1.21
N GLU G 16 7.69 45.68 1.65
CA GLU G 16 7.99 44.45 0.95
C GLU G 16 8.46 43.39 1.93
N CYS G 17 8.38 42.12 1.52
CA CYS G 17 8.99 41.03 2.29
C CYS G 17 10.31 40.57 1.67
N THR G 18 10.64 41.16 0.52
CA THR G 18 11.84 40.83 -0.26
C THR G 18 11.82 39.41 -0.88
N CYS G 19 10.63 38.81 -0.96
CA CYS G 19 10.46 37.54 -1.67
C CYS G 19 10.68 37.66 -3.19
N CYS G 20 10.46 38.84 -3.77
CA CYS G 20 10.63 39.00 -5.21
C CYS G 20 12.09 39.06 -5.66
N THR G 21 12.92 39.79 -4.90
CA THR G 21 14.39 39.80 -5.11
C THR G 21 14.97 38.42 -4.80
N GLU G 22 14.47 37.77 -3.75
CA GLU G 22 14.86 36.41 -3.46
C GLU G 22 14.51 35.49 -4.62
N SER G 23 13.31 35.67 -5.20
CA SER G 23 12.86 34.87 -6.34
C SER G 23 13.74 35.04 -7.57
N PHE G 24 13.91 36.30 -7.98
CA PHE G 24 14.70 36.69 -9.15
C PHE G 24 16.07 36.03 -9.14
N ILE G 25 16.72 35.98 -7.98
CA ILE G 25 18.02 35.35 -7.92
C ILE G 25 18.01 33.81 -8.01
N ARG G 26 16.87 33.19 -7.78
CA ARG G 26 16.74 31.74 -7.96
C ARG G 26 16.76 31.30 -9.43
N SER G 27 16.79 32.27 -10.36
CA SER G 27 16.71 31.96 -11.80
C SER G 27 17.79 30.99 -12.24
N ALA G 28 17.35 29.93 -12.92
CA ALA G 28 18.24 28.90 -13.47
C ALA G 28 18.71 29.21 -14.90
N HIS G 29 17.85 29.82 -15.73
CA HIS G 29 18.23 30.15 -17.11
C HIS G 29 17.52 31.39 -17.65
N PRO G 30 18.28 32.50 -17.87
CA PRO G 30 19.71 32.68 -17.63
C PRO G 30 19.99 32.83 -16.15
N LEU G 31 21.24 32.62 -15.74
CA LEU G 31 21.58 32.70 -14.30
C LEU G 31 21.48 34.12 -13.78
N ALA G 32 21.02 34.26 -12.55
CA ALA G 32 20.93 35.59 -11.91
C ALA G 32 22.21 36.40 -12.15
N LYS G 33 23.33 35.75 -11.84
CA LYS G 33 24.69 36.22 -12.12
C LYS G 33 24.88 36.72 -13.55
N ASP G 34 24.46 35.92 -14.54
CA ASP G 34 24.60 36.29 -15.95
C ASP G 34 23.68 37.44 -16.36
N VAL G 35 22.52 37.55 -15.72
CA VAL G 35 21.63 38.68 -16.02
C VAL G 35 22.33 39.99 -15.66
N ILE G 36 22.94 40.02 -14.49
CA ILE G 36 23.57 41.23 -13.91
C ILE G 36 24.88 41.64 -14.58
N LEU G 37 25.66 40.67 -15.05
CA LEU G 37 26.98 40.96 -15.62
C LEU G 37 26.95 41.09 -17.14
N SER G 38 25.87 40.65 -17.78
CA SER G 38 25.82 40.56 -19.25
C SER G 38 24.57 41.14 -19.93
N LEU G 39 23.40 40.97 -19.32
CA LEU G 39 22.15 41.35 -19.97
C LEU G 39 21.68 42.77 -19.65
N ILE G 40 21.84 43.17 -18.39
CA ILE G 40 21.46 44.52 -17.95
C ILE G 40 22.53 45.14 -17.07
N SER G 41 22.48 46.46 -16.90
CA SER G 41 23.25 47.09 -15.84
C SER G 41 22.37 47.50 -14.67
N LEU G 42 22.20 46.54 -13.75
CA LEU G 42 21.57 46.77 -12.46
C LEU G 42 22.36 47.83 -11.70
N ASP G 43 21.91 49.08 -11.86
CA ASP G 43 22.60 50.26 -11.37
C ASP G 43 22.25 50.70 -9.94
N TYR G 44 21.13 50.18 -9.42
CA TYR G 44 20.68 50.47 -8.06
C TYR G 44 19.75 49.38 -7.55
N ASP G 45 20.13 48.75 -6.44
CA ASP G 45 19.28 47.76 -5.77
C ASP G 45 19.73 47.67 -4.31
N ASP G 46 18.91 48.22 -3.40
CA ASP G 46 19.22 48.28 -1.96
C ASP G 46 19.70 46.93 -1.36
N THR G 47 19.20 45.83 -1.89
CA THR G 47 19.49 44.53 -1.32
C THR G 47 20.87 43.95 -1.67
N LEU G 48 21.49 44.45 -2.75
CA LEU G 48 22.72 43.82 -3.26
C LEU G 48 23.90 44.74 -3.38
N MET G 49 23.65 46.04 -3.50
CA MET G 49 24.67 47.04 -3.83
C MET G 49 25.64 47.33 -2.69
N ALA G 50 26.86 47.71 -3.05
CA ALA G 50 27.89 48.00 -2.07
C ALA G 50 27.58 49.29 -1.28
N ALA G 51 27.21 50.37 -1.98
CA ALA G 51 26.98 51.68 -1.36
C ALA G 51 25.78 51.71 -0.41
N ALA G 52 25.99 52.24 0.80
CA ALA G 52 24.91 52.53 1.74
C ALA G 52 24.87 54.03 2.08
N GLY G 53 23.85 54.46 2.83
CA GLY G 53 23.78 55.83 3.34
C GLY G 53 23.91 56.86 2.23
N THR G 54 24.67 57.91 2.50
CA THR G 54 24.80 59.03 1.53
C THR G 54 25.59 58.67 0.27
N GLN G 55 26.28 57.54 0.29
CA GLN G 55 26.86 56.96 -0.92
C GLN G 55 25.76 56.39 -1.82
N ALA G 56 24.87 55.57 -1.25
CA ALA G 56 23.71 55.00 -1.97
C ALA G 56 22.70 56.06 -2.47
N GLU G 57 22.51 57.13 -1.68
CA GLU G 57 21.72 58.29 -2.09
C GLU G 57 22.34 58.88 -3.34
N GLU G 58 23.66 58.97 -3.33
CA GLU G 58 24.43 59.55 -4.44
C GLU G 58 24.37 58.75 -5.74
N VAL G 59 24.47 57.44 -5.66
CA VAL G 59 24.30 56.61 -6.85
C VAL G 59 22.90 56.84 -7.44
N PHE G 60 21.89 56.85 -6.57
CA PHE G 60 20.49 56.98 -6.99
C PHE G 60 20.29 58.24 -7.80
N GLU G 61 20.48 59.36 -7.13
CA GLU G 61 20.49 60.66 -7.74
C GLU G 61 21.29 60.70 -9.07
N ASP G 62 22.50 60.13 -9.08
CA ASP G 62 23.40 60.14 -10.27
C ASP G 62 22.83 59.37 -11.47
N ILE G 63 22.26 58.20 -11.19
CA ILE G 63 21.75 57.30 -12.22
C ILE G 63 20.47 57.84 -12.84
N ILE G 64 19.54 58.32 -12.01
CA ILE G 64 18.26 58.86 -12.52
C ILE G 64 18.43 60.20 -13.26
N THR G 65 19.53 60.90 -12.98
CA THR G 65 19.89 62.14 -13.68
C THR G 65 20.49 61.82 -15.05
N GLN G 66 21.57 61.02 -15.03
CA GLN G 66 22.38 60.73 -16.22
C GLN G 66 21.67 59.85 -17.24
N TYR G 67 20.73 59.02 -16.78
CA TYR G 67 19.95 58.15 -17.68
C TYR G 67 18.47 58.53 -17.73
N ASN G 68 18.18 59.80 -17.44
CA ASN G 68 16.80 60.31 -17.46
C ASN G 68 16.10 60.05 -18.79
N GLY G 69 14.98 59.34 -18.71
CA GLY G 69 14.20 58.98 -19.88
C GLY G 69 14.67 57.70 -20.54
N LYS G 70 15.78 57.13 -20.03
CA LYS G 70 16.44 56.01 -20.70
C LYS G 70 16.48 54.67 -19.93
N TYR G 71 16.20 54.69 -18.63
CA TYR G 71 16.32 53.49 -17.78
C TYR G 71 14.99 52.80 -17.45
N ILE G 72 15.08 51.53 -17.04
CA ILE G 72 13.91 50.77 -16.63
C ILE G 72 13.76 50.84 -15.13
N LEU G 73 12.54 51.04 -14.66
CA LEU G 73 12.29 51.03 -13.24
C LEU G 73 11.62 49.75 -12.76
N ALA G 74 12.38 48.97 -12.00
CA ALA G 74 11.85 47.81 -11.31
C ALA G 74 11.39 48.24 -9.93
N VAL G 75 10.15 47.91 -9.59
CA VAL G 75 9.63 48.16 -8.24
C VAL G 75 9.12 46.88 -7.61
N GLU G 76 9.60 46.64 -6.41
CA GLU G 76 9.23 45.49 -5.61
C GLU G 76 8.64 46.06 -4.33
N GLY G 77 7.54 45.50 -3.86
CA GLY G 77 6.77 46.08 -2.75
C GLY G 77 5.93 47.29 -3.17
N ASN G 78 5.29 47.96 -2.21
CA ASN G 78 4.41 49.10 -2.49
C ASN G 78 4.50 50.26 -1.50
N PRO G 79 4.03 51.46 -1.88
CA PRO G 79 4.03 52.62 -0.98
C PRO G 79 2.84 52.70 -0.02
N PRO G 80 3.10 53.03 1.27
CA PRO G 80 1.99 53.29 2.18
C PRO G 80 1.56 54.73 2.12
N LEU G 81 0.25 54.97 2.31
CA LEU G 81 -0.29 56.32 2.27
C LEU G 81 -0.63 56.86 3.66
N GLY G 82 -0.76 55.95 4.63
CA GLY G 82 -1.07 56.31 6.03
C GLY G 82 0.06 57.01 6.77
N GLU G 83 -0.29 57.86 7.74
CA GLU G 83 0.67 58.63 8.54
C GLU G 83 1.67 59.37 7.64
N GLN G 84 1.09 60.11 6.67
CA GLN G 84 1.82 60.89 5.66
CA GLN G 84 1.87 60.92 5.72
C GLN G 84 2.87 60.10 4.88
N GLY G 85 2.69 58.78 4.85
CA GLY G 85 3.58 57.89 4.10
C GLY G 85 4.84 57.45 4.82
N MET G 86 4.91 57.77 6.11
CA MET G 86 6.06 57.43 6.93
C MET G 86 6.05 55.99 7.48
N PHE G 87 5.10 55.17 7.04
CA PHE G 87 5.13 53.73 7.34
C PHE G 87 6.25 53.03 6.53
N CYS G 88 6.89 53.76 5.64
CA CYS G 88 8.10 53.30 4.97
C CYS G 88 8.98 54.52 4.67
N ILE G 89 10.00 54.68 5.48
CA ILE G 89 10.88 55.85 5.41
C ILE G 89 12.14 55.49 4.64
N SER G 90 12.53 56.37 3.72
CA SER G 90 13.74 56.17 2.92
C SER G 90 14.52 57.46 2.81
N SER G 91 15.71 57.44 3.40
CA SER G 91 16.58 58.61 3.55
C SER G 91 15.90 59.77 4.31
N GLY G 92 15.06 59.41 5.27
CA GLY G 92 14.42 60.37 6.16
C GLY G 92 13.12 60.93 5.60
N ARG G 93 12.73 60.46 4.42
CA ARG G 93 11.55 60.98 3.73
C ARG G 93 10.63 59.82 3.32
N PRO G 94 9.32 60.10 3.10
CA PRO G 94 8.40 59.02 2.77
C PRO G 94 8.90 58.28 1.53
N PHE G 95 8.64 56.98 1.47
CA PHE G 95 9.06 56.18 0.34
C PHE G 95 8.42 56.70 -0.95
N ILE G 96 7.14 57.08 -0.87
CA ILE G 96 6.35 57.46 -2.05
C ILE G 96 7.06 58.53 -2.87
N GLU G 97 7.80 59.40 -2.18
CA GLU G 97 8.60 60.43 -2.84
C GLU G 97 9.73 59.86 -3.70
N LYS G 98 10.44 58.87 -3.16
CA LYS G 98 11.51 58.18 -3.91
C LYS G 98 10.93 57.48 -5.14
N LEU G 99 9.78 56.85 -4.94
CA LEU G 99 9.09 56.18 -6.03
C LEU G 99 8.77 57.19 -7.13
N LYS G 100 8.08 58.26 -6.78
CA LYS G 100 7.61 59.21 -7.78
C LYS G 100 8.76 59.80 -8.57
N ARG G 101 9.87 60.08 -7.88
CA ARG G 101 11.07 60.71 -8.48
C ARG G 101 11.89 59.75 -9.35
N ALA G 102 11.72 58.44 -9.11
CA ALA G 102 12.35 57.42 -9.94
C ALA G 102 11.44 57.10 -11.12
N ALA G 103 10.12 57.18 -10.89
CA ALA G 103 9.13 56.86 -11.91
C ALA G 103 9.13 57.88 -13.05
N ALA G 104 9.05 59.15 -12.68
CA ALA G 104 9.04 60.22 -13.68
C ALA G 104 10.25 60.19 -14.63
N GLY G 105 11.39 59.68 -14.14
CA GLY G 105 12.62 59.60 -14.93
C GLY G 105 12.77 58.34 -15.76
N ALA G 106 11.88 57.37 -15.54
CA ALA G 106 11.98 56.07 -16.20
C ALA G 106 11.22 56.03 -17.52
N SER G 107 11.65 55.14 -18.41
CA SER G 107 10.97 54.91 -19.68
C SER G 107 9.82 53.91 -19.51
N ALA G 108 10.07 52.87 -18.71
CA ALA G 108 9.04 51.91 -18.42
C ALA G 108 9.20 51.37 -17.01
N ILE G 109 8.13 50.79 -16.47
CA ILE G 109 8.10 50.31 -15.10
C ILE G 109 7.69 48.82 -14.97
N ILE G 110 8.54 48.03 -14.31
CA ILE G 110 8.17 46.65 -14.02
C ILE G 110 7.72 46.52 -12.56
N ALA G 111 6.44 46.24 -12.38
CA ALA G 111 5.88 45.99 -11.05
C ALA G 111 6.05 44.52 -10.74
N TRP G 112 7.07 44.22 -9.92
CA TRP G 112 7.38 42.85 -9.50
C TRP G 112 6.47 42.35 -8.36
N GLY G 113 6.00 41.10 -8.48
CA GLY G 113 5.22 40.43 -7.45
C GLY G 113 3.84 41.00 -7.22
N THR G 114 3.10 40.38 -6.31
CA THR G 114 1.74 40.80 -5.98
C THR G 114 1.72 42.11 -5.22
N CYS G 115 2.80 42.39 -4.50
CA CYS G 115 2.93 43.67 -3.80
C CYS G 115 2.75 44.89 -4.72
N ALA G 116 3.63 45.01 -5.71
CA ALA G 116 3.66 46.15 -6.63
C ALA G 116 2.50 46.11 -7.64
N SER G 117 2.02 44.90 -7.92
CA SER G 117 0.93 44.69 -8.89
C SER G 117 -0.44 45.01 -8.30
N TRP G 118 -0.69 44.46 -7.12
CA TRP G 118 -2.03 44.42 -6.56
C TRP G 118 -2.13 45.00 -5.15
N GLY G 119 -1.11 44.72 -4.33
CA GLY G 119 -1.10 45.16 -2.95
C GLY G 119 -0.58 44.09 -2.01
N CYS G 120 -0.84 42.84 -2.34
CA CYS G 120 -0.42 41.69 -1.54
C CYS G 120 -0.81 41.83 -0.05
N VAL G 121 -0.04 41.19 0.83
CA VAL G 121 -0.42 40.99 2.22
C VAL G 121 -0.62 42.28 3.04
N GLN G 122 0.30 43.24 2.91
CA GLN G 122 0.24 44.48 3.71
C GLN G 122 -1.04 45.26 3.44
N ALA G 123 -1.71 44.87 2.36
CA ALA G 123 -2.91 45.52 1.86
C ALA G 123 -4.17 44.67 2.03
N ALA G 124 -4.04 43.54 2.74
CA ALA G 124 -5.21 42.76 3.13
C ALA G 124 -5.84 43.35 4.39
N ARG G 125 -7.16 43.24 4.49
CA ARG G 125 -7.95 43.80 5.60
C ARG G 125 -7.27 43.57 6.96
N PRO G 126 -7.26 44.60 7.85
CA PRO G 126 -7.88 45.94 7.74
C PRO G 126 -7.01 46.98 7.01
N ASN G 127 -5.96 46.52 6.35
CA ASN G 127 -4.99 47.37 5.64
C ASN G 127 -4.56 48.57 6.47
N PRO G 128 -3.62 48.33 7.42
CA PRO G 128 -3.32 49.33 8.46
C PRO G 128 -2.45 50.48 7.97
N THR G 129 -1.63 50.20 6.95
CA THR G 129 -0.70 51.17 6.40
C THR G 129 -1.22 51.85 5.12
N GLN G 130 -2.42 51.45 4.69
CA GLN G 130 -3.01 51.89 3.42
C GLN G 130 -2.03 51.71 2.28
N ALA G 131 -1.49 50.50 2.18
CA ALA G 131 -0.66 50.12 1.05
C ALA G 131 -1.50 50.16 -0.22
N THR G 132 -0.96 50.81 -1.25
CA THR G 132 -1.61 50.88 -2.54
C THR G 132 -0.62 50.43 -3.61
N PRO G 133 -1.08 49.65 -4.60
CA PRO G 133 -0.24 49.24 -5.72
C PRO G 133 0.30 50.41 -6.58
N ILE G 134 1.34 50.13 -7.36
CA ILE G 134 2.04 51.12 -8.20
C ILE G 134 1.12 51.82 -9.19
N ASP G 135 0.24 51.05 -9.82
CA ASP G 135 -0.68 51.57 -10.82
C ASP G 135 -1.75 52.52 -10.25
N LYS G 136 -1.85 52.60 -8.91
CA LYS G 136 -2.75 53.55 -8.25
C LYS G 136 -2.04 54.87 -7.92
N VAL G 137 -0.71 54.85 -7.96
CA VAL G 137 0.13 56.01 -7.59
C VAL G 137 0.86 56.62 -8.79
N ILE G 138 1.39 55.76 -9.67
CA ILE G 138 2.07 56.20 -10.90
C ILE G 138 1.18 55.96 -12.12
N THR G 139 0.58 57.02 -12.63
CA THR G 139 -0.45 56.87 -13.65
C THR G 139 -0.06 57.45 -15.01
N ASP G 140 1.20 57.88 -15.16
CA ASP G 140 1.66 58.49 -16.42
C ASP G 140 2.67 57.63 -17.21
N LYS G 141 2.98 56.45 -16.67
CA LYS G 141 4.01 55.57 -17.26
C LYS G 141 3.46 54.17 -17.56
N PRO G 142 4.03 53.48 -18.58
CA PRO G 142 3.70 52.06 -18.83
C PRO G 142 4.18 51.20 -17.68
N ILE G 143 3.27 50.41 -17.14
CA ILE G 143 3.60 49.52 -16.02
C ILE G 143 3.28 48.07 -16.37
N ILE G 144 4.30 47.23 -16.37
CA ILE G 144 4.09 45.80 -16.53
C ILE G 144 3.90 45.13 -15.15
N LYS G 145 2.72 44.57 -14.93
CA LYS G 145 2.44 43.86 -13.70
C LYS G 145 2.83 42.40 -13.89
N VAL G 146 3.79 41.96 -13.07
CA VAL G 146 4.19 40.57 -13.07
C VAL G 146 3.84 40.05 -11.68
N PRO G 147 2.58 39.63 -11.47
CA PRO G 147 2.12 39.23 -10.12
C PRO G 147 2.62 37.83 -9.65
N GLY G 148 2.22 37.46 -8.43
CA GLY G 148 2.71 36.24 -7.79
C GLY G 148 3.45 36.59 -6.52
N CYS G 149 3.30 35.76 -5.48
CA CYS G 149 3.94 36.05 -4.20
C CYS G 149 4.90 34.92 -3.82
N PRO G 150 6.06 34.83 -4.50
CA PRO G 150 6.55 35.66 -5.60
C PRO G 150 6.10 35.17 -6.98
N PRO G 151 6.61 35.78 -8.06
CA PRO G 151 6.45 35.20 -9.39
C PRO G 151 7.54 34.17 -9.62
N ILE G 152 7.35 33.30 -10.61
CA ILE G 152 8.27 32.20 -10.87
C ILE G 152 9.59 32.73 -11.37
N PRO G 153 10.70 32.36 -10.69
CA PRO G 153 12.02 32.93 -10.97
C PRO G 153 12.39 32.96 -12.46
N ASP G 154 12.18 31.84 -13.14
CA ASP G 154 12.52 31.73 -14.56
C ASP G 154 11.51 32.49 -15.44
N VAL G 155 10.36 32.87 -14.87
CA VAL G 155 9.39 33.73 -15.53
C VAL G 155 9.89 35.17 -15.48
N MET G 156 10.25 35.61 -14.27
CA MET G 156 10.87 36.92 -14.07
C MET G 156 11.99 37.09 -15.09
N SER G 157 13.01 36.24 -15.00
CA SER G 157 14.17 36.28 -15.88
C SER G 157 13.77 36.17 -17.36
N ALA G 158 12.84 35.27 -17.67
CA ALA G 158 12.30 35.14 -19.03
C ALA G 158 11.74 36.47 -19.57
N ILE G 159 10.91 37.12 -18.75
CA ILE G 159 10.36 38.45 -19.08
C ILE G 159 11.47 39.49 -19.40
N ILE G 160 12.44 39.58 -18.50
CA ILE G 160 13.67 40.34 -18.70
C ILE G 160 14.35 40.00 -20.03
N THR G 161 14.60 38.72 -20.30
CA THR G 161 15.24 38.29 -21.55
CA THR G 161 15.25 38.32 -21.55
C THR G 161 14.38 38.65 -22.74
N TYR G 162 13.06 38.56 -22.59
CA TYR G 162 12.20 38.95 -23.69
C TYR G 162 12.41 40.43 -24.03
N MET G 163 12.35 41.28 -23.01
CA MET G 163 12.54 42.72 -23.21
C MET G 163 13.90 43.12 -23.78
N VAL G 164 14.97 42.45 -23.36
CA VAL G 164 16.29 42.77 -23.87
C VAL G 164 16.49 42.25 -25.29
N THR G 165 16.14 40.98 -25.53
CA THR G 165 16.33 40.35 -26.85
C THR G 165 15.44 40.96 -27.92
N PHE G 166 14.19 41.24 -27.58
CA PHE G 166 13.23 41.75 -28.57
C PHE G 166 13.08 43.25 -28.53
N ASP G 167 13.73 43.88 -27.56
CA ASP G 167 13.81 45.32 -27.46
C ASP G 167 12.42 45.96 -27.37
N ARG G 168 11.49 45.27 -26.74
CA ARG G 168 10.11 45.74 -26.62
CA ARG G 168 10.12 45.78 -26.60
C ARG G 168 9.41 45.18 -25.38
N LEU G 169 8.37 45.88 -24.93
CA LEU G 169 7.57 45.43 -23.81
C LEU G 169 6.72 44.24 -24.21
N PRO G 170 6.60 43.26 -23.30
CA PRO G 170 5.75 42.09 -23.55
C PRO G 170 4.30 42.49 -23.72
N ASP G 171 3.55 41.73 -24.51
CA ASP G 171 2.12 42.01 -24.64
C ASP G 171 1.26 41.62 -23.44
N VAL G 172 0.36 42.52 -23.07
CA VAL G 172 -0.36 42.44 -21.80
C VAL G 172 -1.86 42.18 -21.94
N ASP G 173 -2.42 41.43 -21.00
CA ASP G 173 -3.88 41.31 -20.88
C ASP G 173 -4.41 42.63 -20.38
N ARG G 174 -5.73 42.79 -20.39
CA ARG G 174 -6.34 44.07 -20.09
C ARG G 174 -6.14 44.43 -18.62
N MET G 175 -5.13 43.86 -17.99
CA MET G 175 -4.84 44.04 -16.56
C MET G 175 -3.37 44.33 -16.26
N GLY G 176 -2.56 44.33 -17.32
CA GLY G 176 -1.17 44.77 -17.25
C GLY G 176 -0.17 43.63 -17.14
N ARG G 177 -0.67 42.40 -17.14
CA ARG G 177 0.20 41.25 -17.03
C ARG G 177 0.69 40.76 -18.39
N PRO G 178 1.97 40.33 -18.47
CA PRO G 178 2.44 39.77 -19.73
C PRO G 178 1.60 38.56 -20.13
N LEU G 179 1.23 38.50 -21.40
CA LEU G 179 0.37 37.43 -21.89
C LEU G 179 1.01 36.04 -21.83
N MET G 180 2.29 35.95 -22.19
CA MET G 180 3.00 34.66 -22.22
C MET G 180 2.70 33.80 -21.02
N PHE G 181 2.91 34.34 -19.82
CA PHE G 181 2.76 33.53 -18.61
C PHE G 181 1.45 33.71 -17.83
N TYR G 182 0.69 34.77 -18.16
CA TYR G 182 -0.56 35.08 -17.44
C TYR G 182 -1.83 35.03 -18.33
N GLY G 183 -1.71 34.34 -19.45
CA GLY G 183 -2.80 34.29 -20.40
C GLY G 183 -3.74 33.14 -20.11
N GLN G 184 -3.23 32.18 -19.34
CA GLN G 184 -3.99 30.98 -18.94
C GLN G 184 -3.98 30.72 -17.42
N ARG G 185 -5.07 30.12 -16.94
CA ARG G 185 -5.25 29.80 -15.52
C ARG G 185 -4.50 28.53 -15.13
N ILE G 186 -4.18 28.40 -13.85
CA ILE G 186 -3.49 27.22 -13.37
C ILE G 186 -4.31 25.97 -13.73
N HIS G 187 -5.62 26.04 -13.47
CA HIS G 187 -6.61 24.98 -13.71
C HIS G 187 -6.64 24.58 -15.18
N ASP G 188 -6.07 25.41 -16.02
CA ASP G 188 -6.11 25.21 -17.46
C ASP G 188 -5.00 24.30 -17.92
N LYS G 189 -3.95 24.20 -17.13
CA LYS G 189 -2.79 23.41 -17.48
C LYS G 189 -2.36 22.57 -16.28
N CYS G 190 -3.34 22.17 -15.48
CA CYS G 190 -3.08 21.39 -14.27
C CYS G 190 -2.94 19.92 -14.61
N TYR G 191 -1.86 19.32 -14.11
CA TYR G 191 -1.56 17.92 -14.39
C TYR G 191 -2.57 17.02 -13.71
N ARG G 192 -3.21 17.54 -12.66
CA ARG G 192 -4.25 16.79 -11.98
C ARG G 192 -5.64 17.01 -12.55
N ARG G 193 -5.75 17.75 -13.66
CA ARG G 193 -7.08 18.05 -14.23
C ARG G 193 -7.90 16.80 -14.48
N ALA G 194 -7.23 15.75 -14.93
CA ALA G 194 -7.84 14.46 -15.18
C ALA G 194 -8.75 14.03 -14.03
N HIS G 195 -8.22 14.15 -12.81
CA HIS G 195 -8.92 13.76 -11.59
C HIS G 195 -10.08 14.69 -11.28
N PHE G 196 -9.87 15.98 -11.50
CA PHE G 196 -10.91 16.99 -11.30
C PHE G 196 -12.23 16.60 -11.99
N ASP G 197 -12.23 16.58 -13.31
CA ASP G 197 -13.45 16.32 -14.08
C ASP G 197 -13.98 14.92 -13.83
N ALA G 198 -13.08 14.03 -13.42
CA ALA G 198 -13.45 12.67 -13.11
C ALA G 198 -14.34 12.61 -11.88
N GLY G 199 -14.11 13.52 -10.93
CA GLY G 199 -14.83 13.52 -9.66
C GLY G 199 -13.96 13.01 -8.52
N GLU G 200 -12.65 12.93 -8.77
CA GLU G 200 -11.68 12.31 -7.85
C GLU G 200 -10.89 13.36 -7.04
N PHE G 201 -11.30 13.57 -5.79
CA PHE G 201 -10.72 14.63 -4.94
C PHE G 201 -10.06 14.17 -3.65
N VAL G 202 -9.02 14.90 -3.26
CA VAL G 202 -8.49 14.80 -1.90
C VAL G 202 -9.58 15.32 -0.98
N GLN G 203 -9.89 14.59 0.09
CA GLN G 203 -10.94 15.03 1.01
C GLN G 203 -10.37 15.64 2.29
N SER G 204 -9.29 15.03 2.78
CA SER G 204 -8.57 15.44 3.99
C SER G 204 -7.11 15.03 3.77
N TRP G 205 -6.18 15.75 4.36
CA TRP G 205 -4.78 15.60 3.99
C TRP G 205 -4.28 14.21 4.24
N ASP G 206 -3.39 13.75 3.35
CA ASP G 206 -2.71 12.45 3.48
C ASP G 206 -3.64 11.23 3.37
N ASP G 207 -4.89 11.43 2.94
CA ASP G 207 -5.82 10.32 2.75
C ASP G 207 -5.44 9.55 1.48
N ASP G 208 -6.04 8.38 1.28
CA ASP G 208 -5.73 7.59 0.07
C ASP G 208 -5.72 8.39 -1.24
N ALA G 209 -6.71 9.27 -1.39
CA ALA G 209 -6.83 10.13 -2.54
C ALA G 209 -5.59 11.01 -2.72
N ALA G 210 -5.18 11.69 -1.67
CA ALA G 210 -4.02 12.57 -1.69
C ALA G 210 -2.74 11.82 -2.06
N ARG G 211 -2.65 10.56 -1.68
CA ARG G 211 -1.44 9.80 -1.94
C ARG G 211 -1.33 9.44 -3.41
N LYS G 212 -2.47 9.42 -4.10
CA LYS G 212 -2.49 9.11 -5.51
C LYS G 212 -2.41 10.38 -6.35
N GLY G 213 -2.41 11.51 -5.66
CA GLY G 213 -2.28 12.78 -6.33
C GLY G 213 -3.56 13.14 -7.04
N TYR G 214 -4.68 12.97 -6.35
CA TYR G 214 -5.98 13.42 -6.86
C TYR G 214 -6.11 14.93 -6.85
N CYS G 215 -7.24 15.44 -7.35
CA CYS G 215 -7.45 16.90 -7.41
C CYS G 215 -7.55 17.51 -6.02
N LEU G 216 -7.04 18.73 -5.86
CA LEU G 216 -7.11 19.44 -4.59
C LEU G 216 -8.25 20.43 -4.50
N TYR G 217 -9.08 20.53 -5.55
CA TYR G 217 -10.28 21.39 -5.59
C TYR G 217 -11.03 21.47 -4.24
N LYS G 218 -11.35 20.30 -3.69
CA LYS G 218 -12.13 20.25 -2.47
C LYS G 218 -11.34 20.68 -1.25
N MET G 219 -10.02 20.81 -1.41
CA MET G 219 -9.18 21.38 -0.33
C MET G 219 -9.03 22.88 -0.53
N GLY G 220 -9.91 23.43 -1.37
CA GLY G 220 -9.96 24.86 -1.61
C GLY G 220 -9.00 25.42 -2.64
N CYS G 221 -8.46 24.56 -3.50
CA CYS G 221 -7.56 25.00 -4.56
C CYS G 221 -8.21 26.12 -5.37
N LYS G 222 -7.43 27.14 -5.70
CA LYS G 222 -7.99 28.31 -6.37
C LYS G 222 -7.46 28.45 -7.79
N GLY G 223 -6.68 27.46 -8.22
CA GLY G 223 -6.24 27.39 -9.61
C GLY G 223 -7.31 27.71 -10.65
N PRO G 224 -8.53 27.17 -10.50
CA PRO G 224 -9.65 27.51 -11.37
C PRO G 224 -9.80 28.99 -11.67
N THR G 225 -9.25 29.86 -10.83
CA THR G 225 -9.47 31.29 -10.96
C THR G 225 -8.17 32.10 -10.77
N THR G 226 -7.05 31.52 -11.18
CA THR G 226 -5.75 32.11 -10.94
C THR G 226 -4.89 32.03 -12.18
N TYR G 227 -4.54 33.18 -12.72
CA TYR G 227 -3.70 33.23 -13.92
C TYR G 227 -2.22 33.27 -13.52
N ASN G 228 -1.52 32.17 -13.78
CA ASN G 228 -0.07 32.10 -13.61
C ASN G 228 0.46 31.01 -14.54
N ALA G 229 1.70 30.59 -14.33
CA ALA G 229 2.34 29.60 -15.20
C ALA G 229 2.94 28.45 -14.40
N CYS G 230 2.46 28.30 -13.16
CA CYS G 230 3.04 27.33 -12.21
C CYS G 230 2.80 25.87 -12.58
N SER G 231 1.65 25.60 -13.22
CA SER G 231 1.31 24.26 -13.68
C SER G 231 2.10 23.86 -14.94
N SER G 232 2.48 24.85 -15.73
CA SER G 232 3.21 24.64 -16.98
CA SER G 232 3.21 24.62 -16.98
C SER G 232 4.71 24.80 -16.79
N THR G 233 5.14 26.03 -16.50
CA THR G 233 6.55 26.32 -16.32
C THR G 233 7.09 25.68 -15.06
N ARG G 234 6.35 25.84 -13.95
CA ARG G 234 6.76 25.26 -12.67
C ARG G 234 7.93 26.00 -12.00
N TRP G 235 8.03 25.79 -10.71
CA TRP G 235 8.94 26.51 -9.83
C TRP G 235 10.30 25.85 -9.70
N ASN G 236 11.33 26.68 -9.60
CA ASN G 236 12.69 26.24 -9.23
C ASN G 236 13.30 25.21 -10.17
N ASP G 237 13.49 25.61 -11.44
CA ASP G 237 14.03 24.74 -12.50
C ASP G 237 13.09 23.55 -12.76
N GLY G 238 11.80 23.87 -12.90
CA GLY G 238 10.76 22.86 -13.15
C GLY G 238 10.70 21.72 -12.17
N VAL G 239 11.03 21.95 -10.91
CA VAL G 239 10.99 20.88 -9.90
C VAL G 239 9.56 20.57 -9.45
N SER G 240 8.84 21.57 -8.95
CA SER G 240 7.50 21.33 -8.44
C SER G 240 6.66 22.60 -8.46
N PHE G 241 5.49 22.54 -7.82
CA PHE G 241 4.68 23.73 -7.59
C PHE G 241 3.58 23.39 -6.61
N CYS G 242 3.06 24.41 -5.94
CA CYS G 242 1.99 24.25 -4.93
C CYS G 242 1.21 22.94 -5.00
N ILE G 243 0.54 22.75 -6.13
CA ILE G 243 -0.37 21.62 -6.35
C ILE G 243 0.33 20.25 -6.39
N GLN G 244 1.50 20.21 -7.04
CA GLN G 244 2.25 18.98 -7.16
C GLN G 244 2.72 18.55 -5.80
N SER G 245 3.03 19.52 -4.95
CA SER G 245 3.53 19.20 -3.61
C SER G 245 2.40 19.00 -2.57
N GLY G 246 1.17 18.94 -3.07
CA GLY G 246 0.04 18.51 -2.25
C GLY G 246 -0.83 19.59 -1.65
N HIS G 247 -0.59 20.85 -1.98
CA HIS G 247 -1.38 21.97 -1.45
C HIS G 247 -2.17 22.67 -2.55
N GLY G 248 -3.41 23.07 -2.26
CA GLY G 248 -4.19 23.84 -3.22
C GLY G 248 -3.57 25.18 -3.57
N CYS G 249 -3.75 25.65 -4.82
CA CYS G 249 -3.34 26.99 -5.24
C CYS G 249 -4.05 27.98 -4.32
N LEU G 250 -3.29 28.93 -3.78
CA LEU G 250 -3.81 29.98 -2.90
C LEU G 250 -4.35 31.11 -3.76
N GLY G 251 -3.90 31.13 -5.01
CA GLY G 251 -4.22 32.18 -5.96
C GLY G 251 -3.34 33.42 -5.76
N CYS G 252 -2.06 33.20 -5.49
CA CYS G 252 -1.17 34.25 -5.00
C CYS G 252 -0.68 35.23 -6.05
N ALA G 253 -1.21 35.13 -7.26
CA ALA G 253 -0.89 36.07 -8.30
C ALA G 253 -2.13 36.83 -8.71
N GLU G 254 -3.19 36.73 -7.91
CA GLU G 254 -4.49 37.34 -8.23
C GLU G 254 -4.84 38.46 -7.28
N ASN G 255 -5.46 39.51 -7.82
CA ASN G 255 -5.83 40.71 -7.06
C ASN G 255 -6.67 40.41 -5.82
N GLY G 256 -6.22 40.89 -4.67
CA GLY G 256 -6.93 40.69 -3.39
C GLY G 256 -7.21 39.25 -2.96
N PHE G 257 -6.33 38.33 -3.33
CA PHE G 257 -6.52 36.91 -3.06
C PHE G 257 -6.48 36.61 -1.57
N TRP G 258 -5.81 37.47 -0.80
CA TRP G 258 -5.69 37.29 0.64
C TRP G 258 -7.05 37.38 1.32
N ASP G 259 -7.96 38.13 0.69
CA ASP G 259 -9.26 38.42 1.27
C ASP G 259 -10.41 37.59 0.66
N ARG G 260 -10.08 36.70 -0.26
CA ARG G 260 -11.10 35.87 -0.89
C ARG G 260 -11.30 34.55 -0.12
N GLY G 261 -11.95 34.68 1.04
CA GLY G 261 -12.35 33.55 1.90
C GLY G 261 -11.17 32.84 2.47
N SER G 262 -11.41 31.67 3.06
CA SER G 262 -10.30 30.84 3.50
C SER G 262 -9.60 30.21 2.31
N PHE G 263 -8.33 29.89 2.48
CA PHE G 263 -7.62 29.20 1.42
C PHE G 263 -8.08 27.75 1.27
N TYR G 264 -8.62 27.19 2.34
CA TYR G 264 -9.02 25.81 2.29
C TYR G 264 -10.47 25.73 1.97
N SER G 265 -11.03 26.85 1.52
CA SER G 265 -12.45 26.90 1.29
C SER G 265 -12.83 27.15 -0.15
N ARG G 266 -13.89 26.46 -0.56
CA ARG G 266 -14.57 26.65 -1.82
C ARG G 266 -15.84 27.33 -1.39
N VAL G 267 -16.30 28.37 -2.09
CA VAL G 267 -17.39 29.24 -1.55
C VAL G 267 -16.80 30.12 -0.42
N VAL G 268 -16.40 31.35 -0.77
CA VAL G 268 -15.56 32.17 0.12
C VAL G 268 -16.08 33.59 0.45
N ASP G 269 -15.38 34.25 1.39
CA ASP G 269 -15.68 35.61 1.82
C ASP G 269 -15.87 36.58 0.65
N ILE G 270 -17.06 37.18 0.59
CA ILE G 270 -17.34 38.32 -0.28
C ILE G 270 -17.07 39.59 0.52
N PRO G 271 -15.90 40.22 0.30
CA PRO G 271 -15.42 41.28 1.17
C PRO G 271 -16.39 42.46 1.34
N GLN G 272 -17.24 42.71 0.33
CA GLN G 272 -18.21 43.79 0.39
C GLN G 272 -19.35 43.45 1.35
N MET G 273 -19.66 42.16 1.50
CA MET G 273 -20.64 41.72 2.47
C MET G 273 -20.12 41.80 3.92
N GLY G 274 -18.90 42.31 4.08
CA GLY G 274 -18.31 42.56 5.39
C GLY G 274 -17.59 41.39 6.04
N THR G 275 -17.48 41.47 7.37
CA THR G 275 -16.72 40.53 8.22
C THR G 275 -16.40 39.18 7.57
N HIS G 276 -17.41 38.33 7.42
CA HIS G 276 -17.24 37.01 6.79
C HIS G 276 -18.26 36.72 5.70
N SER G 277 -19.53 36.59 6.10
CA SER G 277 -20.66 36.41 5.18
C SER G 277 -20.28 35.94 3.75
N THR G 278 -20.32 34.63 3.54
CA THR G 278 -20.02 34.03 2.24
C THR G 278 -21.28 33.86 1.40
N ALA G 279 -21.10 33.52 0.12
CA ALA G 279 -22.21 33.35 -0.81
C ALA G 279 -23.30 32.50 -0.19
N ASP G 280 -22.89 31.39 0.40
CA ASP G 280 -23.76 30.44 1.09
C ASP G 280 -24.45 31.13 2.26
N THR G 281 -23.65 31.76 3.13
CA THR G 281 -24.17 32.46 4.30
C THR G 281 -25.29 33.43 3.97
N VAL G 282 -25.02 34.35 3.05
CA VAL G 282 -25.97 35.36 2.66
C VAL G 282 -27.16 34.74 1.95
N GLY G 283 -26.87 33.78 1.06
CA GLY G 283 -27.92 33.03 0.37
C GLY G 283 -28.86 32.26 1.29
N LEU G 284 -28.28 31.53 2.22
CA LEU G 284 -29.05 30.76 3.19
C LEU G 284 -29.76 31.63 4.22
N THR G 285 -29.20 32.80 4.48
CA THR G 285 -29.88 33.82 5.30
C THR G 285 -31.19 34.23 4.59
N ALA G 286 -31.07 34.60 3.32
CA ALA G 286 -32.20 35.01 2.49
C ALA G 286 -33.24 33.88 2.39
N LEU G 287 -32.75 32.67 2.14
CA LEU G 287 -33.63 31.51 1.99
C LEU G 287 -34.51 31.29 3.22
N GLY G 288 -33.90 31.38 4.40
CA GLY G 288 -34.63 31.26 5.67
C GLY G 288 -35.53 32.44 5.97
N VAL G 289 -35.20 33.60 5.41
CA VAL G 289 -36.04 34.79 5.55
C VAL G 289 -37.36 34.56 4.81
N VAL G 290 -37.26 34.14 3.56
CA VAL G 290 -38.45 33.91 2.73
C VAL G 290 -39.18 32.65 3.19
N ALA G 291 -38.44 31.74 3.82
CA ALA G 291 -39.00 30.51 4.42
C ALA G 291 -39.93 30.82 5.59
N ALA G 292 -39.62 31.92 6.30
CA ALA G 292 -40.46 32.41 7.41
C ALA G 292 -41.51 33.39 6.90
N ALA G 293 -41.17 34.14 5.86
CA ALA G 293 -42.14 34.99 5.19
C ALA G 293 -43.27 34.14 4.59
N VAL G 294 -42.95 32.89 4.25
CA VAL G 294 -43.94 31.88 3.87
C VAL G 294 -44.75 31.41 5.10
N GLY G 295 -44.07 31.25 6.23
CA GLY G 295 -44.71 30.88 7.49
C GLY G 295 -45.71 31.91 8.01
N VAL G 296 -45.51 33.19 7.65
CA VAL G 296 -46.37 34.26 8.15
C VAL G 296 -47.66 34.46 7.32
N HIS G 297 -47.59 34.27 6.00
CA HIS G 297 -48.77 34.38 5.11
C HIS G 297 -49.62 33.10 5.08
N ALA G 298 -48.99 31.96 5.38
CA ALA G 298 -49.70 30.69 5.56
C ALA G 298 -50.44 30.69 6.89
N VAL G 299 -49.85 31.29 7.92
CA VAL G 299 -50.52 31.51 9.19
C VAL G 299 -51.57 32.63 9.07
N ALA G 300 -51.56 33.31 7.92
CA ALA G 300 -52.54 34.35 7.61
C ALA G 300 -53.68 33.85 6.71
N SER G 301 -53.93 32.54 6.75
CA SER G 301 -54.98 31.90 5.94
C SER G 301 -56.33 31.85 6.66
N ALA G 302 -56.90 33.03 6.91
CA ALA G 302 -58.19 33.15 7.58
C ALA G 302 -59.37 32.83 6.66
N VAL G 303 -59.50 31.56 6.31
CA VAL G 303 -60.59 31.06 5.48
C VAL G 303 -61.80 30.70 6.34
N SER H 2 22.85 68.43 24.35
CA SER H 2 23.37 67.03 24.41
C SER H 2 23.44 66.53 25.85
N THR H 3 23.01 65.28 26.05
CA THR H 3 22.96 64.66 27.37
C THR H 3 23.82 63.40 27.41
N GLN H 4 24.26 63.02 28.61
CA GLN H 4 25.12 61.84 28.80
C GLN H 4 24.71 60.99 30.01
N TYR H 5 24.68 59.68 29.83
CA TYR H 5 24.32 58.77 30.91
C TYR H 5 25.00 57.40 30.74
N GLU H 6 25.16 56.66 31.84
CA GLU H 6 25.79 55.33 31.82
C GLU H 6 24.74 54.23 31.70
N THR H 7 25.04 53.16 30.97
CA THR H 7 24.17 51.97 30.90
C THR H 7 24.92 50.73 30.43
N GLN H 8 24.76 49.64 31.19
CA GLN H 8 25.34 48.33 30.83
C GLN H 8 26.86 48.36 30.63
N GLY H 9 27.53 49.28 31.32
CA GLY H 9 28.99 49.46 31.25
C GLY H 9 29.44 50.41 30.14
N TYR H 10 28.49 51.12 29.56
CA TYR H 10 28.73 51.99 28.41
C TYR H 10 28.45 53.43 28.79
N THR H 11 29.13 54.36 28.14
CA THR H 11 28.86 55.78 28.33
C THR H 11 28.27 56.38 27.05
N ILE H 12 26.94 56.48 27.05
CA ILE H 12 26.15 56.99 25.93
C ILE H 12 26.16 58.52 25.86
N ASN H 13 26.84 59.07 24.85
CA ASN H 13 27.01 60.50 24.73
C ASN H 13 26.66 60.99 23.33
N ASN H 14 25.64 61.84 23.25
CA ASN H 14 25.20 62.39 21.95
C ASN H 14 25.77 63.79 21.61
N ALA H 15 26.82 64.19 22.32
CA ALA H 15 27.62 65.35 21.95
C ALA H 15 28.62 64.94 20.88
N GLY H 16 29.02 65.88 20.02
CA GLY H 16 29.95 65.57 18.94
C GLY H 16 29.26 65.26 17.63
N ARG H 17 30.02 65.38 16.54
CA ARG H 17 29.50 65.21 15.19
CA ARG H 17 29.50 65.21 15.19
C ARG H 17 28.55 64.02 15.05
N ARG H 18 27.42 64.26 14.40
CA ARG H 18 26.38 63.24 14.17
C ARG H 18 26.48 62.68 12.76
N LEU H 19 26.58 61.36 12.65
CA LEU H 19 26.65 60.70 11.34
C LEU H 19 25.38 59.93 11.04
N VAL H 20 24.89 60.05 9.82
CA VAL H 20 23.63 59.41 9.40
C VAL H 20 23.85 58.42 8.26
N VAL H 21 23.57 57.15 8.54
CA VAL H 21 23.58 56.10 7.51
C VAL H 21 22.14 55.67 7.22
N ASP H 22 21.55 56.28 6.20
CA ASP H 22 20.19 56.01 5.75
C ASP H 22 20.17 56.16 4.23
N PRO H 23 19.85 55.07 3.47
CA PRO H 23 19.45 53.72 3.94
C PRO H 23 20.59 52.72 4.12
N ILE H 24 20.50 51.88 5.13
CA ILE H 24 21.42 50.77 5.30
C ILE H 24 21.16 49.84 4.12
N THR H 25 22.21 49.41 3.43
CA THR H 25 22.08 48.48 2.30
C THR H 25 22.68 47.12 2.61
N ARG H 26 22.45 46.18 1.69
CA ARG H 26 22.92 44.79 1.85
C ARG H 26 22.34 44.13 3.11
N ILE H 27 21.10 44.50 3.38
CA ILE H 27 20.29 43.91 4.44
C ILE H 27 18.90 43.68 3.87
N GLU H 28 18.05 43.02 4.63
CA GLU H 28 16.68 42.85 4.21
C GLU H 28 15.88 44.02 4.75
N GLY H 29 15.16 44.72 3.87
CA GLY H 29 14.21 45.77 4.28
C GLY H 29 14.83 47.14 4.52
N HIS H 30 14.21 47.94 5.41
CA HIS H 30 14.54 49.37 5.58
C HIS H 30 15.07 49.74 6.97
N MET H 31 16.33 50.13 7.03
CA MET H 31 16.96 50.52 8.29
C MET H 31 17.67 51.84 8.17
N ARG H 32 17.57 52.66 9.23
CA ARG H 32 18.29 53.92 9.38
C ARG H 32 19.20 53.79 10.58
N CYS H 33 20.45 54.17 10.40
CA CYS H 33 21.37 54.18 11.51
C CYS H 33 21.99 55.56 11.69
N GLU H 34 22.00 56.02 12.93
CA GLU H 34 22.60 57.29 13.30
C GLU H 34 23.61 57.08 14.44
N VAL H 35 24.70 57.86 14.42
CA VAL H 35 25.71 57.77 15.47
C VAL H 35 26.24 59.15 15.87
N ASN H 36 27.01 59.16 16.97
CA ASN H 36 27.82 60.30 17.35
C ASN H 36 29.27 59.88 17.49
N ILE H 37 30.18 60.70 16.98
CA ILE H 37 31.62 60.49 17.14
C ILE H 37 32.26 61.65 17.89
N ASN H 38 33.39 61.37 18.54
CA ASN H 38 34.16 62.39 19.25
C ASN H 38 35.38 62.88 18.47
N ASP H 39 36.36 63.45 19.18
CA ASP H 39 37.59 63.94 18.57
C ASP H 39 38.47 62.81 18.06
N GLN H 40 38.39 61.65 18.71
CA GLN H 40 39.17 60.46 18.33
C GLN H 40 38.45 59.58 17.31
N ASN H 41 37.36 60.10 16.75
CA ASN H 41 36.53 59.37 15.79
C ASN H 41 36.03 58.03 16.31
N VAL H 42 35.61 58.01 17.57
CA VAL H 42 35.13 56.80 18.24
C VAL H 42 33.63 56.97 18.51
N ILE H 43 32.86 55.92 18.26
CA ILE H 43 31.41 56.00 18.46
C ILE H 43 31.05 56.03 19.95
N THR H 44 30.36 57.09 20.34
CA THR H 44 29.96 57.29 21.73
C THR H 44 28.44 57.24 21.88
N ASN H 45 27.74 57.15 20.75
CA ASN H 45 26.28 57.00 20.72
C ASN H 45 25.87 56.29 19.43
N ALA H 46 24.96 55.32 19.55
CA ALA H 46 24.43 54.61 18.40
C ALA H 46 22.89 54.56 18.46
N VAL H 47 22.26 54.74 17.29
CA VAL H 47 20.80 54.83 17.17
C VAL H 47 20.32 53.81 16.14
N SER H 48 19.47 52.88 16.57
CA SER H 48 19.00 51.82 15.69
C SER H 48 17.51 51.94 15.36
N CYS H 49 17.24 52.39 14.13
CA CYS H 49 15.87 52.68 13.70
C CYS H 49 15.41 51.79 12.56
N GLY H 50 14.25 51.16 12.74
CA GLY H 50 13.58 50.43 11.67
C GLY H 50 12.61 51.33 10.91
N THR H 51 12.87 51.54 9.61
CA THR H 51 12.14 52.55 8.83
C THR H 51 11.00 51.95 7.97
N MET H 52 10.38 50.88 8.46
CA MET H 52 9.27 50.25 7.74
C MET H 52 8.29 49.59 8.72
N PHE H 53 7.08 49.29 8.24
CA PHE H 53 6.04 48.64 9.03
C PHE H 53 4.87 48.35 8.12
N ARG H 54 4.31 47.14 8.27
CA ARG H 54 3.20 46.67 7.42
C ARG H 54 1.95 46.27 8.23
N GLY H 55 2.21 45.71 9.41
CA GLY H 55 1.17 45.41 10.39
C GLY H 55 0.49 44.07 10.22
N LEU H 56 1.28 43.00 10.22
CA LEU H 56 0.74 41.67 10.08
C LEU H 56 -0.13 41.34 11.27
N GLU H 57 0.33 41.72 12.46
CA GLU H 57 -0.37 41.39 13.69
C GLU H 57 -1.80 41.88 13.62
N ILE H 58 -1.98 43.01 12.95
CA ILE H 58 -3.29 43.65 12.83
C ILE H 58 -4.15 42.94 11.79
N ILE H 59 -3.51 42.59 10.67
CA ILE H 59 -4.16 41.96 9.54
C ILE H 59 -4.73 40.58 9.88
N LEU H 60 -3.92 39.81 10.62
CA LEU H 60 -4.26 38.42 11.04
C LEU H 60 -5.57 38.25 11.78
N GLN H 61 -6.14 39.33 12.33
CA GLN H 61 -7.30 39.21 13.22
C GLN H 61 -8.61 38.81 12.55
N GLY H 62 -9.24 37.79 13.13
CA GLY H 62 -10.49 37.23 12.63
C GLY H 62 -10.31 36.22 11.51
N ARG H 63 -9.05 35.87 11.24
CA ARG H 63 -8.75 34.90 10.18
C ARG H 63 -8.82 33.47 10.71
N ASP H 64 -9.10 32.53 9.81
CA ASP H 64 -9.11 31.12 10.12
C ASP H 64 -7.69 30.67 10.43
N PRO H 65 -7.42 30.21 11.67
CA PRO H 65 -6.07 29.90 12.14
C PRO H 65 -5.27 29.06 11.19
N ARG H 66 -5.97 28.29 10.37
CA ARG H 66 -5.32 27.43 9.38
C ARG H 66 -4.79 28.21 8.18
N ASP H 67 -5.29 29.43 7.99
CA ASP H 67 -4.80 30.35 6.95
C ASP H 67 -3.58 31.16 7.41
N ALA H 68 -3.36 31.17 8.74
CA ALA H 68 -2.39 32.07 9.36
C ALA H 68 -0.98 31.89 8.84
N TRP H 69 -0.50 30.65 8.74
CA TRP H 69 0.87 30.39 8.27
C TRP H 69 1.19 31.09 6.93
N ALA H 70 0.18 31.18 6.07
CA ALA H 70 0.33 31.77 4.75
C ALA H 70 0.61 33.27 4.83
N PHE H 71 -0.12 33.94 5.71
CA PHE H 71 -0.02 35.40 5.90
C PHE H 71 1.32 35.74 6.52
N VAL H 72 1.62 35.12 7.65
CA VAL H 72 2.87 35.43 8.37
C VAL H 72 4.14 34.93 7.69
N GLU H 73 4.03 33.91 6.85
CA GLU H 73 5.19 33.52 6.06
C GLU H 73 5.67 34.73 5.25
N ARG H 74 4.73 35.49 4.69
CA ARG H 74 5.00 36.72 3.94
C ARG H 74 5.49 37.89 4.80
N ILE H 75 5.90 37.61 6.04
CA ILE H 75 6.62 38.57 6.87
C ILE H 75 7.98 38.84 6.21
N CYS H 76 8.68 37.78 5.84
CA CYS H 76 10.01 37.92 5.23
C CYS H 76 10.34 36.88 4.13
N GLY H 77 10.80 37.39 2.99
CA GLY H 77 11.12 36.57 1.83
C GLY H 77 12.51 36.01 1.93
N VAL H 78 13.36 36.68 2.70
CA VAL H 78 14.73 36.19 2.91
C VAL H 78 14.76 34.98 3.84
N CYS H 79 14.20 35.10 5.05
CA CYS H 79 14.07 33.94 5.96
C CYS H 79 12.73 33.23 5.69
N THR H 80 12.44 33.04 4.41
CA THR H 80 11.16 32.52 3.96
C THR H 80 10.89 31.12 4.50
N GLY H 81 9.76 30.98 5.18
CA GLY H 81 9.32 29.70 5.65
C GLY H 81 9.39 29.58 7.16
N VAL H 82 10.31 30.31 7.78
CA VAL H 82 10.51 30.21 9.23
C VAL H 82 9.24 30.66 9.99
N HIS H 83 8.56 31.67 9.44
CA HIS H 83 7.39 32.23 10.09
C HIS H 83 6.19 31.30 10.00
N ALA H 84 6.08 30.63 8.85
CA ALA H 84 5.07 29.61 8.62
C ALA H 84 5.24 28.51 9.65
N LEU H 85 6.48 28.00 9.74
CA LEU H 85 6.81 26.99 10.72
C LEU H 85 6.38 27.44 12.11
N ALA H 86 6.78 28.65 12.48
CA ALA H 86 6.46 29.21 13.79
C ALA H 86 4.96 29.32 13.95
N SER H 87 4.26 29.60 12.84
CA SER H 87 2.80 29.67 12.86
C SER H 87 2.16 28.32 13.15
N VAL H 88 2.39 27.36 12.25
CA VAL H 88 1.78 26.06 12.43
C VAL H 88 2.03 25.57 13.84
N TYR H 89 3.27 25.74 14.31
CA TYR H 89 3.70 25.32 15.65
C TYR H 89 2.73 25.85 16.71
N ALA H 90 2.38 27.13 16.58
CA ALA H 90 1.55 27.83 17.54
C ALA H 90 0.10 27.40 17.48
N ILE H 91 -0.47 27.32 16.27
CA ILE H 91 -1.86 26.91 16.13
C ILE H 91 -2.06 25.51 16.70
N GLU H 92 -1.11 24.65 16.42
CA GLU H 92 -1.09 23.30 16.97
C GLU H 92 -0.95 23.36 18.49
N ASP H 93 -0.14 24.28 19.00
CA ASP H 93 0.04 24.41 20.45
C ASP H 93 -1.29 24.80 21.08
N ALA H 94 -2.04 25.64 20.36
CA ALA H 94 -3.34 26.15 20.79
C ALA H 94 -4.44 25.08 20.77
N ILE H 95 -4.65 24.49 19.59
CA ILE H 95 -5.70 23.48 19.40
C ILE H 95 -5.35 22.14 20.11
N GLY H 96 -4.05 21.87 20.25
CA GLY H 96 -3.59 20.61 20.84
C GLY H 96 -3.55 19.52 19.79
N ILE H 97 -2.93 19.84 18.66
CA ILE H 97 -2.77 18.96 17.52
C ILE H 97 -1.38 18.35 17.63
N LYS H 98 -1.24 17.08 17.29
CA LYS H 98 0.07 16.46 17.34
C LYS H 98 0.38 15.82 16.00
N VAL H 99 1.50 16.21 15.40
CA VAL H 99 1.78 15.84 14.01
C VAL H 99 2.50 14.49 13.91
N PRO H 100 2.34 13.80 12.77
CA PRO H 100 3.05 12.55 12.55
C PRO H 100 4.55 12.76 12.45
N ASP H 101 5.32 11.73 12.80
CA ASP H 101 6.77 11.85 12.81
C ASP H 101 7.35 12.42 11.52
N ASN H 102 7.01 11.84 10.37
CA ASN H 102 7.53 12.33 9.08
C ASN H 102 7.27 13.82 8.86
N ALA H 103 6.12 14.30 9.32
CA ALA H 103 5.76 15.72 9.19
C ALA H 103 6.84 16.58 9.83
N ASN H 104 7.22 16.21 11.04
CA ASN H 104 8.30 16.87 11.75
C ASN H 104 9.62 16.79 11.00
N ILE H 105 10.08 15.56 10.75
CA ILE H 105 11.34 15.33 10.04
C ILE H 105 11.45 16.17 8.76
N ILE H 106 10.33 16.29 8.04
CA ILE H 106 10.25 17.12 6.86
C ILE H 106 10.35 18.60 7.22
N ARG H 107 9.66 19.01 8.28
CA ARG H 107 9.68 20.43 8.70
C ARG H 107 11.09 20.86 9.13
N ASN H 108 11.76 19.96 9.86
CA ASN H 108 13.14 20.13 10.28
C ASN H 108 14.06 20.26 9.07
N ILE H 109 13.81 19.42 8.05
CA ILE H 109 14.48 19.53 6.74
C ILE H 109 14.25 20.93 6.11
N MET H 110 12.99 21.38 6.11
CA MET H 110 12.67 22.72 5.62
C MET H 110 13.53 23.80 6.30
N LEU H 111 13.69 23.67 7.62
CA LEU H 111 14.43 24.68 8.39
C LEU H 111 15.91 24.58 8.15
N ALA H 112 16.45 23.36 8.26
CA ALA H 112 17.87 23.16 7.98
C ALA H 112 18.25 23.72 6.60
N THR H 113 17.36 23.52 5.63
CA THR H 113 17.55 24.03 4.28
C THR H 113 17.62 25.56 4.31
N LEU H 114 16.66 26.18 5.00
CA LEU H 114 16.63 27.65 5.11
C LEU H 114 17.90 28.22 5.75
N TRP H 115 18.40 27.53 6.78
CA TRP H 115 19.65 27.87 7.43
C TRP H 115 20.83 27.81 6.45
N CYS H 116 20.95 26.68 5.74
CA CYS H 116 22.03 26.49 4.76
C CYS H 116 22.02 27.57 3.70
N HIS H 117 20.84 27.82 3.16
CA HIS H 117 20.67 28.79 2.10
C HIS H 117 20.86 30.22 2.61
N ASP H 118 20.10 30.59 3.64
CA ASP H 118 20.09 31.96 4.17
C ASP H 118 21.47 32.43 4.60
N HIS H 119 22.14 31.60 5.38
CA HIS H 119 23.50 31.88 5.86
C HIS H 119 24.49 32.09 4.72
N LEU H 120 24.40 31.24 3.70
CA LEU H 120 25.30 31.31 2.54
C LEU H 120 25.13 32.62 1.76
N VAL H 121 23.88 32.93 1.40
CA VAL H 121 23.55 34.15 0.67
C VAL H 121 24.00 35.38 1.45
N HIS H 122 23.83 35.33 2.78
CA HIS H 122 24.31 36.42 3.63
C HIS H 122 25.81 36.64 3.52
N PHE H 123 26.57 35.57 3.73
CA PHE H 123 28.03 35.63 3.78
C PHE H 123 28.68 36.19 2.51
N TYR H 124 28.09 35.89 1.37
CA TYR H 124 28.61 36.37 0.10
C TYR H 124 27.86 37.58 -0.41
N GLN H 125 26.55 37.45 -0.64
CA GLN H 125 25.82 38.51 -1.32
C GLN H 125 25.63 39.76 -0.49
N LEU H 126 25.37 39.57 0.79
CA LEU H 126 25.16 40.71 1.69
C LEU H 126 26.46 41.20 2.35
N ALA H 127 26.98 40.44 3.31
CA ALA H 127 28.11 40.87 4.14
C ALA H 127 29.44 40.87 3.42
N GLY H 128 29.55 40.06 2.37
CA GLY H 128 30.83 39.78 1.72
C GLY H 128 31.66 41.00 1.39
N MET H 129 31.04 41.96 0.73
CA MET H 129 31.74 43.14 0.23
C MET H 129 32.28 44.06 1.32
N ASP H 130 31.86 43.84 2.57
CA ASP H 130 32.44 44.52 3.71
C ASP H 130 33.93 44.18 3.89
N TRP H 131 34.26 42.94 3.53
CA TRP H 131 35.59 42.35 3.78
C TRP H 131 36.43 42.19 2.51
N ILE H 132 35.76 41.87 1.40
CA ILE H 132 36.40 41.61 0.11
C ILE H 132 36.39 42.87 -0.77
N ASP H 133 37.57 43.44 -0.97
CA ASP H 133 37.76 44.60 -1.83
C ASP H 133 37.67 44.18 -3.29
N VAL H 134 36.47 44.29 -3.85
CA VAL H 134 36.17 43.76 -5.18
C VAL H 134 37.12 44.27 -6.25
N LEU H 135 37.30 45.57 -6.31
CA LEU H 135 38.13 46.21 -7.34
C LEU H 135 39.63 45.92 -7.18
N ASP H 136 40.05 45.48 -5.99
CA ASP H 136 41.44 45.09 -5.75
C ASP H 136 41.79 43.74 -6.37
N ALA H 137 40.77 42.97 -6.72
CA ALA H 137 40.93 41.70 -7.43
C ALA H 137 41.60 41.90 -8.77
N LEU H 138 41.31 43.04 -9.41
CA LEU H 138 41.93 43.41 -10.70
C LEU H 138 43.45 43.57 -10.65
N LYS H 139 44.01 43.70 -9.44
N LYS H 139 43.99 43.71 -9.43
CA LYS H 139 45.46 43.77 -9.26
CA LYS H 139 45.44 43.78 -9.21
C LYS H 139 46.07 42.44 -8.82
C LYS H 139 46.07 42.39 -9.09
N ALA H 140 45.25 41.40 -8.74
CA ALA H 140 45.70 40.06 -8.35
C ALA H 140 46.39 39.27 -9.46
N ASP H 141 47.43 38.51 -9.09
CA ASP H 141 48.05 37.51 -9.99
C ASP H 141 47.24 36.21 -9.91
N PRO H 142 46.65 35.75 -11.05
CA PRO H 142 45.85 34.54 -11.06
C PRO H 142 46.58 33.30 -10.53
N ARG H 143 47.86 33.13 -10.88
CA ARG H 143 48.66 31.96 -10.42
C ARG H 143 48.83 31.86 -8.91
N LYS H 144 49.01 33.00 -8.26
CA LYS H 144 49.06 33.06 -6.79
C LYS H 144 47.67 32.93 -6.13
N THR H 145 46.64 33.41 -6.81
CA THR H 145 45.27 33.23 -6.36
C THR H 145 44.91 31.74 -6.39
N SER H 146 45.36 31.06 -7.44
CA SER H 146 45.24 29.62 -7.56
C SER H 146 45.95 28.92 -6.41
N GLU H 147 47.24 29.22 -6.25
CA GLU H 147 48.07 28.66 -5.18
CA GLU H 147 48.05 28.62 -5.19
C GLU H 147 47.43 28.83 -3.80
N LEU H 148 46.80 29.99 -3.59
CA LEU H 148 46.17 30.34 -2.30
C LEU H 148 44.93 29.52 -2.04
N ALA H 149 44.01 29.54 -3.01
CA ALA H 149 42.77 28.80 -2.89
C ALA H 149 43.08 27.32 -2.64
N GLN H 150 44.15 26.82 -3.24
CA GLN H 150 44.48 25.41 -3.12
C GLN H 150 45.07 25.08 -1.76
N SER H 151 45.72 26.07 -1.14
CA SER H 151 46.29 25.87 0.20
C SER H 151 45.21 25.82 1.28
N LEU H 152 44.05 26.43 1.02
CA LEU H 152 42.98 26.53 2.02
C LEU H 152 41.86 25.51 1.88
N SER H 153 41.77 24.90 0.70
CA SER H 153 40.59 24.12 0.35
C SER H 153 40.84 23.08 -0.72
N SER H 154 40.12 21.96 -0.59
CA SER H 154 40.17 20.86 -1.56
CA SER H 154 40.18 20.87 -1.57
C SER H 154 39.16 21.09 -2.70
N TRP H 155 38.54 22.27 -2.71
CA TRP H 155 37.54 22.66 -3.69
C TRP H 155 38.15 22.60 -5.06
N PRO H 156 37.48 21.89 -5.99
CA PRO H 156 38.00 21.65 -7.34
C PRO H 156 38.25 22.90 -8.16
N LYS H 157 37.33 23.86 -8.15
CA LYS H 157 37.48 25.04 -9.02
C LYS H 157 38.54 26.01 -8.50
N SER H 158 39.75 25.88 -9.03
CA SER H 158 40.90 26.62 -8.49
C SER H 158 42.04 26.87 -9.50
N SER H 159 41.83 26.46 -10.75
CA SER H 159 42.87 26.61 -11.78
C SER H 159 43.24 28.06 -11.99
N PRO H 160 44.53 28.32 -12.31
CA PRO H 160 44.99 29.68 -12.56
C PRO H 160 44.27 30.30 -13.75
N GLY H 161 43.84 29.45 -14.70
CA GLY H 161 43.03 29.89 -15.83
C GLY H 161 41.64 30.33 -15.40
N TYR H 162 41.10 29.65 -14.39
CA TYR H 162 39.78 29.96 -13.85
C TYR H 162 39.78 31.35 -13.21
N PHE H 163 40.67 31.58 -12.25
CA PHE H 163 40.74 32.91 -11.62
C PHE H 163 41.04 34.03 -12.63
N PHE H 164 41.72 33.68 -13.73
CA PHE H 164 42.01 34.61 -14.81
C PHE H 164 40.77 35.03 -15.58
N ASP H 165 39.93 34.05 -15.93
CA ASP H 165 38.66 34.34 -16.60
CA ASP H 165 38.64 34.32 -16.59
C ASP H 165 37.79 35.22 -15.69
N VAL H 166 37.66 34.83 -14.42
CA VAL H 166 36.92 35.62 -13.44
C VAL H 166 37.42 37.06 -13.39
N GLN H 167 38.74 37.22 -13.31
CA GLN H 167 39.34 38.54 -13.32
C GLN H 167 38.97 39.30 -14.60
N ASN H 168 39.16 38.67 -15.76
CA ASN H 168 38.87 39.29 -17.03
CA ASN H 168 38.88 39.31 -17.03
C ASN H 168 37.41 39.70 -17.16
N ARG H 169 36.51 38.79 -16.77
CA ARG H 169 35.06 39.06 -16.77
CA ARG H 169 35.08 39.10 -16.83
C ARG H 169 34.78 40.35 -16.01
N LEU H 170 35.38 40.44 -14.82
CA LEU H 170 35.26 41.62 -13.95
C LEU H 170 35.88 42.85 -14.61
N LYS H 171 37.05 42.65 -15.23
CA LYS H 171 37.71 43.72 -15.97
C LYS H 171 36.82 44.21 -17.12
N LYS H 172 36.19 43.28 -17.85
CA LYS H 172 35.18 43.61 -18.87
C LYS H 172 34.02 44.42 -18.26
N PHE H 173 33.42 43.89 -17.20
CA PHE H 173 32.35 44.55 -16.45
C PHE H 173 32.65 46.02 -16.08
N VAL H 174 33.76 46.21 -15.37
CA VAL H 174 34.16 47.53 -14.88
CA VAL H 174 34.12 47.54 -14.89
C VAL H 174 34.61 48.46 -16.01
N GLU H 175 35.31 47.90 -16.99
CA GLU H 175 35.93 48.67 -18.11
C GLU H 175 35.01 49.68 -18.84
N GLY H 176 33.71 49.41 -18.86
CA GLY H 176 32.72 50.24 -19.54
C GLY H 176 32.18 51.43 -18.75
N GLY H 177 32.59 51.55 -17.49
CA GLY H 177 32.18 52.64 -16.61
C GLY H 177 30.85 52.36 -15.93
N GLN H 178 30.38 51.13 -16.06
CA GLN H 178 29.09 50.75 -15.50
C GLN H 178 29.28 49.83 -14.31
N LEU H 179 29.93 50.34 -13.26
CA LEU H 179 30.25 49.56 -12.07
C LEU H 179 29.04 48.84 -11.45
N GLY H 180 27.83 49.28 -11.80
CA GLY H 180 26.60 48.65 -11.35
C GLY H 180 26.43 48.68 -9.85
N ILE H 181 26.59 47.52 -9.22
CA ILE H 181 26.43 47.38 -7.77
C ILE H 181 27.69 47.74 -6.97
N PHE H 182 28.83 47.85 -7.64
CA PHE H 182 30.09 48.25 -7.01
C PHE H 182 30.31 49.76 -7.10
N ARG H 183 29.37 50.44 -7.75
CA ARG H 183 29.41 51.89 -7.99
C ARG H 183 29.47 52.69 -6.69
N ASN H 184 30.40 53.64 -6.63
CA ASN H 184 30.57 54.51 -5.45
C ASN H 184 30.67 53.71 -4.16
N GLY H 185 31.30 52.55 -4.25
CA GLY H 185 31.49 51.67 -3.10
C GLY H 185 32.61 52.18 -2.21
N TYR H 186 33.13 51.32 -1.35
CA TYR H 186 34.10 51.74 -0.31
C TYR H 186 35.56 51.33 -0.58
N TRP H 187 35.76 50.67 -1.72
CA TRP H 187 37.05 50.15 -2.16
C TRP H 187 38.21 51.12 -1.95
N GLY H 188 39.30 50.60 -1.40
CA GLY H 188 40.46 51.41 -1.08
C GLY H 188 40.44 52.00 0.33
N HIS H 189 39.38 51.69 1.08
CA HIS H 189 39.29 52.02 2.50
C HIS H 189 40.41 51.27 3.25
N PRO H 190 41.11 51.93 4.21
CA PRO H 190 42.23 51.27 4.88
C PRO H 190 41.85 50.07 5.76
N GLN H 191 40.56 49.90 6.05
CA GLN H 191 40.08 48.72 6.79
C GLN H 191 39.91 47.45 5.92
N TYR H 192 39.93 47.60 4.60
CA TYR H 192 40.06 46.46 3.68
C TYR H 192 41.46 45.90 3.82
N LYS H 193 41.56 44.68 4.33
CA LYS H 193 42.86 44.12 4.68
C LYS H 193 43.24 42.87 3.89
N LEU H 194 42.39 42.48 2.94
CA LEU H 194 42.71 41.35 2.08
C LEU H 194 43.74 41.73 1.00
N PRO H 195 44.74 40.84 0.79
CA PRO H 195 45.71 41.00 -0.29
C PRO H 195 45.06 40.74 -1.65
N PRO H 196 45.60 41.36 -2.73
CA PRO H 196 45.07 41.20 -4.08
C PRO H 196 44.49 39.80 -4.40
N GLU H 197 45.28 38.76 -4.14
CA GLU H 197 44.91 37.37 -4.47
CA GLU H 197 44.91 37.37 -4.47
C GLU H 197 43.71 36.84 -3.69
N ALA H 198 43.56 37.30 -2.44
CA ALA H 198 42.45 36.87 -1.59
C ALA H 198 41.15 37.54 -2.04
N ASN H 199 41.28 38.78 -2.50
CA ASN H 199 40.17 39.55 -3.04
C ASN H 199 39.56 38.91 -4.30
N LEU H 200 40.40 38.50 -5.24
CA LEU H 200 39.94 37.75 -6.41
C LEU H 200 39.35 36.38 -6.03
N MET H 201 40.01 35.68 -5.10
CA MET H 201 39.52 34.39 -4.64
C MET H 201 38.15 34.59 -4.05
N GLY H 202 38.02 35.65 -3.23
CA GLY H 202 36.74 36.00 -2.63
C GLY H 202 35.64 36.27 -3.63
N PHE H 203 35.93 37.16 -4.59
CA PHE H 203 34.95 37.56 -5.61
C PHE H 203 34.50 36.40 -6.51
N ALA H 204 35.42 35.49 -6.80
CA ALA H 204 35.12 34.29 -7.58
C ALA H 204 34.12 33.43 -6.82
N HIS H 205 34.32 33.36 -5.52
CA HIS H 205 33.47 32.57 -4.67
C HIS H 205 32.13 33.27 -4.51
N TYR H 206 32.15 34.60 -4.48
CA TYR H 206 30.91 35.43 -4.47
C TYR H 206 29.95 35.05 -5.60
N LEU H 207 30.51 34.86 -6.78
CA LEU H 207 29.74 34.57 -7.97
C LEU H 207 29.29 33.11 -7.96
N GLU H 208 30.19 32.20 -7.59
CA GLU H 208 29.88 30.77 -7.48
C GLU H 208 28.76 30.50 -6.47
N ALA H 209 28.77 31.28 -5.38
CA ALA H 209 27.77 31.22 -4.34
C ALA H 209 26.43 31.73 -4.82
N LEU H 210 26.45 32.84 -5.55
CA LEU H 210 25.24 33.44 -6.12
C LEU H 210 24.63 32.56 -7.20
N ASP H 211 25.43 31.62 -7.70
CA ASP H 211 24.92 30.61 -8.62
C ASP H 211 24.35 29.41 -7.86
N PHE H 212 25.15 28.89 -6.93
CA PHE H 212 24.81 27.65 -6.25
C PHE H 212 23.60 27.77 -5.35
N GLN H 213 23.47 28.93 -4.69
CA GLN H 213 22.41 29.17 -3.71
C GLN H 213 21.06 28.64 -4.20
N ARG H 214 20.75 28.89 -5.49
CA ARG H 214 19.46 28.55 -6.08
C ARG H 214 19.14 27.06 -6.02
N GLU H 215 20.18 26.23 -5.93
CA GLU H 215 20.01 24.79 -5.99
C GLU H 215 19.55 24.24 -4.65
N ILE H 216 20.02 24.88 -3.58
CA ILE H 216 19.71 24.46 -2.23
C ILE H 216 18.21 24.43 -2.02
N VAL H 217 17.52 25.45 -2.53
CA VAL H 217 16.08 25.59 -2.29
C VAL H 217 15.17 24.60 -3.06
N LYS H 218 15.75 23.82 -3.97
CA LYS H 218 15.01 22.74 -4.62
C LYS H 218 14.41 21.75 -3.59
N ILE H 219 15.10 21.61 -2.45
CA ILE H 219 14.60 20.84 -1.33
C ILE H 219 13.25 21.39 -0.88
N HIS H 220 13.18 22.72 -0.77
CA HIS H 220 11.92 23.38 -0.49
C HIS H 220 10.90 23.07 -1.58
N ALA H 221 11.31 23.21 -2.85
CA ALA H 221 10.39 23.00 -3.95
C ALA H 221 9.74 21.61 -3.90
N VAL H 222 10.52 20.60 -3.49
CA VAL H 222 10.00 19.22 -3.40
C VAL H 222 8.89 19.09 -2.35
N PHE H 223 9.20 19.43 -1.11
CA PHE H 223 8.26 19.29 -0.01
C PHE H 223 7.26 20.46 0.07
N GLY H 224 7.77 21.68 -0.15
CA GLY H 224 6.99 22.91 -0.03
C GLY H 224 6.27 23.32 -1.30
N GLY H 225 6.72 22.80 -2.44
CA GLY H 225 6.10 23.17 -3.72
C GLY H 225 6.87 24.24 -4.46
N LYS H 226 7.36 25.22 -3.72
CA LYS H 226 8.06 26.36 -4.30
C LYS H 226 8.93 27.04 -3.27
N ASN H 227 9.88 27.83 -3.77
CA ASN H 227 10.70 28.71 -2.94
C ASN H 227 11.10 29.88 -3.82
N PRO H 228 10.97 31.11 -3.31
CA PRO H 228 10.47 31.52 -1.99
C PRO H 228 8.99 31.15 -1.66
N HIS H 229 8.68 31.26 -0.36
CA HIS H 229 7.34 31.09 0.18
C HIS H 229 6.66 29.73 -0.10
N PRO H 230 7.23 28.63 0.46
CA PRO H 230 6.60 27.30 0.40
C PRO H 230 5.28 27.15 1.18
N ASN H 231 4.64 25.99 1.03
CA ASN H 231 3.33 25.75 1.61
C ASN H 231 3.38 24.80 2.79
N TRP H 232 2.49 25.01 3.75
CA TRP H 232 2.46 24.17 4.94
C TRP H 232 1.01 23.84 5.32
N ILE H 233 0.79 22.97 6.31
CA ILE H 233 -0.54 22.84 6.92
C ILE H 233 -0.52 22.67 8.43
N VAL H 234 -1.58 23.14 9.07
CA VAL H 234 -1.88 22.76 10.45
C VAL H 234 -2.21 21.25 10.43
N GLY H 235 -1.43 20.49 11.18
CA GLY H 235 -1.59 19.05 11.19
C GLY H 235 -0.38 18.32 10.66
N GLY H 236 0.52 19.04 10.01
CA GLY H 236 1.75 18.44 9.52
C GLY H 236 2.27 19.03 8.24
N MET H 237 2.23 18.26 7.15
CA MET H 237 2.64 18.74 5.84
C MET H 237 1.78 18.20 4.72
N PRO H 238 1.53 19.03 3.68
CA PRO H 238 0.67 18.67 2.56
C PRO H 238 1.25 17.58 1.66
N CYS H 239 2.58 17.51 1.64
CA CYS H 239 3.34 16.69 0.69
C CYS H 239 3.25 15.17 0.97
N ALA H 240 2.10 14.58 0.64
CA ALA H 240 1.84 13.16 0.94
C ALA H 240 2.85 12.29 0.23
N ILE H 241 3.22 11.19 0.86
CA ILE H 241 4.29 10.34 0.37
C ILE H 241 3.77 9.01 -0.21
N ASN H 242 4.18 8.69 -1.43
CA ASN H 242 3.84 7.41 -2.00
C ASN H 242 5.07 6.80 -2.61
N ILE H 243 5.46 5.63 -2.11
CA ILE H 243 6.72 5.00 -2.47
C ILE H 243 6.61 3.79 -3.38
N ASP H 244 5.68 2.89 -3.12
CA ASP H 244 5.52 1.75 -4.05
C ASP H 244 4.09 1.26 -4.16
N GLU H 245 3.18 2.20 -4.35
CA GLU H 245 1.80 1.87 -4.73
C GLU H 245 1.43 2.58 -6.01
N SER H 246 0.34 2.11 -6.60
CA SER H 246 -0.17 2.72 -7.79
C SER H 246 -0.40 4.21 -7.57
N GLY H 247 0.23 5.04 -8.42
CA GLY H 247 0.02 6.48 -8.40
C GLY H 247 0.97 7.24 -7.50
N ALA H 248 2.17 6.68 -7.32
CA ALA H 248 3.26 7.38 -6.62
C ALA H 248 3.75 8.56 -7.42
N VAL H 249 3.21 8.69 -8.62
CA VAL H 249 3.53 9.80 -9.48
C VAL H 249 2.80 11.04 -8.99
N GLY H 250 1.78 10.82 -8.17
CA GLY H 250 1.06 11.95 -7.57
C GLY H 250 1.58 12.39 -6.21
N ALA H 251 2.70 11.79 -5.78
CA ALA H 251 3.22 11.99 -4.43
C ALA H 251 4.73 12.09 -4.34
N VAL H 252 5.24 12.38 -3.15
CA VAL H 252 6.66 12.27 -2.85
C VAL H 252 7.10 10.83 -3.05
N ASN H 253 7.91 10.61 -4.08
CA ASN H 253 8.30 9.29 -4.40
C ASN H 253 9.81 9.09 -4.47
N MET H 254 10.22 7.85 -4.73
CA MET H 254 11.62 7.47 -4.68
CA MET H 254 11.63 7.46 -4.69
C MET H 254 12.48 8.41 -5.53
N GLU H 255 11.92 8.87 -6.65
CA GLU H 255 12.63 9.79 -7.54
C GLU H 255 12.80 11.19 -6.92
N ARG H 256 11.71 11.69 -6.34
CA ARG H 256 11.74 12.97 -5.66
CA ARG H 256 11.73 12.97 -5.67
C ARG H 256 12.74 12.91 -4.52
N LEU H 257 12.63 11.87 -3.69
CA LEU H 257 13.54 11.71 -2.58
C LEU H 257 14.96 11.74 -3.07
N ASN H 258 15.20 11.07 -4.20
CA ASN H 258 16.52 11.10 -4.84
C ASN H 258 17.03 12.52 -5.14
N LEU H 259 16.13 13.37 -5.67
CA LEU H 259 16.45 14.77 -5.97
CA LEU H 259 16.45 14.76 -5.98
C LEU H 259 16.96 15.45 -4.70
N VAL H 260 16.12 15.41 -3.67
CA VAL H 260 16.47 15.97 -2.36
C VAL H 260 17.84 15.47 -1.94
N GLN H 261 18.04 14.16 -1.97
CA GLN H 261 19.28 13.55 -1.51
C GLN H 261 20.47 14.17 -2.18
N SER H 262 20.40 14.34 -3.50
CA SER H 262 21.52 14.87 -4.29
CA SER H 262 21.53 14.85 -4.25
C SER H 262 21.86 16.32 -3.91
N ILE H 263 20.82 17.11 -3.58
CA ILE H 263 20.99 18.52 -3.20
C ILE H 263 21.66 18.62 -1.83
N ILE H 264 21.20 17.78 -0.90
CA ILE H 264 21.86 17.63 0.40
C ILE H 264 23.38 17.44 0.24
N THR H 265 23.79 16.44 -0.55
CA THR H 265 25.21 16.14 -0.81
C THR H 265 25.95 17.35 -1.40
N ARG H 266 25.34 18.03 -2.37
CA ARG H 266 25.97 19.19 -3.01
C ARG H 266 26.05 20.40 -2.11
N THR H 267 25.01 20.63 -1.32
CA THR H 267 24.96 21.76 -0.38
C THR H 267 26.03 21.60 0.70
N ALA H 268 26.09 20.41 1.30
CA ALA H 268 27.08 20.09 2.33
C ALA H 268 28.47 20.33 1.76
N ASP H 269 28.76 19.66 0.65
CA ASP H 269 30.06 19.77 -0.03
CA ASP H 269 30.07 19.78 0.03
C ASP H 269 30.44 21.22 -0.29
N PHE H 270 29.51 22.01 -0.84
CA PHE H 270 29.76 23.44 -1.14
C PHE H 270 30.10 24.28 0.09
N ILE H 271 29.25 24.22 1.11
CA ILE H 271 29.45 24.98 2.34
C ILE H 271 30.79 24.62 2.94
N ASN H 272 31.03 23.33 3.11
CA ASN H 272 32.27 22.83 3.70
C ASN H 272 33.56 23.23 3.00
N ASN H 273 33.48 23.43 1.69
CA ASN H 273 34.67 23.68 0.88
C ASN H 273 34.79 25.08 0.22
N VAL H 274 33.72 25.88 0.26
CA VAL H 274 33.78 27.25 -0.25
C VAL H 274 33.60 28.28 0.89
N MET H 275 32.44 28.23 1.57
CA MET H 275 32.12 29.16 2.65
CA MET H 275 32.14 29.18 2.65
C MET H 275 33.04 28.96 3.85
N ILE H 276 32.98 27.78 4.46
CA ILE H 276 33.82 27.44 5.62
C ILE H 276 35.29 27.88 5.51
N PRO H 277 35.99 27.55 4.38
CA PRO H 277 37.37 28.01 4.23
C PRO H 277 37.48 29.51 4.08
N ASP H 278 36.51 30.15 3.43
CA ASP H 278 36.55 31.60 3.25
C ASP H 278 36.32 32.34 4.56
N ALA H 279 35.47 31.77 5.41
CA ALA H 279 35.20 32.32 6.73
C ALA H 279 36.51 32.36 7.51
N LEU H 280 37.17 31.20 7.61
CA LEU H 280 38.44 31.10 8.33
CA LEU H 280 38.47 31.07 8.30
C LEU H 280 39.49 32.05 7.74
N ALA H 281 39.48 32.21 6.42
CA ALA H 281 40.40 33.10 5.71
C ALA H 281 40.14 34.58 5.97
N ILE H 282 38.87 34.98 6.09
CA ILE H 282 38.53 36.37 6.46
C ILE H 282 38.95 36.61 7.90
N GLY H 283 38.77 35.58 8.73
CA GLY H 283 39.28 35.55 10.10
C GLY H 283 40.78 35.71 10.18
N GLN H 284 41.51 35.08 9.26
CA GLN H 284 42.98 35.15 9.23
C GLN H 284 43.50 36.56 8.99
N PHE H 285 42.97 37.24 7.98
CA PHE H 285 43.53 38.53 7.54
C PHE H 285 42.90 39.75 8.23
N ASN H 286 41.66 39.64 8.66
CA ASN H 286 41.01 40.71 9.42
C ASN H 286 40.99 40.38 10.93
N LYS H 287 42.14 39.93 11.47
CA LYS H 287 42.23 39.44 12.86
C LYS H 287 41.82 40.41 13.98
N PRO H 288 42.24 41.70 13.90
CA PRO H 288 41.90 42.61 15.00
C PRO H 288 40.39 42.80 15.21
N TRP H 289 39.58 42.23 14.32
CA TRP H 289 38.11 42.33 14.42
C TRP H 289 37.51 41.33 15.40
N SER H 290 38.37 40.56 16.06
CA SER H 290 37.94 39.65 17.10
C SER H 290 37.76 40.39 18.43
N GLU H 291 38.05 41.69 18.41
CA GLU H 291 38.02 42.54 19.60
CA GLU H 291 37.99 42.53 19.60
C GLU H 291 37.18 43.82 19.39
N ILE H 292 36.67 43.98 18.17
CA ILE H 292 35.83 45.12 17.80
C ILE H 292 34.38 44.65 17.62
N GLY H 293 33.43 45.42 18.16
CA GLY H 293 32.00 45.12 18.01
C GLY H 293 31.47 44.00 18.88
N THR H 294 31.99 43.88 20.09
CA THR H 294 31.58 42.87 21.06
C THR H 294 30.11 43.03 21.43
N GLY H 295 29.72 44.24 21.84
CA GLY H 295 28.34 44.54 22.22
C GLY H 295 27.84 43.76 23.43
N LEU H 296 26.63 43.25 23.32
CA LEU H 296 26.01 42.53 24.42
C LEU H 296 26.54 41.13 24.56
N SER H 297 27.22 40.64 23.53
CA SER H 297 27.59 39.20 23.42
C SER H 297 28.40 38.63 24.58
N ASP H 298 29.01 39.48 25.40
CA ASP H 298 29.71 39.05 26.61
C ASP H 298 28.97 39.44 27.88
N LYS H 299 27.67 39.74 27.74
CA LYS H 299 26.83 40.11 28.86
C LYS H 299 25.53 39.31 28.86
N CYS H 300 24.68 39.52 27.85
CA CYS H 300 23.38 38.85 27.76
C CYS H 300 23.10 38.27 26.39
N VAL H 301 22.88 36.96 26.35
CA VAL H 301 22.56 36.26 25.12
C VAL H 301 21.36 35.32 25.34
N LEU H 302 20.61 35.03 24.26
CA LEU H 302 19.34 34.29 24.33
C LEU H 302 19.14 33.33 23.18
N SER H 303 18.65 32.13 23.51
CA SER H 303 18.16 31.18 22.52
C SER H 303 16.92 30.51 23.03
N TYR H 304 15.90 30.38 22.19
CA TYR H 304 14.69 29.64 22.55
C TYR H 304 14.95 28.16 22.45
N GLY H 305 15.74 27.77 21.44
CA GLY H 305 15.98 26.38 21.07
C GLY H 305 15.30 26.11 19.74
N ALA H 306 15.65 25.02 19.05
CA ALA H 306 15.01 24.65 17.78
C ALA H 306 15.31 23.21 17.36
N PHE H 307 14.67 22.78 16.27
CA PHE H 307 14.83 21.43 15.73
C PHE H 307 14.47 20.37 16.75
N PRO H 308 13.18 20.15 16.98
CA PRO H 308 12.79 19.11 17.94
C PRO H 308 12.93 17.72 17.31
N ASP H 309 13.80 16.88 17.84
CA ASP H 309 14.05 15.57 17.23
C ASP H 309 13.00 14.52 17.65
N ILE H 310 12.52 14.61 18.88
CA ILE H 310 11.38 13.83 19.30
C ILE H 310 10.18 14.63 18.85
N ALA H 311 9.33 14.02 18.02
CA ALA H 311 8.19 14.71 17.41
C ALA H 311 7.14 15.16 18.42
N ASN H 312 6.77 16.44 18.30
CA ASN H 312 5.85 17.12 19.23
C ASN H 312 6.36 17.21 20.68
N ASP H 313 7.69 17.24 20.83
CA ASP H 313 8.35 17.37 22.13
C ASP H 313 9.31 18.55 22.04
N PHE H 314 8.88 19.70 22.52
CA PHE H 314 9.71 20.90 22.47
C PHE H 314 10.62 21.05 23.69
N GLY H 315 10.74 19.96 24.45
CA GLY H 315 11.54 19.91 25.66
C GLY H 315 13.03 19.91 25.39
N GLU H 316 13.81 20.06 26.46
CA GLU H 316 15.26 20.15 26.38
CA GLU H 316 15.26 20.14 26.37
C GLU H 316 15.86 18.86 25.82
N LYS H 317 15.27 17.72 26.18
CA LYS H 317 15.81 16.43 25.80
C LYS H 317 15.57 16.12 24.33
N SER H 318 15.04 17.10 23.58
CA SER H 318 14.61 16.86 22.21
C SER H 318 15.13 17.87 21.20
N LEU H 319 15.19 19.12 21.60
CA LEU H 319 15.64 20.18 20.70
C LEU H 319 17.12 20.03 20.35
N LEU H 320 17.43 19.77 19.10
CA LEU H 320 18.82 19.54 18.69
C LEU H 320 19.68 20.80 18.77
N MET H 321 19.06 21.96 18.59
CA MET H 321 19.69 23.25 18.85
C MET H 321 19.21 23.79 20.21
N PRO H 322 20.07 23.72 21.25
CA PRO H 322 19.66 24.02 22.65
C PRO H 322 19.16 25.45 22.87
N GLY H 323 18.31 25.61 23.88
CA GLY H 323 17.84 26.93 24.31
C GLY H 323 18.44 27.36 25.63
N GLY H 324 18.11 28.56 26.06
CA GLY H 324 18.66 29.12 27.30
C GLY H 324 19.07 30.58 27.19
N ALA H 325 19.30 31.19 28.35
CA ALA H 325 19.68 32.59 28.41
C ALA H 325 20.82 32.79 29.40
N VAL H 326 21.71 33.73 29.08
CA VAL H 326 22.78 34.16 29.98
C VAL H 326 22.62 35.66 30.21
N ILE H 327 22.77 36.08 31.46
CA ILE H 327 22.68 37.49 31.81
C ILE H 327 23.89 37.88 32.66
N ASN H 328 24.27 39.16 32.57
CA ASN H 328 25.38 39.73 33.37
C ASN H 328 26.74 39.07 33.14
N GLY H 329 26.87 38.36 32.03
CA GLY H 329 28.12 37.73 31.65
C GLY H 329 28.41 36.47 32.42
N ASP H 330 27.42 35.97 33.15
CA ASP H 330 27.57 34.72 33.88
C ASP H 330 27.14 33.55 33.01
N PHE H 331 28.13 32.94 32.36
CA PHE H 331 27.89 31.89 31.38
C PHE H 331 27.95 30.49 32.00
N ASN H 332 28.30 30.42 33.28
CA ASN H 332 28.33 29.15 34.00
C ASN H 332 26.92 28.72 34.47
N ASN H 333 26.02 29.71 34.57
CA ASN H 333 24.62 29.48 34.91
CA ASN H 333 24.62 29.50 34.92
C ASN H 333 23.69 29.86 33.76
N VAL H 334 23.36 28.87 32.93
CA VAL H 334 22.54 29.07 31.73
C VAL H 334 21.07 28.85 32.06
N LEU H 335 20.34 29.95 32.22
CA LEU H 335 18.98 29.94 32.75
C LEU H 335 17.96 29.40 31.75
N PRO H 336 16.95 28.66 32.26
CA PRO H 336 15.84 28.18 31.43
C PRO H 336 14.90 29.32 31.01
N VAL H 337 14.46 29.28 29.75
CA VAL H 337 13.55 30.28 29.19
C VAL H 337 12.14 29.69 29.08
N ASP H 338 11.14 30.47 29.49
CA ASP H 338 9.75 30.05 29.36
C ASP H 338 8.93 31.12 28.63
N LEU H 339 8.25 30.74 27.55
CA LEU H 339 7.57 31.73 26.73
C LEU H 339 6.16 32.07 27.22
N VAL H 340 5.64 31.25 28.13
CA VAL H 340 4.31 31.49 28.71
C VAL H 340 4.42 32.52 29.83
N ASP H 341 5.53 32.45 30.58
CA ASP H 341 5.82 33.28 31.76
C ASP H 341 5.85 34.76 31.41
N PRO H 342 4.90 35.55 32.00
CA PRO H 342 4.75 36.98 31.72
C PRO H 342 5.91 37.84 32.25
N GLN H 343 6.72 37.27 33.13
CA GLN H 343 7.84 38.00 33.73
CA GLN H 343 7.86 37.95 33.75
C GLN H 343 9.13 37.74 32.95
N GLN H 344 9.01 36.99 31.84
CA GLN H 344 10.14 36.71 30.96
C GLN H 344 10.13 37.62 29.71
N VAL H 345 9.58 37.14 28.60
CA VAL H 345 9.54 37.94 27.37
C VAL H 345 8.54 39.09 27.43
N GLN H 346 9.04 40.31 27.34
CA GLN H 346 8.23 41.53 27.41
CA GLN H 346 8.19 41.49 27.36
C GLN H 346 8.57 42.47 26.25
N GLU H 347 7.65 43.35 25.90
CA GLU H 347 7.90 44.34 24.86
C GLU H 347 7.54 45.76 25.31
N PHE H 348 8.54 46.63 25.50
CA PHE H 348 8.33 48.04 25.84
C PHE H 348 8.27 48.87 24.58
N VAL H 349 7.45 49.92 24.56
CA VAL H 349 7.36 50.71 23.34
C VAL H 349 7.55 52.20 23.60
N ASP H 350 8.17 52.53 24.72
CA ASP H 350 8.37 53.93 25.08
C ASP H 350 9.30 54.66 24.11
N HIS H 351 10.02 53.91 23.30
CA HIS H 351 10.92 54.50 22.31
C HIS H 351 10.57 54.06 20.88
N ALA H 352 9.45 53.36 20.74
CA ALA H 352 8.95 52.92 19.43
C ALA H 352 7.67 53.67 19.04
N TRP H 353 7.35 53.69 17.76
CA TRP H 353 6.15 54.40 17.29
C TRP H 353 4.85 53.61 17.48
N TYR H 354 4.59 53.20 18.73
CA TYR H 354 3.36 52.48 19.07
C TYR H 354 2.70 53.11 20.30
N ARG H 355 1.46 52.71 20.54
CA ARG H 355 0.66 53.26 21.65
C ARG H 355 0.26 52.17 22.64
N TYR H 356 0.52 52.45 23.92
CA TYR H 356 0.17 51.56 25.04
C TYR H 356 -0.73 52.32 26.02
N PRO H 357 -1.56 51.58 26.80
CA PRO H 357 -2.23 52.24 27.92
C PRO H 357 -1.19 52.95 28.81
N ASN H 358 -0.27 52.17 29.36
CA ASN H 358 0.88 52.70 30.08
C ASN H 358 2.16 52.33 29.34
N ASP H 359 2.84 53.34 28.84
CA ASP H 359 3.99 53.11 27.97
C ASP H 359 5.30 52.96 28.76
N GLN H 360 5.20 52.93 30.09
CA GLN H 360 6.38 52.71 30.94
C GLN H 360 6.55 51.25 31.37
N VAL H 361 5.47 50.47 31.21
CA VAL H 361 5.50 49.03 31.50
C VAL H 361 5.79 48.22 30.22
N GLY H 362 6.21 46.98 30.44
CA GLY H 362 6.43 46.03 29.35
C GLY H 362 5.33 45.00 29.29
N ARG H 363 4.88 44.70 28.07
CA ARG H 363 3.81 43.74 27.86
CA ARG H 363 3.81 43.75 27.84
C ARG H 363 4.33 42.43 27.28
N HIS H 364 3.99 41.33 27.96
CA HIS H 364 4.24 39.98 27.46
C HIS H 364 3.35 39.76 26.22
N PRO H 365 3.87 39.10 25.18
CA PRO H 365 3.15 38.99 23.91
C PRO H 365 1.67 38.58 23.99
N PHE H 366 1.26 37.75 24.96
CA PHE H 366 -0.16 37.38 25.12
C PHE H 366 -1.05 38.58 25.46
N ASP H 367 -0.43 39.64 25.98
CA ASP H 367 -1.08 40.92 26.27
C ASP H 367 -0.67 41.96 25.25
N GLY H 368 0.06 41.56 24.22
CA GLY H 368 0.59 42.47 23.22
C GLY H 368 -0.46 43.41 22.62
N ILE H 369 0.01 44.60 22.23
CA ILE H 369 -0.82 45.59 21.57
C ILE H 369 -0.04 46.19 20.41
N THR H 370 -0.45 45.85 19.19
CA THR H 370 0.08 46.50 17.99
C THR H 370 -0.91 47.60 17.53
N ASP H 371 -0.72 48.78 18.11
CA ASP H 371 -1.39 50.00 17.70
C ASP H 371 -0.33 51.01 17.21
N PRO H 372 -0.25 51.17 15.87
CA PRO H 372 0.77 52.02 15.29
C PRO H 372 0.47 53.49 15.55
N TRP H 373 1.50 54.26 15.87
CA TRP H 373 1.34 55.67 16.15
C TRP H 373 2.66 56.36 15.87
N TYR H 374 2.83 56.79 14.62
CA TYR H 374 4.02 57.52 14.20
C TYR H 374 4.08 58.88 14.90
N ASN H 375 5.18 59.08 15.62
CA ASN H 375 5.38 60.28 16.41
C ASN H 375 6.85 60.46 16.77
N PRO H 376 7.58 61.20 15.92
CA PRO H 376 9.04 61.35 16.07
C PRO H 376 9.48 62.46 17.02
N GLY H 377 8.64 63.48 17.19
CA GLY H 377 8.94 64.63 18.05
C GLY H 377 9.87 65.67 17.43
N ASP H 378 10.56 66.41 18.29
CA ASP H 378 11.52 67.43 17.85
C ASP H 378 12.73 66.78 17.18
N VAL H 379 12.60 66.56 15.86
N VAL H 379 12.62 66.56 15.86
CA VAL H 379 13.66 66.00 15.03
CA VAL H 379 13.68 65.89 15.09
C VAL H 379 14.08 67.01 13.98
C VAL H 379 14.59 66.86 14.32
N LYS H 380 15.38 67.30 13.90
N LYS H 380 14.37 68.17 14.52
CA LYS H 380 15.88 68.21 12.88
CA LYS H 380 15.10 69.22 13.84
C LYS H 380 15.02 68.06 11.61
C LYS H 380 15.03 69.04 12.30
N GLY H 381 14.34 69.13 11.24
N GLY H 381 13.83 69.31 11.77
CA GLY H 381 13.50 69.12 10.04
CA GLY H 381 13.50 69.09 10.37
C GLY H 381 12.02 69.13 10.35
C GLY H 381 11.99 69.17 10.25
N SER H 382 11.35 68.02 10.01
CA SER H 382 9.89 67.89 10.09
C SER H 382 9.45 66.41 10.21
N ASP H 383 8.14 66.18 10.20
CA ASP H 383 7.59 64.81 10.19
C ASP H 383 7.91 64.07 8.88
N THR H 384 7.91 64.81 7.77
CA THR H 384 8.15 64.24 6.44
C THR H 384 9.64 64.29 6.06
N ASN H 385 10.43 64.87 6.95
CA ASN H 385 11.86 65.02 6.73
C ASN H 385 12.66 64.91 8.02
N ILE H 386 13.01 63.68 8.38
CA ILE H 386 13.86 63.42 9.55
C ILE H 386 15.31 63.57 9.16
N GLN H 387 15.90 64.70 9.53
CA GLN H 387 17.34 64.94 9.35
C GLN H 387 18.15 64.22 10.43
N GLN H 388 17.55 64.08 11.62
CA GLN H 388 18.23 63.52 12.78
C GLN H 388 17.16 63.03 13.76
N LEU H 389 17.12 61.72 14.00
CA LEU H 389 16.12 61.13 14.90
C LEU H 389 16.27 61.66 16.31
N ASN H 390 15.17 61.66 17.06
CA ASN H 390 15.24 62.05 18.45
C ASN H 390 15.25 60.85 19.38
N GLU H 391 16.44 60.35 19.71
CA GLU H 391 16.60 59.12 20.51
C GLU H 391 16.20 59.25 22.00
N GLN H 392 15.91 60.47 22.43
CA GLN H 392 15.39 60.71 23.78
CA GLN H 392 15.40 60.70 23.79
C GLN H 392 13.94 60.27 23.88
N GLU H 393 13.21 60.38 22.76
CA GLU H 393 11.82 59.89 22.68
C GLU H 393 11.63 58.75 21.65
N ARG H 394 10.53 58.75 20.88
CA ARG H 394 10.25 57.63 19.97
C ARG H 394 10.94 57.80 18.61
N TYR H 395 11.51 56.71 18.09
CA TYR H 395 12.44 56.80 16.96
C TYR H 395 12.60 55.57 16.07
N SER H 396 11.71 54.59 16.19
CA SER H 396 11.81 53.34 15.42
C SER H 396 10.48 52.61 15.30
N TRP H 397 10.26 51.94 14.17
CA TRP H 397 9.08 51.06 14.01
C TRP H 397 9.24 49.72 14.70
N ILE H 398 10.37 49.52 15.37
CA ILE H 398 10.69 48.26 16.05
C ILE H 398 10.34 48.34 17.54
N LYS H 399 9.51 47.43 18.03
CA LYS H 399 9.23 47.34 19.46
C LYS H 399 10.47 46.90 20.18
N ALA H 400 10.60 47.25 21.47
CA ALA H 400 11.77 46.83 22.25
C ALA H 400 11.46 45.64 23.20
N PRO H 401 11.79 44.42 22.77
CA PRO H 401 11.61 43.26 23.64
C PRO H 401 12.76 43.04 24.66
N ARG H 402 12.41 42.61 25.87
CA ARG H 402 13.40 42.33 26.90
C ARG H 402 13.08 41.04 27.63
N TRP H 403 14.08 40.18 27.77
CA TRP H 403 13.94 38.98 28.60
C TRP H 403 14.17 39.33 30.06
N ARG H 404 13.09 39.30 30.84
CA ARG H 404 13.12 39.66 32.27
C ARG H 404 13.70 41.05 32.48
N GLY H 405 13.42 41.96 31.56
CA GLY H 405 13.97 43.32 31.64
C GLY H 405 15.38 43.49 31.09
N ASN H 406 16.05 42.36 30.82
CA ASN H 406 17.43 42.39 30.29
C ASN H 406 17.46 42.59 28.79
N ALA H 407 18.39 43.42 28.31
CA ALA H 407 18.61 43.62 26.87
C ALA H 407 19.45 42.47 26.32
N MET H 408 18.91 41.74 25.33
CA MET H 408 19.53 40.49 24.85
C MET H 408 20.07 40.59 23.43
N GLU H 409 21.08 39.78 23.13
CA GLU H 409 21.50 39.53 21.77
C GLU H 409 21.06 38.13 21.40
N VAL H 410 20.42 37.99 20.24
CA VAL H 410 20.04 36.68 19.69
C VAL H 410 20.79 36.41 18.39
N GLY H 411 20.77 35.18 17.91
CA GLY H 411 21.39 34.85 16.62
C GLY H 411 22.49 33.82 16.69
N PRO H 412 23.17 33.58 15.55
CA PRO H 412 24.22 32.56 15.50
C PRO H 412 25.26 32.63 16.66
N LEU H 413 25.82 33.81 16.93
CA LEU H 413 26.76 33.95 18.06
C LEU H 413 26.16 33.59 19.43
N ALA H 414 24.92 34.02 19.66
CA ALA H 414 24.21 33.70 20.90
C ALA H 414 23.97 32.20 21.04
N ARG H 415 23.46 31.60 19.96
CA ARG H 415 23.23 30.17 19.90
C ARG H 415 24.49 29.37 20.21
N THR H 416 25.64 29.90 19.77
CA THR H 416 26.92 29.23 19.95
C THR H 416 27.40 29.31 21.39
N LEU H 417 27.31 30.47 22.01
CA LEU H 417 27.75 30.62 23.38
C LEU H 417 26.85 29.82 24.30
N ILE H 418 25.54 29.89 24.06
CA ILE H 418 24.56 29.13 24.82
C ILE H 418 24.83 27.62 24.69
N ALA H 419 24.95 27.15 23.45
CA ALA H 419 25.23 25.74 23.20
C ALA H 419 26.54 25.32 23.85
N TYR H 420 27.59 26.13 23.67
CA TYR H 420 28.93 25.84 24.18
C TYR H 420 28.91 25.68 25.69
N HIS H 421 28.43 26.72 26.39
CA HIS H 421 28.45 26.75 27.84
C HIS H 421 27.41 25.83 28.49
N LYS H 422 26.50 25.28 27.67
CA LYS H 422 25.59 24.23 28.11
C LYS H 422 26.26 22.86 28.05
N GLY H 423 27.42 22.80 27.40
CA GLY H 423 28.26 21.61 27.39
C GLY H 423 28.12 20.72 26.15
N ASP H 424 27.46 21.25 25.12
CA ASP H 424 27.19 20.50 23.90
C ASP H 424 28.45 19.89 23.30
N ALA H 425 28.55 18.56 23.38
CA ALA H 425 29.71 17.81 22.87
C ALA H 425 30.15 18.27 21.47
N ALA H 426 29.18 18.39 20.56
CA ALA H 426 29.43 18.84 19.17
C ALA H 426 30.01 20.26 19.10
N THR H 427 29.43 21.18 19.86
CA THR H 427 29.80 22.60 19.78
C THR H 427 31.13 22.93 20.46
N VAL H 428 31.49 22.20 21.51
CA VAL H 428 32.75 22.41 22.22
C VAL H 428 33.95 22.02 21.34
N GLU H 429 33.74 21.07 20.44
CA GLU H 429 34.78 20.61 19.50
CA GLU H 429 34.81 20.65 19.54
C GLU H 429 34.85 21.48 18.25
N SER H 430 33.70 22.07 17.87
CA SER H 430 33.63 22.93 16.69
CA SER H 430 33.64 22.93 16.69
C SER H 430 34.23 24.31 16.96
N VAL H 431 33.99 24.83 18.15
CA VAL H 431 34.47 26.16 18.54
C VAL H 431 35.96 26.14 18.89
N ASP H 432 36.36 25.16 19.69
CA ASP H 432 37.73 25.04 20.15
C ASP H 432 38.73 24.85 18.99
N ARG H 433 38.33 24.10 17.98
CA ARG H 433 39.20 23.86 16.82
C ARG H 433 39.21 25.07 15.90
N MET H 434 38.07 25.73 15.78
CA MET H 434 37.94 26.98 15.00
C MET H 434 38.80 28.12 15.57
N MET H 435 38.74 28.33 16.89
CA MET H 435 39.54 29.37 17.53
C MET H 435 41.03 29.00 17.60
N SER H 436 41.32 27.70 17.69
CA SER H 436 42.69 27.20 17.74
CA SER H 436 42.70 27.23 17.75
C SER H 436 43.36 27.39 16.39
N ALA H 437 42.57 27.21 15.33
CA ALA H 437 43.04 27.38 13.95
C ALA H 437 43.45 28.83 13.66
N LEU H 438 42.72 29.77 14.26
CA LEU H 438 43.02 31.19 14.13
C LEU H 438 44.04 31.70 15.16
N ASN H 439 44.51 30.81 16.05
CA ASN H 439 45.36 31.15 17.18
C ASN H 439 44.80 32.29 18.05
N LEU H 440 43.46 32.29 18.18
CA LEU H 440 42.71 33.28 18.97
C LEU H 440 42.06 32.60 20.20
N PRO H 441 41.97 33.34 21.34
CA PRO H 441 41.35 32.78 22.56
C PRO H 441 39.85 32.61 22.37
N LEU H 442 39.18 31.98 23.34
CA LEU H 442 37.73 31.77 23.26
C LEU H 442 36.92 33.09 23.14
N SER H 443 37.37 34.12 23.84
CA SER H 443 36.70 35.43 23.88
C SER H 443 36.67 36.13 22.53
N GLY H 444 37.63 35.79 21.66
CA GLY H 444 37.69 36.35 20.32
C GLY H 444 36.40 36.19 19.54
N ILE H 445 35.63 35.17 19.95
CA ILE H 445 34.36 34.81 19.31
C ILE H 445 33.24 35.81 19.63
N GLN H 446 33.43 36.59 20.69
CA GLN H 446 32.45 37.59 21.09
C GLN H 446 32.80 38.91 20.40
N SER H 447 32.51 38.95 19.09
CA SER H 447 32.88 40.09 18.26
C SER H 447 32.13 40.10 16.92
N THR H 448 32.28 41.22 16.21
CA THR H 448 31.81 41.34 14.84
C THR H 448 32.38 40.21 13.97
N LEU H 449 33.66 39.88 14.17
CA LEU H 449 34.28 38.75 13.49
C LEU H 449 33.72 37.44 14.02
N GLY H 450 33.47 37.40 15.32
CA GLY H 450 32.89 36.23 15.97
C GLY H 450 31.56 35.83 15.35
N ARG H 451 30.70 36.82 15.13
CA ARG H 451 29.36 36.64 14.53
C ARG H 451 29.36 36.01 13.13
N ILE H 452 30.31 36.44 12.29
CA ILE H 452 30.49 35.89 10.96
C ILE H 452 30.93 34.42 11.06
N LEU H 453 31.98 34.19 11.84
CA LEU H 453 32.56 32.86 12.04
C LEU H 453 31.56 31.83 12.53
N CYS H 454 30.65 32.25 13.40
CA CYS H 454 29.62 31.35 13.94
C CYS H 454 28.57 31.01 12.91
N ARG H 455 28.21 32.00 12.11
CA ARG H 455 27.23 31.86 11.03
C ARG H 455 27.67 30.78 10.05
N ALA H 456 28.94 30.86 9.65
CA ALA H 456 29.55 29.88 8.78
C ALA H 456 29.52 28.50 9.41
N HIS H 457 29.91 28.41 10.68
CA HIS H 457 29.89 27.17 11.47
CA HIS H 457 29.91 27.13 11.33
C HIS H 457 28.49 26.60 11.50
N GLU H 458 27.50 27.49 11.65
CA GLU H 458 26.10 27.07 11.67
C GLU H 458 25.58 26.46 10.35
N ALA H 459 26.00 27.06 9.24
CA ALA H 459 25.68 26.52 7.91
C ALA H 459 26.25 25.14 7.76
N GLN H 460 27.49 24.97 8.20
CA GLN H 460 28.14 23.66 8.22
C GLN H 460 27.33 22.67 9.07
N TRP H 461 26.94 23.11 10.27
CA TRP H 461 26.12 22.32 11.18
C TRP H 461 24.79 21.95 10.50
N ALA H 462 24.10 22.96 9.97
CA ALA H 462 22.80 22.77 9.35
C ALA H 462 22.83 21.73 8.21
N ALA H 463 23.86 21.82 7.36
CA ALA H 463 24.01 20.92 6.22
C ALA H 463 24.30 19.49 6.66
N GLY H 464 25.06 19.35 7.75
CA GLY H 464 25.24 18.05 8.39
C GLY H 464 23.91 17.51 8.88
N LYS H 465 23.17 18.36 9.61
CA LYS H 465 21.83 18.01 10.10
C LYS H 465 20.83 17.64 9.00
N LEU H 466 20.87 18.35 7.86
CA LEU H 466 20.07 17.96 6.71
C LEU H 466 20.14 16.46 6.38
N GLN H 467 21.37 15.96 6.21
CA GLN H 467 21.62 14.56 5.90
C GLN H 467 21.06 13.66 7.00
N TYR H 468 21.18 14.12 8.24
CA TYR H 468 20.66 13.41 9.41
C TYR H 468 19.15 13.28 9.34
N PHE H 469 18.49 14.41 9.05
CA PHE H 469 17.05 14.43 8.95
C PHE H 469 16.55 13.58 7.78
N PHE H 470 17.20 13.74 6.63
CA PHE H 470 16.89 12.89 5.50
C PHE H 470 16.91 11.42 5.91
N ASP H 471 18.05 10.96 6.43
CA ASP H 471 18.20 9.58 6.88
C ASP H 471 17.09 9.11 7.80
N LYS H 472 16.72 9.95 8.76
CA LYS H 472 15.64 9.67 9.69
CA LYS H 472 15.63 9.67 9.68
C LYS H 472 14.34 9.41 8.92
N LEU H 473 14.07 10.26 7.92
CA LEU H 473 12.87 10.10 7.09
C LEU H 473 12.86 8.76 6.35
N MET H 474 13.99 8.44 5.75
CA MET H 474 14.14 7.20 4.98
C MET H 474 13.97 5.99 5.84
N THR H 475 14.58 5.99 7.01
CA THR H 475 14.43 4.89 7.96
C THR H 475 12.95 4.65 8.26
N ASN H 476 12.17 5.73 8.36
CA ASN H 476 10.74 5.57 8.58
C ASN H 476 10.10 4.91 7.36
N LEU H 477 10.49 5.36 6.18
CA LEU H 477 9.95 4.83 4.95
C LEU H 477 10.29 3.34 4.80
N LYS H 478 11.54 3.00 5.01
CA LYS H 478 11.97 1.62 5.06
C LYS H 478 11.08 0.86 6.02
N ASN H 479 10.76 1.49 7.14
CA ASN H 479 9.98 0.82 8.18
C ASN H 479 8.47 1.08 8.07
N GLY H 480 7.98 1.29 6.85
CA GLY H 480 6.55 1.34 6.58
C GLY H 480 5.79 2.49 7.20
N ASN H 481 6.50 3.39 7.86
CA ASN H 481 5.88 4.58 8.42
C ASN H 481 5.79 5.70 7.39
N LEU H 482 4.57 6.02 6.93
CA LEU H 482 4.44 6.96 5.83
C LEU H 482 3.68 8.25 6.16
N ALA H 483 2.84 8.20 7.18
CA ALA H 483 1.95 9.32 7.51
C ALA H 483 2.67 10.68 7.52
N THR H 484 2.04 11.67 6.88
CA THR H 484 2.60 13.01 6.82
C THR H 484 1.70 14.08 7.46
N ALA H 485 0.45 13.73 7.77
CA ALA H 485 -0.51 14.71 8.29
C ALA H 485 -1.49 14.09 9.26
N SER H 486 -1.87 14.88 10.27
CA SER H 486 -2.99 14.55 11.14
C SER H 486 -4.18 15.45 10.80
N THR H 487 -5.35 14.84 10.65
CA THR H 487 -6.54 15.57 10.27
C THR H 487 -7.64 15.44 11.31
N GLU H 488 -7.32 14.82 12.44
CA GLU H 488 -8.32 14.61 13.50
C GLU H 488 -8.95 15.93 13.97
N LYS H 489 -8.13 16.97 14.12
CA LYS H 489 -8.65 18.25 14.59
C LYS H 489 -8.55 19.37 13.52
N TRP H 490 -8.71 19.00 12.26
CA TRP H 490 -8.64 19.96 11.16
C TRP H 490 -9.91 20.76 11.06
N GLU H 491 -11.01 20.16 11.48
CA GLU H 491 -12.29 20.86 11.48
C GLU H 491 -12.39 21.79 12.70
N PRO H 492 -12.86 23.04 12.47
CA PRO H 492 -13.03 24.04 13.53
C PRO H 492 -14.05 23.61 14.58
N ALA H 493 -15.03 22.82 14.16
CA ALA H 493 -16.03 22.28 15.07
C ALA H 493 -15.39 21.49 16.19
N THR H 494 -14.17 20.99 15.96
CA THR H 494 -13.48 20.14 16.93
C THR H 494 -12.47 20.88 17.83
N TRP H 495 -12.23 22.17 17.55
CA TRP H 495 -11.30 22.96 18.35
C TRP H 495 -11.95 23.48 19.62
N PRO H 496 -11.15 23.69 20.68
CA PRO H 496 -11.62 24.40 21.88
C PRO H 496 -12.28 25.70 21.47
N THR H 497 -13.40 26.05 22.13
CA THR H 497 -14.10 27.30 21.83
CA THR H 497 -14.12 27.30 21.87
C THR H 497 -13.21 28.51 22.11
N GLU H 498 -12.30 28.38 23.07
CA GLU H 498 -11.37 29.43 23.43
C GLU H 498 -10.05 28.78 23.82
N CYS H 499 -8.95 29.17 23.15
CA CYS H 499 -7.61 28.66 23.51
C CYS H 499 -6.45 29.55 23.02
N ARG H 500 -5.23 29.20 23.45
CA ARG H 500 -4.05 29.93 23.04
C ARG H 500 -2.79 29.06 23.00
N GLY H 501 -1.79 29.52 22.24
CA GLY H 501 -0.56 28.76 22.08
C GLY H 501 0.65 29.57 21.61
N VAL H 502 1.81 28.92 21.73
CA VAL H 502 3.08 29.55 21.42
C VAL H 502 3.81 28.73 20.40
N GLY H 503 4.30 29.39 19.36
CA GLY H 503 5.18 28.75 18.38
C GLY H 503 6.59 29.31 18.48
N PHE H 504 7.58 28.44 18.59
CA PHE H 504 8.93 28.93 18.71
C PHE H 504 9.93 28.05 18.03
N THR H 505 10.95 28.71 17.50
CA THR H 505 12.08 28.07 16.83
C THR H 505 13.24 29.03 16.75
N GLU H 506 14.34 28.57 16.16
CA GLU H 506 15.46 29.46 15.83
C GLU H 506 15.49 29.74 14.32
N ALA H 507 15.14 30.98 13.95
CA ALA H 507 15.36 31.48 12.60
C ALA H 507 16.84 31.78 12.39
N PRO H 508 17.30 31.81 11.13
CA PRO H 508 18.73 32.03 10.85
C PRO H 508 19.34 33.21 11.61
N ARG H 509 18.50 34.15 12.03
CA ARG H 509 18.95 35.40 12.66
C ARG H 509 18.81 35.44 14.17
N GLY H 510 18.03 34.50 14.72
CA GLY H 510 17.88 34.34 16.16
C GLY H 510 16.61 33.67 16.63
N ALA H 511 16.19 34.04 17.83
CA ALA H 511 15.04 33.44 18.49
C ALA H 511 13.67 34.03 18.06
N LEU H 512 12.82 33.17 17.50
CA LEU H 512 11.50 33.56 17.00
C LEU H 512 10.36 32.94 17.79
N GLY H 513 9.39 33.78 18.17
CA GLY H 513 8.20 33.33 18.85
C GLY H 513 6.93 33.87 18.21
N HIS H 514 5.93 33.00 18.08
CA HIS H 514 4.55 33.40 17.71
C HIS H 514 3.59 33.02 18.84
N TRP H 515 2.95 34.05 19.39
CA TRP H 515 1.93 33.87 20.41
C TRP H 515 0.59 34.10 19.74
N ALA H 516 -0.30 33.10 19.85
CA ALA H 516 -1.60 33.13 19.16
C ALA H 516 -2.76 32.74 20.04
N ALA H 517 -3.90 33.40 19.83
CA ALA H 517 -5.09 33.17 20.62
C ALA H 517 -6.28 32.92 19.73
N ILE H 518 -7.08 31.92 20.08
CA ILE H 518 -8.25 31.54 19.27
C ILE H 518 -9.57 31.73 20.04
N ARG H 519 -10.59 32.21 19.34
CA ARG H 519 -11.92 32.38 19.91
CA ARG H 519 -11.92 32.38 19.91
C ARG H 519 -12.97 32.16 18.82
N ASP H 520 -13.75 31.09 19.00
CA ASP H 520 -14.82 30.69 18.06
C ASP H 520 -14.34 30.50 16.62
N GLY H 521 -13.25 29.76 16.49
CA GLY H 521 -12.70 29.41 15.20
C GLY H 521 -11.98 30.55 14.50
N LYS H 522 -11.76 31.65 15.23
CA LYS H 522 -11.13 32.85 14.67
C LYS H 522 -9.90 33.20 15.49
N ILE H 523 -8.93 33.85 14.84
CA ILE H 523 -7.78 34.45 15.52
C ILE H 523 -8.27 35.65 16.31
N ASP H 524 -8.09 35.59 17.62
CA ASP H 524 -8.42 36.67 18.53
C ASP H 524 -7.23 37.60 18.62
N LEU H 525 -6.06 37.01 18.88
CA LEU H 525 -4.80 37.73 18.99
C LEU H 525 -3.70 36.93 18.28
N TYR H 526 -2.79 37.65 17.63
CA TYR H 526 -1.59 37.05 17.05
C TYR H 526 -0.42 38.02 17.15
N GLN H 527 0.53 37.69 18.02
CA GLN H 527 1.67 38.55 18.29
C GLN H 527 3.00 37.92 17.92
N CYS H 528 3.89 38.75 17.38
CA CYS H 528 5.16 38.29 16.87
C CYS H 528 6.35 38.98 17.49
N VAL H 529 7.31 38.16 17.92
CA VAL H 529 8.61 38.63 18.39
C VAL H 529 9.71 37.92 17.63
N VAL H 530 10.27 38.68 16.69
CA VAL H 530 11.20 38.20 15.67
C VAL H 530 12.64 38.54 16.08
N PRO H 531 13.61 37.67 15.70
CA PRO H 531 15.04 37.82 16.00
C PRO H 531 15.58 39.24 15.85
N THR H 532 15.35 39.88 14.69
CA THR H 532 15.91 41.23 14.48
C THR H 532 15.24 42.30 15.37
N THR H 533 14.01 42.03 15.81
CA THR H 533 13.34 42.89 16.78
C THR H 533 14.16 42.93 18.06
N TRP H 534 14.67 41.79 18.48
CA TRP H 534 15.57 41.74 19.63
C TRP H 534 16.85 42.52 19.39
N ASN H 535 17.49 42.27 18.26
CA ASN H 535 18.79 42.84 17.98
C ASN H 535 18.75 44.35 17.65
N ALA H 536 17.84 44.74 16.76
CA ALA H 536 17.71 46.14 16.33
C ALA H 536 16.90 47.02 17.30
N SER H 537 16.53 46.43 18.44
CA SER H 537 15.68 47.07 19.45
C SER H 537 16.15 48.48 19.88
N PRO H 538 15.20 49.44 19.89
CA PRO H 538 15.36 50.74 20.54
C PRO H 538 15.66 50.60 22.04
N ARG H 539 15.73 51.72 22.74
CA ARG H 539 15.93 51.73 24.18
C ARG H 539 14.62 51.50 24.91
N ASP H 540 14.72 51.18 26.19
CA ASP H 540 13.53 50.98 27.03
C ASP H 540 13.41 52.08 28.11
N PRO H 541 12.41 51.98 29.03
CA PRO H 541 12.27 52.98 30.07
C PRO H 541 13.57 53.27 30.82
N LYS H 542 14.30 52.21 31.14
CA LYS H 542 15.56 52.32 31.90
C LYS H 542 16.74 52.82 31.06
N GLY H 543 16.47 53.15 29.79
CA GLY H 543 17.50 53.67 28.89
C GLY H 543 18.50 52.64 28.41
N GLN H 544 18.22 51.36 28.64
CA GLN H 544 19.10 50.27 28.23
C GLN H 544 19.10 50.18 26.72
N ILE H 545 20.24 49.78 26.16
CA ILE H 545 20.41 49.74 24.70
C ILE H 545 20.32 48.33 24.11
N GLY H 546 19.84 48.26 22.87
CA GLY H 546 19.74 46.99 22.13
C GLY H 546 21.08 46.42 21.69
N ALA H 547 21.08 45.16 21.27
CA ALA H 547 22.29 44.50 20.79
C ALA H 547 23.11 45.32 19.78
N TYR H 548 22.41 45.96 18.84
CA TYR H 548 23.00 46.74 17.74
C TYR H 548 23.77 47.95 18.25
N GLU H 549 23.03 48.89 18.84
CA GLU H 549 23.60 50.11 19.41
C GLU H 549 24.78 49.78 20.33
N ALA H 550 24.69 48.66 21.06
CA ALA H 550 25.76 48.19 21.94
C ALA H 550 27.00 47.80 21.16
N ALA H 551 26.83 47.08 20.06
CA ALA H 551 27.94 46.58 19.28
C ALA H 551 28.66 47.67 18.49
N LEU H 552 27.97 48.79 18.29
CA LEU H 552 28.53 49.92 17.57
C LEU H 552 29.34 50.87 18.46
N MET H 553 29.04 50.86 19.77
CA MET H 553 29.72 51.69 20.74
C MET H 553 31.21 51.38 20.78
N ASN H 554 32.01 52.43 20.99
CA ASN H 554 33.48 52.34 21.13
C ASN H 554 34.21 51.87 19.89
N THR H 555 33.52 51.81 18.76
CA THR H 555 34.14 51.39 17.51
C THR H 555 34.86 52.57 16.87
N LYS H 556 36.13 52.37 16.57
CA LYS H 556 36.97 53.38 15.91
C LYS H 556 36.60 53.45 14.41
N MET H 557 36.40 54.66 13.91
CA MET H 557 36.18 54.90 12.49
C MET H 557 37.42 55.54 11.88
N ALA H 558 37.87 55.04 10.74
CA ALA H 558 39.03 55.61 10.04
C ALA H 558 38.61 56.79 9.18
N ILE H 559 37.56 56.61 8.39
CA ILE H 559 36.94 57.72 7.68
C ILE H 559 35.48 57.85 8.11
N PRO H 560 35.11 59.00 8.67
CA PRO H 560 33.75 59.25 9.17
C PRO H 560 32.68 59.26 8.06
N GLU H 561 32.97 59.90 6.93
CA GLU H 561 32.01 59.98 5.81
CA GLU H 561 32.01 59.98 5.83
C GLU H 561 31.84 58.65 5.09
N GLN H 562 32.78 57.71 5.30
CA GLN H 562 32.67 56.36 4.72
CA GLN H 562 32.67 56.36 4.72
C GLN H 562 32.51 55.30 5.82
N PRO H 563 31.26 54.98 6.17
CA PRO H 563 30.94 54.18 7.34
C PRO H 563 31.05 52.67 7.14
N LEU H 564 32.23 52.21 6.76
CA LEU H 564 32.48 50.78 6.61
C LEU H 564 32.52 50.07 7.95
N GLU H 565 33.23 50.65 8.92
CA GLU H 565 33.28 50.10 10.27
C GLU H 565 31.88 49.91 10.84
N ILE H 566 30.97 50.84 10.54
CA ILE H 566 29.55 50.73 10.93
C ILE H 566 28.87 49.57 10.21
N LEU H 567 29.01 49.52 8.89
CA LEU H 567 28.37 48.49 8.09
C LEU H 567 28.85 47.09 8.47
N ARG H 568 30.16 46.93 8.68
CA ARG H 568 30.77 45.64 9.04
C ARG H 568 30.08 45.06 10.28
N THR H 569 30.02 45.87 11.34
CA THR H 569 29.42 45.50 12.62
C THR H 569 27.93 45.21 12.48
N LEU H 570 27.23 46.04 11.70
CA LEU H 570 25.78 45.85 11.51
C LEU H 570 25.45 44.57 10.75
N HIS H 571 26.06 44.42 9.57
CA HIS H 571 25.83 43.27 8.70
C HIS H 571 26.13 41.94 9.38
N SER H 572 27.13 41.95 10.27
CA SER H 572 27.54 40.72 10.98
C SER H 572 26.40 40.13 11.81
N PHE H 573 25.47 40.98 12.23
CA PHE H 573 24.24 40.55 12.91
C PHE H 573 23.21 39.96 11.96
N ASP H 574 23.38 40.25 10.67
CA ASP H 574 22.43 39.84 9.62
C ASP H 574 21.11 40.54 9.82
N PRO H 575 21.06 41.84 9.57
CA PRO H 575 19.81 42.54 9.80
C PRO H 575 18.73 42.12 8.80
N CYS H 576 17.51 42.01 9.32
CA CYS H 576 16.32 41.66 8.57
C CYS H 576 15.17 42.53 9.09
N LEU H 577 14.92 43.62 8.40
CA LEU H 577 14.04 44.62 8.96
C LEU H 577 12.54 44.30 8.83
N ALA H 578 12.11 43.84 7.64
CA ALA H 578 10.71 43.45 7.45
C ALA H 578 10.32 42.37 8.45
N CYS H 579 11.27 41.50 8.77
CA CYS H 579 11.13 40.55 9.87
C CYS H 579 10.95 41.26 11.23
N SER H 580 11.81 42.24 11.51
CA SER H 580 11.81 42.92 12.80
C SER H 580 10.57 43.78 13.04
N THR H 581 9.93 44.21 11.97
CA THR H 581 8.81 45.15 12.08
C THR H 581 7.48 44.50 11.87
N HIS H 582 7.42 43.65 10.85
CA HIS H 582 6.21 42.89 10.46
C HIS H 582 4.90 43.69 10.52
N VAL I 8 -44.52 8.05 18.46
CA VAL I 8 -45.08 9.43 18.69
C VAL I 8 -43.98 10.37 19.24
N VAL I 9 -43.62 11.38 18.45
CA VAL I 9 -42.72 12.48 18.88
C VAL I 9 -43.45 13.85 18.83
N SER I 10 -44.39 14.01 17.88
CA SER I 10 -45.25 15.20 17.75
C SER I 10 -46.74 14.91 18.02
N HIS I 11 -47.53 15.97 18.10
CA HIS I 11 -48.99 15.88 18.24
C HIS I 11 -49.73 17.11 17.71
N TYR I 12 -50.88 16.88 17.08
CA TYR I 12 -51.84 17.92 16.65
C TYR I 12 -51.37 18.87 15.51
N VAL I 13 -52.28 19.14 14.56
CA VAL I 13 -52.05 20.12 13.47
C VAL I 13 -53.31 20.93 13.15
N PHE I 14 -54.44 20.24 12.99
CA PHE I 14 -55.64 20.72 12.28
C PHE I 14 -55.48 20.20 10.84
N GLU I 15 -56.33 20.64 9.91
CA GLU I 15 -56.21 20.23 8.50
C GLU I 15 -56.42 21.37 7.51
N ALA I 16 -55.56 21.42 6.48
CA ALA I 16 -55.61 22.45 5.44
C ALA I 16 -56.69 22.13 4.37
N PRO I 17 -56.73 22.90 3.25
CA PRO I 17 -57.48 22.40 2.09
C PRO I 17 -56.96 21.06 1.55
N VAL I 18 -57.81 20.32 0.84
CA VAL I 18 -57.52 18.92 0.44
C VAL I 18 -56.39 18.75 -0.59
N ARG I 19 -56.19 19.75 -1.47
CA ARG I 19 -55.10 19.72 -2.46
C ARG I 19 -53.69 19.72 -1.85
N ILE I 20 -53.58 20.08 -0.57
CA ILE I 20 -52.33 19.97 0.19
C ILE I 20 -51.89 18.51 0.36
N TRP I 21 -52.84 17.59 0.21
CA TRP I 21 -52.57 16.15 0.34
C TRP I 21 -52.24 15.48 -1.00
N HIS I 22 -52.60 16.13 -2.11
CA HIS I 22 -52.18 15.66 -3.43
C HIS I 22 -50.69 15.94 -3.61
N TRP I 23 -50.30 17.19 -3.37
CA TRP I 23 -48.91 17.62 -3.50
C TRP I 23 -47.96 16.81 -2.64
N LEU I 24 -48.39 16.48 -1.43
CA LEU I 24 -47.57 15.66 -0.56
C LEU I 24 -47.26 14.32 -1.25
N THR I 25 -48.28 13.70 -1.85
CA THR I 25 -48.15 12.42 -2.53
C THR I 25 -47.09 12.50 -3.61
N VAL I 26 -47.27 13.42 -4.55
CA VAL I 26 -46.40 13.55 -5.70
C VAL I 26 -44.94 13.73 -5.23
N LEU I 27 -44.76 14.50 -4.16
CA LEU I 27 -43.44 14.74 -3.58
C LEU I 27 -42.86 13.45 -3.02
N CYS I 28 -43.61 12.79 -2.14
CA CYS I 28 -43.20 11.48 -1.60
C CYS I 28 -42.92 10.50 -2.73
N MET I 29 -43.83 10.47 -3.69
CA MET I 29 -43.73 9.66 -4.87
C MET I 29 -42.38 9.80 -5.56
N ALA I 30 -42.02 11.04 -5.89
CA ALA I 30 -40.76 11.39 -6.55
C ALA I 30 -39.56 11.00 -5.70
N VAL I 31 -39.56 11.48 -4.46
CA VAL I 31 -38.55 11.11 -3.46
C VAL I 31 -38.40 9.60 -3.34
N LEU I 32 -39.52 8.88 -3.28
CA LEU I 32 -39.49 7.42 -3.24
C LEU I 32 -38.78 6.82 -4.45
N MET I 33 -39.06 7.35 -5.64
CA MET I 33 -38.51 6.85 -6.91
C MET I 33 -37.01 7.05 -7.02
N VAL I 34 -36.56 8.29 -6.85
CA VAL I 34 -35.12 8.58 -6.83
C VAL I 34 -34.42 7.61 -5.86
N THR I 35 -34.73 7.73 -4.57
CA THR I 35 -34.08 6.93 -3.54
C THR I 35 -34.15 5.47 -3.86
N GLY I 36 -35.38 5.02 -4.18
CA GLY I 36 -35.66 3.62 -4.51
C GLY I 36 -34.80 3.09 -5.65
N TYR I 37 -34.67 3.90 -6.70
CA TYR I 37 -33.79 3.53 -7.81
C TYR I 37 -32.36 3.24 -7.31
N PHE I 38 -31.85 4.07 -6.41
CA PHE I 38 -30.46 3.92 -5.98
C PHE I 38 -30.26 2.90 -4.88
N ILE I 39 -31.36 2.36 -4.34
CA ILE I 39 -31.25 1.18 -3.48
C ILE I 39 -30.82 0.03 -4.36
N GLY I 40 -31.49 -0.10 -5.51
CA GLY I 40 -31.20 -1.11 -6.51
C GLY I 40 -29.91 -0.90 -7.28
N LYS I 41 -29.78 0.21 -7.99
CA LYS I 41 -28.56 0.48 -8.73
C LYS I 41 -27.79 1.62 -8.06
N PRO I 42 -27.00 1.27 -7.00
CA PRO I 42 -26.41 2.24 -6.09
C PRO I 42 -25.40 3.13 -6.76
N LEU I 43 -25.19 4.31 -6.19
CA LEU I 43 -24.29 5.30 -6.78
C LEU I 43 -22.84 4.79 -6.70
N PRO I 44 -21.88 5.52 -7.31
CA PRO I 44 -20.49 5.05 -7.26
C PRO I 44 -19.91 5.03 -5.83
N SER I 45 -19.11 4.01 -5.55
CA SER I 45 -18.61 3.78 -4.21
C SER I 45 -17.90 4.97 -3.61
N VAL I 46 -18.09 5.21 -2.31
CA VAL I 46 -17.30 6.23 -1.62
C VAL I 46 -16.08 5.61 -0.93
N SER I 47 -15.42 6.31 -0.01
CA SER I 47 -14.11 5.85 0.45
C SER I 47 -13.74 6.21 1.89
N GLY I 48 -13.19 5.22 2.58
CA GLY I 48 -12.55 5.42 3.88
C GLY I 48 -13.43 5.66 5.10
N GLU I 49 -13.06 5.02 6.20
CA GLU I 49 -13.59 5.28 7.55
C GLU I 49 -15.13 5.26 7.66
N ALA I 50 -15.69 4.05 7.72
CA ALA I 50 -17.13 3.83 7.62
C ALA I 50 -17.90 4.38 8.78
N THR I 51 -17.26 4.40 9.95
CA THR I 51 -17.93 4.85 11.15
C THR I 51 -18.59 6.19 10.87
N TYR I 52 -17.87 7.09 10.22
CA TYR I 52 -18.31 8.46 10.11
C TYR I 52 -19.16 8.77 8.88
N LEU I 53 -19.38 7.79 8.01
CA LEU I 53 -20.25 8.05 6.86
C LEU I 53 -21.29 6.96 6.63
N PHE I 54 -22.40 7.36 5.99
CA PHE I 54 -23.65 6.64 6.07
C PHE I 54 -24.55 7.10 4.91
N TYR I 55 -24.06 6.96 3.68
CA TYR I 55 -24.81 7.45 2.54
C TYR I 55 -25.91 6.48 2.13
N MET I 56 -25.52 5.25 1.80
CA MET I 56 -26.48 4.20 1.44
C MET I 56 -27.60 4.10 2.46
N GLY I 57 -27.24 4.29 3.71
CA GLY I 57 -28.21 4.22 4.76
C GLY I 57 -29.23 5.34 4.78
N TYR I 58 -28.84 6.54 4.37
CA TYR I 58 -29.78 7.68 4.36
C TYR I 58 -30.74 7.56 3.19
N ILE I 59 -30.20 7.25 2.02
CA ILE I 59 -31.03 7.07 0.83
C ILE I 59 -31.91 5.84 1.04
N ARG I 60 -31.58 5.08 2.09
CA ARG I 60 -32.38 3.94 2.56
C ARG I 60 -33.43 4.41 3.59
N LEU I 61 -32.97 5.20 4.55
CA LEU I 61 -33.79 5.83 5.58
C LEU I 61 -34.85 6.78 4.99
N ILE I 62 -34.42 7.71 4.13
CA ILE I 62 -35.37 8.60 3.49
C ILE I 62 -36.40 7.76 2.76
N HIS I 63 -35.96 6.77 2.00
CA HIS I 63 -36.90 5.89 1.30
C HIS I 63 -37.94 5.29 2.26
N PHE I 64 -37.48 4.66 3.35
CA PHE I 64 -38.43 3.99 4.25
C PHE I 64 -39.47 4.95 4.83
N SER I 65 -39.00 6.10 5.31
CA SER I 65 -39.88 7.06 5.97
C SER I 65 -40.75 7.82 4.98
N ALA I 66 -40.24 8.05 3.78
CA ALA I 66 -41.04 8.65 2.71
C ALA I 66 -42.20 7.71 2.45
N GLY I 67 -41.88 6.42 2.38
CA GLY I 67 -42.88 5.34 2.33
C GLY I 67 -43.99 5.44 3.38
N MET I 68 -43.61 5.66 4.64
CA MET I 68 -44.58 5.87 5.70
C MET I 68 -45.47 7.04 5.31
N VAL I 69 -44.94 8.25 5.31
CA VAL I 69 -45.72 9.45 4.94
C VAL I 69 -46.61 9.19 3.74
N PHE I 70 -46.04 8.54 2.71
CA PHE I 70 -46.78 8.15 1.52
C PHE I 70 -47.96 7.22 1.85
N THR I 71 -47.67 6.05 2.43
CA THR I 71 -48.69 5.07 2.81
C THR I 71 -49.86 5.67 3.60
N VAL I 72 -49.56 6.45 4.64
CA VAL I 72 -50.59 7.04 5.50
C VAL I 72 -51.36 8.14 4.79
N VAL I 73 -50.64 8.94 4.01
CA VAL I 73 -51.29 9.94 3.16
C VAL I 73 -52.27 9.29 2.19
N LEU I 74 -51.87 8.17 1.60
CA LEU I 74 -52.69 7.46 0.63
C LEU I 74 -53.83 6.65 1.27
N LEU I 75 -53.57 6.02 2.42
CA LEU I 75 -54.61 5.25 3.11
C LEU I 75 -55.81 6.13 3.43
N MET I 76 -55.55 7.32 3.96
CA MET I 76 -56.65 8.23 4.26
C MET I 76 -57.13 9.03 3.02
N ARG I 77 -56.27 9.22 2.02
CA ARG I 77 -56.67 9.87 0.77
C ARG I 77 -57.75 9.00 0.10
N ILE I 78 -57.64 7.69 0.28
CA ILE I 78 -58.62 6.72 -0.19
C ILE I 78 -59.84 6.68 0.74
N TYR I 79 -59.59 6.52 2.05
CA TYR I 79 -60.64 6.56 3.08
C TYR I 79 -61.65 7.71 2.85
N TRP I 80 -61.15 8.86 2.40
CA TRP I 80 -62.00 10.00 2.06
C TRP I 80 -62.73 9.80 0.72
N ALA I 81 -61.98 9.34 -0.28
CA ALA I 81 -62.48 9.23 -1.65
C ALA I 81 -63.77 8.41 -1.80
N PHE I 82 -63.89 7.31 -1.04
CA PHE I 82 -65.05 6.41 -1.14
C PHE I 82 -66.10 6.52 -0.01
N VAL I 83 -65.81 7.34 1.00
CA VAL I 83 -66.82 7.78 1.99
C VAL I 83 -67.50 9.06 1.50
N GLY I 84 -66.73 9.92 0.84
CA GLY I 84 -67.25 11.11 0.17
C GLY I 84 -67.98 10.78 -1.13
N ASN I 85 -67.72 9.59 -1.67
CA ASN I 85 -68.42 9.07 -2.86
C ASN I 85 -69.90 8.73 -2.56
N ARG I 86 -70.12 7.95 -1.50
CA ARG I 86 -71.44 7.40 -1.14
C ARG I 86 -71.97 6.42 -2.21
N TYR I 87 -71.06 5.73 -2.89
CA TYR I 87 -71.38 4.71 -3.90
C TYR I 87 -71.47 3.31 -3.26
N SER I 88 -71.44 3.27 -1.93
CA SER I 88 -71.54 2.04 -1.13
C SER I 88 -71.96 2.39 0.31
N ARG I 89 -70.96 2.62 1.16
CA ARG I 89 -71.12 3.01 2.57
C ARG I 89 -72.54 2.92 3.12
N GLN I 103 -67.76 -7.59 -11.90
CA GLN I 103 -67.49 -8.70 -12.82
C GLN I 103 -68.48 -8.75 -13.97
N GLY I 104 -69.77 -8.85 -13.64
CA GLY I 104 -70.84 -8.85 -14.64
C GLY I 104 -71.15 -7.45 -15.15
N VAL I 105 -71.12 -6.48 -14.24
CA VAL I 105 -71.40 -5.08 -14.58
C VAL I 105 -70.13 -4.31 -14.99
N TRP I 106 -68.96 -4.86 -14.67
CA TRP I 106 -67.65 -4.28 -15.05
C TRP I 106 -67.17 -4.76 -16.43
N TYR I 107 -67.91 -5.73 -16.99
CA TYR I 107 -67.74 -6.22 -18.37
C TYR I 107 -68.88 -5.74 -19.27
N GLU I 108 -69.79 -4.97 -18.69
CA GLU I 108 -70.87 -4.32 -19.43
C GLU I 108 -70.64 -2.80 -19.55
N ILE I 109 -69.77 -2.26 -18.70
CA ILE I 109 -69.40 -0.85 -18.73
C ILE I 109 -68.29 -0.58 -19.75
N ARG I 110 -67.51 -1.60 -20.05
CA ARG I 110 -66.44 -1.53 -21.04
C ARG I 110 -66.95 -1.86 -22.45
N TRP I 111 -68.21 -2.26 -22.56
CA TRP I 111 -68.79 -2.67 -23.84
C TRP I 111 -69.81 -1.68 -24.43
N TYR I 112 -70.06 -0.58 -23.71
CA TYR I 112 -70.81 0.57 -24.24
C TYR I 112 -69.92 1.82 -24.22
N LEU I 113 -68.75 1.69 -23.57
CA LEU I 113 -67.72 2.74 -23.54
C LEU I 113 -66.63 2.48 -24.61
N PHE I 114 -66.88 1.50 -25.47
CA PHE I 114 -66.08 1.29 -26.67
C PHE I 114 -66.94 1.56 -27.92
N LEU I 115 -68.25 1.29 -27.80
CA LEU I 115 -69.21 1.58 -28.86
C LEU I 115 -69.50 3.07 -28.94
N PRO I 127 -62.75 9.09 -23.85
CA PRO I 127 -61.56 9.45 -23.08
C PRO I 127 -61.43 8.61 -21.81
N ILE I 128 -60.60 7.56 -21.88
CA ILE I 128 -60.34 6.64 -20.75
C ILE I 128 -58.99 6.92 -20.05
N ALA I 129 -58.99 7.92 -19.19
CA ALA I 129 -57.88 8.22 -18.27
C ALA I 129 -58.32 7.94 -16.82
N GLN I 130 -59.56 7.44 -16.69
CA GLN I 130 -60.12 6.98 -15.41
C GLN I 130 -59.61 5.56 -15.07
N ALA I 131 -59.13 4.86 -16.10
CA ALA I 131 -58.39 3.59 -15.96
C ALA I 131 -56.92 3.84 -15.66
N ALA I 132 -56.56 5.11 -15.51
CA ALA I 132 -55.24 5.50 -15.01
C ALA I 132 -55.35 5.87 -13.53
N MET I 133 -56.55 6.27 -13.11
CA MET I 133 -56.85 6.43 -11.70
C MET I 133 -56.82 5.06 -11.03
N PHE I 134 -57.47 4.07 -11.67
CA PHE I 134 -57.53 2.69 -11.15
C PHE I 134 -56.14 2.03 -11.21
N GLY I 135 -55.42 2.30 -12.30
CA GLY I 135 -54.07 1.77 -12.50
C GLY I 135 -53.09 2.34 -11.51
N TYR I 136 -53.11 3.67 -11.38
CA TYR I 136 -52.32 4.39 -10.39
C TYR I 136 -52.61 3.90 -8.96
N PHE I 137 -53.85 4.07 -8.53
CA PHE I 137 -54.37 3.50 -7.27
C PHE I 137 -53.76 2.11 -7.01
N LEU I 138 -54.06 1.16 -7.88
CA LEU I 138 -53.68 -0.24 -7.65
C LEU I 138 -52.16 -0.45 -7.60
N MET I 139 -51.45 0.34 -8.39
CA MET I 139 -49.99 0.24 -8.47
C MET I 139 -49.33 0.67 -7.17
N SER I 140 -49.78 1.79 -6.62
CA SER I 140 -49.26 2.29 -5.35
C SER I 140 -49.64 1.38 -4.20
N VAL I 141 -50.87 0.85 -4.22
CA VAL I 141 -51.28 -0.17 -3.25
C VAL I 141 -50.35 -1.38 -3.33
N PHE I 142 -50.13 -1.88 -4.55
CA PHE I 142 -49.19 -2.98 -4.80
C PHE I 142 -47.78 -2.67 -4.27
N MET I 143 -47.34 -1.43 -4.45
CA MET I 143 -46.04 -1.01 -3.96
C MET I 143 -45.95 -1.06 -2.44
N ILE I 144 -47.00 -0.59 -1.78
CA ILE I 144 -47.08 -0.60 -0.32
C ILE I 144 -46.94 -2.03 0.18
N ILE I 145 -47.77 -2.92 -0.35
CA ILE I 145 -47.77 -4.32 0.07
C ILE I 145 -46.38 -4.97 -0.10
N THR I 146 -45.83 -4.88 -1.30
CA THR I 146 -44.48 -5.40 -1.57
C THR I 146 -43.39 -4.79 -0.69
N GLY I 147 -43.40 -3.45 -0.58
CA GLY I 147 -42.40 -2.71 0.21
C GLY I 147 -42.41 -3.04 1.69
N PHE I 148 -43.62 -3.10 2.26
CA PHE I 148 -43.79 -3.45 3.68
C PHE I 148 -43.53 -4.91 3.97
N ALA I 149 -43.73 -5.77 2.97
CA ALA I 149 -43.29 -7.14 3.09
C ALA I 149 -41.77 -7.18 3.32
N LEU I 150 -41.06 -6.25 2.67
CA LEU I 150 -39.61 -6.18 2.76
C LEU I 150 -39.16 -5.45 4.01
N TYR I 151 -39.86 -4.37 4.35
CA TYR I 151 -39.49 -3.55 5.50
C TYR I 151 -39.76 -4.25 6.83
N SER I 152 -40.87 -4.99 6.91
CA SER I 152 -41.29 -5.64 8.17
C SER I 152 -40.65 -7.01 8.42
N GLU I 153 -39.81 -7.46 7.50
CA GLU I 153 -39.24 -8.82 7.50
C GLU I 153 -38.11 -9.07 8.51
N HIS I 154 -37.48 -7.98 8.99
CA HIS I 154 -36.68 -7.99 10.22
C HIS I 154 -37.68 -8.13 11.38
N SER I 155 -38.77 -8.87 11.09
CA SER I 155 -39.94 -9.07 11.96
C SER I 155 -40.08 -8.10 13.15
N GLN I 156 -40.57 -6.90 12.88
CA GLN I 156 -40.88 -5.93 13.94
C GLN I 156 -41.99 -6.48 14.85
N TYR I 157 -42.61 -7.58 14.41
CA TYR I 157 -43.64 -8.33 15.16
C TYR I 157 -44.93 -7.54 15.50
N ALA I 158 -44.86 -6.21 15.40
CA ALA I 158 -45.91 -5.28 15.84
C ALA I 158 -47.32 -5.48 15.21
N ILE I 159 -47.65 -4.69 14.19
CA ILE I 159 -48.95 -4.82 13.49
C ILE I 159 -48.78 -5.51 12.13
N PHE I 160 -47.52 -5.76 11.78
CA PHE I 160 -47.09 -6.09 10.41
C PHE I 160 -47.19 -7.54 10.00
N ALA I 161 -47.69 -8.39 10.90
CA ALA I 161 -47.82 -9.82 10.65
C ALA I 161 -48.56 -10.19 9.33
N PRO I 162 -49.65 -9.46 8.98
CA PRO I 162 -50.29 -9.67 7.67
C PRO I 162 -49.30 -9.70 6.48
N PHE I 163 -48.26 -8.89 6.54
CA PHE I 163 -47.31 -8.80 5.44
C PHE I 163 -46.38 -9.99 5.34
N ARG I 164 -46.43 -10.87 6.34
CA ARG I 164 -45.65 -12.09 6.30
C ARG I 164 -46.30 -13.16 5.44
N TYR I 165 -47.58 -12.98 5.09
CA TYR I 165 -48.22 -13.83 4.07
C TYR I 165 -47.61 -13.53 2.70
N VAL I 166 -47.31 -12.25 2.45
CA VAL I 166 -46.76 -11.82 1.16
C VAL I 166 -45.47 -12.55 0.83
N VAL I 167 -44.60 -12.72 1.82
CA VAL I 167 -43.37 -13.49 1.64
C VAL I 167 -43.70 -14.97 1.40
N GLU I 168 -44.59 -15.54 2.23
CA GLU I 168 -45.01 -16.93 2.06
C GLU I 168 -45.56 -17.16 0.67
N PHE I 169 -46.22 -16.15 0.11
CA PHE I 169 -46.73 -16.20 -1.25
C PHE I 169 -45.60 -16.40 -2.24
N PHE I 170 -44.69 -15.43 -2.28
CA PHE I 170 -43.58 -15.45 -3.24
C PHE I 170 -42.71 -16.72 -3.20
N TYR I 171 -42.66 -17.39 -2.06
CA TYR I 171 -41.99 -18.69 -1.96
C TYR I 171 -42.80 -19.77 -2.66
N TRP I 172 -44.11 -19.76 -2.43
CA TRP I 172 -45.04 -20.63 -3.15
C TRP I 172 -44.94 -20.35 -4.64
N THR I 173 -44.73 -19.08 -4.99
CA THR I 173 -44.57 -18.61 -6.36
C THR I 173 -43.49 -19.39 -7.12
N GLY I 174 -42.34 -19.57 -6.47
CA GLY I 174 -41.25 -20.29 -7.08
C GLY I 174 -39.94 -20.02 -6.39
N GLY I 175 -39.85 -18.92 -5.64
CA GLY I 175 -38.57 -18.58 -5.05
C GLY I 175 -38.48 -17.66 -3.86
N ASN I 176 -37.30 -17.04 -3.73
CA ASN I 176 -36.83 -16.28 -2.57
C ASN I 176 -37.62 -15.01 -2.31
N SER I 177 -37.28 -14.37 -1.20
CA SER I 177 -37.73 -13.01 -0.94
C SER I 177 -37.15 -12.04 -1.99
N MET I 178 -36.10 -12.49 -2.67
CA MET I 178 -35.47 -11.75 -3.74
C MET I 178 -36.45 -11.26 -4.80
N ASP I 179 -37.43 -12.09 -5.12
CA ASP I 179 -38.43 -11.77 -6.13
C ASP I 179 -39.25 -10.53 -5.75
N ILE I 180 -39.46 -10.36 -4.45
CA ILE I 180 -40.19 -9.20 -3.95
C ILE I 180 -39.43 -7.94 -4.33
N HIS I 181 -38.11 -7.99 -4.25
CA HIS I 181 -37.28 -6.89 -4.75
C HIS I 181 -37.53 -6.70 -6.23
N SER I 182 -37.30 -7.73 -7.03
CA SER I 182 -37.50 -7.64 -8.47
C SER I 182 -38.88 -7.08 -8.83
N TRP I 183 -39.93 -7.64 -8.26
CA TRP I 183 -41.28 -7.15 -8.54
C TRP I 183 -41.55 -5.73 -8.04
N HIS I 184 -40.98 -5.39 -6.90
CA HIS I 184 -41.10 -4.04 -6.32
C HIS I 184 -40.52 -3.04 -7.31
N ARG I 185 -39.30 -3.31 -7.75
CA ARG I 185 -38.60 -2.44 -8.69
C ARG I 185 -39.42 -2.31 -9.96
N LEU I 186 -39.95 -3.43 -10.45
CA LEU I 186 -40.83 -3.40 -11.61
C LEU I 186 -41.98 -2.40 -11.40
N GLY I 187 -42.55 -2.38 -10.20
CA GLY I 187 -43.61 -1.44 -9.87
C GLY I 187 -43.21 0.00 -10.10
N MET I 188 -41.97 0.32 -9.73
CA MET I 188 -41.43 1.68 -9.88
C MET I 188 -41.47 2.15 -11.33
N TRP I 189 -40.94 1.34 -12.24
CA TRP I 189 -40.95 1.67 -13.67
C TRP I 189 -42.36 1.82 -14.21
N LEU I 190 -43.24 0.88 -13.84
CA LEU I 190 -44.64 0.89 -14.25
C LEU I 190 -45.36 2.11 -13.73
N ILE I 191 -45.05 2.51 -12.50
CA ILE I 191 -45.55 3.76 -11.93
C ILE I 191 -45.02 4.95 -12.73
N GLY I 192 -43.72 4.91 -13.07
CA GLY I 192 -43.10 5.93 -13.91
C GLY I 192 -43.83 6.09 -15.23
N ALA I 193 -44.25 4.96 -15.81
CA ALA I 193 -45.03 4.93 -17.03
C ALA I 193 -46.33 5.73 -16.91
N PHE I 194 -46.99 5.62 -15.76
CA PHE I 194 -48.22 6.36 -15.51
C PHE I 194 -47.99 7.85 -15.35
N VAL I 195 -46.80 8.22 -14.87
CA VAL I 195 -46.40 9.63 -14.77
C VAL I 195 -46.17 10.21 -16.17
N ILE I 196 -45.44 9.48 -17.01
CA ILE I 196 -45.21 9.87 -18.39
C ILE I 196 -46.55 9.99 -19.11
N GLY I 197 -47.49 9.11 -18.75
CA GLY I 197 -48.84 9.13 -19.30
C GLY I 197 -49.76 10.15 -18.63
N HIS I 198 -49.32 10.68 -17.49
CA HIS I 198 -50.06 11.74 -16.81
C HIS I 198 -49.56 13.11 -17.28
N VAL I 199 -48.26 13.37 -17.10
CA VAL I 199 -47.66 14.68 -17.34
C VAL I 199 -47.77 15.15 -18.81
N TYR I 200 -47.95 14.21 -19.74
CA TYR I 200 -48.39 14.59 -21.09
C TYR I 200 -49.73 14.93 -21.00
N MET I 201 -50.62 14.07 -20.47
CA MET I 201 -52.07 14.32 -20.41
C MET I 201 -52.41 15.64 -19.72
N ALA I 202 -51.77 16.03 -18.76
CA ALA I 202 -51.64 17.30 -18.03
C ALA I 202 -51.18 18.46 -18.93
N LEU I 203 -49.90 18.47 -19.31
CA LEU I 203 -49.33 19.54 -20.14
C LEU I 203 -49.94 19.61 -21.56
N ARG I 204 -50.78 18.63 -21.91
CA ARG I 204 -51.56 18.63 -23.15
C ARG I 204 -52.71 19.63 -23.06
N GLU I 205 -53.30 19.75 -21.87
CA GLU I 205 -54.41 20.65 -21.63
C GLU I 205 -54.00 21.97 -20.96
N ASP I 206 -52.90 21.94 -20.20
CA ASP I 206 -52.29 23.14 -19.60
C ASP I 206 -51.72 24.07 -20.68
N ILE I 207 -51.18 23.47 -21.74
CA ILE I 207 -50.74 24.20 -22.92
C ILE I 207 -51.95 24.66 -23.74
N MET I 208 -52.82 23.72 -24.10
CA MET I 208 -54.06 24.04 -24.83
C MET I 208 -55.09 24.75 -23.94
N SER I 209 -54.92 26.05 -23.81
CA SER I 209 -55.76 26.87 -22.95
C SER I 209 -56.58 27.89 -23.78
N ASP I 210 -57.39 27.38 -24.70
CA ASP I 210 -58.19 28.20 -25.61
C ASP I 210 -59.53 28.56 -25.00
N VAL J 8 -24.19 23.90 -35.25
CA VAL J 8 -25.42 23.38 -35.92
C VAL J 8 -25.27 21.87 -36.20
N VAL J 9 -26.09 21.06 -35.52
CA VAL J 9 -26.21 19.60 -35.79
C VAL J 9 -27.64 19.24 -36.28
N SER J 10 -28.64 19.98 -35.79
CA SER J 10 -30.05 19.85 -36.21
C SER J 10 -30.58 21.08 -36.95
N HIS J 11 -31.79 20.95 -37.51
CA HIS J 11 -32.48 22.06 -38.17
C HIS J 11 -34.01 21.89 -38.17
N TYR J 12 -34.73 23.00 -38.01
CA TYR J 12 -36.21 23.08 -38.16
C TYR J 12 -37.06 22.30 -37.12
N VAL J 13 -38.15 22.93 -36.65
CA VAL J 13 -39.14 22.29 -35.74
C VAL J 13 -40.58 22.72 -36.07
N PHE J 14 -40.79 24.03 -36.22
CA PHE J 14 -42.09 24.69 -36.10
C PHE J 14 -42.16 25.16 -34.63
N GLU J 15 -43.33 25.66 -34.20
CA GLU J 15 -43.50 26.09 -32.81
C GLU J 15 -44.84 25.63 -32.20
N ALA J 16 -44.77 25.17 -30.95
CA ALA J 16 -45.93 24.70 -30.18
C ALA J 16 -46.69 25.88 -29.54
N PRO J 17 -47.69 25.59 -28.69
CA PRO J 17 -48.22 26.68 -27.83
C PRO J 17 -47.14 27.26 -26.92
N VAL J 18 -47.35 28.50 -26.46
CA VAL J 18 -46.31 29.27 -25.76
C VAL J 18 -45.94 28.72 -24.36
N ARG J 19 -46.90 28.07 -23.67
CA ARG J 19 -46.64 27.47 -22.35
C ARG J 19 -45.60 26.34 -22.35
N ILE J 20 -45.31 25.80 -23.55
CA ILE J 20 -44.24 24.83 -23.72
C ILE J 20 -42.88 25.47 -23.46
N TRP J 21 -42.81 26.80 -23.53
CA TRP J 21 -41.57 27.53 -23.28
C TRP J 21 -41.38 27.97 -21.82
N HIS J 22 -42.48 27.99 -21.06
CA HIS J 22 -42.40 28.23 -19.62
C HIS J 22 -41.84 26.98 -18.94
N TRP J 23 -42.42 25.82 -19.25
CA TRP J 23 -41.98 24.54 -18.68
C TRP J 23 -40.53 24.25 -18.96
N LEU J 24 -40.06 24.57 -20.17
CA LEU J 24 -38.66 24.37 -20.50
C LEU J 24 -37.76 25.12 -19.52
N THR J 25 -38.11 26.38 -19.26
CA THR J 25 -37.35 27.24 -18.33
C THR J 25 -37.24 26.61 -16.97
N VAL J 26 -38.39 26.33 -16.35
CA VAL J 26 -38.43 25.77 -15.01
C VAL J 26 -37.57 24.49 -14.93
N LEU J 27 -37.59 23.70 -15.99
CA LEU J 27 -36.82 22.46 -16.08
C LEU J 27 -35.34 22.78 -16.10
N CYS J 28 -34.91 23.60 -17.07
CA CYS J 28 -33.51 24.09 -17.16
C CYS J 28 -33.04 24.70 -15.86
N MET J 29 -33.91 25.57 -15.32
CA MET J 29 -33.73 26.24 -14.04
C MET J 29 -33.34 25.27 -12.94
N ALA J 30 -34.20 24.27 -12.72
CA ALA J 30 -33.97 23.22 -11.73
C ALA J 30 -32.66 22.49 -12.04
N VAL J 31 -32.54 21.98 -13.26
CA VAL J 31 -31.33 21.29 -13.69
C VAL J 31 -30.10 22.14 -13.42
N LEU J 32 -30.19 23.42 -13.78
CA LEU J 32 -29.10 24.38 -13.54
C LEU J 32 -28.71 24.46 -12.07
N MET J 33 -29.71 24.45 -11.19
CA MET J 33 -29.49 24.60 -9.75
C MET J 33 -28.82 23.38 -9.12
N VAL J 34 -29.37 22.20 -9.38
CA VAL J 34 -28.78 20.97 -8.87
C VAL J 34 -27.32 20.93 -9.32
N THR J 35 -27.11 20.86 -10.63
CA THR J 35 -25.74 20.76 -11.17
C THR J 35 -24.85 21.85 -10.64
N GLY J 36 -25.34 23.08 -10.72
CA GLY J 36 -24.65 24.28 -10.23
C GLY J 36 -24.22 24.16 -8.78
N TYR J 37 -25.13 23.70 -7.93
CA TYR J 37 -24.79 23.49 -6.54
C TYR J 37 -23.56 22.57 -6.40
N PHE J 38 -23.54 21.48 -7.17
CA PHE J 38 -22.45 20.52 -7.02
C PHE J 38 -21.16 20.89 -7.74
N ILE J 39 -21.20 21.95 -8.55
CA ILE J 39 -19.96 22.50 -9.10
C ILE J 39 -19.19 23.13 -7.96
N GLY J 40 -19.93 23.80 -7.08
CA GLY J 40 -19.38 24.47 -5.89
C GLY J 40 -19.09 23.55 -4.73
N LYS J 41 -20.10 22.83 -4.24
CA LYS J 41 -19.87 21.85 -3.18
C LYS J 41 -20.02 20.44 -3.75
N PRO J 42 -18.92 19.93 -4.34
CA PRO J 42 -18.95 18.71 -5.14
C PRO J 42 -19.31 17.52 -4.30
N LEU J 43 -19.83 16.48 -4.94
CA LEU J 43 -20.24 15.26 -4.25
C LEU J 43 -19.02 14.50 -3.66
N PRO J 44 -19.25 13.41 -2.87
CA PRO J 44 -18.10 12.70 -2.33
C PRO J 44 -17.24 12.06 -3.42
N SER J 45 -15.91 12.11 -3.22
CA SER J 45 -14.92 11.61 -4.18
C SER J 45 -15.19 10.18 -4.63
N VAL J 46 -14.96 9.93 -5.93
CA VAL J 46 -14.98 8.56 -6.45
C VAL J 46 -13.57 7.97 -6.54
N SER J 47 -13.39 6.87 -7.25
CA SER J 47 -12.11 6.19 -7.15
C SER J 47 -11.63 5.46 -8.39
N GLY J 48 -10.34 5.64 -8.66
CA GLY J 48 -9.57 4.83 -9.60
C GLY J 48 -9.79 5.09 -11.07
N GLU J 49 -8.69 5.07 -11.82
CA GLU J 49 -8.65 5.00 -13.28
C GLU J 49 -9.49 6.10 -13.90
N ALA J 50 -8.89 7.29 -13.92
CA ALA J 50 -9.59 8.49 -14.36
C ALA J 50 -9.95 8.43 -15.83
N THR J 51 -9.15 7.75 -16.64
CA THR J 51 -9.40 7.74 -18.06
C THR J 51 -10.85 7.45 -18.33
N TYR J 52 -11.38 6.45 -17.63
CA TYR J 52 -12.69 5.91 -17.95
C TYR J 52 -13.86 6.53 -17.20
N LEU J 53 -13.62 7.46 -16.29
CA LEU J 53 -14.74 8.15 -15.63
C LEU J 53 -14.61 9.69 -15.58
N PHE J 54 -15.76 10.36 -15.46
CA PHE J 54 -15.91 11.76 -15.89
C PHE J 54 -17.21 12.30 -15.28
N TYR J 55 -17.33 12.23 -13.96
CA TYR J 55 -18.57 12.64 -13.29
C TYR J 55 -18.65 14.14 -13.13
N MET J 56 -17.67 14.72 -12.45
CA MET J 56 -17.57 16.18 -12.30
C MET J 56 -17.76 16.89 -13.63
N GLY J 57 -17.22 16.29 -14.69
CA GLY J 57 -17.31 16.86 -16.02
C GLY J 57 -18.70 16.87 -16.64
N TYR J 58 -19.50 15.85 -16.36
CA TYR J 58 -20.87 15.78 -16.86
C TYR J 58 -21.77 16.74 -16.13
N ILE J 59 -21.67 16.75 -14.80
CA ILE J 59 -22.46 17.70 -14.01
C ILE J 59 -22.02 19.11 -14.36
N ARG J 60 -20.85 19.21 -14.99
CA ARG J 60 -20.30 20.45 -15.49
C ARG J 60 -20.82 20.70 -16.90
N LEU J 61 -20.79 19.66 -17.75
CA LEU J 61 -21.29 19.72 -19.12
C LEU J 61 -22.79 19.97 -19.17
N ILE J 62 -23.58 19.19 -18.41
CA ILE J 62 -25.03 19.41 -18.35
C ILE J 62 -25.33 20.85 -17.90
N HIS J 63 -24.63 21.32 -16.86
CA HIS J 63 -24.74 22.71 -16.43
C HIS J 63 -24.53 23.70 -17.59
N PHE J 64 -23.40 23.60 -18.28
CA PHE J 64 -23.12 24.57 -19.34
C PHE J 64 -24.17 24.59 -20.43
N SER J 65 -24.57 23.42 -20.89
CA SER J 65 -25.51 23.33 -22.00
C SER J 65 -26.93 23.61 -21.56
N ALA J 66 -27.28 23.22 -20.32
CA ALA J 66 -28.58 23.61 -19.77
C ALA J 66 -28.65 25.13 -19.78
N GLY J 67 -27.55 25.79 -19.40
CA GLY J 67 -27.41 27.26 -19.49
C GLY J 67 -27.69 27.86 -20.87
N MET J 68 -27.18 27.20 -21.91
CA MET J 68 -27.48 27.59 -23.29
C MET J 68 -28.98 27.52 -23.52
N VAL J 69 -29.55 26.31 -23.53
CA VAL J 69 -31.00 26.14 -23.68
C VAL J 69 -31.79 27.15 -22.86
N PHE J 70 -31.37 27.37 -21.62
CA PHE J 70 -31.95 28.39 -20.74
C PHE J 70 -31.84 29.81 -21.33
N THR J 71 -30.61 30.31 -21.48
CA THR J 71 -30.33 31.63 -22.05
C THR J 71 -31.14 31.93 -23.33
N VAL J 72 -31.11 31.01 -24.28
CA VAL J 72 -31.77 31.19 -25.56
C VAL J 72 -33.29 31.18 -25.39
N VAL J 73 -33.78 30.27 -24.54
CA VAL J 73 -35.19 30.21 -24.22
C VAL J 73 -35.69 31.51 -23.58
N LEU J 74 -34.85 32.08 -22.70
CA LEU J 74 -35.19 33.31 -22.01
C LEU J 74 -35.00 34.55 -22.90
N LEU J 75 -33.94 34.60 -23.70
CA LEU J 75 -33.71 35.74 -24.57
C LEU J 75 -34.91 35.98 -25.47
N MET J 76 -35.45 34.91 -26.04
CA MET J 76 -36.61 35.08 -26.91
C MET J 76 -37.94 35.09 -26.15
N ARG J 77 -37.96 34.51 -24.95
CA ARG J 77 -39.15 34.59 -24.09
C ARG J 77 -39.41 36.08 -23.74
N ILE J 78 -38.31 36.84 -23.61
CA ILE J 78 -38.36 38.28 -23.36
C ILE J 78 -38.65 39.02 -24.66
N TYR J 79 -37.91 38.69 -25.72
CA TYR J 79 -38.13 39.24 -27.06
C TYR J 79 -39.62 39.28 -27.44
N TRP J 80 -40.35 38.24 -27.07
CA TRP J 80 -41.81 38.18 -27.27
C TRP J 80 -42.58 39.09 -26.31
N ALA J 81 -42.20 39.02 -25.03
CA ALA J 81 -42.94 39.69 -23.95
C ALA J 81 -43.11 41.20 -24.14
N PHE J 82 -42.09 41.87 -24.68
CA PHE J 82 -42.13 43.33 -24.84
C PHE J 82 -42.36 43.83 -26.28
N VAL J 83 -42.41 42.87 -27.23
CA VAL J 83 -42.91 43.15 -28.58
C VAL J 83 -44.43 42.88 -28.63
N GLY J 84 -44.86 41.86 -27.88
CA GLY J 84 -46.28 41.57 -27.67
C GLY J 84 -46.97 42.56 -26.73
N ASN J 85 -46.17 43.28 -25.95
CA ASN J 85 -46.65 44.34 -25.04
C ASN J 85 -47.13 45.60 -25.80
N ARG J 86 -46.30 46.09 -26.70
CA ARG J 86 -46.51 47.36 -27.42
C ARG J 86 -46.51 48.59 -26.48
N TYR J 87 -45.76 48.47 -25.37
CA TYR J 87 -45.55 49.57 -24.42
C TYR J 87 -44.33 50.44 -24.76
N SER J 88 -43.79 50.22 -25.96
CA SER J 88 -42.65 50.97 -26.50
C SER J 88 -42.60 50.82 -28.03
N ARG J 89 -41.87 49.79 -28.49
CA ARG J 89 -41.70 49.41 -29.89
C ARG J 89 -42.27 50.42 -30.90
N GLN J 103 -37.60 56.37 -13.53
CA GLN J 103 -36.98 57.06 -12.40
C GLN J 103 -37.96 58.02 -11.72
N GLY J 104 -38.48 58.99 -12.49
CA GLY J 104 -39.46 59.96 -12.00
C GLY J 104 -40.86 59.37 -11.93
N VAL J 105 -41.18 58.52 -12.90
CA VAL J 105 -42.48 57.83 -12.95
C VAL J 105 -42.47 56.47 -12.23
N TRP J 106 -41.28 55.93 -11.97
CA TRP J 106 -41.11 54.66 -11.23
C TRP J 106 -41.05 54.87 -9.70
N TYR J 107 -40.92 56.13 -9.29
CA TYR J 107 -41.00 56.53 -7.89
C TYR J 107 -42.34 57.23 -7.61
N GLU J 108 -43.20 57.29 -8.63
CA GLU J 108 -44.58 57.77 -8.49
C GLU J 108 -45.61 56.63 -8.60
N ILE J 109 -45.16 55.47 -9.11
CA ILE J 109 -45.99 54.26 -9.20
C ILE J 109 -45.94 53.42 -7.92
N ARG J 110 -44.85 53.57 -7.16
CA ARG J 110 -44.68 52.92 -5.85
C ARG J 110 -45.24 53.75 -4.67
N TRP J 111 -45.75 54.96 -4.97
CA TRP J 111 -46.29 55.90 -3.95
C TRP J 111 -47.82 56.11 -4.00
N TYR J 112 -48.49 55.44 -4.94
CA TYR J 112 -49.95 55.31 -4.96
C TYR J 112 -50.35 53.83 -4.88
N LEU J 113 -49.34 52.94 -5.02
CA LEU J 113 -49.50 51.49 -4.82
C LEU J 113 -49.06 51.03 -3.41
N PHE J 114 -48.83 52.00 -2.53
CA PHE J 114 -48.69 51.76 -1.08
C PHE J 114 -49.85 52.44 -0.33
N LEU J 115 -50.35 53.54 -0.88
CA LEU J 115 -51.50 54.26 -0.33
C LEU J 115 -52.79 53.52 -0.63
N PRO J 127 -51.40 43.74 -3.80
CA PRO J 127 -50.71 42.50 -4.13
C PRO J 127 -49.53 42.73 -5.09
N ILE J 128 -48.31 42.82 -4.53
CA ILE J 128 -47.08 43.06 -5.31
C ILE J 128 -46.27 41.77 -5.48
N ALA J 129 -46.67 40.96 -6.47
CA ALA J 129 -45.89 39.80 -6.93
C ALA J 129 -45.38 40.07 -8.35
N GLN J 130 -45.64 41.27 -8.84
CA GLN J 130 -45.13 41.76 -10.13
C GLN J 130 -43.68 42.27 -10.00
N ALA J 131 -43.29 42.57 -8.76
CA ALA J 131 -41.89 42.87 -8.42
C ALA J 131 -41.13 41.57 -8.15
N ALA J 132 -41.80 40.44 -8.39
CA ALA J 132 -41.14 39.13 -8.41
C ALA J 132 -40.89 38.72 -9.86
N MET J 133 -41.72 39.24 -10.76
CA MET J 133 -41.48 39.12 -12.19
C MET J 133 -40.21 39.88 -12.54
N PHE J 134 -40.12 41.12 -12.06
CA PHE J 134 -38.93 41.98 -12.27
C PHE J 134 -37.69 41.40 -11.57
N GLY J 135 -37.88 40.89 -10.37
CA GLY J 135 -36.80 40.30 -9.57
C GLY J 135 -36.30 39.02 -10.22
N TYR J 136 -37.24 38.17 -10.61
CA TYR J 136 -36.93 36.94 -11.31
C TYR J 136 -36.19 37.22 -12.61
N PHE J 137 -36.83 37.97 -13.52
CA PHE J 137 -36.22 38.49 -14.75
C PHE J 137 -34.78 38.94 -14.50
N LEU J 138 -34.59 39.93 -13.64
CA LEU J 138 -33.27 40.54 -13.46
C LEU J 138 -32.25 39.57 -12.89
N MET J 139 -32.72 38.67 -12.03
CA MET J 139 -31.85 37.68 -11.41
C MET J 139 -31.26 36.70 -12.43
N SER J 140 -32.13 36.17 -13.29
CA SER J 140 -31.70 35.24 -14.35
C SER J 140 -30.82 35.91 -15.39
N VAL J 141 -31.16 37.15 -15.76
CA VAL J 141 -30.28 37.97 -16.58
C VAL J 141 -28.89 38.09 -15.92
N PHE J 142 -28.87 38.48 -14.64
CA PHE J 142 -27.64 38.55 -13.83
C PHE J 142 -26.85 37.25 -13.83
N MET J 143 -27.56 36.13 -13.74
CA MET J 143 -26.95 34.80 -13.80
C MET J 143 -26.32 34.52 -15.16
N ILE J 144 -27.01 34.91 -16.22
CA ILE J 144 -26.49 34.72 -17.57
C ILE J 144 -25.18 35.47 -17.72
N ILE J 145 -25.20 36.75 -17.35
CA ILE J 145 -24.02 37.61 -17.49
C ILE J 145 -22.83 37.06 -16.72
N THR J 146 -23.01 36.77 -15.43
CA THR J 146 -21.94 36.23 -14.61
C THR J 146 -21.43 34.88 -15.10
N GLY J 147 -22.35 34.00 -15.51
CA GLY J 147 -22.01 32.63 -15.93
C GLY J 147 -21.28 32.57 -17.25
N PHE J 148 -21.70 33.40 -18.20
CA PHE J 148 -21.00 33.51 -19.47
C PHE J 148 -19.65 34.23 -19.37
N ALA J 149 -19.50 35.07 -18.35
CA ALA J 149 -18.21 35.67 -18.06
C ALA J 149 -17.24 34.55 -17.69
N LEU J 150 -17.75 33.52 -16.99
CA LEU J 150 -16.94 32.37 -16.58
C LEU J 150 -16.76 31.35 -17.68
N TYR J 151 -17.82 31.13 -18.47
CA TYR J 151 -17.77 30.13 -19.54
C TYR J 151 -16.93 30.56 -20.74
N SER J 152 -16.95 31.86 -21.07
CA SER J 152 -16.26 32.41 -22.24
C SER J 152 -14.80 32.80 -21.95
N GLU J 153 -14.35 32.58 -20.72
CA GLU J 153 -13.04 33.05 -20.25
C GLU J 153 -11.84 32.24 -20.73
N HIS J 154 -12.08 30.98 -21.14
CA HIS J 154 -11.11 30.21 -21.95
C HIS J 154 -11.16 30.83 -23.35
N SER J 155 -11.35 32.15 -23.37
CA SER J 155 -11.56 32.99 -24.56
C SER J 155 -11.87 32.25 -25.86
N GLN J 156 -13.14 31.86 -26.03
CA GLN J 156 -13.60 31.28 -27.28
C GLN J 156 -13.48 32.29 -28.44
N TYR J 157 -13.20 33.55 -28.07
CA TYR J 157 -12.98 34.66 -29.01
C TYR J 157 -14.17 35.05 -29.91
N ALA J 158 -15.12 34.12 -30.08
CA ALA J 158 -16.24 34.23 -31.03
C ALA J 158 -17.13 35.49 -30.94
N ILE J 159 -18.29 35.38 -30.28
CA ILE J 159 -19.21 36.53 -30.10
C ILE J 159 -19.12 37.09 -28.67
N PHE J 160 -18.37 36.37 -27.83
CA PHE J 160 -18.38 36.50 -26.36
C PHE J 160 -17.54 37.62 -25.75
N ALA J 161 -16.84 38.38 -26.59
CA ALA J 161 -16.00 39.49 -26.13
C ALA J 161 -16.67 40.49 -25.15
N PRO J 162 -17.97 40.84 -25.38
CA PRO J 162 -18.68 41.67 -24.41
C PRO J 162 -18.56 41.19 -22.95
N PHE J 163 -18.51 39.88 -22.75
CA PHE J 163 -18.47 39.33 -21.40
C PHE J 163 -17.10 39.48 -20.75
N ARG J 164 -16.11 39.92 -21.53
CA ARG J 164 -14.77 40.14 -20.99
C ARG J 164 -14.67 41.46 -20.23
N TYR J 165 -15.65 42.34 -20.44
CA TYR J 165 -15.81 43.53 -19.59
C TYR J 165 -16.23 43.11 -18.18
N VAL J 166 -17.07 42.09 -18.08
CA VAL J 166 -17.57 41.66 -16.79
C VAL J 166 -16.42 41.29 -15.87
N VAL J 167 -15.42 40.59 -16.40
CA VAL J 167 -14.22 40.22 -15.62
C VAL J 167 -13.41 41.46 -15.25
N GLU J 168 -13.14 42.32 -16.22
CA GLU J 168 -12.44 43.58 -15.99
C GLU J 168 -13.15 44.40 -14.89
N PHE J 169 -14.47 44.28 -14.82
CA PHE J 169 -15.25 44.93 -13.79
C PHE J 169 -14.82 44.40 -12.45
N PHE J 170 -15.02 43.10 -12.24
CA PHE J 170 -14.76 42.48 -10.95
C PHE J 170 -13.34 42.71 -10.41
N TYR J 171 -12.37 42.89 -11.30
CA TYR J 171 -10.99 43.24 -10.90
C TYR J 171 -10.95 44.68 -10.39
N TRP J 172 -11.61 45.58 -11.10
CA TRP J 172 -11.77 46.94 -10.64
C TRP J 172 -12.49 46.93 -9.29
N THR J 173 -13.41 45.98 -9.12
CA THR J 173 -14.20 45.80 -7.88
C THR J 173 -13.31 45.68 -6.67
N GLY J 174 -12.30 44.84 -6.78
CA GLY J 174 -11.38 44.61 -5.69
C GLY J 174 -10.55 43.36 -5.87
N GLY J 175 -11.01 42.42 -6.71
CA GLY J 175 -10.26 41.19 -6.86
C GLY J 175 -10.44 40.31 -8.07
N ASN J 176 -10.17 39.02 -7.84
CA ASN J 176 -10.03 37.98 -8.87
C ASN J 176 -11.32 37.64 -9.64
N SER J 177 -11.17 36.77 -10.62
CA SER J 177 -12.30 36.17 -11.28
C SER J 177 -13.08 35.31 -10.30
N MET J 178 -12.42 34.97 -9.19
CA MET J 178 -13.00 34.15 -8.13
C MET J 178 -14.33 34.71 -7.63
N ASP J 179 -14.41 36.05 -7.57
CA ASP J 179 -15.60 36.76 -7.09
C ASP J 179 -16.82 36.51 -7.94
N ILE J 180 -16.59 36.29 -9.24
CA ILE J 180 -17.65 35.96 -10.19
C ILE J 180 -18.31 34.64 -9.78
N HIS J 181 -17.48 33.68 -9.37
CA HIS J 181 -17.99 32.47 -8.75
C HIS J 181 -18.85 32.83 -7.55
N SER J 182 -18.23 33.43 -6.55
CA SER J 182 -18.94 33.77 -5.33
C SER J 182 -20.29 34.43 -5.62
N TRP J 183 -20.28 35.48 -6.44
CA TRP J 183 -21.51 36.19 -6.77
C TRP J 183 -22.50 35.36 -7.57
N HIS J 184 -21.97 34.50 -8.44
CA HIS J 184 -22.80 33.63 -9.28
C HIS J 184 -23.58 32.73 -8.35
N ARG J 185 -22.86 32.08 -7.45
CA ARG J 185 -23.46 31.16 -6.49
C ARG J 185 -24.52 31.87 -5.67
N LEU J 186 -24.21 33.09 -5.21
CA LEU J 186 -25.18 33.90 -4.47
C LEU J 186 -26.48 34.03 -5.24
N GLY J 187 -26.36 34.23 -6.55
CA GLY J 187 -27.51 34.35 -7.43
C GLY J 187 -28.41 33.13 -7.33
N MET J 188 -27.78 31.96 -7.28
CA MET J 188 -28.53 30.71 -7.18
C MET J 188 -29.46 30.69 -5.97
N TRP J 189 -28.91 30.99 -4.80
CA TRP J 189 -29.68 31.00 -3.57
C TRP J 189 -30.81 32.03 -3.64
N LEU J 190 -30.49 33.23 -4.14
CA LEU J 190 -31.46 34.30 -4.30
C LEU J 190 -32.57 33.94 -5.27
N ILE J 191 -32.19 33.22 -6.33
CA ILE J 191 -33.17 32.68 -7.26
C ILE J 191 -34.03 31.66 -6.54
N GLY J 192 -33.40 30.79 -5.75
CA GLY J 192 -34.11 29.81 -4.93
C GLY J 192 -35.17 30.46 -4.05
N ALA J 193 -34.79 31.61 -3.49
CA ALA J 193 -35.67 32.39 -2.64
C ALA J 193 -36.94 32.79 -3.37
N PHE J 194 -36.82 33.14 -4.65
CA PHE J 194 -37.98 33.53 -5.44
C PHE J 194 -38.86 32.32 -5.79
N VAL J 195 -38.25 31.14 -5.81
CA VAL J 195 -39.00 29.90 -6.03
C VAL J 195 -39.82 29.57 -4.80
N ILE J 196 -39.19 29.66 -3.63
CA ILE J 196 -39.89 29.48 -2.35
C ILE J 196 -41.05 30.48 -2.21
N GLY J 197 -40.81 31.70 -2.70
CA GLY J 197 -41.82 32.75 -2.72
C GLY J 197 -42.81 32.63 -3.86
N HIS J 198 -42.51 31.78 -4.83
CA HIS J 198 -43.43 31.50 -5.94
C HIS J 198 -44.32 30.32 -5.56
N VAL J 199 -43.68 29.18 -5.29
CA VAL J 199 -44.38 27.90 -5.08
C VAL J 199 -45.33 27.93 -3.88
N TYR J 200 -45.11 28.85 -2.94
CA TYR J 200 -46.16 29.15 -1.97
C TYR J 200 -47.13 29.90 -2.60
N MET J 201 -46.80 31.02 -3.25
CA MET J 201 -47.80 31.90 -3.88
C MET J 201 -48.69 31.15 -4.88
N ALA J 202 -48.24 30.25 -5.58
CA ALA J 202 -48.83 29.23 -6.44
C ALA J 202 -49.76 28.27 -5.67
N LEU J 203 -49.18 27.41 -4.82
CA LEU J 203 -49.95 26.42 -4.05
C LEU J 203 -50.91 27.04 -3.02
N ARG J 204 -50.78 28.36 -2.82
CA ARG J 204 -51.69 29.13 -1.98
C ARG J 204 -53.05 29.28 -2.67
N GLU J 205 -53.02 29.45 -4.00
CA GLU J 205 -54.24 29.63 -4.80
C GLU J 205 -54.69 28.33 -5.50
N ASP J 206 -53.74 27.42 -5.75
CA ASP J 206 -54.03 26.08 -6.29
C ASP J 206 -54.80 25.23 -5.26
N ILE J 207 -54.45 25.40 -3.99
CA ILE J 207 -55.20 24.81 -2.88
C ILE J 207 -56.54 25.53 -2.66
N MET J 208 -56.50 26.85 -2.50
CA MET J 208 -57.72 27.67 -2.36
C MET J 208 -58.49 27.80 -3.68
N SER J 209 -59.28 26.77 -3.99
CA SER J 209 -60.02 26.70 -5.24
C SER J 209 -61.53 26.77 -4.98
N ASP J 210 -61.98 27.87 -4.37
CA ASP J 210 -63.38 28.05 -3.99
C ASP J 210 -64.18 28.70 -5.12
#